data_6S62
#
_entry.id   6S62
#
_cell.length_a   123.480
_cell.length_b   124.540
_cell.length_c   126.850
_cell.angle_alpha   90.000
_cell.angle_beta   116.850
_cell.angle_gamma   90.000
#
_symmetry.space_group_name_H-M   'P 1 21 1'
#
loop_
_entity.id
_entity.type
_entity.pdbx_description
1 polymer 'Propionate catabolic protein PrpD'
2 water water
#
_entity_poly.entity_id   1
_entity_poly.type   'polypeptide(L)'
_entity_poly.pdbx_seq_one_letter_code
;MSANVDLNQRPDYDAVLQDIADYVLDYRIDSTEALDTARNCLMDTLGCGLLALRFPECTKHLGPLVEGTLVPHGARVPGT
SFRLDPVKAAWDIGCIVRWLDYNDTWLAAEWGHPSDNLGGILAVADHLSQKRLANGEAPLSMRQVLEAMIMAHEIQGVIA
LENSFNRVGLDHVLLVKVASTAVCAKLMGADREQLLAALSHAFVDGQALRTYRHAPNAGSRKSWAAGDATSRGVRLADIA
LRGEMGIPGVLSAPQWGFYDVLFSHTSKDLATKPEDKRRFSFPQGYGSYVMENVLFKISFPAEFHAQTAAEAAVRLHPLV
KDRLQRISRIVITTHESAIRIISKVGPLANPADRDHCLQYMTAVPLIFGDLVAEHYEDAFHAAHPLIDRLREKMEIVEEP
RYSREYLEADKRSIANAVEVFFDDGSSTGQVAVEYPLGHRRRRAEGIPLLQEKFKANLATRFPPQRCQRIFDLCSHQASL
EATPVNRFMDLLAI
;
_entity_poly.pdbx_strand_id   A,B,C,D,E,F
#
# COMPACT_ATOMS: atom_id res chain seq x y z
N ARG A 10 10.06 46.63 10.10
CA ARG A 10 10.50 45.23 10.09
C ARG A 10 11.97 45.07 9.67
N PRO A 11 12.81 44.61 10.60
CA PRO A 11 14.26 44.72 10.40
C PRO A 11 14.78 43.74 9.34
N ASP A 12 16.07 43.88 9.06
CA ASP A 12 16.76 42.83 8.38
C ASP A 12 17.05 41.71 9.36
N TYR A 13 17.33 40.53 8.82
CA TYR A 13 17.77 39.43 9.66
C TYR A 13 19.08 39.79 10.35
N ASP A 14 19.15 39.45 11.65
CA ASP A 14 20.34 39.70 12.46
C ASP A 14 21.58 39.16 11.77
N ALA A 15 22.72 39.82 12.03
CA ALA A 15 23.91 39.59 11.23
C ALA A 15 24.45 38.16 11.39
N VAL A 16 24.27 37.57 12.58
CA VAL A 16 24.68 36.17 12.79
C VAL A 16 24.00 35.24 11.78
N LEU A 17 22.71 35.48 11.49
CA LEU A 17 22.01 34.58 10.58
C LEU A 17 22.45 34.80 9.14
N GLN A 18 22.60 36.06 8.72
CA GLN A 18 23.08 36.33 7.37
C GLN A 18 24.42 35.64 7.11
N ASP A 19 25.28 35.64 8.13
CA ASP A 19 26.60 35.02 8.00
C ASP A 19 26.49 33.52 7.78
N ILE A 20 25.61 32.85 8.54
CA ILE A 20 25.42 31.43 8.33
C ILE A 20 24.84 31.16 6.95
N ALA A 21 23.88 31.97 6.52
CA ALA A 21 23.18 31.71 5.26
C ALA A 21 24.10 31.92 4.05
N ASP A 22 25.00 32.91 4.11
CA ASP A 22 25.84 33.18 2.95
C ASP A 22 27.02 32.22 2.85
N TYR A 23 27.55 31.76 3.99
CA TYR A 23 28.46 30.63 3.98
C TYR A 23 27.81 29.41 3.35
N VAL A 24 26.61 29.06 3.82
CA VAL A 24 25.96 27.82 3.38
C VAL A 24 25.67 27.86 1.89
N LEU A 25 25.30 29.03 1.37
CA LEU A 25 24.95 29.15 -0.03
C LEU A 25 26.14 29.39 -0.96
N ASP A 26 27.15 30.14 -0.53
CA ASP A 26 28.20 30.59 -1.44
C ASP A 26 29.60 30.03 -1.17
N TYR A 27 29.89 29.54 0.03
CA TYR A 27 31.23 29.00 0.28
C TYR A 27 31.51 27.81 -0.63
N ARG A 28 32.69 27.81 -1.24
CA ARG A 28 33.16 26.71 -2.07
C ARG A 28 34.25 25.97 -1.32
N ILE A 29 34.01 24.69 -1.03
CA ILE A 29 34.94 23.88 -0.27
C ILE A 29 36.08 23.46 -1.18
N ASP A 30 37.30 23.82 -0.81
CA ASP A 30 38.47 23.46 -1.59
C ASP A 30 39.56 22.97 -0.63
N SER A 31 39.27 21.90 0.10
CA SER A 31 40.24 21.32 1.02
C SER A 31 40.17 19.80 0.87
N THR A 32 41.16 19.26 0.17
CA THR A 32 41.27 17.80 0.04
C THR A 32 41.25 17.12 1.39
N GLU A 33 41.85 17.75 2.40
CA GLU A 33 41.89 17.13 3.72
C GLU A 33 40.52 17.14 4.39
N ALA A 34 39.78 18.25 4.26
CA ALA A 34 38.42 18.31 4.78
C ALA A 34 37.58 17.20 4.18
N LEU A 35 37.64 17.02 2.87
CA LEU A 35 36.89 15.97 2.24
C LEU A 35 37.43 14.59 2.60
N ASP A 36 38.71 14.49 2.96
CA ASP A 36 39.16 13.15 3.32
C ASP A 36 38.71 12.78 4.73
N THR A 37 38.79 13.71 5.69
CA THR A 37 38.33 13.35 7.01
C THR A 37 36.81 13.36 7.12
N ALA A 38 36.12 14.13 6.29
CA ALA A 38 34.67 13.96 6.17
C ALA A 38 34.32 12.51 5.83
N ARG A 39 35.04 11.91 4.88
CA ARG A 39 34.83 10.50 4.56
C ARG A 39 35.13 9.61 5.75
N ASN A 40 36.20 9.90 6.49
CA ASN A 40 36.53 9.07 7.64
C ASN A 40 35.50 9.24 8.74
N CYS A 41 34.99 10.46 8.90
CA CYS A 41 33.95 10.73 9.87
C CYS A 41 32.67 9.98 9.53
N LEU A 42 32.28 10.01 8.26
CA LEU A 42 31.11 9.24 7.83
C LEU A 42 31.25 7.76 8.16
N MET A 43 32.43 7.18 7.89
CA MET A 43 32.68 5.78 8.27
C MET A 43 32.53 5.61 9.76
N ASP A 44 33.20 6.47 10.54
CA ASP A 44 33.23 6.26 11.98
C ASP A 44 31.86 6.45 12.60
N THR A 45 31.11 7.46 12.14
CA THR A 45 29.79 7.74 12.68
C THR A 45 28.81 6.60 12.40
N LEU A 46 28.74 6.13 11.14
CA LEU A 46 27.88 5.00 10.80
C LEU A 46 28.22 3.77 11.62
N GLY A 47 29.51 3.52 11.86
CA GLY A 47 29.90 2.37 12.66
C GLY A 47 29.46 2.48 14.10
N CYS A 48 29.41 3.70 14.62
CA CYS A 48 28.90 3.88 15.98
C CYS A 48 27.40 3.61 16.03
N GLY A 49 26.69 3.93 14.95
CA GLY A 49 25.24 3.73 14.95
C GLY A 49 24.86 2.27 14.81
N LEU A 50 25.57 1.53 13.96
CA LEU A 50 25.32 0.09 13.89
C LEU A 50 25.55 -0.56 15.24
N LEU A 51 26.63 -0.17 15.93
CA LEU A 51 26.93 -0.71 17.25
C LEU A 51 25.75 -0.51 18.19
N ALA A 52 25.13 0.69 18.17
CA ALA A 52 24.06 1.01 19.09
C ALA A 52 22.83 0.11 18.93
N LEU A 53 22.67 -0.55 17.77
CA LEU A 53 21.53 -1.43 17.55
C LEU A 53 21.56 -2.66 18.45
N ARG A 54 22.63 -2.87 19.19
CA ARG A 54 22.67 -3.91 20.20
C ARG A 54 22.05 -3.49 21.52
N PHE A 55 21.60 -2.24 21.67
CA PHE A 55 21.08 -1.79 22.96
C PHE A 55 19.58 -1.53 22.93
N PRO A 56 18.77 -2.33 23.63
CA PRO A 56 17.31 -2.08 23.67
C PRO A 56 16.89 -0.67 24.06
N GLU A 57 17.59 0.00 24.98
CA GLU A 57 17.20 1.36 25.36
C GLU A 57 17.24 2.30 24.17
N CYS A 58 18.10 2.00 23.21
CA CYS A 58 18.21 2.78 21.98
C CYS A 58 17.16 2.37 20.95
N THR A 59 17.10 1.07 20.60
CA THR A 59 16.22 0.61 19.52
C THR A 59 14.73 0.79 19.84
N LYS A 60 14.37 0.94 21.11
CA LYS A 60 12.96 1.16 21.46
C LYS A 60 12.44 2.47 20.89
N HIS A 61 13.34 3.39 20.51
CA HIS A 61 12.96 4.67 19.92
C HIS A 61 12.81 4.60 18.40
N LEU A 62 13.20 3.52 17.75
CA LEU A 62 13.37 3.58 16.31
C LEU A 62 12.10 3.14 15.59
N GLY A 63 11.99 3.54 14.32
CA GLY A 63 10.97 3.01 13.44
C GLY A 63 9.79 3.95 13.26
N PRO A 64 8.76 3.51 12.52
CA PRO A 64 7.63 4.39 12.27
C PRO A 64 6.84 4.65 13.54
N LEU A 65 6.25 5.85 13.61
CA LEU A 65 5.31 6.16 14.68
C LEU A 65 4.04 5.32 14.60
N VAL A 66 3.64 4.85 13.42
CA VAL A 66 2.55 3.88 13.32
C VAL A 66 3.02 2.67 12.52
N GLU A 67 3.08 1.50 13.18
CA GLU A 67 3.46 0.26 12.53
C GLU A 67 2.69 0.08 11.23
N GLY A 68 3.39 -0.41 10.20
CA GLY A 68 2.79 -0.62 8.91
C GLY A 68 2.70 0.61 8.04
N THR A 69 3.23 1.75 8.50
CA THR A 69 3.23 2.94 7.67
C THR A 69 4.06 2.70 6.40
N LEU A 70 3.49 3.05 5.26
CA LEU A 70 4.17 2.96 3.97
C LEU A 70 4.55 4.38 3.54
N VAL A 71 5.84 4.63 3.33
CA VAL A 71 6.33 5.94 2.90
C VAL A 71 6.96 5.85 1.50
N PRO A 72 6.35 6.42 0.47
CA PRO A 72 6.94 6.40 -0.88
C PRO A 72 8.33 7.01 -0.86
N HIS A 73 9.31 6.24 -1.38
CA HIS A 73 10.69 6.70 -1.47
C HIS A 73 11.24 7.07 -0.09
N GLY A 74 10.81 6.35 0.93
CA GLY A 74 11.19 6.69 2.29
C GLY A 74 12.68 6.56 2.52
N ALA A 75 13.14 7.29 3.53
CA ALA A 75 14.53 7.32 4.02
C ALA A 75 14.85 6.02 4.76
N ARG A 76 16.03 5.48 4.52
CA ARG A 76 16.42 4.24 5.19
C ARG A 76 17.20 4.58 6.46
N VAL A 77 17.16 3.69 7.43
CA VAL A 77 17.98 3.84 8.66
C VAL A 77 19.05 2.75 8.58
N PRO A 78 20.34 3.11 8.53
CA PRO A 78 21.43 2.15 8.44
C PRO A 78 21.31 1.02 9.47
N GLY A 79 21.42 -0.21 8.99
CA GLY A 79 21.35 -1.42 9.80
C GLY A 79 19.94 -1.87 10.12
N THR A 80 18.92 -1.14 9.67
CA THR A 80 17.52 -1.55 9.95
C THR A 80 16.77 -1.80 8.66
N SER A 81 15.53 -2.20 8.78
CA SER A 81 14.67 -2.44 7.60
C SER A 81 13.63 -1.33 7.50
N PHE A 82 13.81 -0.24 8.23
CA PHE A 82 12.86 0.86 8.25
C PHE A 82 12.97 1.74 7.01
N ARG A 83 11.85 2.37 6.69
CA ARG A 83 11.72 3.25 5.54
C ARG A 83 10.73 4.34 5.95
N LEU A 84 11.23 5.53 6.19
CA LEU A 84 10.49 6.54 6.94
C LEU A 84 10.48 7.84 6.18
N ASP A 85 9.61 8.75 6.58
CA ASP A 85 9.79 10.13 6.19
C ASP A 85 11.13 10.65 6.74
N PRO A 86 11.69 11.69 6.13
CA PRO A 86 13.02 12.13 6.58
C PRO A 86 13.04 12.69 7.98
N VAL A 87 11.92 13.20 8.50
CA VAL A 87 11.94 13.77 9.84
C VAL A 87 12.16 12.68 10.88
N LYS A 88 11.46 11.54 10.75
CA LYS A 88 11.68 10.47 11.73
C LYS A 88 12.95 9.69 11.43
N ALA A 89 13.30 9.56 10.14
CA ALA A 89 14.55 8.91 9.80
C ALA A 89 15.73 9.68 10.37
N ALA A 90 15.66 11.01 10.35
CA ALA A 90 16.71 11.80 10.95
C ALA A 90 16.76 11.61 12.47
N TRP A 91 15.59 11.55 13.11
CA TRP A 91 15.53 11.21 14.53
C TRP A 91 16.28 9.92 14.80
N ASP A 92 16.02 8.89 13.99
CA ASP A 92 16.57 7.59 14.25
C ASP A 92 18.06 7.54 13.98
N ILE A 93 18.51 8.13 12.87
CA ILE A 93 19.92 8.05 12.51
C ILE A 93 20.76 8.82 13.52
N GLY A 94 20.28 9.99 13.95
CA GLY A 94 21.04 10.77 14.91
C GLY A 94 20.98 10.19 16.29
N CYS A 95 19.89 9.47 16.60
CA CYS A 95 19.80 8.71 17.84
C CYS A 95 20.93 7.67 17.93
N ILE A 96 21.01 6.78 16.95
CA ILE A 96 21.91 5.65 17.06
C ILE A 96 23.39 6.09 16.98
N VAL A 97 23.71 7.10 16.17
CA VAL A 97 25.12 7.43 16.00
C VAL A 97 25.68 8.13 17.23
N ARG A 98 24.83 8.67 18.10
CA ARG A 98 25.28 9.31 19.32
C ARG A 98 25.11 8.44 20.56
N TRP A 99 24.35 7.33 20.45
CA TRP A 99 23.84 6.68 21.66
C TRP A 99 24.96 6.29 22.62
N LEU A 100 26.03 5.69 22.09
CA LEU A 100 27.09 5.13 22.91
C LEU A 100 28.22 6.11 23.16
N ASP A 101 28.10 7.34 22.68
CA ASP A 101 29.11 8.37 22.81
C ASP A 101 30.48 7.90 22.33
N TYR A 102 30.50 7.27 21.15
CA TYR A 102 31.77 6.89 20.50
C TYR A 102 32.07 7.72 19.25
N ASN A 103 31.20 8.65 18.88
CA ASN A 103 31.36 9.41 17.65
C ASN A 103 32.18 10.68 17.93
N ASP A 104 32.39 11.49 16.88
CA ASP A 104 33.48 12.46 16.93
C ASP A 104 33.20 13.57 17.92
N THR A 105 34.24 14.31 18.26
CA THR A 105 34.15 15.27 19.33
C THR A 105 34.81 16.56 18.93
N TRP A 106 34.22 17.67 19.38
CA TRP A 106 34.76 19.00 19.18
C TRP A 106 34.78 19.68 20.54
N LEU A 107 35.98 19.94 21.07
CA LEU A 107 36.15 20.55 22.38
C LEU A 107 36.47 22.03 22.17
N ALA A 108 35.55 22.90 22.61
CA ALA A 108 35.71 24.34 22.49
C ALA A 108 35.09 25.00 23.71
N ALA A 109 34.64 26.25 23.61
CA ALA A 109 33.91 26.86 24.73
C ALA A 109 32.69 26.04 25.11
N GLU A 110 32.01 25.48 24.11
CA GLU A 110 30.99 24.46 24.27
C GLU A 110 31.55 23.14 23.74
N TRP A 111 31.08 22.03 24.30
CA TRP A 111 31.47 20.70 23.85
C TRP A 111 30.36 20.16 22.93
N GLY A 112 30.73 19.29 22.00
CA GLY A 112 29.70 18.83 21.09
C GLY A 112 30.20 17.72 20.18
N HIS A 113 29.27 17.18 19.40
CA HIS A 113 29.57 16.06 18.50
C HIS A 113 28.97 16.32 17.13
N PRO A 114 29.65 17.12 16.29
CA PRO A 114 29.03 17.57 15.03
C PRO A 114 28.57 16.43 14.11
N SER A 115 29.16 15.23 14.20
CA SER A 115 28.65 14.12 13.41
C SER A 115 27.20 13.77 13.76
N ASP A 116 26.66 14.34 14.84
CA ASP A 116 25.24 14.22 15.12
C ASP A 116 24.41 14.72 13.95
N ASN A 117 24.89 15.74 13.23
CA ASN A 117 24.12 16.31 12.14
C ASN A 117 23.97 15.37 10.96
N LEU A 118 24.64 14.23 10.99
CA LEU A 118 24.49 13.26 9.91
C LEU A 118 23.07 12.69 9.85
N GLY A 119 22.33 12.74 10.96
CA GLY A 119 20.95 12.28 10.93
C GLY A 119 20.14 13.02 9.89
N GLY A 120 20.07 14.34 10.03
CA GLY A 120 19.32 15.14 9.06
C GLY A 120 19.87 15.04 7.64
N ILE A 121 21.20 15.06 7.49
CA ILE A 121 21.83 15.04 6.17
C ILE A 121 21.49 13.76 5.44
N LEU A 122 21.78 12.61 6.07
CA LEU A 122 21.56 11.33 5.41
C LEU A 122 20.09 11.13 5.07
N ALA A 123 19.20 11.36 6.02
CA ALA A 123 17.77 11.15 5.78
C ALA A 123 17.26 12.03 4.63
N VAL A 124 17.61 13.32 4.63
CA VAL A 124 17.09 14.21 3.58
C VAL A 124 17.70 13.85 2.22
N ALA A 125 19.00 13.55 2.17
CA ALA A 125 19.63 13.23 0.90
C ALA A 125 19.12 11.91 0.32
N ASP A 126 19.01 10.87 1.16
CA ASP A 126 18.46 9.60 0.69
C ASP A 126 17.07 9.82 0.07
N HIS A 127 16.20 10.55 0.76
CA HIS A 127 14.83 10.68 0.28
C HIS A 127 14.76 11.55 -0.97
N LEU A 128 15.49 12.67 -0.97
CA LEU A 128 15.54 13.52 -2.17
C LEU A 128 16.09 12.77 -3.37
N SER A 129 17.11 11.93 -3.18
CA SER A 129 17.68 11.18 -4.30
C SER A 129 16.68 10.19 -4.88
N GLN A 130 15.99 9.42 -4.01
CA GLN A 130 14.95 8.53 -4.51
C GLN A 130 13.84 9.28 -5.22
N LYS A 131 13.46 10.46 -4.72
CA LYS A 131 12.41 11.21 -5.38
C LYS A 131 12.87 11.75 -6.74
N ARG A 132 14.05 12.38 -6.80
CA ARG A 132 14.44 12.89 -8.12
C ARG A 132 14.69 11.74 -9.10
N LEU A 133 15.25 10.63 -8.62
CA LEU A 133 15.42 9.47 -9.50
C LEU A 133 14.09 9.01 -10.07
N ALA A 134 13.04 9.02 -9.26
CA ALA A 134 11.73 8.62 -9.78
C ALA A 134 11.17 9.63 -10.79
N ASN A 135 11.63 10.88 -10.73
CA ASN A 135 11.22 11.92 -11.67
C ASN A 135 12.07 11.94 -12.93
N GLY A 136 12.91 10.95 -13.15
CA GLY A 136 13.83 11.03 -14.26
C GLY A 136 15.01 11.96 -14.06
N GLU A 137 15.18 12.54 -12.88
CA GLU A 137 16.34 13.37 -12.61
C GLU A 137 17.47 12.52 -12.03
N ALA A 138 18.64 13.14 -11.92
CA ALA A 138 19.80 12.42 -11.41
C ALA A 138 19.80 12.48 -9.88
N PRO A 139 20.18 11.40 -9.21
CA PRO A 139 20.19 11.40 -7.74
C PRO A 139 21.31 12.28 -7.19
N LEU A 140 21.24 12.56 -5.88
CA LEU A 140 22.34 13.24 -5.22
C LEU A 140 23.50 12.27 -5.03
N SER A 141 24.71 12.83 -4.86
CA SER A 141 25.92 12.03 -4.74
C SER A 141 26.41 12.08 -3.30
N MET A 142 27.13 11.03 -2.87
CA MET A 142 27.76 11.11 -1.55
C MET A 142 28.73 12.28 -1.44
N ARG A 143 29.23 12.81 -2.56
CA ARG A 143 30.01 14.04 -2.47
C ARG A 143 29.20 15.13 -1.79
N GLN A 144 27.91 15.23 -2.13
CA GLN A 144 27.12 16.30 -1.52
C GLN A 144 26.83 16.04 -0.04
N VAL A 145 26.72 14.76 0.36
CA VAL A 145 26.63 14.46 1.79
C VAL A 145 27.88 14.95 2.52
N LEU A 146 29.07 14.59 2.01
CA LEU A 146 30.32 14.98 2.67
C LEU A 146 30.45 16.49 2.81
N GLU A 147 30.04 17.26 1.80
CA GLU A 147 30.09 18.72 1.92
C GLU A 147 29.08 19.24 2.92
N ALA A 148 27.88 18.64 2.97
CA ALA A 148 26.94 18.98 4.02
C ALA A 148 27.54 18.71 5.40
N MET A 149 28.19 17.55 5.58
CA MET A 149 28.88 17.29 6.85
C MET A 149 29.85 18.41 7.20
N ILE A 150 30.69 18.82 6.23
CA ILE A 150 31.69 19.85 6.48
C ILE A 150 31.03 21.15 6.94
N MET A 151 29.97 21.58 6.23
CA MET A 151 29.32 22.84 6.58
C MET A 151 28.62 22.78 7.92
N ALA A 152 28.11 21.61 8.33
CA ALA A 152 27.42 21.52 9.61
C ALA A 152 28.41 21.54 10.76
N HIS A 153 29.49 20.77 10.64
CA HIS A 153 30.61 20.90 11.56
C HIS A 153 30.99 22.37 11.74
N GLU A 154 31.10 23.09 10.63
CA GLU A 154 31.61 24.45 10.69
C GLU A 154 30.66 25.36 11.45
N ILE A 155 29.35 25.27 11.15
CA ILE A 155 28.37 26.11 11.85
C ILE A 155 28.36 25.78 13.35
N GLN A 156 28.32 24.49 13.69
CA GLN A 156 28.26 24.14 15.10
C GLN A 156 29.59 24.42 15.78
N GLY A 157 30.70 24.04 15.14
CA GLY A 157 32.00 24.18 15.77
C GLY A 157 32.45 25.62 15.92
N VAL A 158 32.11 26.48 14.96
CA VAL A 158 32.62 27.84 15.02
C VAL A 158 31.88 28.68 16.04
N ILE A 159 30.55 28.57 16.07
CA ILE A 159 29.79 29.17 17.17
C ILE A 159 30.29 28.63 18.52
N ALA A 160 30.61 27.34 18.58
CA ALA A 160 31.08 26.74 19.81
C ALA A 160 32.38 27.33 20.32
N LEU A 161 33.19 27.92 19.43
CA LEU A 161 34.55 28.33 19.78
C LEU A 161 34.55 29.26 20.99
N GLU A 162 33.73 30.31 20.94
CA GLU A 162 33.71 31.29 22.03
C GLU A 162 32.42 31.33 22.84
N ASN A 163 31.33 30.70 22.36
CA ASN A 163 30.01 30.86 22.99
C ASN A 163 29.62 29.58 23.72
N SER A 164 29.41 29.71 25.03
CA SER A 164 29.06 28.58 25.89
C SER A 164 27.56 28.59 26.24
N PHE A 165 26.87 27.51 25.91
CA PHE A 165 25.48 27.41 26.33
C PHE A 165 25.33 26.66 27.65
N ASN A 166 26.28 25.78 27.96
CA ASN A 166 26.42 25.17 29.26
C ASN A 166 26.25 26.20 30.39
N ARG A 167 26.81 27.40 30.20
CA ARG A 167 26.82 28.39 31.28
C ARG A 167 25.51 29.18 31.41
N VAL A 168 24.66 29.19 30.38
CA VAL A 168 23.31 29.74 30.49
C VAL A 168 22.29 28.62 30.74
N GLY A 169 22.76 27.43 31.08
CA GLY A 169 21.87 26.33 31.41
C GLY A 169 21.13 25.67 30.25
N LEU A 170 21.58 25.87 29.00
CA LEU A 170 20.98 25.24 27.84
C LEU A 170 21.90 24.15 27.31
N ASP A 171 21.30 23.11 26.73
CA ASP A 171 22.10 22.02 26.19
C ASP A 171 22.77 22.44 24.88
N HIS A 172 23.82 21.75 24.50
CA HIS A 172 24.56 22.09 23.28
C HIS A 172 23.78 21.67 22.02
N VAL A 173 22.76 20.83 22.16
CA VAL A 173 22.00 20.32 20.98
C VAL A 173 21.33 21.45 20.19
N LEU A 174 21.23 22.66 20.71
CA LEU A 174 20.64 23.66 19.83
C LEU A 174 21.59 24.04 18.69
N LEU A 175 22.90 23.84 18.83
CA LEU A 175 23.77 24.07 17.69
C LEU A 175 23.65 22.92 16.67
N VAL A 176 23.32 21.71 17.12
CA VAL A 176 22.91 20.66 16.17
C VAL A 176 21.69 21.11 15.38
N LYS A 177 20.68 21.67 16.08
CA LYS A 177 19.46 22.11 15.40
C LYS A 177 19.76 23.22 14.40
N VAL A 178 20.54 24.22 14.81
CA VAL A 178 20.88 25.34 13.93
C VAL A 178 21.58 24.83 12.68
N ALA A 179 22.65 24.03 12.87
CA ALA A 179 23.44 23.54 11.76
C ALA A 179 22.63 22.61 10.86
N SER A 180 21.88 21.68 11.45
CA SER A 180 21.06 20.77 10.65
C SER A 180 20.01 21.51 9.85
N THR A 181 19.34 22.51 10.45
CA THR A 181 18.37 23.32 9.70
C THR A 181 19.01 23.90 8.45
N ALA A 182 20.14 24.59 8.61
CA ALA A 182 20.78 25.29 7.50
C ALA A 182 21.19 24.33 6.40
N VAL A 183 21.85 23.24 6.78
CA VAL A 183 22.39 22.32 5.80
C VAL A 183 21.30 21.42 5.18
N CYS A 184 20.19 21.20 5.87
CA CYS A 184 19.06 20.50 5.27
C CYS A 184 18.23 21.43 4.41
N ALA A 185 18.08 22.69 4.81
CA ALA A 185 17.48 23.66 3.93
C ALA A 185 18.29 23.80 2.63
N LYS A 186 19.61 23.73 2.72
CA LYS A 186 20.38 23.81 1.48
C LYS A 186 20.09 22.61 0.58
N LEU A 187 20.15 21.40 1.15
CA LEU A 187 19.89 20.20 0.36
C LEU A 187 18.49 20.21 -0.25
N MET A 188 17.53 20.84 0.42
CA MET A 188 16.17 20.90 -0.11
C MET A 188 15.99 21.95 -1.19
N GLY A 189 16.98 22.80 -1.43
CA GLY A 189 16.91 23.79 -2.48
C GLY A 189 16.57 25.19 -2.04
N ALA A 190 16.71 25.52 -0.76
CA ALA A 190 16.30 26.84 -0.28
C ALA A 190 17.08 27.95 -0.97
N ASP A 191 16.36 28.99 -1.39
CA ASP A 191 17.01 30.26 -1.71
C ASP A 191 17.44 30.94 -0.42
N ARG A 192 18.10 32.10 -0.54
CA ARG A 192 18.59 32.81 0.65
C ARG A 192 17.44 33.18 1.60
N GLU A 193 16.33 33.70 1.07
CA GLU A 193 15.27 34.13 1.97
C GLU A 193 14.62 32.95 2.69
N GLN A 194 14.48 31.81 2.03
CA GLN A 194 13.96 30.63 2.70
C GLN A 194 14.92 30.12 3.76
N LEU A 195 16.22 30.09 3.44
CA LEU A 195 17.25 29.67 4.39
C LEU A 195 17.28 30.57 5.62
N LEU A 196 17.06 31.87 5.42
CA LEU A 196 17.10 32.80 6.55
C LEU A 196 15.90 32.60 7.45
N ALA A 197 14.71 32.48 6.87
CA ALA A 197 13.55 32.12 7.65
C ALA A 197 13.82 30.89 8.49
N ALA A 198 14.41 29.87 7.88
CA ALA A 198 14.62 28.59 8.56
C ALA A 198 15.52 28.76 9.77
N LEU A 199 16.72 29.33 9.56
CA LEU A 199 17.61 29.66 10.67
C LEU A 199 16.88 30.43 11.77
N SER A 200 16.07 31.43 11.37
CA SER A 200 15.38 32.24 12.36
C SER A 200 14.38 31.39 13.16
N HIS A 201 13.73 30.41 12.53
CA HIS A 201 12.86 29.54 13.30
C HIS A 201 13.64 28.62 14.23
N ALA A 202 14.85 28.24 13.86
CA ALA A 202 15.63 27.40 14.76
C ALA A 202 16.01 28.16 16.02
N PHE A 203 16.35 29.45 15.88
CA PHE A 203 16.69 30.26 17.05
C PHE A 203 15.45 30.70 17.86
N VAL A 204 14.26 30.74 17.25
CA VAL A 204 13.09 31.13 18.04
C VAL A 204 12.53 29.92 18.77
N ASP A 205 12.90 28.73 18.29
CA ASP A 205 12.43 27.47 18.83
C ASP A 205 12.80 27.35 20.30
N GLY A 206 12.03 26.54 21.01
CA GLY A 206 12.47 26.13 22.32
C GLY A 206 13.84 25.47 22.26
N GLN A 207 14.63 25.73 23.31
CA GLN A 207 15.93 25.10 23.45
C GLN A 207 15.94 24.28 24.73
N ALA A 208 16.31 23.01 24.58
CA ALA A 208 16.29 22.06 25.69
C ALA A 208 17.21 22.50 26.82
N LEU A 209 16.73 22.31 28.04
CA LEU A 209 17.62 22.32 29.20
C LEU A 209 18.61 21.18 29.07
N ARG A 210 19.56 21.14 30.00
CA ARG A 210 20.50 20.02 30.03
C ARG A 210 20.44 19.31 31.38
N THR A 211 19.27 19.37 32.03
CA THR A 211 19.07 18.69 33.30
C THR A 211 19.41 17.21 33.21
N TYR A 212 19.18 16.58 32.04
CA TYR A 212 19.42 15.16 31.86
C TYR A 212 20.89 14.80 31.69
N ARG A 213 21.83 15.75 31.81
CA ARG A 213 23.25 15.42 31.78
C ARG A 213 23.89 15.46 33.17
N HIS A 214 23.14 15.79 34.21
CA HIS A 214 23.72 16.11 35.50
C HIS A 214 23.07 15.31 36.62
N ALA A 215 23.90 14.67 37.42
CA ALA A 215 23.41 13.95 38.59
C ALA A 215 22.69 14.92 39.53
N PRO A 216 21.60 14.49 40.20
CA PRO A 216 21.06 13.14 40.17
C PRO A 216 19.93 12.92 39.15
N ASN A 217 19.86 13.71 38.08
CA ASN A 217 18.79 13.58 37.09
C ASN A 217 19.28 13.06 35.74
N ALA A 218 20.48 12.50 35.67
CA ALA A 218 21.03 12.06 34.40
C ALA A 218 20.23 10.90 33.86
N GLY A 219 20.00 10.91 32.55
CA GLY A 219 19.27 9.82 31.97
C GLY A 219 19.59 9.69 30.50
N SER A 220 18.96 8.69 29.89
CA SER A 220 19.29 8.32 28.53
C SER A 220 18.93 9.40 27.51
N ARG A 221 18.16 10.43 27.90
CA ARG A 221 17.97 11.58 27.02
C ARG A 221 19.29 12.26 26.67
N LYS A 222 20.29 12.17 27.56
CA LYS A 222 21.65 12.57 27.19
C LYS A 222 22.11 11.91 25.89
N SER A 223 21.49 10.78 25.52
CA SER A 223 21.91 10.00 24.37
C SER A 223 21.06 10.23 23.12
N TRP A 224 19.84 10.76 23.23
CA TRP A 224 19.05 11.02 22.05
C TRP A 224 18.67 12.48 21.85
N ALA A 225 19.10 13.37 22.74
CA ALA A 225 18.84 14.78 22.54
C ALA A 225 19.26 15.25 21.15
N ALA A 226 20.34 14.67 20.61
CA ALA A 226 20.93 15.19 19.36
C ALA A 226 20.13 14.73 18.15
N GLY A 227 19.76 13.45 18.12
CA GLY A 227 18.84 12.98 17.11
C GLY A 227 17.57 13.80 17.09
N ASP A 228 17.06 14.14 18.26
CA ASP A 228 15.81 14.89 18.34
C ASP A 228 16.00 16.30 17.76
N ALA A 229 17.16 16.91 18.00
CA ALA A 229 17.43 18.25 17.48
C ALA A 229 17.72 18.24 15.98
N THR A 230 18.45 17.23 15.50
CA THR A 230 18.73 17.20 14.06
C THR A 230 17.45 16.89 13.28
N SER A 231 16.58 16.04 13.85
CA SER A 231 15.24 15.81 13.31
C SER A 231 14.44 17.11 13.22
N ARG A 232 14.41 17.87 14.30
CA ARG A 232 13.70 19.15 14.28
C ARG A 232 14.29 20.13 13.23
N GLY A 233 15.60 20.08 12.99
CA GLY A 233 16.16 20.85 11.89
C GLY A 233 15.53 20.50 10.55
N VAL A 234 15.40 19.19 10.27
CA VAL A 234 14.73 18.78 9.03
C VAL A 234 13.35 19.41 8.95
N ARG A 235 12.54 19.24 10.01
CA ARG A 235 11.16 19.72 10.03
C ARG A 235 11.08 21.22 9.81
N LEU A 236 11.89 21.99 10.56
CA LEU A 236 11.92 23.43 10.39
C LEU A 236 12.38 23.83 8.98
N ALA A 237 13.34 23.11 8.40
CA ALA A 237 13.73 23.39 7.02
C ALA A 237 12.57 23.18 6.08
N ASP A 238 11.83 22.09 6.30
CA ASP A 238 10.65 21.80 5.49
C ASP A 238 9.57 22.87 5.66
N ILE A 239 9.42 23.42 6.86
CA ILE A 239 8.48 24.53 7.04
C ILE A 239 8.90 25.73 6.21
N ALA A 240 10.21 26.02 6.16
CA ALA A 240 10.70 27.16 5.39
C ALA A 240 10.48 26.94 3.89
N LEU A 241 10.68 25.71 3.43
CA LEU A 241 10.50 25.40 2.02
C LEU A 241 9.02 25.43 1.63
N ARG A 242 8.11 25.22 2.58
CA ARG A 242 6.69 25.46 2.34
C ARG A 242 6.36 26.94 2.26
N GLY A 243 7.31 27.84 2.52
CA GLY A 243 7.11 29.27 2.33
C GLY A 243 6.81 30.09 3.59
N GLU A 244 6.97 29.52 4.77
CA GLU A 244 6.63 30.22 5.99
C GLU A 244 7.58 31.39 6.23
N MET A 245 7.02 32.56 6.57
CA MET A 245 7.82 33.75 6.82
C MET A 245 8.76 33.55 8.00
N GLY A 246 9.83 34.35 8.03
CA GLY A 246 10.83 34.26 9.08
C GLY A 246 10.69 35.36 10.12
N ILE A 247 11.60 35.32 11.10
CA ILE A 247 11.58 36.21 12.26
C ILE A 247 12.89 36.99 12.32
N PRO A 248 12.97 38.18 11.67
CA PRO A 248 14.29 38.78 11.41
C PRO A 248 15.09 39.15 12.65
N GLY A 249 14.46 39.75 13.66
CA GLY A 249 15.19 40.12 14.85
C GLY A 249 15.24 39.09 15.97
N VAL A 250 15.21 37.82 15.60
CA VAL A 250 15.03 36.76 16.60
C VAL A 250 16.13 36.78 17.65
N LEU A 251 17.36 37.18 17.28
CA LEU A 251 18.43 37.25 18.27
C LEU A 251 18.39 38.57 19.06
N SER A 252 18.30 39.69 18.35
CA SER A 252 18.63 41.01 18.90
C SER A 252 17.45 41.73 19.52
N ALA A 253 16.22 41.26 19.31
CA ALA A 253 15.05 42.02 19.73
C ALA A 253 15.11 42.27 21.23
N PRO A 254 14.89 43.50 21.68
CA PRO A 254 14.81 43.74 23.12
C PRO A 254 13.60 43.06 23.75
N GLN A 255 13.81 42.54 24.96
CA GLN A 255 12.83 41.90 25.81
C GLN A 255 12.43 40.53 25.28
N TRP A 256 12.19 40.41 23.97
CA TRP A 256 11.67 39.17 23.42
C TRP A 256 12.70 38.32 22.68
N GLY A 257 13.89 38.84 22.42
CA GLY A 257 14.84 38.14 21.58
C GLY A 257 15.66 37.13 22.35
N PHE A 258 16.23 36.21 21.58
CA PHE A 258 17.10 35.17 22.15
C PHE A 258 18.10 35.75 23.16
N TYR A 259 18.80 36.83 22.79
CA TYR A 259 19.89 37.32 23.65
C TYR A 259 19.38 37.70 25.04
N ASP A 260 18.35 38.55 25.09
CA ASP A 260 17.80 38.99 26.37
C ASP A 260 17.23 37.83 27.17
N VAL A 261 16.48 36.94 26.51
CA VAL A 261 15.77 35.92 27.28
C VAL A 261 16.70 34.77 27.68
N LEU A 262 17.57 34.32 26.78
CA LEU A 262 18.23 33.04 26.97
C LEU A 262 19.75 33.11 27.08
N PHE A 263 20.38 34.20 26.64
CA PHE A 263 21.83 34.27 26.65
C PHE A 263 22.35 35.40 27.54
N SER A 264 21.53 35.97 28.39
CA SER A 264 21.94 37.12 29.17
C SER A 264 22.16 36.84 30.65
N HIS A 265 21.97 35.59 31.11
CA HIS A 265 22.16 35.25 32.52
C HIS A 265 22.99 34.00 32.68
N THR A 266 23.81 33.98 33.74
CA THR A 266 24.64 32.82 34.07
C THR A 266 23.91 31.92 35.05
N SER A 267 24.00 30.62 34.81
CA SER A 267 23.14 29.63 35.44
C SER A 267 23.55 29.35 36.90
N LYS A 268 24.87 29.28 37.16
CA LYS A 268 25.41 28.89 38.47
C LYS A 268 25.05 29.89 39.59
N ASP A 269 24.64 31.11 39.24
CA ASP A 269 24.52 32.16 40.24
C ASP A 269 23.39 33.14 39.93
N LEU A 270 22.76 33.00 38.76
CA LEU A 270 21.67 33.87 38.28
C LEU A 270 22.13 35.30 37.98
N ALA A 271 23.42 35.50 37.82
CA ALA A 271 23.97 36.82 37.57
C ALA A 271 23.75 37.22 36.12
N THR A 272 23.35 38.48 35.92
CA THR A 272 23.31 39.04 34.58
C THR A 272 24.72 39.18 34.03
N LYS A 273 24.89 38.85 32.76
CA LYS A 273 26.15 39.05 32.07
C LYS A 273 26.34 40.52 31.74
N PRO A 274 27.59 40.98 31.63
CA PRO A 274 27.84 42.35 31.17
C PRO A 274 27.29 42.56 29.77
N GLU A 275 26.73 43.74 29.54
CA GLU A 275 26.07 44.13 28.26
C GLU A 275 26.88 43.76 27.01
N ASP A 276 28.19 43.93 26.99
CA ASP A 276 28.95 43.59 25.78
C ASP A 276 29.01 42.09 25.55
N LYS A 277 28.97 41.28 26.62
CA LYS A 277 29.00 39.82 26.54
C LYS A 277 27.63 39.20 26.28
N ARG A 278 26.61 40.01 26.05
CA ARG A 278 25.25 39.54 25.79
C ARG A 278 25.00 39.34 24.29
N ARG A 279 25.92 38.67 23.62
CA ARG A 279 25.84 38.46 22.19
C ARG A 279 26.81 37.35 21.83
N PHE A 280 26.62 36.77 20.65
CA PHE A 280 27.56 35.77 20.18
C PHE A 280 28.85 36.45 19.72
N SER A 281 29.98 35.86 20.06
CA SER A 281 31.27 36.38 19.64
C SER A 281 32.00 35.31 18.83
N PHE A 282 32.80 35.76 17.87
CA PHE A 282 33.50 34.88 16.97
C PHE A 282 34.96 35.30 16.82
N PRO A 283 35.89 34.35 16.83
CA PRO A 283 37.31 34.65 16.55
C PRO A 283 37.75 34.37 15.12
N GLN A 284 36.87 33.85 14.28
CA GLN A 284 37.15 33.55 12.88
C GLN A 284 35.80 33.35 12.22
N GLY A 285 35.78 33.43 10.89
CA GLY A 285 34.60 33.15 10.13
C GLY A 285 34.47 31.66 9.81
N TYR A 286 33.57 31.36 8.88
CA TYR A 286 33.21 29.98 8.59
C TYR A 286 34.05 29.47 7.41
N GLY A 287 34.76 28.36 7.61
CA GLY A 287 35.54 27.76 6.54
C GLY A 287 35.36 26.26 6.47
N SER A 288 36.44 25.52 6.69
CA SER A 288 36.38 24.08 6.86
C SER A 288 37.26 23.64 8.01
N TYR A 289 37.50 24.58 8.94
CA TYR A 289 38.44 24.38 10.04
C TYR A 289 38.01 23.22 10.94
N VAL A 290 36.70 23.14 11.25
CA VAL A 290 36.20 22.23 12.27
C VAL A 290 36.38 20.77 11.82
N MET A 291 36.00 20.46 10.58
CA MET A 291 36.15 19.10 10.11
C MET A 291 37.62 18.71 10.03
N GLU A 292 38.48 19.61 9.54
CA GLU A 292 39.90 19.30 9.48
C GLU A 292 40.48 18.99 10.85
N ASN A 293 39.95 19.63 11.91
CA ASN A 293 40.52 19.53 13.25
C ASN A 293 39.72 18.67 14.21
N VAL A 294 38.79 17.84 13.71
CA VAL A 294 37.89 17.13 14.61
C VAL A 294 38.63 15.98 15.29
N LEU A 295 38.19 15.64 16.50
CA LEU A 295 38.77 14.55 17.29
C LEU A 295 37.95 13.28 17.14
N PHE A 296 38.63 12.16 16.85
CA PHE A 296 38.02 10.86 16.75
C PHE A 296 38.40 10.02 17.97
N LYS A 297 37.44 9.25 18.46
CA LYS A 297 37.62 8.35 19.61
C LYS A 297 38.04 6.99 19.08
N ILE A 298 39.35 6.83 18.86
CA ILE A 298 39.89 5.61 18.28
C ILE A 298 40.91 4.93 19.18
N SER A 299 41.18 5.48 20.36
CA SER A 299 42.25 4.98 21.18
C SER A 299 41.66 4.22 22.37
N PHE A 300 42.34 4.26 23.50
CA PHE A 300 41.80 3.65 24.70
C PHE A 300 40.48 4.33 25.07
N PRO A 301 39.54 3.58 25.63
CA PRO A 301 38.34 4.21 26.17
C PRO A 301 38.67 5.10 27.36
N ALA A 302 38.94 6.37 27.10
CA ALA A 302 39.29 7.28 28.19
C ALA A 302 38.82 8.68 27.85
N GLU A 303 38.58 9.46 28.90
CA GLU A 303 38.26 10.87 28.72
C GLU A 303 39.40 11.54 27.95
N PHE A 304 39.04 12.48 27.07
CA PHE A 304 40.01 12.98 26.10
C PHE A 304 41.18 13.70 26.76
N HIS A 305 40.92 14.44 27.84
CA HIS A 305 42.00 15.18 28.50
C HIS A 305 43.06 14.24 29.08
N ALA A 306 42.75 12.95 29.21
CA ALA A 306 43.65 11.96 29.79
C ALA A 306 44.16 10.94 28.76
N GLN A 307 43.84 11.11 27.48
CA GLN A 307 44.23 10.12 26.49
C GLN A 307 45.76 10.07 26.35
N THR A 308 46.40 11.23 26.24
CA THR A 308 47.86 11.26 26.12
C THR A 308 48.55 10.78 27.40
N ALA A 309 47.94 11.04 28.56
CA ALA A 309 48.48 10.49 29.80
C ALA A 309 48.51 8.97 29.74
N ALA A 310 47.43 8.33 29.31
CA ALA A 310 47.39 6.88 29.27
C ALA A 310 48.36 6.33 28.24
N GLU A 311 48.51 7.01 27.10
CA GLU A 311 49.48 6.58 26.11
C GLU A 311 50.90 6.66 26.66
N ALA A 312 51.21 7.73 27.39
CA ALA A 312 52.49 7.82 28.09
C ALA A 312 52.67 6.66 29.06
N ALA A 313 51.65 6.37 29.88
CA ALA A 313 51.74 5.27 30.84
C ALA A 313 51.89 3.90 30.17
N VAL A 314 51.57 3.78 28.88
CA VAL A 314 51.81 2.52 28.18
C VAL A 314 53.24 2.45 27.67
N ARG A 315 53.83 3.59 27.29
CA ARG A 315 55.24 3.61 26.92
C ARG A 315 56.13 3.34 28.14
N LEU A 316 55.78 3.92 29.29
CA LEU A 316 56.50 3.70 30.55
C LEU A 316 56.17 2.36 31.19
N HIS A 317 55.40 1.49 30.54
CA HIS A 317 54.99 0.25 31.18
C HIS A 317 56.12 -0.77 31.29
N PRO A 318 56.89 -1.07 30.24
CA PRO A 318 57.94 -2.10 30.41
C PRO A 318 59.05 -1.66 31.35
N LEU A 319 59.28 -0.36 31.48
CA LEU A 319 60.35 0.13 32.34
C LEU A 319 60.01 -0.08 33.81
N VAL A 320 58.78 0.26 34.20
CA VAL A 320 58.36 0.17 35.60
C VAL A 320 57.56 -1.11 35.87
N LYS A 321 57.48 -2.01 34.89
CA LYS A 321 56.84 -3.31 35.11
C LYS A 321 57.54 -4.07 36.23
N ASP A 322 58.87 -4.00 36.25
CA ASP A 322 59.68 -4.76 37.21
C ASP A 322 59.58 -4.16 38.62
N ARG A 323 59.71 -2.85 38.73
CA ARG A 323 59.81 -2.24 40.05
C ARG A 323 58.51 -1.55 40.48
N LEU A 324 57.38 -2.24 40.34
CA LEU A 324 56.10 -1.63 40.72
C LEU A 324 56.05 -1.34 42.21
N GLN A 325 56.45 -2.31 43.02
CA GLN A 325 56.36 -2.15 44.48
C GLN A 325 57.22 -0.99 44.97
N ARG A 326 58.42 -0.85 44.39
CA ARG A 326 59.40 0.18 44.82
C ARG A 326 59.19 1.50 44.06
N ILE A 327 57.99 2.06 44.20
CA ILE A 327 57.62 3.35 43.61
C ILE A 327 57.37 4.36 44.73
N SER A 328 57.92 5.57 44.59
CA SER A 328 57.76 6.60 45.60
C SER A 328 57.01 7.83 45.11
N ARG A 329 57.05 8.14 43.82
CA ARG A 329 56.51 9.40 43.33
C ARG A 329 56.29 9.29 41.81
N ILE A 330 55.13 9.75 41.35
CA ILE A 330 54.77 9.80 39.94
C ILE A 330 54.31 11.22 39.62
N VAL A 331 54.95 11.85 38.65
CA VAL A 331 54.62 13.22 38.25
C VAL A 331 53.90 13.16 36.91
N ILE A 332 52.69 13.70 36.87
CA ILE A 332 51.92 13.85 35.65
C ILE A 332 51.87 15.34 35.35
N THR A 333 52.69 15.78 34.40
CA THR A 333 52.62 17.16 33.93
C THR A 333 51.49 17.27 32.90
N THR A 334 50.59 18.23 33.12
CA THR A 334 49.32 18.27 32.41
C THR A 334 49.01 19.71 32.02
N HIS A 335 47.82 19.91 31.45
CA HIS A 335 47.31 21.22 31.09
C HIS A 335 46.14 21.58 31.99
N GLU A 336 45.78 22.87 31.96
CA GLU A 336 44.88 23.45 32.95
C GLU A 336 43.52 22.74 32.96
N SER A 337 42.90 22.63 31.79
CA SER A 337 41.55 22.06 31.71
C SER A 337 41.52 20.66 32.31
N ALA A 338 42.58 19.87 32.08
CA ALA A 338 42.63 18.52 32.63
C ALA A 338 42.66 18.52 34.15
N ILE A 339 43.29 19.53 34.75
CA ILE A 339 43.30 19.61 36.21
C ILE A 339 41.88 19.82 36.73
N ARG A 340 41.20 20.85 36.23
CA ARG A 340 39.87 21.17 36.73
C ARG A 340 38.90 20.01 36.56
N ILE A 341 39.04 19.26 35.46
CA ILE A 341 37.97 18.40 34.98
C ILE A 341 38.13 16.97 35.45
N ILE A 342 39.32 16.37 35.33
CA ILE A 342 39.46 14.93 35.53
C ILE A 342 40.43 14.57 36.66
N SER A 343 41.01 15.54 37.35
CA SER A 343 41.88 15.24 38.50
C SER A 343 40.98 15.03 39.73
N LYS A 344 40.93 13.80 40.21
CA LYS A 344 40.10 13.43 41.35
C LYS A 344 40.97 12.80 42.41
N VAL A 345 40.81 13.23 43.66
CA VAL A 345 41.49 12.64 44.81
C VAL A 345 40.41 12.05 45.71
N GLY A 346 40.56 10.76 46.03
CA GLY A 346 39.60 10.10 46.89
C GLY A 346 39.19 8.76 46.36
N PRO A 347 38.01 8.29 46.79
CA PRO A 347 37.49 7.00 46.30
C PRO A 347 36.51 7.20 45.15
N LEU A 348 36.32 6.14 44.36
CA LEU A 348 35.53 6.19 43.13
C LEU A 348 34.56 5.01 43.16
N ALA A 349 33.31 5.26 43.57
CA ALA A 349 32.34 4.21 43.86
C ALA A 349 31.45 3.88 42.67
N ASN A 350 31.93 4.12 41.46
CA ASN A 350 31.24 3.72 40.24
C ASN A 350 32.22 3.79 39.09
N PRO A 351 31.94 3.13 37.97
CA PRO A 351 32.86 3.21 36.83
C PRO A 351 32.93 4.60 36.20
N ALA A 352 31.85 5.39 36.30
CA ALA A 352 31.86 6.74 35.77
C ALA A 352 32.85 7.66 36.47
N ASP A 353 33.22 7.36 37.72
CA ASP A 353 34.20 8.16 38.46
C ASP A 353 35.62 7.83 38.04
N ARG A 354 35.92 6.53 37.88
CA ARG A 354 37.21 6.11 37.33
C ARG A 354 37.36 6.57 35.88
N ASP A 355 36.24 6.60 35.15
CA ASP A 355 36.18 7.16 33.80
C ASP A 355 36.76 8.57 33.72
N HIS A 356 36.56 9.37 34.76
CA HIS A 356 36.90 10.79 34.75
C HIS A 356 37.94 11.10 35.81
N CYS A 357 38.77 10.11 36.14
CA CYS A 357 39.85 10.29 37.11
C CYS A 357 41.17 10.14 36.36
N LEU A 358 41.84 11.26 36.10
CA LEU A 358 43.14 11.24 35.43
C LEU A 358 44.10 10.28 36.13
N GLN A 359 44.07 10.26 37.46
CA GLN A 359 45.01 9.40 38.19
C GLN A 359 44.69 7.93 37.96
N TYR A 360 43.41 7.59 37.84
CA TYR A 360 43.03 6.20 37.59
C TYR A 360 43.42 5.76 36.18
N MET A 361 43.21 6.63 35.20
CA MET A 361 43.52 6.30 33.81
C MET A 361 45.03 6.35 33.52
N THR A 362 45.83 6.95 34.41
CA THR A 362 47.28 6.83 34.32
C THR A 362 47.79 5.64 35.11
N ALA A 363 47.11 5.28 36.21
CA ALA A 363 47.60 4.20 37.07
C ALA A 363 47.46 2.85 36.39
N VAL A 364 46.23 2.51 35.98
CA VAL A 364 45.97 1.18 35.40
C VAL A 364 46.91 0.84 34.24
N PRO A 365 47.17 1.73 33.28
CA PRO A 365 48.10 1.36 32.20
C PRO A 365 49.55 1.27 32.66
N LEU A 366 49.96 2.02 33.68
CA LEU A 366 51.25 1.78 34.30
C LEU A 366 51.35 0.34 34.80
N ILE A 367 50.35 -0.09 35.58
CA ILE A 367 50.38 -1.42 36.17
C ILE A 367 50.32 -2.49 35.10
N PHE A 368 49.32 -2.41 34.20
CA PHE A 368 49.01 -3.52 33.32
C PHE A 368 49.39 -3.30 31.86
N GLY A 369 49.74 -2.08 31.45
CA GLY A 369 50.17 -1.86 30.08
C GLY A 369 49.06 -1.62 29.07
N ASP A 370 47.84 -1.37 29.54
CA ASP A 370 46.69 -1.18 28.66
C ASP A 370 45.57 -0.59 29.50
N LEU A 371 44.60 0.00 28.81
CA LEU A 371 43.39 0.53 29.45
C LEU A 371 42.22 0.15 28.59
N VAL A 372 41.41 -0.80 29.07
CA VAL A 372 40.23 -1.26 28.32
C VAL A 372 39.00 -0.95 29.15
N ALA A 373 37.82 -1.32 28.63
CA ALA A 373 36.56 -0.96 29.29
C ALA A 373 36.36 -1.71 30.60
N GLU A 374 36.97 -2.89 30.75
CA GLU A 374 36.79 -3.70 31.95
C GLU A 374 37.71 -3.29 33.09
N HIS A 375 38.61 -2.32 32.87
CA HIS A 375 39.40 -1.79 33.97
C HIS A 375 38.60 -0.84 34.85
N TYR A 376 37.54 -0.23 34.32
CA TYR A 376 36.70 0.66 35.11
C TYR A 376 35.67 -0.09 35.96
N GLU A 377 35.57 -1.41 35.80
CA GLU A 377 34.51 -2.15 36.47
C GLU A 377 34.74 -2.16 37.98
N ASP A 378 33.63 -2.16 38.73
CA ASP A 378 33.71 -2.08 40.18
C ASP A 378 34.53 -3.22 40.78
N ALA A 379 34.20 -4.46 40.43
CA ALA A 379 34.90 -5.61 40.98
C ALA A 379 36.36 -5.66 40.56
N PHE A 380 36.69 -5.13 39.38
CA PHE A 380 38.09 -5.13 38.96
C PHE A 380 38.92 -4.21 39.82
N HIS A 381 38.32 -3.10 40.30
CA HIS A 381 39.02 -2.19 41.19
C HIS A 381 39.34 -2.85 42.51
N ALA A 382 38.33 -3.49 43.13
CA ALA A 382 38.52 -4.15 44.42
C ALA A 382 39.65 -5.16 44.37
N ALA A 383 39.76 -5.91 43.27
CA ALA A 383 40.73 -6.98 43.16
C ALA A 383 42.17 -6.49 43.04
N HIS A 384 42.39 -5.17 42.93
CA HIS A 384 43.74 -4.64 42.79
C HIS A 384 43.89 -3.45 43.72
N PRO A 385 44.49 -3.65 44.90
CA PRO A 385 44.73 -2.51 45.79
C PRO A 385 45.88 -1.62 45.32
N LEU A 386 46.79 -2.19 44.52
CA LEU A 386 47.93 -1.43 44.01
C LEU A 386 47.49 -0.15 43.30
N ILE A 387 46.34 -0.21 42.61
CA ILE A 387 45.85 0.94 41.84
C ILE A 387 45.73 2.16 42.76
N ASP A 388 45.10 1.99 43.92
CA ASP A 388 44.93 3.11 44.82
C ASP A 388 46.27 3.56 45.41
N ARG A 389 47.18 2.62 45.66
CA ARG A 389 48.49 2.97 46.21
C ARG A 389 49.28 3.86 45.24
N LEU A 390 49.23 3.55 43.94
CA LEU A 390 49.95 4.35 42.95
C LEU A 390 49.32 5.73 42.75
N ARG A 391 47.98 5.83 42.88
CA ARG A 391 47.31 7.13 42.79
C ARG A 391 47.74 8.05 43.91
N GLU A 392 48.02 7.51 45.09
CA GLU A 392 48.47 8.33 46.22
C GLU A 392 49.83 8.95 45.93
N LYS A 393 50.71 8.22 45.24
CA LYS A 393 52.05 8.70 44.95
C LYS A 393 52.11 9.62 43.74
N MET A 394 50.96 10.01 43.18
CA MET A 394 50.89 10.86 41.98
C MET A 394 50.68 12.32 42.38
N GLU A 395 51.48 13.20 41.79
CA GLU A 395 51.26 14.63 41.90
C GLU A 395 51.13 15.21 40.51
N ILE A 396 50.22 16.18 40.37
CA ILE A 396 49.77 16.67 39.08
C ILE A 396 50.34 18.08 38.90
N VAL A 397 51.26 18.23 37.94
CA VAL A 397 51.98 19.46 37.68
C VAL A 397 51.40 20.12 36.43
N GLU A 398 51.32 21.46 36.44
CA GLU A 398 50.69 22.22 35.37
C GLU A 398 51.76 22.95 34.55
N GLU A 399 51.93 22.53 33.30
CA GLU A 399 52.88 23.19 32.40
C GLU A 399 52.22 24.39 31.73
N PRO A 400 52.76 25.61 31.88
CA PRO A 400 52.10 26.78 31.26
C PRO A 400 52.11 26.80 29.74
N ARG A 401 52.94 26.00 29.07
CA ARG A 401 52.80 25.97 27.60
C ARG A 401 51.74 24.94 27.18
N TYR A 402 51.71 23.77 27.84
CA TYR A 402 50.66 22.78 27.60
C TYR A 402 49.28 23.42 27.64
N SER A 403 49.06 24.34 28.58
CA SER A 403 47.75 24.94 28.74
C SER A 403 47.48 25.98 27.67
N ARG A 404 48.47 26.83 27.36
CA ARG A 404 48.27 27.83 26.31
C ARG A 404 48.23 27.20 24.93
N GLU A 405 48.92 26.07 24.73
CA GLU A 405 48.83 25.39 23.44
C GLU A 405 47.53 24.61 23.30
N TYR A 406 46.82 24.35 24.40
CA TYR A 406 45.48 23.76 24.31
C TYR A 406 44.51 24.71 23.62
N LEU A 407 44.63 26.01 23.89
CA LEU A 407 43.74 27.03 23.34
C LEU A 407 44.19 27.58 22.00
N GLU A 408 45.35 27.17 21.49
CA GLU A 408 45.86 27.75 20.25
C GLU A 408 45.22 27.09 19.05
N ALA A 409 44.64 27.92 18.17
CA ALA A 409 44.05 27.42 16.92
C ALA A 409 45.08 26.69 16.07
N ASP A 410 46.33 27.15 16.11
CA ASP A 410 47.43 26.49 15.40
C ASP A 410 47.54 25.02 15.76
N LYS A 411 47.33 24.70 17.03
CA LYS A 411 47.80 23.43 17.59
C LYS A 411 46.68 22.60 18.21
N ARG A 412 45.88 23.19 19.11
CA ARG A 412 44.78 22.50 19.76
C ARG A 412 45.26 21.21 20.40
N SER A 413 46.34 21.31 21.18
CA SER A 413 46.94 20.15 21.82
C SER A 413 46.16 19.74 23.06
N ILE A 414 46.30 18.47 23.43
CA ILE A 414 45.86 17.94 24.72
C ILE A 414 47.03 17.19 25.32
N ALA A 415 48.08 17.93 25.71
CA ALA A 415 49.37 17.34 26.05
C ALA A 415 49.43 16.86 27.49
N ASN A 416 50.12 15.74 27.69
CA ASN A 416 50.38 15.18 29.02
C ASN A 416 51.77 14.56 29.05
N ALA A 417 52.46 14.69 30.18
CA ALA A 417 53.75 14.07 30.39
C ALA A 417 53.74 13.33 31.71
N VAL A 418 54.31 12.12 31.72
CA VAL A 418 54.34 11.26 32.90
C VAL A 418 55.79 10.87 33.17
N GLU A 419 56.18 10.92 34.45
CA GLU A 419 57.47 10.42 34.87
C GLU A 419 57.35 9.91 36.30
N VAL A 420 57.82 8.69 36.52
CA VAL A 420 57.66 7.99 37.80
C VAL A 420 59.04 7.88 38.47
N PHE A 421 59.13 8.40 39.69
CA PHE A 421 60.35 8.31 40.49
C PHE A 421 60.29 7.08 41.39
N PHE A 422 61.34 6.26 41.34
CA PHE A 422 61.44 5.15 42.25
C PHE A 422 62.00 5.62 43.59
N ASP A 423 61.97 4.73 44.58
CA ASP A 423 62.47 5.09 45.91
C ASP A 423 64.00 5.11 45.99
N ASP A 424 64.69 4.45 45.04
CA ASP A 424 66.15 4.41 45.06
C ASP A 424 66.78 5.75 44.68
N GLY A 425 66.05 6.60 43.96
CA GLY A 425 66.56 7.91 43.62
C GLY A 425 66.51 8.23 42.14
N SER A 426 66.37 7.21 41.31
CA SER A 426 66.30 7.38 39.87
C SER A 426 64.86 7.24 39.40
N SER A 427 64.69 7.21 38.09
CA SER A 427 63.38 7.32 37.47
C SER A 427 63.52 7.02 35.98
N THR A 428 62.38 6.77 35.34
CA THR A 428 62.29 6.77 33.88
C THR A 428 62.32 8.20 33.37
N GLY A 429 62.83 8.38 32.16
CA GLY A 429 62.74 9.68 31.53
C GLY A 429 61.29 10.15 31.44
N GLN A 430 61.11 11.47 31.43
CA GLN A 430 59.76 12.01 31.27
C GLN A 430 59.33 11.83 29.81
N VAL A 431 58.33 10.97 29.60
CA VAL A 431 57.76 10.74 28.27
C VAL A 431 56.51 11.61 28.14
N ALA A 432 56.60 12.62 27.27
CA ALA A 432 55.52 13.56 27.04
C ALA A 432 54.86 13.24 25.71
N VAL A 433 53.54 13.06 25.73
CA VAL A 433 52.74 12.91 24.51
C VAL A 433 51.85 14.13 24.40
N GLU A 434 52.03 14.91 23.33
CA GLU A 434 51.31 16.17 23.19
C GLU A 434 49.98 16.01 22.44
N TYR A 435 49.86 14.98 21.61
CA TYR A 435 48.72 14.84 20.70
C TYR A 435 48.14 13.44 20.79
N PRO A 436 46.87 13.30 21.19
CA PRO A 436 46.26 11.97 21.27
C PRO A 436 46.04 11.39 19.88
N LEU A 437 45.81 10.08 19.84
CA LEU A 437 45.79 9.35 18.57
C LEU A 437 44.67 9.82 17.64
N GLY A 438 43.57 10.36 18.19
CA GLY A 438 42.53 10.85 17.30
C GLY A 438 42.69 12.27 16.81
N HIS A 439 43.80 12.92 17.14
CA HIS A 439 44.06 14.31 16.79
C HIS A 439 44.44 14.44 15.32
N ARG A 440 44.27 15.66 14.80
CA ARG A 440 44.69 15.95 13.43
C ARG A 440 46.14 15.56 13.20
N ARG A 441 47.01 15.84 14.18
CA ARG A 441 48.44 15.72 13.92
C ARG A 441 48.90 14.27 13.86
N ARG A 442 48.12 13.31 14.34
CA ARG A 442 48.44 11.90 14.19
C ARG A 442 47.48 11.17 13.26
N ARG A 443 46.94 11.88 12.25
CA ARG A 443 45.94 11.27 11.36
C ARG A 443 46.51 10.09 10.57
N ALA A 444 47.78 10.16 10.16
CA ALA A 444 48.37 9.04 9.43
C ALA A 444 48.38 7.79 10.28
N GLU A 445 48.71 7.95 11.55
CA GLU A 445 48.78 6.82 12.46
C GLU A 445 47.39 6.39 12.93
N GLY A 446 46.43 7.32 12.98
CA GLY A 446 45.09 7.05 13.46
C GLY A 446 44.20 6.31 12.48
N ILE A 447 44.23 6.72 11.21
CA ILE A 447 43.41 6.14 10.14
C ILE A 447 43.43 4.60 10.17
N PRO A 448 44.56 3.93 10.41
CA PRO A 448 44.48 2.47 10.59
C PRO A 448 43.57 2.06 11.73
N LEU A 449 43.73 2.70 12.90
CA LEU A 449 42.89 2.43 14.06
C LEU A 449 41.42 2.67 13.73
N LEU A 450 41.11 3.82 13.10
CA LEU A 450 39.73 4.16 12.79
C LEU A 450 39.12 3.16 11.80
N GLN A 451 39.91 2.69 10.84
CA GLN A 451 39.38 1.69 9.92
C GLN A 451 39.15 0.37 10.66
N GLU A 452 40.06 0.00 11.55
CA GLU A 452 39.86 -1.19 12.36
C GLU A 452 38.56 -1.08 13.16
N LYS A 453 38.37 0.04 13.85
CA LYS A 453 37.16 0.23 14.64
C LYS A 453 35.90 0.16 13.76
N PHE A 454 35.96 0.74 12.55
CA PHE A 454 34.83 0.66 11.62
C PHE A 454 34.50 -0.77 11.28
N LYS A 455 35.50 -1.54 10.85
CA LYS A 455 35.27 -2.92 10.45
C LYS A 455 34.78 -3.78 11.61
N ALA A 456 35.21 -3.46 12.84
CA ALA A 456 34.67 -4.20 13.99
C ALA A 456 33.19 -3.90 14.15
N ASN A 457 32.81 -2.65 13.98
CA ASN A 457 31.42 -2.25 14.13
C ASN A 457 30.54 -2.77 12.99
N LEU A 458 31.04 -2.82 11.75
CA LEU A 458 30.26 -3.42 10.65
C LEU A 458 29.93 -4.87 10.94
N ALA A 459 30.92 -5.64 11.38
CA ALA A 459 30.81 -7.06 11.72
C ALA A 459 29.70 -7.33 12.75
N THR A 460 29.34 -6.39 13.61
CA THR A 460 28.26 -6.63 14.58
C THR A 460 26.86 -6.60 13.92
N ARG A 461 26.73 -6.07 12.71
CA ARG A 461 25.43 -5.96 12.00
C ARG A 461 25.38 -6.74 10.68
N PHE A 462 26.47 -6.76 9.88
CA PHE A 462 26.41 -7.43 8.57
C PHE A 462 27.28 -8.66 8.57
N PRO A 463 27.01 -9.57 7.62
CA PRO A 463 27.83 -10.72 7.41
C PRO A 463 29.08 -10.29 6.61
N PRO A 464 30.12 -11.15 6.59
CA PRO A 464 31.42 -10.87 5.96
C PRO A 464 31.39 -10.28 4.54
N GLN A 465 30.86 -11.00 3.55
CA GLN A 465 30.57 -10.47 2.20
C GLN A 465 30.14 -9.01 2.20
N ARG A 466 29.02 -8.72 2.87
CA ARG A 466 28.46 -7.35 2.93
C ARG A 466 29.44 -6.38 3.59
N CYS A 467 30.04 -6.75 4.71
CA CYS A 467 31.04 -5.89 5.39
C CYS A 467 32.18 -5.53 4.44
N GLN A 468 32.68 -6.48 3.68
CA GLN A 468 33.80 -6.15 2.81
C GLN A 468 33.37 -5.18 1.72
N ARG A 469 32.19 -5.41 1.13
CA ARG A 469 31.67 -4.51 0.10
C ARG A 469 31.46 -3.10 0.64
N ILE A 470 31.01 -2.99 1.89
CA ILE A 470 30.79 -1.68 2.49
C ILE A 470 32.12 -0.98 2.74
N PHE A 471 33.08 -1.71 3.32
CA PHE A 471 34.38 -1.11 3.59
C PHE A 471 35.14 -0.79 2.31
N ASP A 472 35.03 -1.68 1.31
CA ASP A 472 35.67 -1.43 0.02
C ASP A 472 35.20 -0.10 -0.57
N LEU A 473 33.90 0.18 -0.50
CA LEU A 473 33.37 1.43 -1.05
C LEU A 473 33.84 2.64 -0.26
N CYS A 474 33.87 2.54 1.07
CA CYS A 474 34.25 3.67 1.91
C CYS A 474 35.77 3.89 1.93
N SER A 475 36.55 2.90 1.49
CA SER A 475 38.00 3.03 1.36
C SER A 475 38.42 4.05 0.31
N HIS A 476 37.60 4.24 -0.73
CA HIS A 476 38.03 4.90 -1.97
C HIS A 476 37.28 6.22 -2.16
N GLN A 477 38.01 7.33 -1.96
CA GLN A 477 37.39 8.65 -1.96
C GLN A 477 36.61 8.91 -3.25
N ALA A 478 37.24 8.71 -4.42
CA ALA A 478 36.57 9.04 -5.67
C ALA A 478 35.37 8.15 -5.93
N SER A 479 35.52 6.84 -5.70
CA SER A 479 34.39 5.94 -5.89
C SER A 479 33.24 6.27 -4.93
N LEU A 480 33.56 6.50 -3.65
CA LEU A 480 32.55 6.86 -2.67
C LEU A 480 31.87 8.17 -3.04
N GLU A 481 32.65 9.16 -3.49
CA GLU A 481 32.08 10.46 -3.82
C GLU A 481 31.11 10.40 -4.99
N ALA A 482 31.36 9.50 -5.95
CA ALA A 482 30.46 9.41 -7.09
C ALA A 482 29.22 8.58 -6.79
N THR A 483 29.16 7.94 -5.64
CA THR A 483 28.08 7.00 -5.40
C THR A 483 26.77 7.76 -5.15
N PRO A 484 25.72 7.43 -5.89
CA PRO A 484 24.38 7.95 -5.56
C PRO A 484 24.02 7.64 -4.10
N VAL A 485 23.47 8.64 -3.42
CA VAL A 485 23.18 8.52 -1.99
C VAL A 485 22.22 7.36 -1.74
N ASN A 486 21.23 7.18 -2.63
CA ASN A 486 20.28 6.09 -2.52
C ASN A 486 20.96 4.74 -2.68
N ARG A 487 21.94 4.62 -3.59
CA ARG A 487 22.60 3.33 -3.77
C ARG A 487 23.54 3.04 -2.62
N PHE A 488 23.96 4.07 -1.91
CA PHE A 488 24.81 3.90 -0.71
C PHE A 488 23.92 3.36 0.43
N MET A 489 22.75 3.97 0.62
CA MET A 489 21.76 3.59 1.66
C MET A 489 21.18 2.19 1.39
N ASP A 490 21.12 1.77 0.14
CA ASP A 490 20.61 0.41 -0.17
C ASP A 490 21.57 -0.63 0.43
N LEU A 491 22.86 -0.34 0.34
CA LEU A 491 23.94 -1.20 0.84
C LEU A 491 23.96 -1.21 2.37
N LEU A 492 23.52 -0.13 3.00
CA LEU A 492 23.55 -0.08 4.47
C LEU A 492 22.23 -0.61 5.05
N ALA A 493 21.23 -0.91 4.23
CA ALA A 493 19.95 -1.37 4.81
C ALA A 493 19.98 -2.83 5.25
N ILE A 494 19.58 -3.04 6.51
CA ILE A 494 19.34 -4.32 7.22
C ILE A 494 20.63 -5.10 7.57
N PRO B 11 16.07 10.30 43.45
CA PRO B 11 15.18 11.42 43.81
C PRO B 11 13.75 11.25 43.27
N ASP B 12 12.76 11.73 44.03
CA ASP B 12 11.36 11.69 43.65
C ASP B 12 11.03 12.81 42.68
N TYR B 13 9.92 12.68 41.97
CA TYR B 13 9.49 13.72 41.06
C TYR B 13 9.10 14.98 41.82
N ASP B 14 9.41 16.15 41.25
CA ASP B 14 8.95 17.41 41.82
C ASP B 14 7.43 17.38 42.06
N ALA B 15 7.01 18.11 43.08
CA ALA B 15 5.63 18.01 43.54
C ALA B 15 4.64 18.45 42.48
N VAL B 16 4.97 19.52 41.75
CA VAL B 16 4.09 20.01 40.69
C VAL B 16 3.72 18.90 39.72
N LEU B 17 4.70 18.09 39.32
CA LEU B 17 4.45 16.99 38.39
C LEU B 17 3.62 15.90 39.04
N GLN B 18 3.80 15.67 40.34
CA GLN B 18 3.00 14.69 41.03
C GLN B 18 1.53 15.09 41.06
N ASP B 19 1.24 16.37 41.30
CA ASP B 19 -0.14 16.85 41.38
C ASP B 19 -0.86 16.74 40.03
N ILE B 20 -0.17 17.10 38.94
CA ILE B 20 -0.78 16.96 37.62
C ILE B 20 -1.11 15.50 37.34
N ALA B 21 -0.14 14.60 37.59
CA ALA B 21 -0.34 13.18 37.32
C ALA B 21 -1.47 12.59 38.17
N ASP B 22 -1.54 12.95 39.46
CA ASP B 22 -2.58 12.36 40.30
C ASP B 22 -3.98 12.86 39.92
N TYR B 23 -4.11 14.14 39.61
CA TYR B 23 -5.34 14.64 39.02
C TYR B 23 -5.71 13.87 37.75
N VAL B 24 -4.77 13.73 36.83
CA VAL B 24 -5.08 13.15 35.53
C VAL B 24 -5.58 11.71 35.68
N LEU B 25 -4.94 10.93 36.55
CA LEU B 25 -5.27 9.52 36.72
C LEU B 25 -6.39 9.26 37.71
N ASP B 26 -6.61 10.13 38.69
CA ASP B 26 -7.54 9.81 39.77
C ASP B 26 -8.80 10.68 39.82
N TYR B 27 -8.81 11.86 39.22
CA TYR B 27 -9.96 12.75 39.40
C TYR B 27 -11.17 12.24 38.62
N ARG B 28 -12.30 12.13 39.30
CA ARG B 28 -13.54 11.76 38.63
C ARG B 28 -14.31 13.04 38.35
N ILE B 29 -14.56 13.34 37.08
CA ILE B 29 -15.33 14.52 36.70
C ILE B 29 -16.78 14.26 37.03
N ASP B 30 -17.39 15.15 37.82
CA ASP B 30 -18.78 14.98 38.23
C ASP B 30 -19.60 16.21 37.88
N SER B 31 -19.12 17.04 36.96
CA SER B 31 -19.73 18.34 36.68
C SER B 31 -20.48 18.25 35.36
N THR B 32 -21.81 18.12 35.47
CA THR B 32 -22.71 18.23 34.33
C THR B 32 -22.47 19.50 33.50
N GLU B 33 -22.13 20.61 34.16
CA GLU B 33 -21.87 21.90 33.49
C GLU B 33 -20.55 21.80 32.72
N ALA B 34 -19.54 21.15 33.29
CA ALA B 34 -18.26 21.05 32.57
C ALA B 34 -18.40 20.17 31.32
N LEU B 35 -19.24 19.15 31.38
CA LEU B 35 -19.41 18.25 30.24
C LEU B 35 -20.20 18.91 29.13
N ASP B 36 -21.20 19.72 29.47
CA ASP B 36 -22.07 20.45 28.52
C ASP B 36 -21.30 21.55 27.80
N THR B 37 -20.44 22.24 28.52
CA THR B 37 -19.59 23.33 28.01
C THR B 37 -18.50 22.77 27.09
N ALA B 38 -17.91 21.65 27.50
CA ALA B 38 -16.90 20.94 26.69
C ALA B 38 -17.55 20.52 25.37
N ARG B 39 -18.81 20.12 25.38
CA ARG B 39 -19.47 19.82 24.11
C ARG B 39 -19.56 21.07 23.23
N ASN B 40 -20.04 22.19 23.79
CA ASN B 40 -20.11 23.42 23.01
C ASN B 40 -18.74 23.88 22.60
N CYS B 41 -17.73 23.58 23.41
CA CYS B 41 -16.36 23.94 23.08
C CYS B 41 -15.83 23.08 21.92
N LEU B 42 -16.11 21.77 21.94
CA LEU B 42 -15.80 20.93 20.79
C LEU B 42 -16.39 21.53 19.52
N MET B 43 -17.69 21.86 19.53
CA MET B 43 -18.34 22.45 18.35
C MET B 43 -17.64 23.73 17.92
N ASP B 44 -17.54 24.69 18.84
CA ASP B 44 -16.94 25.97 18.51
C ASP B 44 -15.55 25.78 17.90
N THR B 45 -14.70 24.98 18.55
CA THR B 45 -13.33 24.80 18.08
C THR B 45 -13.29 24.18 16.70
N LEU B 46 -14.18 23.21 16.43
CA LEU B 46 -14.17 22.54 15.14
C LEU B 46 -14.62 23.46 14.01
N GLY B 47 -15.72 24.20 14.21
CA GLY B 47 -16.09 25.22 13.24
C GLY B 47 -14.99 26.23 12.96
N CYS B 48 -14.27 26.66 14.00
CA CYS B 48 -13.09 27.51 13.80
C CYS B 48 -12.07 26.84 12.88
N GLY B 49 -11.88 25.53 13.04
CA GLY B 49 -10.87 24.86 12.24
C GLY B 49 -11.31 24.76 10.79
N LEU B 50 -12.60 24.58 10.56
CA LEU B 50 -13.11 24.43 9.20
C LEU B 50 -13.03 25.73 8.45
N LEU B 51 -13.21 26.86 9.15
CA LEU B 51 -13.10 28.16 8.51
C LEU B 51 -11.66 28.43 8.05
N ALA B 52 -10.67 27.99 8.82
CA ALA B 52 -9.27 28.22 8.49
C ALA B 52 -8.87 27.57 7.16
N LEU B 53 -9.58 26.52 6.73
CA LEU B 53 -9.24 25.89 5.45
C LEU B 53 -9.52 26.76 4.24
N ARG B 54 -10.15 27.93 4.39
CA ARG B 54 -10.22 28.86 3.27
C ARG B 54 -8.96 29.70 3.13
N PHE B 55 -7.96 29.53 4.02
CA PHE B 55 -6.78 30.40 4.04
C PHE B 55 -5.50 29.65 3.66
N PRO B 56 -4.96 29.87 2.46
CA PRO B 56 -3.79 29.08 2.03
C PRO B 56 -2.56 29.22 2.92
N GLU B 57 -2.41 30.32 3.67
CA GLU B 57 -1.26 30.39 4.57
C GLU B 57 -1.37 29.35 5.67
N CYS B 58 -2.61 28.97 6.01
CA CYS B 58 -2.82 27.85 6.92
C CYS B 58 -2.74 26.51 6.19
N THR B 59 -3.46 26.35 5.08
CA THR B 59 -3.51 25.03 4.44
C THR B 59 -2.14 24.53 3.99
N LYS B 60 -1.21 25.44 3.63
CA LYS B 60 0.13 25.02 3.13
C LYS B 60 0.92 24.22 4.15
N HIS B 61 0.50 24.18 5.40
CA HIS B 61 1.19 23.41 6.43
C HIS B 61 0.63 22.02 6.61
N LEU B 62 -0.56 21.74 6.09
CA LEU B 62 -1.27 20.51 6.42
C LEU B 62 -0.78 19.34 5.56
N GLY B 63 -1.16 18.13 5.98
CA GLY B 63 -0.96 16.94 5.18
C GLY B 63 0.25 16.15 5.62
N PRO B 64 0.57 15.10 4.89
CA PRO B 64 1.72 14.26 5.26
C PRO B 64 3.05 14.87 4.82
N LEU B 65 4.09 14.59 5.61
CA LEU B 65 5.42 15.07 5.27
C LEU B 65 5.86 14.56 3.91
N VAL B 66 5.40 13.38 3.52
CA VAL B 66 5.68 12.80 2.20
C VAL B 66 4.35 12.46 1.54
N GLU B 67 4.02 13.17 0.45
CA GLU B 67 2.87 12.86 -0.38
C GLU B 67 2.76 11.37 -0.63
N GLY B 68 1.55 10.83 -0.51
CA GLY B 68 1.28 9.45 -0.80
C GLY B 68 1.53 8.47 0.34
N THR B 69 2.01 8.95 1.48
CA THR B 69 2.17 8.09 2.66
C THR B 69 0.82 7.51 3.09
N LEU B 70 0.81 6.22 3.42
CA LEU B 70 -0.38 5.56 3.91
C LEU B 70 -0.13 5.09 5.33
N VAL B 71 -0.98 5.54 6.24
CA VAL B 71 -0.89 5.20 7.66
C VAL B 71 -2.07 4.30 8.00
N PRO B 72 -1.83 3.05 8.40
CA PRO B 72 -2.94 2.20 8.87
C PRO B 72 -3.63 2.84 10.06
N HIS B 73 -4.96 2.82 10.02
CA HIS B 73 -5.82 3.42 11.04
C HIS B 73 -5.45 4.87 11.32
N GLY B 74 -5.08 5.61 10.29
CA GLY B 74 -4.58 6.96 10.49
C GLY B 74 -5.62 7.88 11.09
N ALA B 75 -5.16 8.90 11.81
CA ALA B 75 -6.05 9.91 12.34
C ALA B 75 -6.43 10.89 11.23
N ARG B 76 -7.69 11.32 11.25
CA ARG B 76 -8.25 12.25 10.26
C ARG B 76 -8.10 13.70 10.72
N VAL B 77 -8.06 14.61 9.75
CA VAL B 77 -8.13 16.04 9.99
C VAL B 77 -9.49 16.54 9.51
N PRO B 78 -10.29 17.16 10.36
CA PRO B 78 -11.65 17.53 9.94
C PRO B 78 -11.62 18.45 8.73
N GLY B 79 -12.55 18.20 7.79
CA GLY B 79 -12.65 18.98 6.59
C GLY B 79 -11.64 18.64 5.51
N THR B 80 -10.81 17.63 5.71
CA THR B 80 -9.80 17.26 4.72
C THR B 80 -9.94 15.79 4.39
N SER B 81 -9.11 15.33 3.47
CA SER B 81 -8.98 13.92 3.14
C SER B 81 -7.75 13.31 3.76
N PHE B 82 -7.03 14.05 4.58
CA PHE B 82 -5.79 13.52 5.13
C PHE B 82 -6.05 12.39 6.13
N ARG B 83 -5.12 11.44 6.16
CA ARG B 83 -5.11 10.30 7.07
C ARG B 83 -3.65 10.08 7.46
N LEU B 84 -3.31 10.37 8.71
CA LEU B 84 -1.93 10.58 9.14
C LEU B 84 -1.65 9.92 10.48
N ASP B 85 -0.38 9.86 10.87
CA ASP B 85 -0.03 9.47 12.21
C ASP B 85 -0.51 10.56 13.18
N PRO B 86 -0.73 10.21 14.45
CA PRO B 86 -1.35 11.18 15.37
C PRO B 86 -0.51 12.43 15.60
N VAL B 87 0.81 12.32 15.52
CA VAL B 87 1.67 13.48 15.76
C VAL B 87 1.40 14.55 14.71
N LYS B 88 1.38 14.15 13.43
CA LYS B 88 1.13 15.12 12.37
C LYS B 88 -0.33 15.54 12.34
N ALA B 89 -1.25 14.60 12.51
CA ALA B 89 -2.66 14.97 12.59
C ALA B 89 -2.89 16.00 13.70
N ALA B 90 -2.21 15.84 14.83
CA ALA B 90 -2.40 16.78 15.94
C ALA B 90 -1.84 18.16 15.58
N TRP B 91 -0.70 18.18 14.89
CA TRP B 91 -0.14 19.44 14.35
C TRP B 91 -1.18 20.15 13.48
N ASP B 92 -1.75 19.42 12.52
CA ASP B 92 -2.70 20.02 11.59
C ASP B 92 -3.97 20.48 12.31
N ILE B 93 -4.52 19.63 13.19
CA ILE B 93 -5.76 19.99 13.85
C ILE B 93 -5.55 21.21 14.74
N GLY B 94 -4.46 21.23 15.52
CA GLY B 94 -4.21 22.38 16.37
C GLY B 94 -3.92 23.63 15.56
N CYS B 95 -3.27 23.46 14.41
CA CYS B 95 -3.01 24.58 13.52
C CYS B 95 -4.32 25.23 13.03
N ILE B 96 -5.25 24.43 12.45
CA ILE B 96 -6.45 25.03 11.86
C ILE B 96 -7.39 25.60 12.95
N VAL B 97 -7.51 24.96 14.12
CA VAL B 97 -8.49 25.50 15.07
C VAL B 97 -7.99 26.79 15.71
N ARG B 98 -6.69 27.06 15.70
CA ARG B 98 -6.18 28.29 16.26
C ARG B 98 -5.84 29.35 15.20
N TRP B 99 -5.89 28.99 13.91
CA TRP B 99 -5.30 29.86 12.89
C TRP B 99 -5.90 31.26 12.91
N LEU B 100 -7.23 31.35 12.90
CA LEU B 100 -7.92 32.63 12.80
C LEU B 100 -8.12 33.34 14.13
N ASP B 101 -7.65 32.78 15.26
CA ASP B 101 -7.79 33.45 16.55
C ASP B 101 -9.27 33.67 16.92
N TYR B 102 -10.14 32.70 16.59
CA TYR B 102 -11.55 32.75 16.98
C TYR B 102 -11.93 31.72 18.04
N ASN B 103 -11.02 30.91 18.54
CA ASN B 103 -11.45 29.84 19.43
C ASN B 103 -11.51 30.34 20.89
N ASP B 104 -11.67 29.43 21.85
CA ASP B 104 -11.95 29.88 23.20
C ASP B 104 -10.69 30.48 23.84
N THR B 105 -10.88 31.15 24.98
CA THR B 105 -9.83 31.93 25.60
C THR B 105 -9.89 31.81 27.12
N TRP B 106 -8.71 31.90 27.73
CA TRP B 106 -8.56 31.91 29.17
C TRP B 106 -7.68 33.10 29.52
N LEU B 107 -8.25 34.11 30.18
CA LEU B 107 -7.51 35.29 30.65
C LEU B 107 -7.13 35.11 32.11
N ALA B 108 -5.83 35.00 32.37
CA ALA B 108 -5.32 34.87 33.74
C ALA B 108 -3.96 35.58 33.77
N ALA B 109 -3.09 35.18 34.70
CA ALA B 109 -1.74 35.76 34.69
C ALA B 109 -1.09 35.52 33.35
N GLU B 110 -1.34 34.36 32.76
CA GLU B 110 -0.96 34.03 31.40
C GLU B 110 -2.23 33.90 30.56
N TRP B 111 -2.21 34.48 29.36
CA TRP B 111 -3.32 34.34 28.41
C TRP B 111 -3.13 33.06 27.61
N GLY B 112 -4.23 32.50 27.10
CA GLY B 112 -4.12 31.28 26.33
C GLY B 112 -5.42 30.86 25.68
N HIS B 113 -5.36 29.74 24.97
CA HIS B 113 -6.54 29.19 24.29
C HIS B 113 -6.55 27.69 24.47
N PRO B 114 -7.06 27.20 25.60
CA PRO B 114 -6.90 25.77 25.93
C PRO B 114 -7.63 24.81 24.96
N SER B 115 -8.58 25.28 24.14
CA SER B 115 -9.07 24.40 23.07
C SER B 115 -7.98 24.02 22.07
N ASP B 116 -6.82 24.67 22.10
CA ASP B 116 -5.69 24.24 21.28
C ASP B 116 -5.31 22.78 21.52
N ASN B 117 -5.52 22.28 22.74
CA ASN B 117 -5.14 20.90 23.03
C ASN B 117 -6.01 19.88 22.32
N LEU B 118 -7.16 20.30 21.77
CA LEU B 118 -8.02 19.37 21.02
C LEU B 118 -7.24 18.72 19.88
N GLY B 119 -6.23 19.41 19.35
CA GLY B 119 -5.31 18.82 18.41
C GLY B 119 -4.75 17.48 18.82
N GLY B 120 -4.05 17.41 19.96
CA GLY B 120 -3.51 16.13 20.40
C GLY B 120 -4.59 15.16 20.84
N ILE B 121 -5.65 15.67 21.45
CA ILE B 121 -6.71 14.81 21.98
C ILE B 121 -7.41 14.06 20.85
N LEU B 122 -7.80 14.78 19.81
CA LEU B 122 -8.62 14.17 18.76
C LEU B 122 -7.81 13.20 17.90
N ALA B 123 -6.57 13.57 17.56
CA ALA B 123 -5.72 12.68 16.75
C ALA B 123 -5.45 11.38 17.49
N VAL B 124 -5.18 11.44 18.79
CA VAL B 124 -4.85 10.24 19.53
C VAL B 124 -6.09 9.39 19.76
N ALA B 125 -7.22 10.00 20.13
CA ALA B 125 -8.44 9.23 20.32
C ALA B 125 -8.90 8.58 19.01
N ASP B 126 -8.86 9.32 17.89
CA ASP B 126 -9.29 8.76 16.61
C ASP B 126 -8.43 7.58 16.21
N HIS B 127 -7.10 7.75 16.24
CA HIS B 127 -6.22 6.66 15.86
C HIS B 127 -6.40 5.46 16.80
N LEU B 128 -6.37 5.70 18.11
CA LEU B 128 -6.54 4.63 19.09
C LEU B 128 -7.88 3.90 18.94
N SER B 129 -8.95 4.63 18.62
CA SER B 129 -10.26 3.98 18.49
C SER B 129 -10.26 2.99 17.34
N GLN B 130 -9.70 3.39 16.20
CA GLN B 130 -9.62 2.51 15.04
C GLN B 130 -8.81 1.27 15.35
N LYS B 131 -7.69 1.43 16.06
CA LYS B 131 -6.85 0.29 16.41
C LYS B 131 -7.56 -0.68 17.36
N ARG B 132 -8.33 -0.16 18.33
CA ARG B 132 -9.12 -1.04 19.19
C ARG B 132 -10.20 -1.77 18.39
N LEU B 133 -10.86 -1.07 17.47
CA LEU B 133 -11.85 -1.74 16.62
C LEU B 133 -11.21 -2.89 15.84
N ALA B 134 -10.04 -2.65 15.24
CA ALA B 134 -9.36 -3.71 14.51
C ALA B 134 -8.94 -4.86 15.40
N ASN B 135 -8.75 -4.62 16.70
CA ASN B 135 -8.47 -5.70 17.63
C ASN B 135 -9.73 -6.29 18.27
N GLY B 136 -10.93 -6.00 17.74
CA GLY B 136 -12.13 -6.57 18.31
C GLY B 136 -12.61 -5.93 19.59
N GLU B 137 -11.91 -4.92 20.11
CA GLU B 137 -12.31 -4.21 21.31
C GLU B 137 -13.23 -3.04 21.01
N ALA B 138 -13.80 -2.51 22.06
CA ALA B 138 -14.65 -1.36 21.88
C ALA B 138 -13.81 -0.11 21.67
N PRO B 139 -14.30 0.83 20.86
CA PRO B 139 -13.53 2.05 20.59
C PRO B 139 -13.77 3.07 21.69
N LEU B 140 -13.01 4.15 21.65
CA LEU B 140 -13.26 5.24 22.58
C LEU B 140 -14.55 5.96 22.18
N SER B 141 -15.21 6.54 23.17
CA SER B 141 -16.41 7.34 23.00
C SER B 141 -16.05 8.81 23.06
N MET B 142 -16.92 9.64 22.50
CA MET B 142 -16.66 11.08 22.56
C MET B 142 -16.67 11.60 24.00
N ARG B 143 -17.37 10.91 24.91
CA ARG B 143 -17.28 11.23 26.33
C ARG B 143 -15.83 11.28 26.79
N GLN B 144 -15.01 10.34 26.32
CA GLN B 144 -13.61 10.40 26.72
C GLN B 144 -12.87 11.57 26.08
N VAL B 145 -13.29 12.09 24.91
CA VAL B 145 -12.63 13.31 24.48
C VAL B 145 -13.17 14.53 25.26
N LEU B 146 -14.47 14.58 25.53
CA LEU B 146 -14.97 15.66 26.38
C LEU B 146 -14.23 15.69 27.72
N GLU B 147 -13.94 14.52 28.29
CA GLU B 147 -13.26 14.51 29.59
C GLU B 147 -11.80 14.90 29.43
N ALA B 148 -11.16 14.47 28.34
CA ALA B 148 -9.77 14.87 28.14
C ALA B 148 -9.65 16.36 27.84
N MET B 149 -10.67 16.98 27.24
CA MET B 149 -10.62 18.43 27.04
C MET B 149 -10.79 19.17 28.37
N ILE B 150 -11.60 18.63 29.27
CA ILE B 150 -11.78 19.27 30.56
C ILE B 150 -10.48 19.23 31.33
N MET B 151 -9.79 18.10 31.27
CA MET B 151 -8.52 17.97 31.98
C MET B 151 -7.43 18.85 31.37
N ALA B 152 -7.36 18.90 30.02
CA ALA B 152 -6.34 19.73 29.38
C ALA B 152 -6.59 21.20 29.65
N HIS B 153 -7.85 21.64 29.52
CA HIS B 153 -8.21 22.98 29.98
C HIS B 153 -7.74 23.22 31.40
N GLU B 154 -7.96 22.24 32.28
CA GLU B 154 -7.71 22.47 33.69
C GLU B 154 -6.22 22.64 33.95
N ILE B 155 -5.39 21.75 33.41
CA ILE B 155 -3.95 21.80 33.64
C ILE B 155 -3.36 23.10 33.13
N GLN B 156 -3.72 23.49 31.91
CA GLN B 156 -3.18 24.71 31.32
C GLN B 156 -3.68 25.93 32.07
N GLY B 157 -5.01 26.01 32.28
CA GLY B 157 -5.59 27.21 32.85
C GLY B 157 -5.29 27.44 34.33
N VAL B 158 -5.09 26.36 35.09
CA VAL B 158 -4.80 26.53 36.51
C VAL B 158 -3.34 26.93 36.73
N ILE B 159 -2.40 26.33 35.99
CA ILE B 159 -1.04 26.84 36.01
C ILE B 159 -1.00 28.29 35.55
N ALA B 160 -1.92 28.66 34.66
CA ALA B 160 -1.98 30.02 34.14
C ALA B 160 -2.48 31.04 35.17
N LEU B 161 -3.08 30.61 36.28
CA LEU B 161 -3.75 31.59 37.15
C LEU B 161 -2.76 32.62 37.70
N GLU B 162 -1.60 32.17 38.17
CA GLU B 162 -0.65 33.06 38.80
C GLU B 162 0.74 33.04 38.19
N ASN B 163 1.02 32.17 37.22
CA ASN B 163 2.35 32.08 36.62
C ASN B 163 2.31 32.67 35.22
N SER B 164 3.10 33.71 35.01
CA SER B 164 3.20 34.38 33.72
C SER B 164 4.51 33.98 33.05
N PHE B 165 4.42 33.41 31.84
CA PHE B 165 5.61 33.11 31.08
C PHE B 165 5.96 34.25 30.13
N ASN B 166 4.95 35.06 29.80
CA ASN B 166 5.14 36.40 29.25
C ASN B 166 6.31 37.15 29.92
N ARG B 167 6.26 37.26 31.26
CA ARG B 167 7.21 38.10 31.98
C ARG B 167 8.63 37.53 32.02
N VAL B 168 8.83 36.27 31.65
CA VAL B 168 10.16 35.67 31.54
C VAL B 168 10.52 35.41 30.08
N GLY B 169 9.75 35.95 29.13
CA GLY B 169 10.11 35.93 27.73
C GLY B 169 9.75 34.66 26.98
N LEU B 170 8.93 33.85 27.61
CA LEU B 170 8.57 32.56 27.01
C LEU B 170 7.14 32.64 26.54
N ASP B 171 6.87 31.99 25.42
CA ASP B 171 5.51 31.88 24.87
C ASP B 171 4.69 30.97 25.80
N HIS B 172 3.38 31.17 25.83
CA HIS B 172 2.49 30.37 26.70
C HIS B 172 2.16 29.00 26.10
N VAL B 173 2.65 28.67 24.91
CA VAL B 173 2.36 27.35 24.30
C VAL B 173 3.07 26.25 25.09
N LEU B 174 3.97 26.55 26.03
CA LEU B 174 4.45 25.40 26.79
C LEU B 174 3.32 24.78 27.62
N LEU B 175 2.33 25.59 28.03
CA LEU B 175 1.19 25.03 28.75
C LEU B 175 0.37 24.08 27.86
N VAL B 176 0.21 24.41 26.57
CA VAL B 176 -0.36 23.44 25.62
C VAL B 176 0.48 22.18 25.60
N LYS B 177 1.81 22.32 25.53
CA LYS B 177 2.68 21.14 25.46
C LYS B 177 2.50 20.26 26.69
N VAL B 178 2.42 20.87 27.87
CA VAL B 178 2.29 20.11 29.11
C VAL B 178 0.88 19.51 29.23
N ALA B 179 -0.14 20.30 28.97
CA ALA B 179 -1.50 19.77 29.08
C ALA B 179 -1.74 18.63 28.09
N SER B 180 -1.26 18.77 26.85
CA SER B 180 -1.45 17.72 25.85
C SER B 180 -0.58 16.51 26.13
N THR B 181 0.62 16.68 26.70
CA THR B 181 1.40 15.51 27.06
C THR B 181 0.65 14.63 28.07
N ALA B 182 -0.01 15.26 29.03
CA ALA B 182 -0.62 14.53 30.15
C ALA B 182 -1.88 13.83 29.72
N VAL B 183 -2.70 14.55 28.97
CA VAL B 183 -3.98 14.03 28.52
C VAL B 183 -3.77 12.97 27.44
N CYS B 184 -2.77 13.14 26.58
CA CYS B 184 -2.52 12.13 25.56
C CYS B 184 -1.88 10.88 26.16
N ALA B 185 -0.93 11.05 27.07
CA ALA B 185 -0.38 9.87 27.76
C ALA B 185 -1.50 9.11 28.47
N LYS B 186 -2.47 9.82 29.06
CA LYS B 186 -3.61 9.18 29.71
C LYS B 186 -4.42 8.36 28.72
N LEU B 187 -4.77 8.96 27.57
CA LEU B 187 -5.55 8.24 26.55
C LEU B 187 -4.82 6.99 26.07
N MET B 188 -3.50 7.06 25.94
CA MET B 188 -2.69 5.94 25.50
C MET B 188 -2.47 4.89 26.57
N GLY B 189 -3.06 5.01 27.76
CA GLY B 189 -2.94 3.97 28.75
C GLY B 189 -1.88 4.13 29.81
N ALA B 190 -1.19 5.29 29.87
CA ALA B 190 -0.07 5.45 30.79
C ALA B 190 -0.48 5.12 32.23
N ASP B 191 0.47 4.62 33.01
CA ASP B 191 0.39 4.55 34.46
C ASP B 191 1.11 5.76 35.09
N ARG B 192 1.15 5.81 36.43
CA ARG B 192 1.73 6.97 37.11
C ARG B 192 3.20 7.22 36.70
N GLU B 193 4.02 6.18 36.63
CA GLU B 193 5.44 6.37 36.34
C GLU B 193 5.65 6.90 34.92
N GLN B 194 4.94 6.33 33.95
CA GLN B 194 5.07 6.82 32.58
C GLN B 194 4.59 8.26 32.46
N LEU B 195 3.52 8.62 33.16
CA LEU B 195 2.96 9.95 33.03
C LEU B 195 3.87 10.99 33.67
N LEU B 196 4.48 10.68 34.80
CA LEU B 196 5.47 11.58 35.38
C LEU B 196 6.68 11.72 34.47
N ALA B 197 7.15 10.62 33.88
CA ALA B 197 8.24 10.70 32.92
C ALA B 197 7.88 11.66 31.78
N ALA B 198 6.69 11.48 31.18
CA ALA B 198 6.26 12.34 30.08
C ALA B 198 6.18 13.80 30.51
N LEU B 199 5.50 14.09 31.62
CA LEU B 199 5.44 15.46 32.12
C LEU B 199 6.85 16.04 32.29
N SER B 200 7.79 15.25 32.79
CA SER B 200 9.10 15.83 33.02
C SER B 200 9.79 16.13 31.70
N HIS B 201 9.50 15.35 30.66
CA HIS B 201 10.10 15.65 29.37
C HIS B 201 9.48 16.88 28.73
N ALA B 202 8.20 17.13 29.00
CA ALA B 202 7.56 18.36 28.51
C ALA B 202 8.24 19.58 29.09
N PHE B 203 8.71 19.47 30.33
CA PHE B 203 9.34 20.57 31.06
C PHE B 203 10.82 20.72 30.75
N VAL B 204 11.54 19.61 30.52
CA VAL B 204 12.95 19.77 30.19
C VAL B 204 13.11 20.24 28.75
N ASP B 205 12.15 19.89 27.88
CA ASP B 205 12.05 20.27 26.47
C ASP B 205 12.37 21.75 26.29
N GLY B 206 12.71 22.15 25.06
CA GLY B 206 12.81 23.57 24.77
C GLY B 206 11.46 24.24 24.79
N GLN B 207 11.42 25.47 25.29
CA GLN B 207 10.22 26.28 25.32
C GLN B 207 10.41 27.48 24.40
N ALA B 208 9.57 27.57 23.38
CA ALA B 208 9.68 28.63 22.37
C ALA B 208 9.58 30.02 23.00
N LEU B 209 10.40 30.94 22.48
CA LEU B 209 10.22 32.36 22.73
C LEU B 209 8.88 32.84 22.18
N ARG B 210 8.50 34.08 22.50
CA ARG B 210 7.31 34.68 21.92
C ARG B 210 7.62 35.85 21.00
N THR B 211 8.83 35.87 20.43
CA THR B 211 9.21 36.94 19.49
C THR B 211 8.18 37.12 18.39
N TYR B 212 7.59 36.04 17.91
CA TYR B 212 6.72 36.13 16.75
C TYR B 212 5.35 36.74 17.07
N ARG B 213 5.09 37.13 18.32
CA ARG B 213 3.88 37.84 18.66
C ARG B 213 4.12 39.33 18.91
N HIS B 214 5.30 39.87 18.60
CA HIS B 214 5.63 41.24 18.98
C HIS B 214 6.30 41.98 17.83
N ALA B 215 5.71 43.10 17.44
CA ALA B 215 6.35 44.00 16.50
C ALA B 215 7.80 44.26 16.92
N PRO B 216 8.73 44.45 15.98
CA PRO B 216 8.47 44.42 14.54
C PRO B 216 8.74 43.05 13.92
N ASN B 217 8.75 41.98 14.73
CA ASN B 217 9.05 40.63 14.27
C ASN B 217 7.83 39.71 14.25
N ALA B 218 6.62 40.27 14.25
CA ALA B 218 5.42 39.44 14.39
C ALA B 218 5.07 38.75 13.09
N GLY B 219 4.49 37.56 13.21
CA GLY B 219 4.27 36.79 12.00
C GLY B 219 3.46 35.54 12.26
N SER B 220 3.25 34.77 11.18
CA SER B 220 2.21 33.74 11.19
C SER B 220 2.54 32.57 12.10
N ARG B 221 3.75 32.49 12.67
CA ARG B 221 4.01 31.49 13.70
C ARG B 221 3.14 31.69 14.93
N LYS B 222 2.67 32.92 15.17
CA LYS B 222 1.73 33.12 16.26
C LYS B 222 0.47 32.30 16.07
N SER B 223 0.13 31.92 14.84
CA SER B 223 -1.07 31.16 14.57
C SER B 223 -0.87 29.65 14.66
N TRP B 224 0.36 29.14 14.54
CA TRP B 224 0.54 27.70 14.53
C TRP B 224 1.43 27.21 15.65
N ALA B 225 1.93 28.08 16.52
CA ALA B 225 2.76 27.63 17.62
C ALA B 225 2.02 26.60 18.49
N ALA B 226 0.73 26.84 18.74
CA ALA B 226 -0.04 25.93 19.58
C ALA B 226 -0.19 24.55 18.92
N GLY B 227 -0.56 24.52 17.64
CA GLY B 227 -0.59 23.25 16.93
C GLY B 227 0.72 22.49 17.06
N ASP B 228 1.84 23.20 16.92
CA ASP B 228 3.15 22.57 17.04
C ASP B 228 3.43 22.13 18.48
N ALA B 229 2.89 22.84 19.47
CA ALA B 229 3.01 22.41 20.87
C ALA B 229 2.13 21.18 21.17
N THR B 230 0.87 21.15 20.69
CA THR B 230 0.05 19.98 21.01
C THR B 230 0.56 18.75 20.26
N SER B 231 1.09 18.95 19.05
CA SER B 231 1.80 17.90 18.35
C SER B 231 2.95 17.34 19.18
N ARG B 232 3.75 18.24 19.75
CA ARG B 232 4.89 17.78 20.53
C ARG B 232 4.41 17.03 21.77
N GLY B 233 3.27 17.41 22.33
CA GLY B 233 2.71 16.66 23.44
C GLY B 233 2.45 15.20 23.11
N VAL B 234 1.86 14.93 21.94
CA VAL B 234 1.64 13.56 21.48
C VAL B 234 2.98 12.82 21.36
N ARG B 235 3.96 13.45 20.73
CA ARG B 235 5.27 12.81 20.58
C ARG B 235 5.92 12.48 21.93
N LEU B 236 5.86 13.40 22.89
CA LEU B 236 6.43 13.10 24.21
C LEU B 236 5.66 12.00 24.95
N ALA B 237 4.32 12.02 24.88
CA ALA B 237 3.55 10.92 25.46
C ALA B 237 3.94 9.58 24.85
N ASP B 238 4.09 9.54 23.52
CA ASP B 238 4.57 8.32 22.83
C ASP B 238 5.94 7.87 23.34
N ILE B 239 6.87 8.81 23.56
CA ILE B 239 8.19 8.46 24.06
C ILE B 239 8.10 7.90 25.48
N ALA B 240 7.23 8.47 26.31
CA ALA B 240 7.02 7.91 27.64
C ALA B 240 6.40 6.51 27.56
N LEU B 241 5.39 6.31 26.70
CA LEU B 241 4.76 4.99 26.60
C LEU B 241 5.72 3.94 26.08
N ARG B 242 6.77 4.33 25.34
CA ARG B 242 7.79 3.39 24.89
C ARG B 242 8.74 2.98 26.00
N GLY B 243 8.66 3.63 27.16
CA GLY B 243 9.43 3.25 28.32
C GLY B 243 10.57 4.19 28.70
N GLU B 244 10.55 5.43 28.23
CA GLU B 244 11.67 6.34 28.46
C GLU B 244 11.68 6.82 29.89
N MET B 245 12.87 6.86 30.50
CA MET B 245 12.97 7.27 31.90
C MET B 245 12.72 8.76 32.03
N GLY B 246 12.26 9.16 33.20
CA GLY B 246 11.94 10.55 33.45
C GLY B 246 13.12 11.33 33.99
N ILE B 247 12.84 12.59 34.31
CA ILE B 247 13.79 13.55 34.90
C ILE B 247 13.12 14.16 36.13
N PRO B 248 13.33 13.62 37.33
CA PRO B 248 12.42 13.94 38.46
C PRO B 248 12.57 15.34 39.02
N GLY B 249 13.76 15.92 39.04
CA GLY B 249 13.90 17.25 39.58
C GLY B 249 13.95 18.32 38.49
N VAL B 250 13.19 18.10 37.41
CA VAL B 250 13.36 18.90 36.21
C VAL B 250 13.09 20.37 36.50
N LEU B 251 12.22 20.67 37.46
CA LEU B 251 11.92 22.05 37.83
C LEU B 251 12.90 22.61 38.85
N SER B 252 13.20 21.82 39.88
CA SER B 252 13.83 22.34 41.08
C SER B 252 15.35 22.16 41.10
N ALA B 253 15.92 21.32 40.24
CA ALA B 253 17.35 21.08 40.22
C ALA B 253 18.10 22.40 40.18
N PRO B 254 18.94 22.69 41.17
CA PRO B 254 19.75 23.91 41.15
C PRO B 254 20.65 23.94 39.91
N GLN B 255 20.76 25.14 39.36
CA GLN B 255 21.59 25.47 38.21
C GLN B 255 21.08 24.90 36.89
N TRP B 256 20.62 23.65 36.88
CA TRP B 256 20.25 23.03 35.62
C TRP B 256 18.74 22.95 35.41
N GLY B 257 17.94 23.24 36.43
CA GLY B 257 16.52 23.01 36.35
C GLY B 257 15.74 24.14 35.72
N PHE B 258 14.45 23.88 35.50
CA PHE B 258 13.59 24.83 34.83
C PHE B 258 13.50 26.13 35.60
N TYR B 259 13.35 26.06 36.92
CA TYR B 259 13.18 27.27 37.72
C TYR B 259 14.40 28.17 37.61
N ASP B 260 15.58 27.64 37.93
CA ASP B 260 16.79 28.45 37.85
C ASP B 260 17.01 28.96 36.43
N VAL B 261 17.00 28.06 35.44
CA VAL B 261 17.41 28.48 34.12
C VAL B 261 16.37 29.40 33.47
N LEU B 262 15.08 29.10 33.64
CA LEU B 262 14.04 29.71 32.80
C LEU B 262 12.98 30.52 33.53
N PHE B 263 12.74 30.29 34.82
CA PHE B 263 11.66 31.01 35.52
C PHE B 263 12.18 32.00 36.56
N SER B 264 13.48 32.28 36.58
CA SER B 264 14.08 33.03 37.67
C SER B 264 14.46 34.46 37.30
N HIS B 265 14.32 34.85 36.03
CA HIS B 265 14.63 36.22 35.62
C HIS B 265 13.49 36.80 34.81
N THR B 266 13.38 38.13 34.90
CA THR B 266 12.39 38.97 34.19
C THR B 266 13.05 39.47 32.91
N SER B 267 12.38 39.43 31.77
CA SER B 267 13.07 39.73 30.50
C SER B 267 12.99 41.21 30.12
N LYS B 268 12.07 41.95 30.69
CA LYS B 268 11.94 43.40 30.35
C LYS B 268 13.15 44.18 30.88
N ASP B 269 13.75 43.76 31.98
CA ASP B 269 14.89 44.48 32.60
C ASP B 269 15.98 43.51 33.07
N LEU B 270 15.90 42.24 32.67
CA LEU B 270 16.88 41.21 33.04
C LEU B 270 17.04 41.02 34.56
N ALA B 271 16.09 41.47 35.39
CA ALA B 271 16.23 41.36 36.85
C ALA B 271 16.06 39.92 37.33
N THR B 272 16.64 39.64 38.50
CA THR B 272 16.49 38.33 39.13
C THR B 272 15.33 38.37 40.12
N LYS B 273 14.33 37.51 39.93
CA LYS B 273 13.20 37.45 40.84
C LYS B 273 13.68 37.14 42.27
N PRO B 274 12.99 37.65 43.28
CA PRO B 274 13.24 37.17 44.65
C PRO B 274 13.18 35.65 44.68
N GLU B 275 14.01 35.06 45.53
CA GLU B 275 14.02 33.60 45.66
C GLU B 275 12.64 33.04 45.93
N ASP B 276 11.76 33.83 46.53
CA ASP B 276 10.44 33.34 46.90
C ASP B 276 9.52 33.14 45.69
N LYS B 277 9.78 33.83 44.59
CA LYS B 277 8.97 33.75 43.39
C LYS B 277 9.64 32.95 42.27
N ARG B 278 10.61 32.10 42.58
CA ARG B 278 11.29 31.30 41.55
C ARG B 278 10.72 29.88 41.51
N ARG B 279 9.40 29.83 41.45
CA ARG B 279 8.67 28.58 41.49
C ARG B 279 7.24 28.89 41.10
N PHE B 280 6.51 27.85 40.69
CA PHE B 280 5.10 28.01 40.33
C PHE B 280 4.27 28.15 41.59
N SER B 281 3.37 29.11 41.60
CA SER B 281 2.41 29.22 42.68
C SER B 281 1.01 28.97 42.16
N PHE B 282 0.12 28.56 43.07
CA PHE B 282 -1.23 28.09 42.74
C PHE B 282 -2.21 28.60 43.78
N PRO B 283 -3.35 29.14 43.37
CA PRO B 283 -4.41 29.49 44.34
C PRO B 283 -5.50 28.42 44.52
N GLN B 284 -5.37 27.27 43.87
CA GLN B 284 -6.38 26.22 43.94
C GLN B 284 -5.85 24.99 43.23
N GLY B 285 -6.42 23.84 43.55
CA GLY B 285 -6.05 22.58 42.94
C GLY B 285 -6.67 22.43 41.56
N TYR B 286 -6.62 21.20 41.05
CA TYR B 286 -7.18 20.88 39.74
C TYR B 286 -8.55 20.22 39.93
N GLY B 287 -9.56 20.77 39.24
CA GLY B 287 -10.85 20.13 39.16
C GLY B 287 -11.46 20.26 37.77
N SER B 288 -12.58 21.00 37.65
CA SER B 288 -13.20 21.25 36.36
C SER B 288 -13.54 22.72 36.20
N TYR B 289 -12.79 23.58 36.90
CA TYR B 289 -13.13 25.00 36.99
C TYR B 289 -12.97 25.73 35.65
N VAL B 290 -11.91 25.40 34.89
CA VAL B 290 -11.54 26.21 33.72
C VAL B 290 -12.54 26.02 32.59
N MET B 291 -12.85 24.77 32.24
CA MET B 291 -13.84 24.55 31.20
C MET B 291 -15.15 25.24 31.55
N GLU B 292 -15.56 25.17 32.82
CA GLU B 292 -16.80 25.83 33.22
C GLU B 292 -16.74 27.33 32.96
N ASN B 293 -15.55 27.92 33.06
CA ASN B 293 -15.42 29.36 33.07
C ASN B 293 -14.77 29.90 31.81
N VAL B 294 -14.71 29.11 30.74
CA VAL B 294 -13.97 29.52 29.56
C VAL B 294 -14.76 30.61 28.81
N LEU B 295 -14.03 31.41 28.03
CA LEU B 295 -14.62 32.48 27.23
C LEU B 295 -14.71 32.05 25.77
N PHE B 296 -15.90 32.19 25.18
CA PHE B 296 -16.08 31.94 23.76
C PHE B 296 -16.15 33.26 23.01
N LYS B 297 -15.55 33.32 21.83
CA LYS B 297 -15.68 34.49 20.96
C LYS B 297 -16.89 34.31 20.07
N ILE B 298 -18.04 34.79 20.53
CA ILE B 298 -19.31 34.58 19.82
C ILE B 298 -19.98 35.90 19.48
N SER B 299 -19.25 37.00 19.53
CA SER B 299 -19.83 38.33 19.46
C SER B 299 -19.07 39.18 18.46
N PHE B 300 -18.60 40.32 18.92
CA PHE B 300 -17.95 41.26 18.01
C PHE B 300 -16.47 40.91 17.85
N PRO B 301 -15.92 41.02 16.63
CA PRO B 301 -14.46 40.91 16.48
C PRO B 301 -13.77 42.00 17.27
N ALA B 302 -13.51 41.76 18.55
CA ALA B 302 -12.95 42.79 19.41
C ALA B 302 -12.12 42.15 20.52
N GLU B 303 -11.16 42.91 21.02
CA GLU B 303 -10.35 42.48 22.19
C GLU B 303 -11.31 42.25 23.35
N PHE B 304 -11.08 41.21 24.13
CA PHE B 304 -12.02 40.83 25.23
C PHE B 304 -12.26 42.00 26.19
N HIS B 305 -11.23 42.74 26.57
CA HIS B 305 -11.43 43.88 27.50
C HIS B 305 -12.35 44.98 26.91
N ALA B 306 -12.68 44.92 25.62
CA ALA B 306 -13.55 45.92 25.02
C ALA B 306 -14.91 45.37 24.65
N GLN B 307 -15.20 44.11 24.94
CA GLN B 307 -16.43 43.51 24.45
C GLN B 307 -17.64 44.20 25.07
N THR B 308 -17.61 44.42 26.39
CA THR B 308 -18.75 44.97 27.09
C THR B 308 -18.93 46.45 26.76
N ALA B 309 -17.84 47.16 26.48
CA ALA B 309 -17.98 48.55 26.05
C ALA B 309 -18.58 48.63 24.65
N ALA B 310 -18.24 47.70 23.77
CA ALA B 310 -18.77 47.73 22.42
C ALA B 310 -20.23 47.33 22.38
N GLU B 311 -20.64 46.42 23.26
CA GLU B 311 -22.03 46.03 23.32
C GLU B 311 -22.87 47.10 24.04
N ALA B 312 -22.26 47.85 24.95
CA ALA B 312 -22.96 48.99 25.54
C ALA B 312 -23.25 50.05 24.47
N ALA B 313 -22.34 50.23 23.52
CA ALA B 313 -22.48 51.27 22.50
C ALA B 313 -23.46 50.90 21.40
N VAL B 314 -23.71 49.60 21.19
CA VAL B 314 -24.72 49.18 20.22
C VAL B 314 -26.12 49.48 20.76
N ARG B 315 -26.31 49.33 22.07
CA ARG B 315 -27.57 49.72 22.71
C ARG B 315 -27.72 51.24 22.71
N LEU B 316 -26.64 51.96 23.04
CA LEU B 316 -26.64 53.43 23.07
C LEU B 316 -26.69 54.06 21.70
N HIS B 317 -26.46 53.29 20.63
CA HIS B 317 -26.41 53.89 19.30
C HIS B 317 -27.70 54.57 18.91
N PRO B 318 -28.90 53.96 19.02
CA PRO B 318 -30.10 54.70 18.59
C PRO B 318 -30.37 55.91 19.46
N LEU B 319 -29.86 55.95 20.68
CA LEU B 319 -30.06 57.09 21.56
C LEU B 319 -29.14 58.27 21.21
N VAL B 320 -27.96 58.01 20.64
CA VAL B 320 -27.06 59.05 20.16
C VAL B 320 -26.95 59.04 18.64
N LYS B 321 -27.86 58.34 17.97
CA LYS B 321 -27.81 58.20 16.51
C LYS B 321 -27.93 59.54 15.82
N ASP B 322 -28.94 60.34 16.21
CA ASP B 322 -29.19 61.64 15.59
C ASP B 322 -28.25 62.71 16.11
N ARG B 323 -28.04 62.74 17.43
CA ARG B 323 -27.22 63.75 18.09
C ARG B 323 -25.72 63.53 17.91
N LEU B 324 -25.31 62.98 16.76
CA LEU B 324 -23.90 62.66 16.57
C LEU B 324 -23.03 63.91 16.67
N GLN B 325 -23.36 64.94 15.89
CA GLN B 325 -22.61 66.20 15.97
C GLN B 325 -22.78 66.87 17.32
N ARG B 326 -23.87 66.59 18.05
CA ARG B 326 -24.17 67.26 19.30
C ARG B 326 -23.53 66.59 20.53
N ILE B 327 -22.45 65.82 20.31
CA ILE B 327 -21.75 65.12 21.39
C ILE B 327 -20.58 65.98 21.85
N SER B 328 -20.49 66.20 23.16
CA SER B 328 -19.41 66.98 23.76
C SER B 328 -18.42 66.16 24.55
N ARG B 329 -18.87 65.09 25.20
CA ARG B 329 -18.04 64.36 26.14
C ARG B 329 -18.59 62.94 26.27
N ILE B 330 -17.70 61.95 26.34
CA ILE B 330 -18.06 60.55 26.51
C ILE B 330 -17.24 59.98 27.66
N VAL B 331 -17.91 59.43 28.67
CA VAL B 331 -17.22 58.76 29.79
C VAL B 331 -17.27 57.25 29.58
N ILE B 332 -16.15 56.58 29.84
CA ILE B 332 -16.01 55.13 29.70
C ILE B 332 -15.46 54.62 31.02
N THR B 333 -16.35 54.12 31.88
CA THR B 333 -15.92 53.48 33.11
C THR B 333 -15.56 52.02 32.79
N THR B 334 -14.45 51.56 33.38
CA THR B 334 -13.90 50.27 33.01
C THR B 334 -13.13 49.70 34.19
N HIS B 335 -12.52 48.55 33.95
CA HIS B 335 -11.65 47.88 34.91
C HIS B 335 -10.19 48.22 34.59
N GLU B 336 -9.33 48.00 35.59
CA GLU B 336 -7.95 48.48 35.50
C GLU B 336 -7.19 47.80 34.34
N SER B 337 -7.36 46.48 34.18
CA SER B 337 -6.68 45.76 33.11
C SER B 337 -7.01 46.33 31.73
N ALA B 338 -8.24 46.80 31.53
CA ALA B 338 -8.57 47.37 30.23
C ALA B 338 -7.78 48.65 29.97
N ILE B 339 -7.45 49.38 31.03
CA ILE B 339 -6.74 50.65 30.87
C ILE B 339 -5.30 50.40 30.46
N ARG B 340 -4.60 49.55 31.22
CA ARG B 340 -3.22 49.22 30.87
C ARG B 340 -3.11 48.63 29.47
N ILE B 341 -4.05 47.76 29.09
CA ILE B 341 -3.86 46.95 27.89
C ILE B 341 -4.40 47.64 26.64
N ILE B 342 -5.58 48.27 26.68
CA ILE B 342 -6.14 48.79 25.42
C ILE B 342 -6.60 50.24 25.47
N SER B 343 -6.21 51.00 26.49
CA SER B 343 -6.50 52.43 26.52
C SER B 343 -5.43 53.16 25.71
N LYS B 344 -5.76 53.53 24.46
CA LYS B 344 -4.81 54.12 23.52
C LYS B 344 -5.27 55.50 23.07
N VAL B 345 -4.40 56.49 23.25
CA VAL B 345 -4.66 57.88 22.89
C VAL B 345 -3.65 58.30 21.83
N GLY B 346 -4.14 58.72 20.67
CA GLY B 346 -3.26 59.08 19.58
C GLY B 346 -3.73 58.48 18.27
N PRO B 347 -2.89 58.57 17.24
CA PRO B 347 -3.27 58.05 15.92
C PRO B 347 -3.03 56.54 15.81
N LEU B 348 -3.78 55.93 14.90
CA LEU B 348 -3.78 54.48 14.71
C LEU B 348 -3.60 54.21 13.22
N ALA B 349 -2.49 53.55 12.88
CA ALA B 349 -2.09 53.42 11.48
C ALA B 349 -2.33 52.02 10.90
N ASN B 350 -2.64 51.02 11.72
CA ASN B 350 -2.81 49.67 11.23
C ASN B 350 -3.95 48.97 11.97
N PRO B 351 -4.55 47.94 11.35
CA PRO B 351 -5.68 47.24 12.00
C PRO B 351 -5.40 46.71 13.40
N ALA B 352 -4.21 46.15 13.65
CA ALA B 352 -3.90 45.68 15.00
C ALA B 352 -3.82 46.83 16.00
N ASP B 353 -3.60 48.06 15.54
CA ASP B 353 -3.67 49.21 16.45
C ASP B 353 -5.11 49.53 16.83
N ARG B 354 -6.03 49.45 15.86
CA ARG B 354 -7.44 49.65 16.13
C ARG B 354 -8.00 48.52 17.00
N ASP B 355 -7.73 47.27 16.61
CA ASP B 355 -8.03 46.06 17.37
C ASP B 355 -7.77 46.18 18.86
N HIS B 356 -6.79 47.00 19.25
CA HIS B 356 -6.38 47.07 20.64
C HIS B 356 -6.53 48.50 21.19
N CYS B 357 -7.53 49.21 20.69
CA CYS B 357 -7.86 50.56 21.15
C CYS B 357 -9.29 50.54 21.67
N LEU B 358 -9.43 50.72 22.99
CA LEU B 358 -10.76 50.78 23.60
C LEU B 358 -11.62 51.85 22.93
N GLN B 359 -11.03 53.04 22.66
CA GLN B 359 -11.80 54.15 22.13
C GLN B 359 -12.23 53.90 20.68
N TYR B 360 -11.37 53.29 19.86
CA TYR B 360 -11.79 53.00 18.50
C TYR B 360 -12.94 52.00 18.50
N MET B 361 -12.91 51.04 19.44
CA MET B 361 -13.90 49.98 19.45
C MET B 361 -15.21 50.40 20.11
N THR B 362 -15.19 51.46 20.93
CA THR B 362 -16.44 52.08 21.38
C THR B 362 -17.06 52.98 20.33
N ALA B 363 -16.24 53.67 19.53
CA ALA B 363 -16.73 54.71 18.63
C ALA B 363 -17.42 54.13 17.40
N VAL B 364 -16.85 53.09 16.78
CA VAL B 364 -17.47 52.52 15.58
C VAL B 364 -18.88 52.01 15.84
N PRO B 365 -19.19 51.33 16.95
CA PRO B 365 -20.59 50.94 17.18
C PRO B 365 -21.51 52.11 17.53
N LEU B 366 -21.05 53.06 18.36
CA LEU B 366 -21.84 54.27 18.62
C LEU B 366 -22.35 54.89 17.33
N ILE B 367 -21.53 54.90 16.28
CA ILE B 367 -21.91 55.52 15.01
C ILE B 367 -22.74 54.56 14.16
N PHE B 368 -22.29 53.34 13.99
CA PHE B 368 -22.89 52.46 12.99
C PHE B 368 -23.88 51.47 13.57
N GLY B 369 -23.88 51.27 14.89
CA GLY B 369 -24.74 50.27 15.50
C GLY B 369 -24.28 48.85 15.26
N ASP B 370 -22.97 48.66 15.06
CA ASP B 370 -22.41 47.35 14.76
C ASP B 370 -20.90 47.45 14.89
N LEU B 371 -20.25 46.30 14.80
CA LEU B 371 -18.80 46.19 14.76
C LEU B 371 -18.48 44.91 14.02
N VAL B 372 -17.82 45.04 12.88
CA VAL B 372 -17.46 43.91 12.04
C VAL B 372 -15.97 44.01 11.72
N ALA B 373 -15.47 43.03 10.96
CA ALA B 373 -14.06 43.01 10.59
C ALA B 373 -13.66 44.26 9.82
N GLU B 374 -14.48 44.66 8.83
CA GLU B 374 -14.12 45.71 7.89
C GLU B 374 -13.97 47.08 8.55
N HIS B 375 -14.42 47.26 9.79
CA HIS B 375 -14.29 48.56 10.47
C HIS B 375 -12.86 48.88 10.88
N TYR B 376 -11.94 47.91 10.80
CA TYR B 376 -10.59 48.13 11.30
C TYR B 376 -9.60 48.51 10.21
N GLU B 377 -9.93 48.33 8.94
CA GLU B 377 -8.97 48.67 7.90
C GLU B 377 -8.75 50.18 7.85
N ASP B 378 -7.61 50.55 7.26
CA ASP B 378 -7.24 51.96 7.16
C ASP B 378 -8.13 52.71 6.17
N ALA B 379 -8.66 52.01 5.16
CA ALA B 379 -9.56 52.65 4.20
C ALA B 379 -10.84 53.11 4.89
N PHE B 380 -11.53 52.20 5.58
CA PHE B 380 -12.77 52.53 6.27
C PHE B 380 -12.54 53.62 7.33
N HIS B 381 -11.38 53.64 7.98
CA HIS B 381 -11.07 54.68 8.97
C HIS B 381 -10.69 56.01 8.32
N ALA B 382 -10.26 56.00 7.06
CA ALA B 382 -10.14 57.25 6.32
C ALA B 382 -11.51 57.86 6.10
N ALA B 383 -12.39 57.13 5.38
CA ALA B 383 -13.64 57.68 4.85
C ALA B 383 -14.54 58.30 5.92
N HIS B 384 -14.42 57.86 7.18
CA HIS B 384 -15.32 58.26 8.24
C HIS B 384 -14.50 58.86 9.38
N PRO B 385 -14.09 60.12 9.25
CA PRO B 385 -13.29 60.76 10.32
C PRO B 385 -14.09 61.10 11.56
N LEU B 386 -15.42 60.94 11.55
CA LEU B 386 -16.20 61.08 12.77
C LEU B 386 -15.55 60.32 13.92
N ILE B 387 -14.92 59.18 13.61
CA ILE B 387 -14.38 58.27 14.62
C ILE B 387 -13.45 59.02 15.56
N ASP B 388 -12.42 59.65 15.00
CA ASP B 388 -11.43 60.31 15.84
C ASP B 388 -11.95 61.64 16.39
N ARG B 389 -13.12 62.10 15.93
CA ARG B 389 -13.82 63.18 16.62
C ARG B 389 -14.36 62.68 17.97
N LEU B 390 -15.06 61.54 17.95
CA LEU B 390 -15.53 60.93 19.20
C LEU B 390 -14.37 60.48 20.05
N ARG B 391 -13.41 59.78 19.43
CA ARG B 391 -12.22 59.32 20.13
C ARG B 391 -11.59 60.43 20.95
N GLU B 392 -11.54 61.64 20.38
CA GLU B 392 -10.92 62.78 21.08
C GLU B 392 -11.72 63.17 22.32
N LYS B 393 -13.04 62.94 22.31
CA LYS B 393 -13.92 63.33 23.40
C LYS B 393 -13.93 62.37 24.57
N MET B 394 -13.51 61.12 24.36
CA MET B 394 -13.74 60.07 25.36
C MET B 394 -12.82 60.22 26.57
N GLU B 395 -13.38 60.01 27.76
CA GLU B 395 -12.66 60.02 29.02
C GLU B 395 -12.76 58.63 29.65
N ILE B 396 -11.72 58.23 30.39
CA ILE B 396 -11.66 56.87 30.91
C ILE B 396 -11.47 56.93 32.42
N VAL B 397 -12.41 56.32 33.16
CA VAL B 397 -12.34 56.20 34.61
C VAL B 397 -12.27 54.73 34.99
N GLU B 398 -11.58 54.43 36.08
CA GLU B 398 -11.41 53.06 36.56
C GLU B 398 -12.36 52.80 37.73
N GLU B 399 -13.43 52.06 37.46
CA GLU B 399 -14.35 51.65 38.52
C GLU B 399 -13.69 50.59 39.40
N PRO B 400 -13.57 50.80 40.71
CA PRO B 400 -12.91 49.79 41.56
C PRO B 400 -13.68 48.49 41.72
N ARG B 401 -15.02 48.48 41.59
CA ARG B 401 -15.76 47.22 41.63
C ARG B 401 -15.56 46.44 40.34
N TYR B 402 -15.54 47.13 39.21
CA TYR B 402 -15.17 46.50 37.94
C TYR B 402 -13.78 45.86 38.01
N SER B 403 -12.83 46.54 38.66
CA SER B 403 -11.47 46.02 38.74
C SER B 403 -11.33 44.96 39.80
N ARG B 404 -12.19 44.96 40.81
CA ARG B 404 -12.13 43.98 41.89
C ARG B 404 -12.76 42.66 41.47
N GLU B 405 -13.93 42.72 40.84
CA GLU B 405 -14.59 41.52 40.35
C GLU B 405 -14.03 41.05 39.01
N TYR B 406 -13.05 41.76 38.45
CA TYR B 406 -12.27 41.17 37.38
C TYR B 406 -11.36 40.06 37.91
N LEU B 407 -10.89 40.20 39.14
CA LEU B 407 -9.96 39.26 39.73
C LEU B 407 -10.63 38.19 40.60
N GLU B 408 -11.88 38.37 41.03
CA GLU B 408 -12.51 37.39 41.91
C GLU B 408 -12.80 36.07 41.18
N ALA B 409 -12.29 34.96 41.72
CA ALA B 409 -12.40 33.67 41.04
C ALA B 409 -13.84 33.23 40.83
N ASP B 410 -14.81 33.86 41.50
CA ASP B 410 -16.21 33.48 41.39
C ASP B 410 -17.03 34.46 40.55
N LYS B 411 -16.39 35.45 39.94
CA LYS B 411 -17.12 36.37 39.08
C LYS B 411 -16.44 36.49 37.73
N ARG B 412 -15.12 36.77 37.75
CA ARG B 412 -14.30 36.89 36.55
C ARG B 412 -14.96 37.81 35.52
N SER B 413 -15.49 38.93 35.98
CA SER B 413 -16.11 39.89 35.09
C SER B 413 -15.07 40.61 34.26
N ILE B 414 -15.55 41.28 33.22
CA ILE B 414 -14.76 42.08 32.30
C ILE B 414 -15.64 43.28 31.98
N ALA B 415 -15.76 44.20 32.94
CA ALA B 415 -16.88 45.13 32.97
C ALA B 415 -16.54 46.47 32.34
N ASN B 416 -17.50 47.02 31.60
CA ASN B 416 -17.38 48.35 31.00
C ASN B 416 -18.73 49.06 31.05
N ALA B 417 -18.68 50.38 31.20
CA ALA B 417 -19.89 51.21 31.19
C ALA B 417 -19.61 52.48 30.39
N VAL B 418 -20.61 52.90 29.60
CA VAL B 418 -20.47 53.99 28.64
C VAL B 418 -21.61 54.98 28.86
N GLU B 419 -21.27 56.24 29.13
CA GLU B 419 -22.26 57.33 29.23
C GLU B 419 -21.86 58.45 28.29
N VAL B 420 -22.83 58.94 27.49
CA VAL B 420 -22.60 59.99 26.51
C VAL B 420 -23.32 61.27 26.95
N PHE B 421 -22.55 62.33 27.23
CA PHE B 421 -23.08 63.65 27.56
C PHE B 421 -23.08 64.54 26.32
N PHE B 422 -24.18 65.26 26.11
CA PHE B 422 -24.32 66.17 24.96
C PHE B 422 -24.03 67.61 25.39
N ASP B 423 -24.10 68.52 24.41
CA ASP B 423 -23.77 69.93 24.65
C ASP B 423 -24.81 70.61 25.53
N ASP B 424 -26.08 70.18 25.45
CA ASP B 424 -27.14 70.76 26.27
C ASP B 424 -26.87 70.64 27.77
N GLY B 425 -26.05 69.69 28.20
CA GLY B 425 -26.09 69.22 29.57
C GLY B 425 -26.91 67.97 29.73
N SER B 426 -27.49 67.47 28.64
CA SER B 426 -28.20 66.20 28.55
C SER B 426 -27.22 65.04 28.40
N SER B 427 -27.65 63.86 28.83
CA SER B 427 -26.88 62.65 28.60
C SER B 427 -27.80 61.45 28.63
N THR B 428 -27.75 60.63 27.58
CA THR B 428 -28.23 59.27 27.67
C THR B 428 -27.46 58.58 28.77
N GLY B 429 -28.18 57.88 29.65
CA GLY B 429 -27.57 57.39 30.87
C GLY B 429 -26.41 56.43 30.62
N GLN B 430 -25.76 56.07 31.73
CA GLN B 430 -24.73 55.05 31.74
C GLN B 430 -25.36 53.67 31.49
N VAL B 431 -24.96 53.01 30.41
CA VAL B 431 -25.34 51.62 30.15
C VAL B 431 -24.16 50.73 30.55
N ALA B 432 -24.33 49.97 31.63
CA ALA B 432 -23.29 49.11 32.16
C ALA B 432 -23.51 47.67 31.71
N VAL B 433 -22.42 47.03 31.30
CA VAL B 433 -22.42 45.62 30.86
C VAL B 433 -21.21 44.98 31.53
N GLU B 434 -21.46 44.18 32.58
CA GLU B 434 -20.34 43.61 33.32
C GLU B 434 -19.84 42.28 32.78
N TYR B 435 -20.58 41.64 31.87
CA TYR B 435 -20.23 40.32 31.36
C TYR B 435 -20.45 40.25 29.86
N PRO B 436 -19.40 40.00 29.09
CA PRO B 436 -19.55 39.81 27.65
C PRO B 436 -20.33 38.54 27.33
N LEU B 437 -20.76 38.43 26.08
CA LEU B 437 -21.64 37.34 25.66
C LEU B 437 -21.00 35.95 25.83
N GLY B 438 -19.74 35.80 25.49
CA GLY B 438 -19.14 34.48 25.63
C GLY B 438 -18.71 34.08 27.03
N HIS B 439 -19.10 34.85 28.05
CA HIS B 439 -18.80 34.58 29.44
C HIS B 439 -19.84 33.63 30.03
N ARG B 440 -19.44 32.93 31.09
CA ARG B 440 -20.29 31.91 31.74
C ARG B 440 -21.61 32.49 32.23
N ARG B 441 -21.59 33.68 32.85
CA ARG B 441 -22.82 34.28 33.34
C ARG B 441 -23.84 34.48 32.24
N ARG B 442 -23.44 34.44 30.97
CA ARG B 442 -24.38 34.67 29.88
C ARG B 442 -24.55 33.46 28.97
N ARG B 443 -24.16 32.27 29.45
CA ARG B 443 -24.19 31.04 28.65
C ARG B 443 -25.50 30.83 27.91
N ALA B 444 -26.62 30.94 28.63
CA ALA B 444 -27.89 30.64 28.01
C ALA B 444 -28.18 31.62 26.88
N GLU B 445 -27.76 32.86 27.03
CA GLU B 445 -27.82 33.80 25.92
C GLU B 445 -26.74 33.52 24.86
N GLY B 446 -25.56 33.08 25.31
CA GLY B 446 -24.47 32.83 24.37
C GLY B 446 -24.70 31.60 23.49
N ILE B 447 -25.38 30.58 24.03
CA ILE B 447 -25.46 29.29 23.33
C ILE B 447 -26.07 29.42 21.95
N PRO B 448 -27.24 30.03 21.76
CA PRO B 448 -27.76 30.13 20.39
C PRO B 448 -26.78 30.79 19.42
N LEU B 449 -25.97 31.77 19.90
CA LEU B 449 -25.01 32.44 19.03
C LEU B 449 -23.80 31.55 18.74
N LEU B 450 -23.32 30.83 19.75
CA LEU B 450 -22.28 29.84 19.49
C LEU B 450 -22.76 28.82 18.45
N GLN B 451 -24.02 28.42 18.53
CA GLN B 451 -24.53 27.41 17.62
C GLN B 451 -24.74 27.95 16.22
N GLU B 452 -25.02 29.26 16.07
CA GLU B 452 -25.15 29.81 14.74
C GLU B 452 -23.79 30.01 14.07
N LYS B 453 -22.81 30.51 14.82
CA LYS B 453 -21.45 30.58 14.34
C LYS B 453 -20.97 29.20 13.88
N PHE B 454 -21.34 28.14 14.61
CA PHE B 454 -20.93 26.80 14.24
C PHE B 454 -21.57 26.39 12.91
N LYS B 455 -22.89 26.57 12.80
CA LYS B 455 -23.59 26.26 11.57
C LYS B 455 -23.02 27.04 10.39
N ALA B 456 -22.70 28.32 10.61
CA ALA B 456 -22.16 29.12 9.52
C ALA B 456 -20.82 28.57 9.09
N ASN B 457 -19.98 28.19 10.05
CA ASN B 457 -18.66 27.64 9.77
C ASN B 457 -18.76 26.27 9.12
N LEU B 458 -19.67 25.43 9.59
CA LEU B 458 -19.93 24.14 8.95
C LEU B 458 -20.25 24.32 7.47
N ALA B 459 -21.06 25.33 7.14
CA ALA B 459 -21.57 25.51 5.79
C ALA B 459 -20.53 26.08 4.84
N THR B 460 -19.41 26.60 5.33
CA THR B 460 -18.35 26.93 4.39
C THR B 460 -17.60 25.70 3.92
N ARG B 461 -17.91 24.54 4.46
CA ARG B 461 -17.10 23.36 4.17
C ARG B 461 -17.92 22.17 3.70
N PHE B 462 -19.12 22.00 4.22
CA PHE B 462 -19.85 20.79 3.97
C PHE B 462 -21.17 21.15 3.31
N PRO B 463 -21.76 20.26 2.51
CA PRO B 463 -23.06 20.54 1.94
C PRO B 463 -24.14 20.55 3.03
N PRO B 464 -25.32 21.14 2.76
CA PRO B 464 -26.42 21.25 3.72
C PRO B 464 -26.83 19.97 4.44
N GLN B 465 -26.95 18.87 3.74
CA GLN B 465 -27.33 17.60 4.37
C GLN B 465 -26.25 17.10 5.32
N ARG B 466 -24.97 17.26 4.98
CA ARG B 466 -23.99 16.84 5.97
C ARG B 466 -23.89 17.82 7.15
N CYS B 467 -24.07 19.12 6.89
CA CYS B 467 -24.12 20.08 7.99
C CYS B 467 -25.23 19.74 8.96
N GLN B 468 -26.41 19.37 8.45
CA GLN B 468 -27.52 19.07 9.33
C GLN B 468 -27.22 17.83 10.16
N ARG B 469 -26.50 16.86 9.59
CA ARG B 469 -26.18 15.64 10.32
C ARG B 469 -25.16 15.90 11.42
N ILE B 470 -24.16 16.76 11.16
CA ILE B 470 -23.18 17.05 12.20
C ILE B 470 -23.83 17.84 13.32
N PHE B 471 -24.63 18.85 12.98
CA PHE B 471 -25.21 19.69 14.01
C PHE B 471 -26.17 18.92 14.89
N ASP B 472 -27.02 18.07 14.29
CA ASP B 472 -27.92 17.24 15.07
C ASP B 472 -27.14 16.38 16.07
N LEU B 473 -26.05 15.77 15.63
CA LEU B 473 -25.29 14.89 16.52
C LEU B 473 -24.71 15.68 17.69
N CYS B 474 -24.00 16.78 17.40
CA CYS B 474 -23.44 17.65 18.41
C CYS B 474 -24.51 18.36 19.25
N SER B 475 -25.76 18.35 18.77
CA SER B 475 -26.84 19.02 19.47
C SER B 475 -27.13 18.35 20.81
N HIS B 476 -27.03 17.03 20.86
CA HIS B 476 -27.58 16.22 21.94
C HIS B 476 -26.44 15.63 22.75
N GLN B 477 -26.44 15.94 24.04
CA GLN B 477 -25.33 15.55 24.90
C GLN B 477 -25.20 14.04 24.98
N ALA B 478 -26.29 13.34 25.30
CA ALA B 478 -26.20 11.89 25.51
C ALA B 478 -25.79 11.18 24.23
N SER B 479 -26.37 11.57 23.09
CA SER B 479 -26.06 10.92 21.82
C SER B 479 -24.62 11.19 21.41
N LEU B 480 -24.15 12.42 21.57
CA LEU B 480 -22.75 12.70 21.28
C LEU B 480 -21.85 11.80 22.12
N GLU B 481 -22.04 11.81 23.44
CA GLU B 481 -21.14 11.09 24.35
C GLU B 481 -21.05 9.61 24.03
N ALA B 482 -22.16 9.01 23.59
CA ALA B 482 -22.13 7.60 23.25
C ALA B 482 -21.46 7.32 21.90
N THR B 483 -21.30 8.31 21.04
CA THR B 483 -20.74 8.11 19.71
C THR B 483 -19.28 7.63 19.76
N PRO B 484 -18.91 6.58 19.03
CA PRO B 484 -17.48 6.23 18.89
C PRO B 484 -16.71 7.32 18.16
N VAL B 485 -15.51 7.65 18.69
CA VAL B 485 -14.70 8.75 18.18
C VAL B 485 -14.39 8.58 16.70
N ASN B 486 -14.09 7.35 16.29
CA ASN B 486 -13.87 7.08 14.87
C ASN B 486 -15.11 7.39 14.04
N ARG B 487 -16.31 7.12 14.57
CA ARG B 487 -17.52 7.44 13.79
C ARG B 487 -17.77 8.95 13.76
N PHE B 488 -17.44 9.65 14.85
CA PHE B 488 -17.50 11.11 14.84
C PHE B 488 -16.57 11.68 13.78
N MET B 489 -15.31 11.20 13.75
CA MET B 489 -14.35 11.70 12.77
C MET B 489 -14.73 11.31 11.34
N ASP B 490 -15.33 10.14 11.13
CA ASP B 490 -15.87 9.83 9.79
C ASP B 490 -16.79 10.94 9.30
N LEU B 491 -17.63 11.45 10.19
CA LEU B 491 -18.56 12.51 9.80
C LEU B 491 -17.83 13.78 9.40
N LEU B 492 -16.66 14.03 9.96
CA LEU B 492 -15.97 15.31 9.71
C LEU B 492 -15.02 15.25 8.51
N ALA B 493 -14.75 14.09 7.96
CA ALA B 493 -13.79 14.00 6.83
C ALA B 493 -14.38 14.45 5.52
N ILE B 494 -13.52 14.97 4.64
CA ILE B 494 -13.70 15.44 3.22
C ILE B 494 -14.53 16.72 3.04
N PRO C 11 -19.13 -2.68 -43.66
CA PRO C 11 -19.44 -1.26 -43.87
C PRO C 11 -18.44 -0.33 -43.20
N ASP C 12 -18.05 0.72 -43.94
CA ASP C 12 -17.10 1.71 -43.51
C ASP C 12 -17.70 2.63 -42.47
N TYR C 13 -16.82 3.31 -41.73
CA TYR C 13 -17.27 4.30 -40.76
C TYR C 13 -17.89 5.47 -41.50
N ASP C 14 -19.03 5.96 -40.97
CA ASP C 14 -19.65 7.19 -41.47
C ASP C 14 -18.60 8.26 -41.65
N ALA C 15 -18.76 9.07 -42.70
CA ALA C 15 -17.77 10.09 -43.05
C ALA C 15 -17.43 11.01 -41.88
N VAL C 16 -18.44 11.37 -41.07
CA VAL C 16 -18.21 12.35 -40.02
C VAL C 16 -17.11 11.87 -39.07
N LEU C 17 -17.12 10.58 -38.73
CA LEU C 17 -16.11 10.00 -37.84
C LEU C 17 -14.72 10.01 -38.50
N GLN C 18 -14.65 9.62 -39.78
CA GLN C 18 -13.37 9.57 -40.47
C GLN C 18 -12.72 10.94 -40.52
N ASP C 19 -13.52 11.97 -40.76
CA ASP C 19 -13.00 13.34 -40.80
C ASP C 19 -12.48 13.79 -39.45
N ILE C 20 -13.10 13.35 -38.35
CA ILE C 20 -12.53 13.69 -37.05
C ILE C 20 -11.28 12.89 -36.80
N ALA C 21 -11.32 11.59 -37.05
CA ALA C 21 -10.16 10.73 -36.81
C ALA C 21 -8.95 11.20 -37.61
N ASP C 22 -9.14 11.49 -38.89
CA ASP C 22 -8.01 11.88 -39.72
C ASP C 22 -7.43 13.21 -39.27
N TYR C 23 -8.30 14.12 -38.83
CA TYR C 23 -7.83 15.38 -38.25
C TYR C 23 -7.01 15.13 -36.99
N VAL C 24 -7.54 14.34 -36.06
CA VAL C 24 -6.86 14.12 -34.79
C VAL C 24 -5.50 13.48 -35.02
N LEU C 25 -5.40 12.55 -35.98
CA LEU C 25 -4.18 11.79 -36.19
C LEU C 25 -3.17 12.49 -37.09
N ASP C 26 -3.60 13.29 -38.06
CA ASP C 26 -2.69 13.76 -39.10
C ASP C 26 -2.47 15.26 -39.13
N TYR C 27 -3.40 16.06 -38.62
CA TYR C 27 -3.28 17.50 -38.75
C TYR C 27 -2.14 18.04 -37.89
N ARG C 28 -1.33 18.92 -38.46
CA ARG C 28 -0.20 19.51 -37.76
C ARG C 28 -0.58 20.94 -37.37
N ILE C 29 -0.66 21.20 -36.07
CA ILE C 29 -1.06 22.53 -35.66
C ILE C 29 0.05 23.49 -36.01
N ASP C 30 -0.26 24.50 -36.83
CA ASP C 30 0.68 25.50 -37.29
C ASP C 30 0.06 26.87 -37.04
N SER C 31 0.07 27.29 -35.78
CA SER C 31 -0.53 28.58 -35.42
C SER C 31 0.08 28.96 -34.07
N THR C 32 1.05 29.87 -34.09
CA THR C 32 1.53 30.35 -32.80
C THR C 32 0.42 31.08 -32.05
N GLU C 33 -0.55 31.66 -32.76
CA GLU C 33 -1.64 32.34 -32.09
C GLU C 33 -2.54 31.33 -31.38
N ALA C 34 -2.89 30.24 -32.06
CA ALA C 34 -3.60 29.15 -31.40
C ALA C 34 -2.85 28.69 -30.16
N LEU C 35 -1.54 28.49 -30.26
CA LEU C 35 -0.82 27.94 -29.12
C LEU C 35 -0.81 28.91 -27.94
N ASP C 36 -0.70 30.21 -28.24
CA ASP C 36 -0.65 31.22 -27.18
C ASP C 36 -2.01 31.43 -26.54
N THR C 37 -3.11 31.40 -27.33
CA THR C 37 -4.39 31.50 -26.63
C THR C 37 -4.78 30.18 -25.96
N ALA C 38 -4.19 29.04 -26.35
CA ALA C 38 -4.37 27.82 -25.55
C ALA C 38 -3.65 27.93 -24.21
N ARG C 39 -2.47 28.55 -24.17
CA ARG C 39 -1.84 28.80 -22.87
C ARG C 39 -2.71 29.70 -21.99
N ASN C 40 -3.28 30.76 -22.56
CA ASN C 40 -4.13 31.63 -21.75
C ASN C 40 -5.43 30.94 -21.37
N CYS C 41 -5.94 30.07 -22.23
CA CYS C 41 -7.10 29.29 -21.84
C CYS C 41 -6.76 28.31 -20.71
N LEU C 42 -5.55 27.74 -20.72
CA LEU C 42 -5.15 26.85 -19.65
C LEU C 42 -5.14 27.57 -18.30
N MET C 43 -4.52 28.75 -18.27
CA MET C 43 -4.51 29.58 -17.07
C MET C 43 -5.93 29.86 -16.61
N ASP C 44 -6.72 30.46 -17.50
CA ASP C 44 -8.06 30.90 -17.15
C ASP C 44 -8.86 29.74 -16.59
N THR C 45 -8.76 28.57 -17.24
CA THR C 45 -9.60 27.44 -16.87
C THR C 45 -9.14 26.85 -15.53
N LEU C 46 -7.83 26.79 -15.32
CA LEU C 46 -7.32 26.33 -14.03
C LEU C 46 -7.82 27.23 -12.91
N GLY C 47 -7.73 28.54 -13.11
CA GLY C 47 -8.12 29.48 -12.08
C GLY C 47 -9.57 29.34 -11.68
N CYS C 48 -10.47 29.19 -12.66
CA CYS C 48 -11.88 28.93 -12.38
C CYS C 48 -12.05 27.70 -11.50
N GLY C 49 -11.22 26.67 -11.72
CA GLY C 49 -11.39 25.45 -10.97
C GLY C 49 -11.03 25.62 -9.51
N LEU C 50 -9.90 26.29 -9.26
CA LEU C 50 -9.46 26.57 -7.90
C LEU C 50 -10.54 27.32 -7.14
N LEU C 51 -11.14 28.33 -7.79
CA LEU C 51 -12.19 29.13 -7.16
C LEU C 51 -13.36 28.27 -6.72
N ALA C 52 -13.73 27.28 -7.53
CA ALA C 52 -14.88 26.43 -7.22
C ALA C 52 -14.68 25.59 -5.95
N LEU C 53 -13.43 25.41 -5.52
CA LEU C 53 -13.10 24.64 -4.29
C LEU C 53 -13.54 25.37 -3.01
N ARG C 54 -14.06 26.58 -3.13
CA ARG C 54 -14.63 27.35 -2.00
C ARG C 54 -16.12 27.03 -1.88
N PHE C 55 -16.62 26.08 -2.67
CA PHE C 55 -18.06 25.84 -2.76
C PHE C 55 -18.42 24.39 -2.46
N PRO C 56 -18.89 24.11 -1.24
CA PRO C 56 -19.19 22.73 -0.84
C PRO C 56 -20.13 22.00 -1.76
N GLU C 57 -21.08 22.69 -2.40
CA GLU C 57 -21.95 22.00 -3.35
C GLU C 57 -21.15 21.38 -4.48
N CYS C 58 -20.02 22.00 -4.83
CA CYS C 58 -19.11 21.42 -5.81
C CYS C 58 -18.22 20.35 -5.20
N THR C 59 -17.51 20.67 -4.11
CA THR C 59 -16.50 19.76 -3.59
C THR C 59 -17.11 18.45 -3.05
N LYS C 60 -18.42 18.41 -2.77
CA LYS C 60 -19.04 17.16 -2.32
C LYS C 60 -18.94 16.05 -3.37
N HIS C 61 -18.73 16.39 -4.64
CA HIS C 61 -18.60 15.38 -5.69
C HIS C 61 -17.20 14.82 -5.85
N LEU C 62 -16.19 15.42 -5.20
CA LEU C 62 -14.79 15.15 -5.56
C LEU C 62 -14.22 14.04 -4.69
N GLY C 63 -13.16 13.42 -5.19
CA GLY C 63 -12.41 12.45 -4.43
C GLY C 63 -12.58 11.06 -4.98
N PRO C 64 -11.95 10.10 -4.32
CA PRO C 64 -12.15 8.69 -4.70
C PRO C 64 -13.55 8.24 -4.36
N LEU C 65 -14.04 7.26 -5.12
CA LEU C 65 -15.34 6.70 -4.84
C LEU C 65 -15.34 5.96 -3.50
N VAL C 66 -14.19 5.44 -3.10
CA VAL C 66 -14.02 4.75 -1.83
C VAL C 66 -12.84 5.38 -1.09
N GLU C 67 -13.13 6.08 -0.01
CA GLU C 67 -12.11 6.73 0.80
C GLU C 67 -10.95 5.79 1.10
N GLY C 68 -9.73 6.29 0.91
CA GLY C 68 -8.53 5.51 1.17
C GLY C 68 -7.98 4.73 -0.02
N THR C 69 -8.63 4.79 -1.18
CA THR C 69 -8.13 4.08 -2.35
C THR C 69 -6.75 4.60 -2.73
N LEU C 70 -5.78 3.70 -2.91
CA LEU C 70 -4.47 4.03 -3.44
C LEU C 70 -4.40 3.68 -4.93
N VAL C 71 -4.15 4.68 -5.76
CA VAL C 71 -4.00 4.48 -7.20
C VAL C 71 -2.54 4.73 -7.57
N PRO C 72 -1.78 3.70 -7.96
CA PRO C 72 -0.40 3.92 -8.45
C PRO C 72 -0.35 4.88 -9.63
N HIS C 73 0.55 5.87 -9.54
CA HIS C 73 0.74 6.85 -10.61
C HIS C 73 -0.55 7.60 -10.92
N GLY C 74 -1.44 7.71 -9.94
CA GLY C 74 -2.75 8.29 -10.20
C GLY C 74 -2.69 9.75 -10.65
N ALA C 75 -3.72 10.15 -11.38
CA ALA C 75 -3.83 11.54 -11.81
C ALA C 75 -4.21 12.41 -10.62
N ARG C 76 -3.81 13.68 -10.69
CA ARG C 76 -4.06 14.63 -9.62
C ARG C 76 -5.24 15.55 -9.95
N VAL C 77 -5.81 16.15 -8.93
CA VAL C 77 -6.83 17.18 -9.14
C VAL C 77 -6.25 18.49 -8.63
N PRO C 78 -6.06 19.50 -9.48
CA PRO C 78 -5.49 20.77 -9.03
C PRO C 78 -6.16 21.29 -7.77
N GLY C 79 -5.33 21.80 -6.87
CA GLY C 79 -5.78 22.38 -5.62
C GLY C 79 -6.28 21.38 -4.61
N THR C 80 -6.04 20.09 -4.79
CA THR C 80 -6.49 19.08 -3.85
C THR C 80 -5.33 18.12 -3.58
N SER C 81 -5.55 17.23 -2.62
CA SER C 81 -4.61 16.15 -2.34
C SER C 81 -5.07 14.83 -2.95
N PHE C 82 -6.02 14.88 -3.88
CA PHE C 82 -6.54 13.66 -4.49
C PHE C 82 -5.57 13.07 -5.52
N ARG C 83 -5.36 11.75 -5.43
CA ARG C 83 -4.68 10.96 -6.45
C ARG C 83 -5.62 9.85 -6.92
N LEU C 84 -6.08 9.94 -8.17
CA LEU C 84 -7.24 9.18 -8.60
C LEU C 84 -6.97 8.47 -9.92
N ASP C 85 -7.89 7.58 -10.30
CA ASP C 85 -7.80 7.07 -11.65
C ASP C 85 -8.14 8.19 -12.63
N PRO C 86 -7.61 8.13 -13.85
CA PRO C 86 -7.91 9.14 -14.87
C PRO C 86 -9.37 9.41 -15.11
N VAL C 87 -10.26 8.42 -14.95
CA VAL C 87 -11.68 8.66 -15.19
C VAL C 87 -12.29 9.51 -14.07
N LYS C 88 -12.03 9.16 -12.82
CA LYS C 88 -12.55 10.00 -11.74
C LYS C 88 -11.90 11.37 -11.71
N ALA C 89 -10.57 11.45 -11.94
CA ALA C 89 -9.88 12.74 -11.97
C ALA C 89 -10.44 13.64 -13.05
N ALA C 90 -10.67 13.07 -14.25
CA ALA C 90 -11.28 13.83 -15.34
C ALA C 90 -12.66 14.34 -14.94
N TRP C 91 -13.43 13.51 -14.24
CA TRP C 91 -14.73 13.95 -13.74
C TRP C 91 -14.55 15.13 -12.80
N ASP C 92 -13.62 15.01 -11.85
CA ASP C 92 -13.39 16.05 -10.84
C ASP C 92 -12.92 17.34 -11.48
N ILE C 93 -11.97 17.24 -12.42
CA ILE C 93 -11.41 18.43 -13.06
C ILE C 93 -12.45 19.11 -13.91
N GLY C 94 -13.21 18.34 -14.68
CA GLY C 94 -14.24 18.96 -15.48
C GLY C 94 -15.32 19.57 -14.63
N CYS C 95 -15.55 19.01 -13.45
CA CYS C 95 -16.54 19.57 -12.55
C CYS C 95 -16.11 20.94 -12.06
N ILE C 96 -14.89 21.02 -11.50
CA ILE C 96 -14.48 22.26 -10.87
C ILE C 96 -14.28 23.38 -11.89
N VAL C 97 -13.85 23.07 -13.12
CA VAL C 97 -13.48 24.18 -14.00
C VAL C 97 -14.71 24.82 -14.60
N ARG C 98 -15.83 24.14 -14.55
CA ARG C 98 -17.08 24.62 -15.13
C ARG C 98 -18.08 25.07 -14.07
N TRP C 99 -17.87 24.65 -12.81
CA TRP C 99 -18.87 24.81 -11.75
C TRP C 99 -19.43 26.23 -11.67
N LEU C 100 -18.56 27.22 -11.65
CA LEU C 100 -18.99 28.60 -11.48
C LEU C 100 -19.41 29.29 -12.77
N ASP C 101 -19.31 28.61 -13.92
CA ASP C 101 -19.65 29.21 -15.21
C ASP C 101 -18.79 30.45 -15.49
N TYR C 102 -17.49 30.40 -15.18
CA TYR C 102 -16.60 31.49 -15.54
C TYR C 102 -15.60 31.12 -16.63
N ASN C 103 -15.57 29.87 -17.11
CA ASN C 103 -14.53 29.48 -18.06
C ASN C 103 -14.93 29.93 -19.47
N ASP C 104 -14.14 29.54 -20.47
CA ASP C 104 -14.25 30.16 -21.79
C ASP C 104 -15.53 29.68 -22.50
N THR C 105 -15.90 30.37 -23.59
CA THR C 105 -17.22 30.22 -24.20
C THR C 105 -17.12 30.22 -25.72
N TRP C 106 -18.04 29.48 -26.34
CA TRP C 106 -18.17 29.42 -27.79
C TRP C 106 -19.65 29.49 -28.12
N LEU C 107 -20.04 30.56 -28.82
CA LEU C 107 -21.44 30.91 -29.08
C LEU C 107 -21.71 30.71 -30.57
N ALA C 108 -22.27 29.56 -30.92
CA ALA C 108 -22.49 29.18 -32.30
C ALA C 108 -23.96 28.77 -32.39
N ALA C 109 -24.30 27.93 -33.38
CA ALA C 109 -25.65 27.40 -33.38
C ALA C 109 -25.89 26.61 -32.12
N GLU C 110 -24.84 25.95 -31.63
CA GLU C 110 -24.83 25.37 -30.29
C GLU C 110 -23.86 26.17 -29.42
N TRP C 111 -24.24 26.39 -28.16
CA TRP C 111 -23.35 27.04 -27.20
C TRP C 111 -22.60 25.98 -26.39
N GLY C 112 -21.41 26.34 -25.94
CA GLY C 112 -20.67 25.45 -25.08
C GLY C 112 -19.44 26.12 -24.51
N HIS C 113 -18.67 25.33 -23.75
CA HIS C 113 -17.49 25.82 -23.06
C HIS C 113 -16.38 24.81 -23.30
N PRO C 114 -15.71 24.91 -24.44
CA PRO C 114 -14.78 23.83 -24.84
C PRO C 114 -13.65 23.55 -23.84
N SER C 115 -13.33 24.49 -22.95
CA SER C 115 -12.37 24.24 -21.88
C SER C 115 -12.78 23.12 -20.95
N ASP C 116 -14.07 22.75 -20.91
CA ASP C 116 -14.52 21.57 -20.18
C ASP C 116 -13.67 20.34 -20.50
N ASN C 117 -13.13 20.27 -21.72
CA ASN C 117 -12.32 19.12 -22.16
C ASN C 117 -11.01 19.01 -21.38
N LEU C 118 -10.54 20.09 -20.75
CA LEU C 118 -9.30 20.03 -19.94
C LEU C 118 -9.36 18.90 -18.92
N GLY C 119 -10.56 18.56 -18.46
CA GLY C 119 -10.70 17.47 -17.53
C GLY C 119 -10.11 16.17 -18.06
N GLY C 120 -10.60 15.69 -19.20
CA GLY C 120 -10.04 14.46 -19.75
C GLY C 120 -8.59 14.60 -20.17
N ILE C 121 -8.25 15.70 -20.86
CA ILE C 121 -6.90 15.87 -21.38
C ILE C 121 -5.87 15.86 -20.25
N LEU C 122 -6.08 16.69 -19.24
CA LEU C 122 -5.11 16.82 -18.16
C LEU C 122 -4.97 15.51 -17.39
N ALA C 123 -6.10 14.92 -17.01
CA ALA C 123 -6.07 13.70 -16.18
C ALA C 123 -5.36 12.57 -16.90
N VAL C 124 -5.67 12.38 -18.18
CA VAL C 124 -5.06 11.30 -18.92
C VAL C 124 -3.58 11.59 -19.15
N ALA C 125 -3.25 12.85 -19.40
CA ALA C 125 -1.87 13.19 -19.68
C ALA C 125 -1.00 13.07 -18.43
N ASP C 126 -1.53 13.49 -17.27
CA ASP C 126 -0.79 13.34 -16.01
C ASP C 126 -0.49 11.87 -15.71
N HIS C 127 -1.49 11.02 -15.89
CA HIS C 127 -1.32 9.63 -15.50
C HIS C 127 -0.37 8.91 -16.45
N LEU C 128 -0.54 9.09 -17.77
CA LEU C 128 0.39 8.48 -18.73
C LEU C 128 1.82 9.00 -18.53
N SER C 129 2.00 10.28 -18.17
CA SER C 129 3.35 10.78 -17.92
C SER C 129 4.02 10.03 -16.79
N GLN C 130 3.30 9.79 -15.70
CA GLN C 130 3.89 9.05 -14.58
C GLN C 130 4.12 7.58 -14.95
N LYS C 131 3.17 6.97 -15.65
CA LYS C 131 3.38 5.60 -16.13
C LYS C 131 4.58 5.51 -17.06
N ARG C 132 4.75 6.48 -17.95
CA ARG C 132 5.87 6.42 -18.86
C ARG C 132 7.20 6.55 -18.12
N LEU C 133 7.31 7.54 -17.22
CA LEU C 133 8.51 7.70 -16.41
C LEU C 133 8.90 6.41 -15.70
N ALA C 134 7.93 5.76 -15.07
CA ALA C 134 8.21 4.52 -14.37
C ALA C 134 8.61 3.37 -15.32
N ASN C 135 8.43 3.51 -16.63
CA ASN C 135 8.91 2.51 -17.58
C ASN C 135 10.16 2.95 -18.33
N GLY C 136 10.84 3.99 -17.85
CA GLY C 136 12.01 4.50 -18.53
C GLY C 136 11.74 5.35 -19.74
N GLU C 137 10.49 5.70 -20.03
CA GLU C 137 10.19 6.49 -21.20
C GLU C 137 10.15 7.98 -20.84
N ALA C 138 10.06 8.79 -21.84
CA ALA C 138 9.94 10.21 -21.57
C ALA C 138 8.47 10.56 -21.29
N PRO C 139 8.20 11.46 -20.37
CA PRO C 139 6.82 11.83 -20.09
C PRO C 139 6.28 12.73 -21.19
N LEU C 140 4.97 12.95 -21.15
CA LEU C 140 4.34 13.95 -21.99
C LEU C 140 4.71 15.35 -21.51
N SER C 141 4.57 16.31 -22.42
CA SER C 141 4.88 17.69 -22.12
C SER C 141 3.60 18.51 -22.20
N MET C 142 3.65 19.68 -21.54
CA MET C 142 2.48 20.56 -21.53
C MET C 142 2.13 21.05 -22.92
N ARG C 143 3.12 21.15 -23.80
CA ARG C 143 2.88 21.41 -25.21
C ARG C 143 1.82 20.44 -25.77
N GLN C 144 1.93 19.16 -25.44
CA GLN C 144 0.95 18.21 -25.95
C GLN C 144 -0.42 18.41 -25.33
N VAL C 145 -0.50 18.93 -24.08
CA VAL C 145 -1.85 19.20 -23.61
C VAL C 145 -2.40 20.47 -24.25
N LEU C 146 -1.54 21.47 -24.54
CA LEU C 146 -2.01 22.61 -25.32
C LEU C 146 -2.49 22.16 -26.71
N GLU C 147 -1.74 21.26 -27.36
CA GLU C 147 -2.20 20.77 -28.65
C GLU C 147 -3.52 20.02 -28.52
N ALA C 148 -3.66 19.23 -27.48
CA ALA C 148 -4.90 18.45 -27.32
C ALA C 148 -6.09 19.37 -27.04
N MET C 149 -5.86 20.43 -26.26
CA MET C 149 -6.91 21.43 -26.04
C MET C 149 -7.35 22.06 -27.35
N ILE C 150 -6.40 22.42 -28.21
CA ILE C 150 -6.74 23.03 -29.49
C ILE C 150 -7.62 22.09 -30.30
N MET C 151 -7.23 20.81 -30.36
CA MET C 151 -8.02 19.86 -31.14
C MET C 151 -9.43 19.69 -30.57
N ALA C 152 -9.54 19.56 -29.24
CA ALA C 152 -10.86 19.35 -28.63
C ALA C 152 -11.75 20.56 -28.85
N HIS C 153 -11.23 21.77 -28.64
CA HIS C 153 -11.97 22.97 -29.02
C HIS C 153 -12.46 22.88 -30.45
N GLU C 154 -11.64 22.33 -31.35
CA GLU C 154 -11.97 22.38 -32.76
C GLU C 154 -13.06 21.39 -33.11
N ILE C 155 -13.01 20.21 -32.50
CA ILE C 155 -14.03 19.21 -32.78
C ILE C 155 -15.37 19.69 -32.26
N GLN C 156 -15.41 20.07 -30.98
CA GLN C 156 -16.65 20.54 -30.39
C GLN C 156 -17.15 21.78 -31.12
N GLY C 157 -16.26 22.74 -31.35
CA GLY C 157 -16.69 24.04 -31.85
C GLY C 157 -17.15 24.02 -33.30
N VAL C 158 -16.46 23.26 -34.16
CA VAL C 158 -16.80 23.25 -35.58
C VAL C 158 -18.09 22.50 -35.82
N ILE C 159 -18.28 21.37 -35.14
CA ILE C 159 -19.58 20.70 -35.16
C ILE C 159 -20.68 21.66 -34.70
N ALA C 160 -20.40 22.50 -33.69
CA ALA C 160 -21.42 23.38 -33.13
C ALA C 160 -21.81 24.50 -34.09
N LEU C 161 -20.92 24.87 -35.02
CA LEU C 161 -21.21 25.99 -35.95
C LEU C 161 -22.61 25.91 -36.56
N GLU C 162 -23.04 24.75 -37.05
CA GLU C 162 -24.33 24.70 -37.74
C GLU C 162 -25.28 23.69 -37.11
N ASN C 163 -24.81 22.93 -36.12
CA ASN C 163 -25.68 21.88 -35.53
C ASN C 163 -26.14 22.25 -34.11
N SER C 164 -27.43 22.46 -33.95
CA SER C 164 -28.00 22.76 -32.64
C SER C 164 -28.57 21.48 -32.06
N PHE C 165 -28.04 21.06 -30.92
CA PHE C 165 -28.63 19.94 -30.20
C PHE C 165 -29.69 20.40 -29.22
N ASN C 166 -29.65 21.68 -28.90
CA ASN C 166 -30.70 22.34 -28.13
C ASN C 166 -32.06 22.23 -28.79
N ARG C 167 -32.13 22.26 -30.14
CA ARG C 167 -33.43 22.18 -30.83
C ARG C 167 -33.96 20.76 -30.94
N VAL C 168 -33.11 19.74 -30.79
CA VAL C 168 -33.63 18.39 -30.67
C VAL C 168 -33.80 17.99 -29.20
N GLY C 169 -33.51 18.90 -28.27
CA GLY C 169 -33.73 18.63 -26.86
C GLY C 169 -32.63 17.91 -26.11
N LEU C 170 -31.41 17.90 -26.62
CA LEU C 170 -30.30 17.22 -25.98
C LEU C 170 -29.30 18.27 -25.50
N ASP C 171 -28.63 17.97 -24.40
CA ASP C 171 -27.64 18.90 -23.89
C ASP C 171 -26.42 18.99 -24.83
N HIS C 172 -25.75 20.14 -24.80
CA HIS C 172 -24.58 20.34 -25.67
C HIS C 172 -23.37 19.53 -25.21
N VAL C 173 -23.50 18.87 -24.07
CA VAL C 173 -22.40 18.15 -23.44
C VAL C 173 -22.02 16.89 -24.20
N LEU C 174 -22.88 16.44 -25.12
CA LEU C 174 -22.43 15.38 -26.01
C LEU C 174 -21.22 15.82 -26.86
N LEU C 175 -21.12 17.10 -27.22
CA LEU C 175 -19.91 17.51 -27.93
C LEU C 175 -18.66 17.40 -27.05
N VAL C 176 -18.82 17.56 -25.75
CA VAL C 176 -17.69 17.42 -24.81
C VAL C 176 -17.31 15.94 -24.81
N LYS C 177 -18.29 15.05 -24.77
CA LYS C 177 -18.03 13.60 -24.74
C LYS C 177 -17.29 13.16 -26.00
N VAL C 178 -17.63 13.73 -27.16
CA VAL C 178 -17.04 13.37 -28.46
C VAL C 178 -15.61 13.92 -28.56
N ALA C 179 -15.41 15.19 -28.28
CA ALA C 179 -14.07 15.79 -28.36
C ALA C 179 -13.12 15.12 -27.36
N SER C 180 -13.61 14.82 -26.17
CA SER C 180 -12.80 14.19 -25.09
C SER C 180 -12.47 12.77 -25.50
N THR C 181 -13.43 12.03 -26.01
CA THR C 181 -13.14 10.65 -26.45
C THR C 181 -12.06 10.67 -27.54
N ALA C 182 -12.09 11.66 -28.42
CA ALA C 182 -11.17 11.67 -29.55
C ALA C 182 -9.76 12.05 -29.11
N VAL C 183 -9.64 13.18 -28.42
CA VAL C 183 -8.34 13.66 -27.97
C VAL C 183 -7.73 12.71 -26.93
N CYS C 184 -8.55 12.11 -26.06
CA CYS C 184 -8.01 11.19 -25.05
C CYS C 184 -7.56 9.87 -25.67
N ALA C 185 -8.27 9.36 -26.67
CA ALA C 185 -7.78 8.20 -27.38
C ALA C 185 -6.44 8.49 -28.07
N LYS C 186 -6.28 9.71 -28.57
CA LYS C 186 -5.01 10.07 -29.21
C LYS C 186 -3.87 10.09 -28.21
N LEU C 187 -4.04 10.77 -27.09
CA LEU C 187 -2.98 10.78 -26.08
C LEU C 187 -2.64 9.36 -25.63
N MET C 188 -3.65 8.47 -25.58
CA MET C 188 -3.41 7.09 -25.16
C MET C 188 -2.70 6.26 -26.22
N GLY C 189 -2.46 6.76 -27.42
CA GLY C 189 -1.75 6.02 -28.43
C GLY C 189 -2.61 5.31 -29.44
N ALA C 190 -3.87 5.69 -29.55
CA ALA C 190 -4.78 5.04 -30.47
C ALA C 190 -4.32 5.20 -31.92
N ASP C 191 -4.59 4.17 -32.72
CA ASP C 191 -4.49 4.23 -34.18
C ASP C 191 -5.85 4.52 -34.80
N ARG C 192 -5.90 4.52 -36.13
CA ARG C 192 -7.10 4.97 -36.83
C ARG C 192 -8.31 4.12 -36.47
N GLU C 193 -8.14 2.79 -36.45
CA GLU C 193 -9.29 1.90 -36.17
C GLU C 193 -9.80 2.09 -34.75
N GLN C 194 -8.90 2.08 -33.77
CA GLN C 194 -9.30 2.29 -32.38
C GLN C 194 -9.96 3.65 -32.20
N LEU C 195 -9.42 4.69 -32.84
CA LEU C 195 -9.98 6.02 -32.71
C LEU C 195 -11.37 6.11 -33.35
N LEU C 196 -11.56 5.42 -34.48
CA LEU C 196 -12.89 5.37 -35.07
C LEU C 196 -13.86 4.60 -34.18
N ALA C 197 -13.43 3.47 -33.61
CA ALA C 197 -14.33 2.72 -32.73
C ALA C 197 -14.71 3.57 -31.53
N ALA C 198 -13.74 4.30 -30.97
CA ALA C 198 -14.01 5.12 -29.80
C ALA C 198 -15.02 6.22 -30.12
N LEU C 199 -14.81 6.94 -31.23
CA LEU C 199 -15.77 7.95 -31.67
C LEU C 199 -17.16 7.35 -31.83
N SER C 200 -17.25 6.13 -32.36
CA SER C 200 -18.56 5.56 -32.62
C SER C 200 -19.26 5.19 -31.32
N HIS C 201 -18.51 4.74 -30.31
CA HIS C 201 -19.12 4.51 -29.02
C HIS C 201 -19.57 5.82 -28.36
N ALA C 202 -18.85 6.92 -28.57
CA ALA C 202 -19.32 8.19 -28.01
C ALA C 202 -20.65 8.61 -28.63
N PHE C 203 -20.86 8.25 -29.90
CA PHE C 203 -22.07 8.64 -30.66
C PHE C 203 -23.25 7.71 -30.38
N VAL C 204 -23.00 6.45 -30.10
CA VAL C 204 -24.03 5.43 -29.81
C VAL C 204 -24.42 5.53 -28.32
N ASP C 205 -23.60 6.22 -27.54
CA ASP C 205 -23.82 6.40 -26.11
C ASP C 205 -25.08 7.23 -25.85
N GLY C 206 -25.67 6.98 -24.72
CA GLY C 206 -26.74 7.86 -24.33
C GLY C 206 -26.32 9.32 -24.28
N GLN C 207 -27.13 10.18 -24.90
CA GLN C 207 -26.93 11.62 -24.84
C GLN C 207 -27.95 12.24 -23.89
N ALA C 208 -27.46 13.04 -22.94
CA ALA C 208 -28.31 13.51 -21.85
C ALA C 208 -29.25 14.63 -22.28
N LEU C 209 -30.44 14.64 -21.68
CA LEU C 209 -31.36 15.75 -21.86
C LEU C 209 -30.81 17.01 -21.17
N ARG C 210 -31.42 18.15 -21.48
CA ARG C 210 -31.02 19.44 -20.88
C ARG C 210 -32.12 19.97 -19.95
N THR C 211 -32.89 19.08 -19.35
CA THR C 211 -33.98 19.47 -18.43
C THR C 211 -33.44 20.27 -17.23
N TYR C 212 -32.24 19.93 -16.78
CA TYR C 212 -31.66 20.57 -15.62
C TYR C 212 -31.13 21.97 -15.93
N ARG C 213 -31.36 22.46 -17.16
CA ARG C 213 -30.98 23.81 -17.55
C ARG C 213 -32.19 24.75 -17.67
N HIS C 214 -33.41 24.26 -17.43
CA HIS C 214 -34.62 25.02 -17.71
C HIS C 214 -35.58 24.98 -16.52
N ALA C 215 -35.91 26.17 -15.97
CA ALA C 215 -37.02 26.35 -15.04
C ALA C 215 -38.22 25.55 -15.53
N PRO C 216 -38.93 24.83 -14.65
CA PRO C 216 -38.83 24.80 -13.18
C PRO C 216 -38.02 23.64 -12.65
N ASN C 217 -37.24 22.97 -13.50
CA ASN C 217 -36.41 21.84 -13.10
C ASN C 217 -34.92 22.15 -13.12
N ALA C 218 -34.52 23.41 -13.29
CA ALA C 218 -33.10 23.75 -13.26
C ALA C 218 -32.44 23.37 -11.93
N GLY C 219 -31.13 23.11 -12.01
CA GLY C 219 -30.40 22.64 -10.84
C GLY C 219 -28.93 22.47 -11.16
N SER C 220 -28.21 21.97 -10.16
CA SER C 220 -26.74 22.01 -10.22
C SER C 220 -26.14 20.99 -11.18
N ARG C 221 -26.94 20.03 -11.68
CA ARG C 221 -26.42 19.17 -12.74
C ARG C 221 -25.97 20.00 -13.93
N LYS C 222 -26.55 21.18 -14.12
CA LYS C 222 -26.03 22.04 -15.18
C LYS C 222 -24.59 22.46 -14.94
N SER C 223 -24.06 22.27 -13.72
CA SER C 223 -22.69 22.66 -13.41
C SER C 223 -21.70 21.51 -13.55
N TRP C 224 -22.11 20.26 -13.33
CA TRP C 224 -21.24 19.09 -13.43
C TRP C 224 -21.55 18.19 -14.63
N ALA C 225 -22.52 18.56 -15.47
CA ALA C 225 -22.79 17.76 -16.67
C ALA C 225 -21.54 17.60 -17.55
N ALA C 226 -20.79 18.69 -17.77
CA ALA C 226 -19.64 18.63 -18.65
C ALA C 226 -18.52 17.75 -18.09
N GLY C 227 -18.22 17.88 -16.79
CA GLY C 227 -17.23 17.01 -16.18
C GLY C 227 -17.61 15.55 -16.27
N ASP C 228 -18.89 15.26 -16.07
CA ASP C 228 -19.43 13.91 -16.28
C ASP C 228 -19.26 13.44 -17.73
N ALA C 229 -19.36 14.36 -18.70
CA ALA C 229 -19.19 14.03 -20.12
C ALA C 229 -17.73 13.76 -20.49
N THR C 230 -16.80 14.60 -19.99
CA THR C 230 -15.39 14.42 -20.34
C THR C 230 -14.81 13.20 -19.66
N SER C 231 -15.25 12.91 -18.42
CA SER C 231 -14.95 11.65 -17.76
C SER C 231 -15.40 10.46 -18.61
N ARG C 232 -16.60 10.54 -19.17
CA ARG C 232 -17.12 9.44 -19.97
C ARG C 232 -16.29 9.22 -21.23
N GLY C 233 -15.75 10.30 -21.80
CA GLY C 233 -14.88 10.15 -22.97
C GLY C 233 -13.58 9.42 -22.64
N VAL C 234 -13.00 9.71 -21.47
CA VAL C 234 -11.86 8.94 -21.02
C VAL C 234 -12.20 7.46 -20.95
N ARG C 235 -13.34 7.14 -20.34
CA ARG C 235 -13.69 5.74 -20.16
C ARG C 235 -13.91 5.05 -21.50
N LEU C 236 -14.52 5.76 -22.47
CA LEU C 236 -14.74 5.17 -23.79
C LEU C 236 -13.44 5.02 -24.57
N ALA C 237 -12.52 5.99 -24.44
CA ALA C 237 -11.21 5.85 -25.04
C ALA C 237 -10.52 4.58 -24.53
N ASP C 238 -10.54 4.38 -23.21
CA ASP C 238 -10.00 3.19 -22.58
C ASP C 238 -10.60 1.90 -23.16
N ILE C 239 -11.92 1.89 -23.37
CA ILE C 239 -12.56 0.72 -23.93
C ILE C 239 -12.03 0.44 -25.33
N ALA C 240 -11.87 1.49 -26.14
CA ALA C 240 -11.32 1.32 -27.49
C ALA C 240 -9.88 0.81 -27.45
N LEU C 241 -9.03 1.42 -26.61
CA LEU C 241 -7.65 0.97 -26.52
C LEU C 241 -7.56 -0.47 -26.01
N ARG C 242 -8.61 -0.96 -25.30
CA ARG C 242 -8.72 -2.38 -25.00
C ARG C 242 -9.16 -3.22 -26.22
N GLY C 243 -9.31 -2.60 -27.38
CA GLY C 243 -9.60 -3.35 -28.60
C GLY C 243 -11.07 -3.61 -28.83
N GLU C 244 -11.97 -2.92 -28.13
CA GLU C 244 -13.41 -3.16 -28.34
C GLU C 244 -13.78 -2.70 -29.75
N MET C 245 -14.65 -3.44 -30.42
CA MET C 245 -14.97 -3.16 -31.85
C MET C 245 -15.88 -1.94 -31.96
N GLY C 246 -15.91 -1.35 -33.15
CA GLY C 246 -16.71 -0.16 -33.40
C GLY C 246 -18.14 -0.45 -33.80
N ILE C 247 -18.87 0.63 -34.08
CA ILE C 247 -20.23 0.62 -34.65
C ILE C 247 -20.19 1.58 -35.83
N PRO C 248 -19.89 1.11 -37.04
CA PRO C 248 -19.49 2.05 -38.11
C PRO C 248 -20.62 2.89 -38.69
N GLY C 249 -21.85 2.38 -38.77
CA GLY C 249 -22.93 3.22 -39.25
C GLY C 249 -23.70 3.93 -38.14
N VAL C 250 -23.00 4.38 -37.11
CA VAL C 250 -23.66 4.83 -35.87
C VAL C 250 -24.59 6.02 -36.14
N LEU C 251 -24.15 6.97 -36.95
CA LEU C 251 -25.00 8.09 -37.30
C LEU C 251 -26.07 7.69 -38.31
N SER C 252 -25.69 6.92 -39.34
CA SER C 252 -26.49 6.90 -40.56
C SER C 252 -27.37 5.67 -40.73
N ALA C 253 -27.21 4.64 -39.90
CA ALA C 253 -28.05 3.45 -40.00
C ALA C 253 -29.53 3.84 -40.00
N PRO C 254 -30.33 3.32 -40.93
CA PRO C 254 -31.78 3.57 -40.89
C PRO C 254 -32.40 2.99 -39.64
N GLN C 255 -33.35 3.74 -39.08
CA GLN C 255 -34.13 3.37 -37.90
C GLN C 255 -33.34 3.31 -36.58
N TRP C 256 -32.07 2.89 -36.59
CA TRP C 256 -31.37 2.67 -35.34
C TRP C 256 -30.23 3.64 -35.07
N GLY C 257 -29.79 4.40 -36.06
CA GLY C 257 -28.67 5.29 -35.88
C GLY C 257 -29.06 6.65 -35.31
N PHE C 258 -28.01 7.43 -35.02
CA PHE C 258 -28.16 8.69 -34.31
C PHE C 258 -29.10 9.64 -35.06
N TYR C 259 -28.91 9.75 -36.38
CA TYR C 259 -29.67 10.73 -37.16
C TYR C 259 -31.17 10.49 -37.07
N ASP C 260 -31.60 9.22 -37.23
CA ASP C 260 -33.02 8.88 -37.25
C ASP C 260 -33.64 8.98 -35.86
N VAL C 261 -32.99 8.42 -34.86
CA VAL C 261 -33.59 8.39 -33.53
C VAL C 261 -33.50 9.77 -32.87
N LEU C 262 -32.36 10.46 -32.99
CA LEU C 262 -32.11 11.63 -32.15
C LEU C 262 -31.98 12.96 -32.88
N PHE C 263 -31.62 12.98 -34.16
CA PHE C 263 -31.38 14.26 -34.81
C PHE C 263 -32.47 14.64 -35.81
N SER C 264 -33.60 13.93 -35.82
CA SER C 264 -34.62 14.07 -36.86
C SER C 264 -35.87 14.82 -36.43
N HIS C 265 -35.93 15.34 -35.21
CA HIS C 265 -37.13 16.02 -34.73
C HIS C 265 -36.74 17.25 -33.93
N THR C 266 -37.60 18.27 -33.95
CA THR C 266 -37.42 19.45 -33.11
C THR C 266 -38.40 19.35 -31.94
N SER C 267 -37.89 19.49 -30.71
CA SER C 267 -38.72 19.12 -29.57
C SER C 267 -39.69 20.22 -29.13
N LYS C 268 -39.54 21.45 -29.62
CA LYS C 268 -40.49 22.50 -29.25
C LYS C 268 -41.86 22.24 -29.83
N ASP C 269 -41.94 21.60 -30.99
CA ASP C 269 -43.19 21.35 -31.67
C ASP C 269 -43.41 19.89 -32.07
N LEU C 270 -42.42 19.02 -31.86
CA LEU C 270 -42.46 17.58 -32.22
C LEU C 270 -42.38 17.33 -33.73
N ALA C 271 -42.11 18.37 -34.52
CA ALA C 271 -42.08 18.25 -35.97
C ALA C 271 -40.87 17.44 -36.41
N THR C 272 -40.98 16.89 -37.63
CA THR C 272 -39.87 16.19 -38.29
C THR C 272 -39.14 17.16 -39.19
N LYS C 273 -37.81 17.13 -39.13
CA LYS C 273 -37.00 17.96 -40.01
C LYS C 273 -37.15 17.52 -41.46
N PRO C 274 -36.94 18.45 -42.41
CA PRO C 274 -36.82 18.06 -43.82
C PRO C 274 -35.66 17.10 -44.02
N GLU C 275 -35.72 16.34 -45.12
CA GLU C 275 -34.80 15.22 -45.31
C GLU C 275 -33.35 15.67 -45.33
N ASP C 276 -33.05 16.77 -46.01
CA ASP C 276 -31.67 17.24 -46.17
C ASP C 276 -31.10 17.90 -44.91
N LYS C 277 -31.85 17.94 -43.82
CA LYS C 277 -31.41 18.47 -42.54
C LYS C 277 -31.35 17.40 -41.47
N ARG C 278 -31.55 16.13 -41.83
CA ARG C 278 -31.38 15.00 -40.91
C ARG C 278 -29.94 14.50 -40.85
N ARG C 279 -28.98 15.43 -40.85
CA ARG C 279 -27.56 15.10 -40.84
C ARG C 279 -26.81 16.30 -40.30
N PHE C 280 -25.53 16.11 -40.03
CA PHE C 280 -24.70 17.22 -39.56
C PHE C 280 -24.28 18.07 -40.76
N SER C 281 -24.14 19.36 -40.53
CA SER C 281 -23.75 20.37 -41.53
C SER C 281 -22.43 21.00 -41.14
N PHE C 282 -21.58 21.31 -42.10
CA PHE C 282 -20.28 21.93 -41.79
C PHE C 282 -19.95 23.01 -42.82
N PRO C 283 -19.58 24.21 -42.40
CA PRO C 283 -19.11 25.24 -43.34
C PRO C 283 -17.59 25.34 -43.47
N GLN C 284 -16.83 24.52 -42.74
CA GLN C 284 -15.38 24.49 -42.87
C GLN C 284 -14.88 23.17 -42.28
N GLY C 285 -13.65 22.81 -42.61
CA GLY C 285 -13.02 21.66 -42.02
C GLY C 285 -12.43 22.00 -40.66
N TYR C 286 -11.57 21.11 -40.16
CA TYR C 286 -11.03 21.21 -38.82
C TYR C 286 -9.61 21.76 -38.85
N GLY C 287 -9.41 22.90 -38.21
CA GLY C 287 -8.06 23.46 -38.08
C GLY C 287 -7.68 23.84 -36.66
N SER C 288 -7.35 25.11 -36.47
CA SER C 288 -7.16 25.68 -35.14
C SER C 288 -8.02 26.94 -35.00
N TYR C 289 -9.11 27.00 -35.76
CA TYR C 289 -9.97 28.17 -35.78
C TYR C 289 -10.64 28.45 -34.42
N VAL C 290 -11.15 27.42 -33.75
CA VAL C 290 -12.01 27.68 -32.58
C VAL C 290 -11.20 28.29 -31.44
N MET C 291 -10.00 27.75 -31.18
CA MET C 291 -9.19 28.26 -30.08
C MET C 291 -8.71 29.67 -30.38
N GLU C 292 -8.37 29.97 -31.64
CA GLU C 292 -7.98 31.33 -31.97
C GLU C 292 -9.11 32.33 -31.71
N ASN C 293 -10.36 31.89 -31.76
CA ASN C 293 -11.53 32.76 -31.68
C ASN C 293 -12.37 32.57 -30.41
N VAL C 294 -11.87 31.83 -29.42
CA VAL C 294 -12.71 31.52 -28.27
C VAL C 294 -12.94 32.79 -27.45
N LEU C 295 -14.04 32.82 -26.71
CA LEU C 295 -14.39 33.97 -25.89
C LEU C 295 -14.00 33.69 -24.43
N PHE C 296 -13.38 34.68 -23.78
CA PHE C 296 -13.10 34.59 -22.34
C PHE C 296 -13.97 35.57 -21.55
N LYS C 297 -14.33 35.18 -20.33
CA LYS C 297 -15.09 36.05 -19.42
C LYS C 297 -14.09 36.79 -18.51
N ILE C 298 -13.83 38.06 -18.81
CA ILE C 298 -12.78 38.82 -18.13
C ILE C 298 -13.24 40.26 -17.98
N SER C 299 -14.53 40.49 -18.16
CA SER C 299 -15.06 41.85 -18.14
C SER C 299 -16.16 42.00 -17.10
N PHE C 300 -17.18 42.81 -17.41
CA PHE C 300 -18.29 42.99 -16.50
C PHE C 300 -19.00 41.66 -16.32
N PRO C 301 -19.61 41.43 -15.15
CA PRO C 301 -20.68 40.42 -15.07
C PRO C 301 -21.83 40.81 -15.98
N ALA C 302 -21.87 40.27 -17.19
CA ALA C 302 -22.93 40.60 -18.12
C ALA C 302 -23.07 39.47 -19.13
N GLU C 303 -24.29 39.21 -19.54
CA GLU C 303 -24.48 38.22 -20.59
C GLU C 303 -23.75 38.70 -21.85
N PHE C 304 -23.11 37.77 -22.56
CA PHE C 304 -22.16 38.15 -23.62
C PHE C 304 -22.79 39.03 -24.68
N HIS C 305 -24.07 38.80 -24.99
CA HIS C 305 -24.73 39.61 -26.01
C HIS C 305 -24.95 41.05 -25.58
N ALA C 306 -24.75 41.38 -24.31
CA ALA C 306 -24.87 42.76 -23.81
C ALA C 306 -23.52 43.40 -23.48
N GLN C 307 -22.44 42.65 -23.54
CA GLN C 307 -21.11 43.18 -23.14
C GLN C 307 -20.81 44.53 -23.80
N THR C 308 -20.98 44.64 -25.11
CA THR C 308 -20.67 45.87 -25.81
C THR C 308 -21.71 46.97 -25.55
N ALA C 309 -22.98 46.60 -25.36
CA ALA C 309 -23.99 47.58 -24.97
C ALA C 309 -23.62 48.24 -23.63
N ALA C 310 -23.28 47.42 -22.61
CA ALA C 310 -22.77 47.94 -21.35
C ALA C 310 -21.54 48.84 -21.56
N GLU C 311 -20.61 48.40 -22.41
CA GLU C 311 -19.43 49.19 -22.68
C GLU C 311 -19.80 50.53 -23.31
N ALA C 312 -20.66 50.51 -24.32
CA ALA C 312 -21.15 51.77 -24.89
C ALA C 312 -21.78 52.65 -23.82
N ALA C 313 -22.60 52.05 -22.95
CA ALA C 313 -23.30 52.84 -21.95
C ALA C 313 -22.32 53.42 -20.93
N VAL C 314 -21.19 52.75 -20.69
CA VAL C 314 -20.21 53.30 -19.74
C VAL C 314 -19.57 54.54 -20.34
N ARG C 315 -19.36 54.54 -21.64
CA ARG C 315 -18.77 55.68 -22.31
C ARG C 315 -19.78 56.81 -22.49
N LEU C 316 -21.07 56.48 -22.64
CA LEU C 316 -22.10 57.53 -22.69
C LEU C 316 -22.30 58.20 -21.34
N HIS C 317 -22.02 57.51 -20.24
CA HIS C 317 -22.35 58.00 -18.90
C HIS C 317 -21.93 59.43 -18.63
N PRO C 318 -20.67 59.85 -18.88
CA PRO C 318 -20.28 61.25 -18.60
C PRO C 318 -21.03 62.29 -19.42
N LEU C 319 -21.50 61.91 -20.62
CA LEU C 319 -22.30 62.79 -21.47
C LEU C 319 -23.75 62.91 -21.04
N VAL C 320 -24.18 62.09 -20.09
CA VAL C 320 -25.57 62.10 -19.66
C VAL C 320 -25.75 62.25 -18.16
N LYS C 321 -24.72 62.06 -17.34
CA LYS C 321 -24.96 61.95 -15.90
C LYS C 321 -25.59 63.20 -15.31
N ASP C 322 -25.36 64.37 -15.92
CA ASP C 322 -25.94 65.61 -15.43
C ASP C 322 -27.28 65.94 -16.10
N ARG C 323 -27.77 65.08 -16.98
CA ARG C 323 -29.08 65.31 -17.60
C ARG C 323 -29.86 64.02 -17.65
N LEU C 324 -29.81 63.23 -16.57
CA LEU C 324 -30.47 61.94 -16.57
C LEU C 324 -31.98 62.09 -16.66
N GLN C 325 -32.55 63.13 -16.07
CA GLN C 325 -33.99 63.31 -16.12
C GLN C 325 -34.46 64.08 -17.35
N ARG C 326 -33.55 64.44 -18.25
CA ARG C 326 -33.92 65.06 -19.52
C ARG C 326 -33.95 64.05 -20.67
N ILE C 327 -33.64 62.78 -20.43
CA ILE C 327 -33.65 61.78 -21.49
C ILE C 327 -35.08 61.51 -21.93
N SER C 328 -35.31 61.51 -23.24
CA SER C 328 -36.60 61.08 -23.76
C SER C 328 -36.53 59.79 -24.56
N ARG C 329 -35.38 59.44 -25.12
CA ARG C 329 -35.26 58.22 -25.90
C ARG C 329 -33.84 57.67 -25.81
N ILE C 330 -33.73 56.36 -25.63
CA ILE C 330 -32.47 55.62 -25.72
C ILE C 330 -32.66 54.56 -26.80
N VAL C 331 -31.83 54.61 -27.86
CA VAL C 331 -31.90 53.66 -28.97
C VAL C 331 -30.71 52.73 -28.89
N ILE C 332 -30.99 51.43 -28.75
CA ILE C 332 -29.99 50.38 -28.71
C ILE C 332 -30.06 49.64 -30.04
N THR C 333 -29.04 49.83 -30.87
CA THR C 333 -28.95 49.18 -32.16
C THR C 333 -28.09 47.94 -32.01
N THR C 334 -28.68 46.78 -32.27
CA THR C 334 -28.09 45.52 -31.83
C THR C 334 -28.27 44.46 -32.91
N HIS C 335 -27.84 43.25 -32.58
CA HIS C 335 -27.88 42.13 -33.49
C HIS C 335 -29.00 41.17 -33.10
N GLU C 336 -29.42 40.39 -34.10
CA GLU C 336 -30.59 39.54 -34.04
C GLU C 336 -30.58 38.60 -32.83
N SER C 337 -29.45 37.97 -32.56
CA SER C 337 -29.40 37.01 -31.45
C SER C 337 -29.64 37.71 -30.12
N ALA C 338 -29.12 38.94 -29.97
CA ALA C 338 -29.34 39.64 -28.71
C ALA C 338 -30.83 39.92 -28.51
N ILE C 339 -31.51 40.34 -29.57
CA ILE C 339 -32.93 40.63 -29.46
C ILE C 339 -33.68 39.39 -29.00
N ARG C 340 -33.38 38.24 -29.62
CA ARG C 340 -34.10 37.03 -29.28
C ARG C 340 -33.82 36.57 -27.86
N ILE C 341 -32.59 36.73 -27.38
CA ILE C 341 -32.23 36.10 -26.13
C ILE C 341 -32.42 37.02 -24.93
N ILE C 342 -32.11 38.31 -25.05
CA ILE C 342 -32.04 39.12 -23.83
C ILE C 342 -32.85 40.42 -23.90
N SER C 343 -33.70 40.60 -24.91
CA SER C 343 -34.60 41.74 -24.84
C SER C 343 -35.83 41.39 -24.00
N LYS C 344 -35.99 42.09 -22.88
CA LYS C 344 -37.14 41.91 -22.01
C LYS C 344 -37.64 43.29 -21.59
N VAL C 345 -38.95 43.43 -21.57
CA VAL C 345 -39.58 44.60 -21.00
C VAL C 345 -40.40 44.11 -19.82
N GLY C 346 -40.65 45.03 -18.87
CA GLY C 346 -41.49 44.74 -17.74
C GLY C 346 -40.72 44.39 -16.49
N PRO C 347 -41.42 43.80 -15.51
CA PRO C 347 -40.81 43.50 -14.21
C PRO C 347 -39.67 42.51 -14.33
N LEU C 348 -38.67 42.72 -13.46
CA LEU C 348 -37.52 41.84 -13.35
C LEU C 348 -37.48 41.32 -11.91
N ALA C 349 -37.93 40.09 -11.68
CA ALA C 349 -38.21 39.62 -10.32
C ALA C 349 -36.95 39.29 -9.53
N ASN C 350 -35.89 38.84 -10.18
CA ASN C 350 -34.73 38.41 -9.40
C ASN C 350 -33.42 38.67 -10.15
N PRO C 351 -32.24 38.38 -9.56
CA PRO C 351 -30.99 38.70 -10.29
C PRO C 351 -30.86 38.00 -11.63
N ALA C 352 -31.32 36.77 -11.78
CA ALA C 352 -31.18 36.08 -13.06
C ALA C 352 -31.88 36.84 -14.20
N ASP C 353 -33.06 37.37 -13.94
CA ASP C 353 -33.77 38.18 -14.93
C ASP C 353 -32.95 39.42 -15.32
N ARG C 354 -32.38 40.13 -14.34
CA ARG C 354 -31.63 41.34 -14.66
C ARG C 354 -30.37 41.01 -15.46
N ASP C 355 -29.65 39.97 -15.03
CA ASP C 355 -28.56 39.27 -15.70
C ASP C 355 -28.78 39.04 -17.18
N HIS C 356 -30.04 38.89 -17.58
CA HIS C 356 -30.39 38.52 -18.94
C HIS C 356 -31.33 39.52 -19.56
N CYS C 357 -31.22 40.79 -19.17
CA CYS C 357 -32.06 41.84 -19.70
C CYS C 357 -31.15 42.90 -20.29
N LEU C 358 -31.09 42.93 -21.64
CA LEU C 358 -30.29 43.92 -22.36
C LEU C 358 -30.53 45.33 -21.84
N GLN C 359 -31.81 45.71 -21.70
CA GLN C 359 -32.18 47.05 -21.25
C GLN C 359 -31.65 47.36 -19.85
N TYR C 360 -31.75 46.40 -18.92
CA TYR C 360 -31.27 46.64 -17.57
C TYR C 360 -29.74 46.76 -17.56
N MET C 361 -29.05 45.96 -18.38
CA MET C 361 -27.60 46.00 -18.45
C MET C 361 -27.07 47.20 -19.24
N THR C 362 -27.95 47.93 -19.93
CA THR C 362 -27.59 49.21 -20.53
C THR C 362 -27.95 50.38 -19.63
N ALA C 363 -29.08 50.29 -18.91
CA ALA C 363 -29.51 51.39 -18.06
C ALA C 363 -28.56 51.63 -16.91
N VAL C 364 -28.10 50.55 -16.26
CA VAL C 364 -27.29 50.70 -15.05
C VAL C 364 -25.98 51.43 -15.34
N PRO C 365 -25.17 51.05 -16.34
CA PRO C 365 -23.97 51.86 -16.66
C PRO C 365 -24.27 53.31 -17.03
N LEU C 366 -25.34 53.56 -17.80
CA LEU C 366 -25.71 54.93 -18.13
C LEU C 366 -25.86 55.79 -16.88
N ILE C 367 -26.56 55.26 -15.88
CA ILE C 367 -26.82 56.04 -14.68
C ILE C 367 -25.59 56.07 -13.79
N PHE C 368 -24.90 54.94 -13.62
CA PHE C 368 -23.92 54.80 -12.56
C PHE C 368 -22.47 54.73 -13.03
N GLY C 369 -22.22 54.58 -14.32
CA GLY C 369 -20.86 54.58 -14.83
C GLY C 369 -20.13 53.25 -14.75
N ASP C 370 -20.78 52.20 -14.29
CA ASP C 370 -20.16 50.90 -14.13
C ASP C 370 -21.25 49.84 -14.14
N LEU C 371 -20.86 48.57 -14.04
CA LEU C 371 -21.81 47.46 -14.01
C LEU C 371 -21.15 46.33 -13.23
N VAL C 372 -21.58 46.14 -11.99
CA VAL C 372 -20.97 45.18 -11.07
C VAL C 372 -22.07 44.25 -10.59
N ALA C 373 -21.65 43.14 -9.97
CA ALA C 373 -22.58 42.10 -9.56
C ALA C 373 -23.62 42.62 -8.58
N GLU C 374 -23.22 43.56 -7.70
CA GLU C 374 -24.13 44.17 -6.74
C GLU C 374 -25.37 44.74 -7.44
N HIS C 375 -25.18 45.31 -8.62
CA HIS C 375 -26.25 45.99 -9.34
C HIS C 375 -27.40 45.08 -9.65
N TYR C 376 -27.18 43.76 -9.65
CA TYR C 376 -28.26 42.85 -10.02
C TYR C 376 -29.15 42.47 -8.85
N GLU C 377 -28.84 42.92 -7.63
CA GLU C 377 -29.58 42.44 -6.46
C GLU C 377 -30.93 43.15 -6.30
N ASP C 378 -31.86 42.46 -5.65
CA ASP C 378 -33.22 42.98 -5.43
C ASP C 378 -33.19 44.33 -4.72
N ALA C 379 -32.36 44.46 -3.69
CA ALA C 379 -32.31 45.72 -2.94
C ALA C 379 -31.84 46.87 -3.83
N PHE C 380 -30.86 46.63 -4.70
CA PHE C 380 -30.34 47.71 -5.54
C PHE C 380 -31.40 48.20 -6.54
N HIS C 381 -32.02 47.26 -7.25
CA HIS C 381 -33.03 47.61 -8.23
C HIS C 381 -34.18 48.39 -7.58
N ALA C 382 -34.61 47.96 -6.39
CA ALA C 382 -35.79 48.58 -5.77
C ALA C 382 -35.50 49.99 -5.30
N ALA C 383 -34.24 50.29 -5.00
CA ALA C 383 -33.84 51.62 -4.58
C ALA C 383 -33.63 52.59 -5.73
N HIS C 384 -33.63 52.13 -6.98
CA HIS C 384 -33.34 53.03 -8.11
C HIS C 384 -34.35 52.86 -9.25
N PRO C 385 -35.59 53.36 -9.05
CA PRO C 385 -36.58 53.34 -10.15
C PRO C 385 -36.15 54.08 -11.40
N LEU C 386 -35.20 55.02 -11.33
CA LEU C 386 -34.67 55.62 -12.56
C LEU C 386 -34.26 54.55 -13.57
N ILE C 387 -33.74 53.41 -13.09
CA ILE C 387 -33.40 52.30 -13.97
C ILE C 387 -34.58 51.95 -14.86
N ASP C 388 -35.77 51.76 -14.25
CA ASP C 388 -36.95 51.34 -15.00
C ASP C 388 -37.50 52.46 -15.85
N ARG C 389 -37.35 53.71 -15.43
CA ARG C 389 -37.80 54.82 -16.26
C ARG C 389 -36.98 54.87 -17.55
N LEU C 390 -35.68 54.57 -17.47
CA LEU C 390 -34.85 54.54 -18.68
C LEU C 390 -35.14 53.31 -19.54
N ARG C 391 -35.32 52.13 -18.92
CA ARG C 391 -35.72 50.94 -19.68
C ARG C 391 -36.93 51.24 -20.53
N GLU C 392 -37.90 51.95 -19.97
CA GLU C 392 -39.12 52.34 -20.68
C GLU C 392 -38.83 53.24 -21.88
N LYS C 393 -37.69 53.92 -21.92
CA LYS C 393 -37.37 54.80 -23.04
C LYS C 393 -36.49 54.13 -24.06
N MET C 394 -36.25 52.85 -23.89
CA MET C 394 -35.29 52.13 -24.72
C MET C 394 -36.00 51.51 -25.90
N GLU C 395 -35.61 51.97 -27.09
CA GLU C 395 -36.06 51.42 -28.35
C GLU C 395 -34.97 50.50 -28.93
N ILE C 396 -35.37 49.29 -29.31
CA ILE C 396 -34.46 48.20 -29.67
C ILE C 396 -34.53 48.03 -31.20
N VAL C 397 -33.44 48.32 -31.89
CA VAL C 397 -33.41 48.28 -33.35
C VAL C 397 -32.42 47.23 -33.81
N GLU C 398 -32.79 46.45 -34.82
CA GLU C 398 -31.87 45.48 -35.38
C GLU C 398 -31.09 46.12 -36.51
N GLU C 399 -29.77 46.00 -36.43
CA GLU C 399 -28.89 46.47 -37.48
C GLU C 399 -28.56 45.27 -38.36
N PRO C 400 -28.98 45.23 -39.63
CA PRO C 400 -28.73 44.05 -40.46
C PRO C 400 -27.25 43.71 -40.60
N ARG C 401 -26.37 44.72 -40.63
CA ARG C 401 -24.95 44.43 -40.69
C ARG C 401 -24.50 43.69 -39.43
N TYR C 402 -25.00 44.08 -38.26
CA TYR C 402 -24.56 43.43 -37.01
C TYR C 402 -24.98 41.97 -36.96
N SER C 403 -26.20 41.67 -37.41
CA SER C 403 -26.64 40.27 -37.44
C SER C 403 -25.80 39.45 -38.38
N ARG C 404 -25.38 40.04 -39.50
CA ARG C 404 -24.65 39.26 -40.51
C ARG C 404 -23.22 39.00 -40.07
N GLU C 405 -22.55 40.01 -39.52
CA GLU C 405 -21.19 39.82 -39.06
C GLU C 405 -21.12 39.02 -37.77
N TYR C 406 -22.24 38.91 -37.05
CA TYR C 406 -22.33 37.94 -35.97
C TYR C 406 -22.04 36.54 -36.46
N LEU C 407 -22.44 36.24 -37.69
CA LEU C 407 -22.31 34.92 -38.26
C LEU C 407 -21.06 34.77 -39.13
N GLU C 408 -20.49 35.86 -39.62
CA GLU C 408 -19.38 35.78 -40.58
C GLU C 408 -18.15 35.22 -39.90
N ALA C 409 -17.61 34.14 -40.49
CA ALA C 409 -16.51 33.39 -39.88
C ALA C 409 -15.29 34.25 -39.56
N ASP C 410 -15.02 35.25 -40.38
CA ASP C 410 -13.87 36.14 -40.23
C ASP C 410 -14.12 37.32 -39.30
N LYS C 411 -15.31 37.43 -38.68
CA LYS C 411 -15.58 38.53 -37.75
C LYS C 411 -16.10 38.03 -36.40
N ARG C 412 -17.25 37.36 -36.40
CA ARG C 412 -17.94 36.93 -35.16
C ARG C 412 -18.00 38.09 -34.18
N SER C 413 -18.52 39.22 -34.68
CA SER C 413 -18.80 40.34 -33.82
C SER C 413 -19.96 40.00 -32.88
N ILE C 414 -20.12 40.83 -31.84
CA ILE C 414 -21.28 40.79 -30.95
C ILE C 414 -21.58 42.25 -30.67
N ALA C 415 -22.12 42.94 -31.68
CA ALA C 415 -22.11 44.39 -31.76
C ALA C 415 -23.36 45.04 -31.17
N ASN C 416 -23.15 46.20 -30.55
CA ASN C 416 -24.21 47.03 -30.01
C ASN C 416 -23.79 48.49 -30.20
N ALA C 417 -24.77 49.33 -30.46
CA ALA C 417 -24.55 50.77 -30.53
C ALA C 417 -25.67 51.43 -29.76
N VAL C 418 -25.34 52.48 -29.01
CA VAL C 418 -26.29 53.17 -28.15
C VAL C 418 -26.27 54.65 -28.47
N GLU C 419 -27.45 55.22 -28.57
CA GLU C 419 -27.64 56.65 -28.77
C GLU C 419 -28.71 57.13 -27.82
N VAL C 420 -28.52 58.32 -27.23
CA VAL C 420 -29.45 58.87 -26.26
C VAL C 420 -29.95 60.21 -26.77
N PHE C 421 -31.27 60.40 -26.77
CA PHE C 421 -31.90 61.65 -27.18
C PHE C 421 -32.55 62.34 -25.99
N PHE C 422 -32.44 63.66 -25.94
CA PHE C 422 -32.95 64.41 -24.81
C PHE C 422 -34.30 65.04 -25.14
N ASP C 423 -34.91 65.66 -24.13
CA ASP C 423 -36.26 66.19 -24.30
C ASP C 423 -36.34 67.30 -25.36
N ASP C 424 -35.26 68.08 -25.54
CA ASP C 424 -35.23 69.12 -26.57
C ASP C 424 -34.83 68.62 -27.95
N GLY C 425 -34.66 67.30 -28.12
CA GLY C 425 -34.37 66.74 -29.41
C GLY C 425 -32.90 66.59 -29.74
N SER C 426 -31.99 67.13 -28.92
CA SER C 426 -30.57 66.97 -29.15
C SER C 426 -30.14 65.55 -28.80
N SER C 427 -28.87 65.23 -29.01
CA SER C 427 -28.45 63.83 -28.97
C SER C 427 -26.97 63.70 -28.69
N THR C 428 -26.60 62.56 -28.09
CA THR C 428 -25.20 62.27 -27.78
C THR C 428 -24.40 61.86 -29.01
N GLY C 429 -25.04 61.47 -30.10
CA GLY C 429 -24.35 60.75 -31.14
C GLY C 429 -24.32 59.27 -30.81
N GLN C 430 -23.93 58.47 -31.79
CA GLN C 430 -23.90 57.03 -31.57
C GLN C 430 -22.53 56.56 -31.10
N VAL C 431 -22.55 55.67 -30.13
CA VAL C 431 -21.39 54.95 -29.62
C VAL C 431 -21.62 53.50 -29.97
N ALA C 432 -20.89 53.02 -30.98
CA ALA C 432 -20.94 51.65 -31.42
C ALA C 432 -19.69 50.95 -30.94
N VAL C 433 -19.88 49.79 -30.29
CA VAL C 433 -18.80 48.89 -29.93
C VAL C 433 -19.12 47.57 -30.60
N GLU C 434 -18.24 47.13 -31.50
CA GLU C 434 -18.57 45.92 -32.23
C GLU C 434 -18.03 44.66 -31.58
N TYR C 435 -16.94 44.73 -30.82
CA TYR C 435 -16.27 43.58 -30.22
C TYR C 435 -16.13 43.73 -28.71
N PRO C 436 -16.48 42.71 -27.94
CA PRO C 436 -16.33 42.81 -26.49
C PRO C 436 -14.92 42.46 -26.03
N LEU C 437 -14.61 42.89 -24.82
CA LEU C 437 -13.47 42.35 -24.11
C LEU C 437 -13.69 40.85 -23.96
N GLY C 438 -12.63 40.09 -24.18
CA GLY C 438 -12.77 38.65 -24.28
C GLY C 438 -12.84 38.13 -25.69
N HIS C 439 -13.04 39.02 -26.67
CA HIS C 439 -13.01 38.68 -28.10
C HIS C 439 -11.58 38.66 -28.65
N ARG C 440 -11.39 37.90 -29.73
CA ARG C 440 -10.06 37.76 -30.32
C ARG C 440 -9.49 39.11 -30.77
N ARG C 441 -10.36 40.01 -31.27
CA ARG C 441 -9.90 41.29 -31.77
C ARG C 441 -9.34 42.16 -30.68
N ARG C 442 -9.65 41.88 -29.41
CA ARG C 442 -9.11 42.67 -28.32
C ARG C 442 -8.31 41.82 -27.35
N ARG C 443 -7.74 40.71 -27.82
CA ARG C 443 -6.84 39.91 -26.99
C ARG C 443 -5.81 40.78 -26.28
N ALA C 444 -5.26 41.77 -26.97
CA ALA C 444 -4.22 42.60 -26.41
C ALA C 444 -4.63 43.21 -25.07
N GLU C 445 -5.72 44.00 -25.05
CA GLU C 445 -6.16 44.56 -23.77
C GLU C 445 -6.73 43.50 -22.85
N GLY C 446 -7.27 42.41 -23.40
CA GLY C 446 -7.77 41.33 -22.56
C GLY C 446 -6.72 40.66 -21.68
N ILE C 447 -5.47 40.59 -22.15
CA ILE C 447 -4.36 39.89 -21.49
C ILE C 447 -4.22 40.36 -20.04
N PRO C 448 -3.97 41.64 -19.76
CA PRO C 448 -3.87 42.05 -18.34
C PRO C 448 -5.09 41.65 -17.53
N LEU C 449 -6.28 41.71 -18.12
CA LEU C 449 -7.48 41.34 -17.39
C LEU C 449 -7.52 39.85 -17.13
N LEU C 450 -7.27 39.05 -18.15
CA LEU C 450 -7.26 37.61 -17.94
C LEU C 450 -6.17 37.22 -16.94
N GLN C 451 -5.00 37.86 -17.02
CA GLN C 451 -3.93 37.54 -16.09
C GLN C 451 -4.27 37.94 -14.66
N GLU C 452 -4.98 39.05 -14.46
CA GLU C 452 -5.33 39.44 -13.09
C GLU C 452 -6.43 38.55 -12.50
N LYS C 453 -7.38 38.10 -13.33
CA LYS C 453 -8.37 37.13 -12.88
C LYS C 453 -7.70 35.81 -12.46
N PHE C 454 -6.74 35.33 -13.26
CA PHE C 454 -5.94 34.16 -12.87
C PHE C 454 -5.20 34.38 -11.55
N LYS C 455 -4.55 35.55 -11.39
CA LYS C 455 -3.76 35.78 -10.18
C LYS C 455 -4.64 35.79 -8.94
N ALA C 456 -5.79 36.45 -9.02
CA ALA C 456 -6.73 36.47 -7.89
C ALA C 456 -7.21 35.06 -7.57
N ASN C 457 -7.47 34.25 -8.60
CA ASN C 457 -7.98 32.92 -8.35
C ASN C 457 -6.92 32.02 -7.72
N LEU C 458 -5.66 32.11 -8.16
CA LEU C 458 -4.61 31.33 -7.51
C LEU C 458 -4.54 31.64 -6.03
N ALA C 459 -4.80 32.88 -5.65
CA ALA C 459 -4.56 33.33 -4.29
C ALA C 459 -5.64 32.83 -3.35
N THR C 460 -6.71 32.31 -3.90
CA THR C 460 -7.76 31.73 -3.05
C THR C 460 -7.33 30.34 -2.62
N ARG C 461 -6.36 29.75 -3.30
CA ARG C 461 -5.99 28.36 -2.97
C ARG C 461 -4.52 28.25 -2.58
N PHE C 462 -3.64 29.07 -3.13
CA PHE C 462 -2.23 28.83 -2.80
C PHE C 462 -1.63 30.02 -2.11
N PRO C 463 -0.53 29.80 -1.37
CA PRO C 463 0.17 30.88 -0.73
C PRO C 463 0.97 31.67 -1.78
N PRO C 464 1.39 32.91 -1.47
CA PRO C 464 2.08 33.75 -2.44
C PRO C 464 3.32 33.19 -3.15
N GLN C 465 4.20 32.48 -2.46
CA GLN C 465 5.41 31.96 -3.13
C GLN C 465 5.01 30.93 -4.18
N ARG C 466 4.04 30.06 -3.86
CA ARG C 466 3.59 29.09 -4.87
C ARG C 466 2.78 29.80 -5.95
N CYS C 467 2.00 30.83 -5.58
CA CYS C 467 1.26 31.59 -6.58
C CYS C 467 2.21 32.20 -7.60
N GLN C 468 3.31 32.81 -7.14
CA GLN C 468 4.25 33.43 -8.06
C GLN C 468 4.92 32.40 -8.94
N ARG C 469 5.25 31.25 -8.36
CA ARG C 469 5.93 30.20 -9.13
C ARG C 469 5.01 29.64 -10.20
N ILE C 470 3.73 29.42 -9.89
CA ILE C 470 2.78 28.94 -10.88
C ILE C 470 2.60 29.98 -11.98
N PHE C 471 2.50 31.26 -11.60
CA PHE C 471 2.25 32.30 -12.60
C PHE C 471 3.44 32.48 -13.54
N ASP C 472 4.68 32.51 -13.02
CA ASP C 472 5.86 32.67 -13.85
C ASP C 472 5.99 31.56 -14.88
N LEU C 473 5.61 30.34 -14.52
CA LEU C 473 5.63 29.25 -15.49
C LEU C 473 4.55 29.46 -16.55
N CYS C 474 3.33 29.79 -16.13
CA CYS C 474 2.23 29.84 -17.09
C CYS C 474 2.31 31.06 -18.02
N SER C 475 3.00 32.11 -17.60
CA SER C 475 3.14 33.34 -18.43
C SER C 475 4.29 33.23 -19.46
N HIS C 476 5.12 32.21 -19.39
CA HIS C 476 6.25 32.05 -20.35
C HIS C 476 5.97 30.85 -21.26
N GLN C 477 5.62 31.07 -22.53
CA GLN C 477 5.20 29.98 -23.41
C GLN C 477 6.28 28.90 -23.52
N ALA C 478 7.54 29.29 -23.73
CA ALA C 478 8.56 28.27 -23.98
C ALA C 478 8.74 27.35 -22.78
N SER C 479 8.89 27.95 -21.58
CA SER C 479 9.04 27.17 -20.36
C SER C 479 7.86 26.24 -20.13
N LEU C 480 6.62 26.76 -20.25
CA LEU C 480 5.45 25.92 -20.07
C LEU C 480 5.52 24.70 -20.98
N GLU C 481 5.65 24.94 -22.29
CA GLU C 481 5.61 23.85 -23.28
C GLU C 481 6.61 22.72 -23.02
N ALA C 482 7.77 23.05 -22.45
CA ALA C 482 8.80 22.07 -22.17
C ALA C 482 8.64 21.41 -20.81
N THR C 483 7.60 21.74 -20.05
CA THR C 483 7.46 21.18 -18.69
C THR C 483 6.78 19.82 -18.77
N PRO C 484 7.35 18.79 -18.17
CA PRO C 484 6.63 17.49 -18.11
C PRO C 484 5.31 17.65 -17.38
N VAL C 485 4.26 17.02 -17.93
CA VAL C 485 2.91 17.21 -17.39
C VAL C 485 2.86 16.78 -15.92
N ASN C 486 3.55 15.70 -15.57
CA ASN C 486 3.58 15.26 -14.18
C ASN C 486 4.20 16.32 -13.27
N ARG C 487 5.21 17.06 -13.78
CA ARG C 487 5.79 18.15 -12.99
C ARG C 487 4.86 19.35 -12.90
N PHE C 488 4.11 19.62 -13.97
CA PHE C 488 3.17 20.73 -13.92
C PHE C 488 2.08 20.45 -12.91
N MET C 489 1.69 19.18 -12.78
CA MET C 489 0.68 18.82 -11.81
C MET C 489 1.24 18.76 -10.39
N ASP C 490 2.55 18.55 -10.23
CA ASP C 490 3.15 18.62 -8.90
C ASP C 490 3.00 20.03 -8.33
N LEU C 491 3.11 21.04 -9.18
CA LEU C 491 2.97 22.43 -8.77
C LEU C 491 1.57 22.77 -8.28
N LEU C 492 0.58 22.09 -8.85
CA LEU C 492 -0.83 22.43 -8.54
C LEU C 492 -1.42 21.57 -7.42
N ALA C 493 -0.66 20.74 -6.73
CA ALA C 493 -1.32 19.88 -5.72
C ALA C 493 -1.37 20.48 -4.31
N ARG D 10 -41.41 25.21 -8.09
CA ARG D 10 -40.79 23.90 -8.37
C ARG D 10 -41.76 22.74 -8.13
N PRO D 11 -41.94 21.89 -9.15
CA PRO D 11 -42.99 20.88 -9.08
C PRO D 11 -42.65 19.72 -8.15
N ASP D 12 -43.67 18.93 -7.84
CA ASP D 12 -43.44 17.61 -7.30
C ASP D 12 -42.84 16.70 -8.37
N TYR D 13 -42.30 15.58 -7.91
CA TYR D 13 -41.75 14.61 -8.82
C TYR D 13 -42.87 13.98 -9.62
N ASP D 14 -42.61 13.75 -10.92
CA ASP D 14 -43.55 13.02 -11.76
C ASP D 14 -44.01 11.75 -11.06
N ALA D 15 -45.27 11.38 -11.29
CA ALA D 15 -45.90 10.32 -10.53
C ALA D 15 -45.25 8.96 -10.78
N VAL D 16 -44.74 8.72 -12.00
CA VAL D 16 -44.05 7.48 -12.30
C VAL D 16 -42.94 7.24 -11.28
N LEU D 17 -42.12 8.29 -11.06
CA LEU D 17 -41.02 8.19 -10.09
C LEU D 17 -41.55 7.96 -8.67
N GLN D 18 -42.61 8.65 -8.27
CA GLN D 18 -43.16 8.43 -6.94
C GLN D 18 -43.62 6.99 -6.73
N ASP D 19 -44.29 6.41 -7.73
CA ASP D 19 -44.74 5.03 -7.58
C ASP D 19 -43.57 4.06 -7.39
N ILE D 20 -42.45 4.27 -8.10
CA ILE D 20 -41.28 3.42 -7.93
C ILE D 20 -40.69 3.58 -6.52
N ALA D 21 -40.51 4.83 -6.07
CA ALA D 21 -39.88 5.04 -4.76
C ALA D 21 -40.72 4.46 -3.64
N ASP D 22 -42.04 4.69 -3.69
CA ASP D 22 -42.93 4.15 -2.68
C ASP D 22 -42.86 2.62 -2.64
N TYR D 23 -42.82 2.00 -3.82
CA TYR D 23 -42.66 0.56 -3.89
C TYR D 23 -41.34 0.12 -3.29
N VAL D 24 -40.23 0.75 -3.72
CA VAL D 24 -38.91 0.33 -3.26
C VAL D 24 -38.76 0.53 -1.76
N LEU D 25 -39.35 1.61 -1.22
CA LEU D 25 -39.19 1.85 0.21
C LEU D 25 -40.20 1.12 1.09
N ASP D 26 -41.48 1.04 0.68
CA ASP D 26 -42.54 0.60 1.60
C ASP D 26 -43.01 -0.83 1.39
N TYR D 27 -43.03 -1.32 0.16
CA TYR D 27 -43.55 -2.66 -0.14
C TYR D 27 -42.79 -3.74 0.63
N ARG D 28 -43.55 -4.66 1.23
CA ARG D 28 -42.97 -5.79 1.95
C ARG D 28 -43.28 -7.07 1.17
N ILE D 29 -42.23 -7.77 0.76
CA ILE D 29 -42.32 -8.98 -0.05
C ILE D 29 -42.88 -10.12 0.79
N ASP D 30 -44.00 -10.70 0.33
CA ASP D 30 -44.78 -11.69 1.06
C ASP D 30 -44.87 -13.02 0.32
N SER D 31 -44.08 -13.21 -0.73
CA SER D 31 -44.23 -14.35 -1.62
C SER D 31 -43.12 -15.36 -1.39
N THR D 32 -43.48 -16.54 -0.89
CA THR D 32 -42.52 -17.61 -0.73
C THR D 32 -41.91 -18.00 -2.08
N GLU D 33 -42.72 -17.95 -3.13
CA GLU D 33 -42.25 -18.41 -4.41
C GLU D 33 -41.25 -17.43 -5.00
N ALA D 34 -41.47 -16.13 -4.80
CA ALA D 34 -40.55 -15.15 -5.36
C ALA D 34 -39.19 -15.24 -4.68
N LEU D 35 -39.18 -15.46 -3.37
CA LEU D 35 -37.91 -15.62 -2.66
C LEU D 35 -37.22 -16.91 -3.05
N ASP D 36 -37.98 -17.94 -3.40
CA ASP D 36 -37.35 -19.20 -3.77
C ASP D 36 -36.84 -19.14 -5.20
N THR D 37 -37.63 -18.56 -6.09
CA THR D 37 -37.18 -18.38 -7.46
C THR D 37 -35.97 -17.43 -7.51
N ALA D 38 -35.90 -16.47 -6.57
CA ALA D 38 -34.79 -15.52 -6.58
C ALA D 38 -33.48 -16.21 -6.22
N ARG D 39 -33.52 -17.13 -5.25
CA ARG D 39 -32.33 -17.92 -4.93
C ARG D 39 -31.84 -18.68 -6.15
N ASN D 40 -32.78 -19.30 -6.89
CA ASN D 40 -32.37 -20.01 -8.09
C ASN D 40 -31.84 -19.04 -9.14
N CYS D 41 -32.46 -17.86 -9.25
CA CYS D 41 -31.97 -16.85 -10.18
C CYS D 41 -30.54 -16.43 -9.84
N LEU D 42 -30.23 -16.32 -8.54
CA LEU D 42 -28.91 -15.91 -8.09
C LEU D 42 -27.88 -16.97 -8.44
N MET D 43 -28.17 -18.24 -8.13
CA MET D 43 -27.37 -19.36 -8.63
C MET D 43 -27.12 -19.23 -10.13
N ASP D 44 -28.21 -19.20 -10.89
CA ASP D 44 -28.13 -19.25 -12.36
C ASP D 44 -27.31 -18.11 -12.92
N THR D 45 -27.60 -16.88 -12.49
CA THR D 45 -26.89 -15.71 -12.98
C THR D 45 -25.40 -15.79 -12.66
N LEU D 46 -25.06 -16.18 -11.43
CA LEU D 46 -23.65 -16.25 -11.06
C LEU D 46 -22.93 -17.31 -11.87
N GLY D 47 -23.59 -18.44 -12.09
CA GLY D 47 -23.02 -19.49 -12.92
C GLY D 47 -22.76 -19.00 -14.32
N CYS D 48 -23.71 -18.23 -14.88
CA CYS D 48 -23.44 -17.65 -16.19
C CYS D 48 -22.18 -16.82 -16.19
N GLY D 49 -21.97 -16.00 -15.14
CA GLY D 49 -20.81 -15.13 -15.13
C GLY D 49 -19.50 -15.90 -15.04
N LEU D 50 -19.47 -16.95 -14.23
CA LEU D 50 -18.28 -17.80 -14.16
C LEU D 50 -17.91 -18.32 -15.53
N LEU D 51 -18.89 -18.86 -16.25
CA LEU D 51 -18.65 -19.46 -17.56
C LEU D 51 -18.10 -18.40 -18.50
N ALA D 52 -18.56 -17.17 -18.37
CA ALA D 52 -18.10 -16.11 -19.25
C ALA D 52 -16.61 -15.82 -19.08
N LEU D 53 -15.99 -16.25 -17.97
CA LEU D 53 -14.56 -15.97 -17.75
C LEU D 53 -13.65 -16.83 -18.61
N ARG D 54 -14.21 -17.76 -19.40
CA ARG D 54 -13.45 -18.46 -20.41
C ARG D 54 -13.36 -17.68 -21.72
N PHE D 55 -13.88 -16.46 -21.76
CA PHE D 55 -13.99 -15.73 -23.01
C PHE D 55 -13.20 -14.42 -22.99
N PRO D 56 -12.08 -14.37 -23.72
CA PRO D 56 -11.21 -13.19 -23.66
C PRO D 56 -11.84 -11.89 -24.12
N GLU D 57 -12.77 -11.93 -25.09
CA GLU D 57 -13.45 -10.70 -25.45
C GLU D 57 -14.21 -10.11 -24.27
N CYS D 58 -14.59 -10.95 -23.30
CA CYS D 58 -15.23 -10.50 -22.07
C CYS D 58 -14.22 -10.13 -20.97
N THR D 59 -13.24 -10.99 -20.70
CA THR D 59 -12.27 -10.69 -19.64
C THR D 59 -11.43 -9.43 -19.90
N LYS D 60 -11.30 -8.98 -21.14
CA LYS D 60 -10.50 -7.77 -21.41
C LYS D 60 -11.11 -6.52 -20.79
N HIS D 61 -12.39 -6.57 -20.42
CA HIS D 61 -13.06 -5.42 -19.83
C HIS D 61 -12.91 -5.36 -18.32
N LEU D 62 -12.50 -6.46 -17.68
CA LEU D 62 -12.56 -6.59 -16.23
C LEU D 62 -11.29 -6.07 -15.54
N GLY D 63 -11.43 -5.76 -14.25
CA GLY D 63 -10.31 -5.37 -13.43
C GLY D 63 -10.31 -3.89 -13.09
N PRO D 64 -9.30 -3.46 -12.32
CA PRO D 64 -9.21 -2.03 -11.98
C PRO D 64 -8.88 -1.20 -13.20
N LEU D 65 -9.38 0.03 -13.23
CA LEU D 65 -8.97 0.93 -14.30
C LEU D 65 -7.46 1.15 -14.32
N VAL D 66 -6.79 1.12 -13.16
CA VAL D 66 -5.33 1.32 -13.07
C VAL D 66 -4.75 0.15 -12.30
N GLU D 67 -3.86 -0.60 -12.93
CA GLU D 67 -3.30 -1.82 -12.33
C GLU D 67 -2.67 -1.51 -10.97
N GLY D 68 -2.94 -2.38 -10.00
CA GLY D 68 -2.40 -2.19 -8.66
C GLY D 68 -3.18 -1.25 -7.78
N THR D 69 -4.35 -0.78 -8.23
CA THR D 69 -5.22 0.02 -7.39
C THR D 69 -5.65 -0.76 -6.13
N LEU D 70 -5.56 -0.13 -4.97
CA LEU D 70 -5.93 -0.74 -3.71
C LEU D 70 -7.19 -0.06 -3.19
N VAL D 71 -8.24 -0.85 -3.01
CA VAL D 71 -9.53 -0.34 -2.58
C VAL D 71 -9.83 -1.01 -1.25
N PRO D 72 -9.86 -0.25 -0.16
CA PRO D 72 -10.20 -0.84 1.13
C PRO D 72 -11.61 -1.39 1.06
N HIS D 73 -11.78 -2.61 1.55
CA HIS D 73 -13.09 -3.26 1.60
C HIS D 73 -13.77 -3.30 0.23
N GLY D 74 -12.98 -3.48 -0.83
CA GLY D 74 -13.52 -3.44 -2.17
C GLY D 74 -14.40 -4.64 -2.48
N ALA D 75 -15.44 -4.38 -3.28
CA ALA D 75 -16.34 -5.42 -3.78
C ALA D 75 -15.60 -6.39 -4.70
N ARG D 76 -15.89 -7.69 -4.52
CA ARG D 76 -15.25 -8.76 -5.27
C ARG D 76 -15.99 -9.04 -6.57
N VAL D 77 -15.27 -9.49 -7.57
CA VAL D 77 -15.89 -9.99 -8.80
C VAL D 77 -15.79 -11.52 -8.78
N PRO D 78 -16.91 -12.24 -8.70
CA PRO D 78 -16.88 -13.71 -8.57
C PRO D 78 -15.94 -14.39 -9.57
N GLY D 79 -15.27 -15.43 -9.09
CA GLY D 79 -14.32 -16.15 -9.91
C GLY D 79 -13.02 -15.43 -10.24
N THR D 80 -12.79 -14.21 -9.70
CA THR D 80 -11.55 -13.46 -9.94
C THR D 80 -10.90 -13.09 -8.60
N SER D 81 -9.74 -12.47 -8.67
CA SER D 81 -9.09 -11.89 -7.50
C SER D 81 -9.28 -10.38 -7.41
N PHE D 82 -10.09 -9.80 -8.30
CA PHE D 82 -10.31 -8.35 -8.33
C PHE D 82 -11.06 -7.88 -7.10
N ARG D 83 -10.51 -6.85 -6.42
CA ARG D 83 -11.22 -6.05 -5.40
C ARG D 83 -11.28 -4.61 -5.90
N LEU D 84 -12.49 -4.12 -6.15
CA LEU D 84 -12.70 -2.84 -6.84
C LEU D 84 -13.63 -1.95 -6.04
N ASP D 85 -13.75 -0.69 -6.47
CA ASP D 85 -14.88 0.10 -5.98
C ASP D 85 -16.19 -0.51 -6.48
N PRO D 86 -17.32 -0.20 -5.83
CA PRO D 86 -18.59 -0.81 -6.26
C PRO D 86 -18.98 -0.46 -7.68
N VAL D 87 -18.68 0.73 -8.18
CA VAL D 87 -19.06 1.08 -9.55
C VAL D 87 -18.33 0.21 -10.57
N LYS D 88 -17.02 -0.01 -10.41
CA LYS D 88 -16.34 -0.85 -11.38
C LYS D 88 -16.68 -2.33 -11.17
N ALA D 89 -16.85 -2.75 -9.92
CA ALA D 89 -17.27 -4.13 -9.65
C ALA D 89 -18.66 -4.40 -10.23
N ALA D 90 -19.56 -3.40 -10.16
CA ALA D 90 -20.88 -3.55 -10.76
C ALA D 90 -20.76 -3.74 -12.27
N TRP D 91 -19.90 -2.95 -12.92
CA TRP D 91 -19.63 -3.07 -14.35
C TRP D 91 -19.16 -4.47 -14.70
N ASP D 92 -18.20 -4.99 -13.93
CA ASP D 92 -17.66 -6.31 -14.25
C ASP D 92 -18.68 -7.39 -13.96
N ILE D 93 -19.42 -7.27 -12.85
CA ILE D 93 -20.37 -8.33 -12.58
C ILE D 93 -21.50 -8.31 -13.60
N GLY D 94 -22.00 -7.11 -13.93
CA GLY D 94 -23.07 -7.04 -14.91
C GLY D 94 -22.62 -7.51 -16.28
N CYS D 95 -21.33 -7.33 -16.57
CA CYS D 95 -20.76 -7.71 -17.85
C CYS D 95 -20.64 -9.22 -17.97
N ILE D 96 -20.10 -9.89 -16.95
CA ILE D 96 -19.87 -11.32 -17.07
C ILE D 96 -21.21 -12.08 -17.07
N VAL D 97 -22.18 -11.66 -16.26
CA VAL D 97 -23.39 -12.47 -16.14
C VAL D 97 -24.25 -12.38 -17.38
N ARG D 98 -24.05 -11.37 -18.22
CA ARG D 98 -24.80 -11.17 -19.45
C ARG D 98 -24.05 -11.60 -20.70
N TRP D 99 -22.73 -11.77 -20.60
CA TRP D 99 -21.88 -11.88 -21.79
C TRP D 99 -22.40 -12.97 -22.77
N LEU D 100 -22.64 -14.18 -22.29
CA LEU D 100 -22.97 -15.27 -23.18
C LEU D 100 -24.46 -15.41 -23.46
N ASP D 101 -25.28 -14.44 -23.04
CA ASP D 101 -26.72 -14.44 -23.35
C ASP D 101 -27.37 -15.71 -22.82
N TYR D 102 -27.02 -16.07 -21.60
CA TYR D 102 -27.38 -17.33 -21.00
C TYR D 102 -28.18 -17.15 -19.73
N ASN D 103 -28.48 -15.91 -19.34
CA ASN D 103 -29.16 -15.62 -18.08
C ASN D 103 -30.63 -15.31 -18.35
N ASP D 104 -31.38 -15.07 -17.27
CA ASP D 104 -32.83 -15.07 -17.35
C ASP D 104 -33.32 -13.94 -18.24
N THR D 105 -34.61 -13.98 -18.54
CA THR D 105 -35.20 -13.24 -19.65
C THR D 105 -36.62 -12.82 -19.28
N TRP D 106 -37.02 -11.67 -19.82
CA TRP D 106 -38.37 -11.15 -19.67
C TRP D 106 -38.84 -10.69 -21.03
N LEU D 107 -40.00 -11.19 -21.46
CA LEU D 107 -40.56 -10.90 -22.78
C LEU D 107 -41.93 -10.26 -22.62
N ALA D 108 -42.01 -8.95 -22.91
CA ALA D 108 -43.25 -8.19 -22.89
C ALA D 108 -43.23 -7.22 -24.05
N ALA D 109 -43.86 -6.04 -23.91
CA ALA D 109 -43.73 -5.04 -24.98
C ALA D 109 -42.28 -4.65 -25.22
N GLU D 110 -41.43 -4.76 -24.20
CA GLU D 110 -39.99 -4.60 -24.32
C GLU D 110 -39.34 -5.87 -23.78
N TRP D 111 -38.19 -6.21 -24.34
CA TRP D 111 -37.48 -7.43 -23.97
C TRP D 111 -36.30 -7.09 -23.06
N GLY D 112 -35.95 -8.03 -22.18
CA GLY D 112 -34.84 -7.74 -21.28
C GLY D 112 -34.40 -8.94 -20.46
N HIS D 113 -33.37 -8.69 -19.65
CA HIS D 113 -32.74 -9.71 -18.81
C HIS D 113 -32.52 -9.10 -17.44
N PRO D 114 -33.50 -9.24 -16.53
CA PRO D 114 -33.45 -8.48 -15.27
C PRO D 114 -32.41 -8.98 -14.26
N SER D 115 -31.94 -10.23 -14.39
CA SER D 115 -30.76 -10.68 -13.66
C SER D 115 -29.53 -9.79 -13.84
N ASP D 116 -29.46 -8.97 -14.92
CA ASP D 116 -28.35 -8.03 -15.10
C ASP D 116 -28.18 -7.10 -13.91
N ASN D 117 -29.29 -6.73 -13.26
CA ASN D 117 -29.24 -5.84 -12.11
C ASN D 117 -28.47 -6.43 -10.95
N LEU D 118 -28.05 -7.69 -11.03
CA LEU D 118 -27.30 -8.27 -9.92
C LEU D 118 -25.91 -7.67 -9.80
N GLY D 119 -25.37 -7.09 -10.88
CA GLY D 119 -24.07 -6.45 -10.78
C GLY D 119 -24.08 -5.29 -9.79
N GLY D 120 -25.05 -4.37 -9.97
CA GLY D 120 -25.20 -3.29 -9.02
C GLY D 120 -25.46 -3.79 -7.61
N ILE D 121 -26.39 -4.73 -7.49
CA ILE D 121 -26.82 -5.21 -6.18
C ILE D 121 -25.67 -5.85 -5.42
N LEU D 122 -25.02 -6.86 -6.03
CA LEU D 122 -23.95 -7.58 -5.34
C LEU D 122 -22.80 -6.66 -4.96
N ALA D 123 -22.35 -5.80 -5.88
CA ALA D 123 -21.17 -4.98 -5.59
C ALA D 123 -21.48 -3.96 -4.50
N VAL D 124 -22.66 -3.35 -4.54
CA VAL D 124 -23.00 -2.39 -3.49
C VAL D 124 -23.15 -3.12 -2.16
N ALA D 125 -23.84 -4.25 -2.14
CA ALA D 125 -24.07 -4.95 -0.87
C ALA D 125 -22.78 -5.56 -0.34
N ASP D 126 -21.88 -6.02 -1.22
CA ASP D 126 -20.62 -6.60 -0.78
C ASP D 126 -19.74 -5.55 -0.11
N HIS D 127 -19.57 -4.39 -0.76
CA HIS D 127 -18.72 -3.36 -0.20
C HIS D 127 -19.30 -2.81 1.10
N LEU D 128 -20.60 -2.51 1.10
CA LEU D 128 -21.27 -2.01 2.31
C LEU D 128 -21.12 -2.99 3.46
N SER D 129 -21.32 -4.29 3.19
CA SER D 129 -21.23 -5.27 4.27
C SER D 129 -19.86 -5.24 4.92
N GLN D 130 -18.80 -5.17 4.11
CA GLN D 130 -17.44 -5.13 4.63
C GLN D 130 -17.19 -3.86 5.44
N LYS D 131 -17.62 -2.70 4.94
CA LYS D 131 -17.36 -1.45 5.63
C LYS D 131 -18.11 -1.38 6.95
N ARG D 132 -19.32 -1.93 7.00
CA ARG D 132 -20.05 -1.98 8.26
C ARG D 132 -19.43 -2.96 9.24
N LEU D 133 -19.00 -4.13 8.75
CA LEU D 133 -18.35 -5.11 9.62
C LEU D 133 -17.15 -4.49 10.34
N ALA D 134 -16.31 -3.78 9.60
CA ALA D 134 -15.15 -3.11 10.17
C ALA D 134 -15.54 -2.04 11.18
N ASN D 135 -16.75 -1.48 11.08
CA ASN D 135 -17.22 -0.47 12.01
C ASN D 135 -17.94 -1.06 13.22
N GLY D 136 -18.04 -2.38 13.32
CA GLY D 136 -18.83 -2.99 14.34
C GLY D 136 -20.31 -2.98 14.06
N GLU D 137 -20.72 -2.42 12.94
CA GLU D 137 -22.12 -2.54 12.56
C GLU D 137 -22.36 -3.87 11.86
N ALA D 138 -23.63 -4.24 11.74
CA ALA D 138 -24.02 -5.50 11.14
C ALA D 138 -23.84 -5.43 9.62
N PRO D 139 -23.29 -6.47 9.00
CA PRO D 139 -23.26 -6.54 7.54
C PRO D 139 -24.65 -6.78 6.97
N LEU D 140 -24.76 -6.66 5.65
CA LEU D 140 -26.01 -6.99 4.98
C LEU D 140 -26.11 -8.50 4.81
N SER D 141 -27.33 -9.00 4.69
CA SER D 141 -27.54 -10.42 4.52
C SER D 141 -27.97 -10.70 3.10
N MET D 142 -27.79 -11.96 2.68
CA MET D 142 -28.21 -12.35 1.36
C MET D 142 -29.72 -12.25 1.19
N ARG D 143 -30.46 -12.31 2.30
CA ARG D 143 -31.89 -12.01 2.24
C ARG D 143 -32.15 -10.67 1.57
N GLN D 144 -31.33 -9.67 1.90
CA GLN D 144 -31.52 -8.36 1.29
C GLN D 144 -31.06 -8.29 -0.16
N VAL D 145 -30.22 -9.21 -0.64
CA VAL D 145 -29.93 -9.15 -2.07
C VAL D 145 -31.06 -9.82 -2.85
N LEU D 146 -31.62 -10.91 -2.32
CA LEU D 146 -32.81 -11.52 -2.92
C LEU D 146 -33.96 -10.54 -2.98
N GLU D 147 -34.14 -9.73 -1.94
CA GLU D 147 -35.25 -8.78 -1.99
C GLU D 147 -34.95 -7.65 -2.98
N ALA D 148 -33.68 -7.22 -3.07
CA ALA D 148 -33.33 -6.23 -4.08
C ALA D 148 -33.46 -6.81 -5.49
N MET D 149 -33.17 -8.09 -5.67
CA MET D 149 -33.37 -8.72 -6.97
C MET D 149 -34.84 -8.72 -7.37
N ILE D 150 -35.71 -9.15 -6.47
CA ILE D 150 -37.15 -9.15 -6.73
C ILE D 150 -37.63 -7.75 -7.12
N MET D 151 -37.17 -6.72 -6.42
CA MET D 151 -37.62 -5.36 -6.70
C MET D 151 -37.04 -4.82 -8.00
N ALA D 152 -35.78 -5.17 -8.33
CA ALA D 152 -35.21 -4.75 -9.62
C ALA D 152 -35.90 -5.47 -10.77
N HIS D 153 -36.18 -6.77 -10.61
CA HIS D 153 -37.01 -7.45 -11.60
C HIS D 153 -38.33 -6.71 -11.76
N GLU D 154 -38.96 -6.33 -10.64
CA GLU D 154 -40.34 -5.84 -10.74
C GLU D 154 -40.38 -4.46 -11.40
N ILE D 155 -39.47 -3.55 -11.04
CA ILE D 155 -39.43 -2.24 -11.69
C ILE D 155 -39.20 -2.41 -13.19
N GLN D 156 -38.18 -3.20 -13.55
CA GLN D 156 -37.84 -3.37 -14.97
C GLN D 156 -38.98 -4.05 -15.70
N GLY D 157 -39.45 -5.18 -15.18
CA GLY D 157 -40.40 -5.99 -15.92
C GLY D 157 -41.76 -5.33 -16.03
N VAL D 158 -42.20 -4.66 -14.97
CA VAL D 158 -43.52 -4.04 -15.04
C VAL D 158 -43.51 -2.87 -16.01
N ILE D 159 -42.43 -2.08 -16.03
CA ILE D 159 -42.38 -0.98 -17.00
C ILE D 159 -42.36 -1.56 -18.40
N ALA D 160 -41.85 -2.77 -18.54
CA ALA D 160 -41.71 -3.37 -19.86
C ALA D 160 -43.01 -3.98 -20.39
N LEU D 161 -44.03 -4.13 -19.54
CA LEU D 161 -45.29 -4.75 -19.98
C LEU D 161 -45.89 -4.05 -21.20
N GLU D 162 -46.01 -2.74 -21.16
CA GLU D 162 -46.63 -2.03 -22.28
C GLU D 162 -45.75 -0.95 -22.91
N ASN D 163 -44.53 -0.75 -22.44
CA ASN D 163 -43.70 0.35 -22.91
C ASN D 163 -42.50 -0.19 -23.68
N SER D 164 -42.52 0.00 -24.99
CA SER D 164 -41.45 -0.46 -25.86
C SER D 164 -40.46 0.68 -26.09
N PHE D 165 -39.22 0.52 -25.62
CA PHE D 165 -38.17 1.46 -25.98
C PHE D 165 -37.53 1.08 -27.29
N ASN D 166 -37.68 -0.18 -27.68
CA ASN D 166 -37.26 -0.58 -29.02
C ASN D 166 -37.98 0.22 -30.10
N ARG D 167 -39.28 0.49 -29.93
CA ARG D 167 -40.02 1.18 -30.99
C ARG D 167 -39.67 2.65 -31.08
N VAL D 168 -39.07 3.24 -30.04
CA VAL D 168 -38.56 4.61 -30.15
C VAL D 168 -37.09 4.66 -30.53
N GLY D 169 -36.42 3.50 -30.66
CA GLY D 169 -35.06 3.47 -31.13
C GLY D 169 -34.01 3.51 -30.04
N LEU D 170 -34.37 3.16 -28.81
CA LEU D 170 -33.49 3.17 -27.66
C LEU D 170 -33.38 1.76 -27.10
N ASP D 171 -32.24 1.49 -26.48
CA ASP D 171 -31.99 0.17 -25.93
C ASP D 171 -32.82 -0.06 -24.67
N HIS D 172 -33.03 -1.33 -24.35
CA HIS D 172 -33.82 -1.77 -23.19
C HIS D 172 -33.01 -1.58 -21.91
N VAL D 173 -31.76 -1.18 -22.07
CA VAL D 173 -30.76 -1.04 -20.98
C VAL D 173 -31.10 0.14 -20.06
N LEU D 174 -31.89 1.09 -20.56
CA LEU D 174 -32.44 2.19 -19.75
C LEU D 174 -33.19 1.59 -18.55
N LEU D 175 -33.82 0.43 -18.69
CA LEU D 175 -34.59 -0.09 -17.57
C LEU D 175 -33.69 -0.72 -16.51
N VAL D 176 -32.55 -1.27 -16.93
CA VAL D 176 -31.52 -1.73 -15.99
C VAL D 176 -30.94 -0.55 -15.23
N LYS D 177 -30.73 0.57 -15.90
CA LYS D 177 -30.23 1.73 -15.19
C LYS D 177 -31.26 2.24 -14.17
N VAL D 178 -32.53 2.32 -14.57
CA VAL D 178 -33.58 2.79 -13.67
C VAL D 178 -33.71 1.88 -12.45
N ALA D 179 -33.95 0.59 -12.71
CA ALA D 179 -34.08 -0.38 -11.62
C ALA D 179 -32.85 -0.41 -10.71
N SER D 180 -31.64 -0.36 -11.30
CA SER D 180 -30.42 -0.47 -10.50
C SER D 180 -30.27 0.76 -9.62
N THR D 181 -30.43 1.96 -10.21
CA THR D 181 -30.39 3.17 -9.38
C THR D 181 -31.31 3.01 -8.19
N ALA D 182 -32.56 2.58 -8.42
CA ALA D 182 -33.54 2.59 -7.35
C ALA D 182 -33.18 1.58 -6.28
N VAL D 183 -32.75 0.39 -6.69
CA VAL D 183 -32.45 -0.66 -5.73
C VAL D 183 -31.09 -0.45 -5.02
N CYS D 184 -30.10 0.11 -5.71
CA CYS D 184 -28.86 0.43 -5.02
C CYS D 184 -29.01 1.63 -4.11
N ALA D 185 -29.86 2.61 -4.48
CA ALA D 185 -30.18 3.68 -3.55
C ALA D 185 -30.72 3.12 -2.25
N LYS D 186 -31.68 2.18 -2.34
CA LYS D 186 -32.24 1.61 -1.12
C LYS D 186 -31.17 0.91 -0.31
N LEU D 187 -30.41 0.00 -0.94
CA LEU D 187 -29.33 -0.68 -0.23
C LEU D 187 -28.41 0.30 0.49
N MET D 188 -28.07 1.43 -0.15
CA MET D 188 -27.18 2.41 0.47
C MET D 188 -27.84 3.17 1.62
N GLY D 189 -29.15 2.97 1.85
CA GLY D 189 -29.84 3.67 2.90
C GLY D 189 -30.54 4.95 2.49
N ALA D 190 -31.01 5.04 1.26
CA ALA D 190 -31.65 6.26 0.81
C ALA D 190 -32.98 6.45 1.51
N ASP D 191 -33.30 7.69 1.87
CA ASP D 191 -34.66 8.05 2.20
C ASP D 191 -35.37 8.46 0.92
N ARG D 192 -36.63 8.84 1.04
CA ARG D 192 -37.47 8.99 -0.14
C ARG D 192 -37.02 10.17 -1.02
N GLU D 193 -36.53 11.26 -0.42
CA GLU D 193 -36.12 12.37 -1.28
C GLU D 193 -34.82 12.03 -2.02
N GLN D 194 -33.91 11.34 -1.37
CA GLN D 194 -32.70 10.89 -2.06
C GLN D 194 -33.02 9.87 -3.15
N LEU D 195 -33.95 8.95 -2.89
CA LEU D 195 -34.34 7.95 -3.87
C LEU D 195 -34.97 8.60 -5.09
N LEU D 196 -35.82 9.60 -4.84
CA LEU D 196 -36.54 10.27 -5.92
C LEU D 196 -35.56 11.05 -6.80
N ALA D 197 -34.62 11.77 -6.18
CA ALA D 197 -33.61 12.49 -6.95
C ALA D 197 -32.76 11.54 -7.77
N ALA D 198 -32.43 10.37 -7.23
CA ALA D 198 -31.66 9.38 -7.98
C ALA D 198 -32.44 8.85 -9.18
N LEU D 199 -33.74 8.58 -9.00
CA LEU D 199 -34.54 8.12 -10.13
C LEU D 199 -34.57 9.15 -11.25
N SER D 200 -34.72 10.42 -10.90
CA SER D 200 -34.80 11.44 -11.96
C SER D 200 -33.47 11.61 -12.67
N HIS D 201 -32.35 11.35 -11.99
CA HIS D 201 -31.07 11.42 -12.67
C HIS D 201 -30.90 10.29 -13.67
N ALA D 202 -31.41 9.10 -13.31
CA ALA D 202 -31.45 8.00 -14.26
C ALA D 202 -32.24 8.38 -15.51
N PHE D 203 -33.41 9.00 -15.34
CA PHE D 203 -34.26 9.26 -16.48
C PHE D 203 -33.76 10.41 -17.33
N VAL D 204 -33.04 11.37 -16.75
CA VAL D 204 -32.53 12.56 -17.50
C VAL D 204 -31.23 12.20 -18.22
N ASP D 205 -30.61 11.11 -17.79
CA ASP D 205 -29.33 10.59 -18.32
C ASP D 205 -29.42 10.24 -19.80
N GLY D 206 -28.27 10.21 -20.46
CA GLY D 206 -28.30 9.75 -21.85
C GLY D 206 -28.74 8.31 -21.93
N GLN D 207 -29.60 7.99 -22.88
CA GLN D 207 -30.03 6.61 -23.07
C GLN D 207 -29.40 6.07 -24.34
N ALA D 208 -28.62 5.00 -24.19
CA ALA D 208 -27.99 4.31 -25.32
C ALA D 208 -28.99 4.00 -26.42
N LEU D 209 -28.58 4.28 -27.67
CA LEU D 209 -29.20 3.68 -28.84
C LEU D 209 -28.97 2.17 -28.80
N ARG D 210 -29.62 1.45 -29.73
CA ARG D 210 -29.41 0.02 -29.89
C ARG D 210 -28.87 -0.34 -31.27
N THR D 211 -28.06 0.53 -31.88
CA THR D 211 -27.44 0.24 -33.17
C THR D 211 -26.54 -0.99 -33.12
N TYR D 212 -25.99 -1.30 -31.95
CA TYR D 212 -25.06 -2.41 -31.79
C TYR D 212 -25.79 -3.75 -31.66
N ARG D 213 -27.10 -3.73 -31.69
CA ARG D 213 -27.90 -4.95 -31.71
C ARG D 213 -28.41 -5.28 -33.10
N HIS D 214 -28.11 -4.48 -34.12
CA HIS D 214 -28.74 -4.67 -35.42
C HIS D 214 -27.70 -4.69 -36.54
N ALA D 215 -27.63 -5.82 -37.24
CA ALA D 215 -26.88 -5.89 -38.49
C ALA D 215 -27.21 -4.67 -39.35
N PRO D 216 -26.27 -4.11 -40.08
CA PRO D 216 -24.86 -4.51 -40.23
C PRO D 216 -23.89 -3.95 -39.17
N ASN D 217 -24.40 -3.48 -38.03
CA ASN D 217 -23.58 -2.85 -37.00
C ASN D 217 -23.57 -3.65 -35.70
N ALA D 218 -24.03 -4.90 -35.71
CA ALA D 218 -24.08 -5.66 -34.48
C ALA D 218 -22.67 -5.89 -33.96
N GLY D 219 -22.52 -5.77 -32.66
CA GLY D 219 -21.18 -5.96 -32.07
C GLY D 219 -21.22 -6.38 -30.62
N SER D 220 -20.02 -6.38 -30.07
CA SER D 220 -19.62 -6.70 -28.69
C SER D 220 -20.43 -5.92 -27.66
N ARG D 221 -20.78 -4.66 -27.92
CA ARG D 221 -21.56 -3.80 -27.00
C ARG D 221 -22.92 -4.43 -26.67
N LYS D 222 -23.48 -5.29 -27.51
CA LYS D 222 -24.74 -5.87 -27.07
C LYS D 222 -24.51 -6.78 -25.87
N SER D 223 -23.26 -7.15 -25.60
CA SER D 223 -22.98 -8.03 -24.48
C SER D 223 -22.67 -7.29 -23.18
N TRP D 224 -22.17 -6.06 -23.22
CA TRP D 224 -21.82 -5.39 -21.98
C TRP D 224 -22.66 -4.15 -21.70
N ALA D 225 -23.51 -3.74 -22.64
CA ALA D 225 -24.37 -2.57 -22.44
C ALA D 225 -25.13 -2.63 -21.11
N ALA D 226 -25.61 -3.82 -20.72
CA ALA D 226 -26.31 -3.96 -19.46
C ALA D 226 -25.37 -3.77 -18.26
N GLY D 227 -24.15 -4.33 -18.33
CA GLY D 227 -23.19 -4.12 -17.27
C GLY D 227 -22.87 -2.64 -17.07
N ASP D 228 -22.74 -1.91 -18.18
CA ASP D 228 -22.48 -0.48 -18.12
C ASP D 228 -23.67 0.29 -17.52
N ALA D 229 -24.90 -0.13 -17.87
CA ALA D 229 -26.11 0.47 -17.32
C ALA D 229 -26.24 0.24 -15.83
N THR D 230 -25.99 -0.99 -15.36
CA THR D 230 -26.14 -1.26 -13.93
C THR D 230 -25.08 -0.50 -13.13
N SER D 231 -23.85 -0.41 -13.67
CA SER D 231 -22.77 0.33 -13.05
C SER D 231 -23.13 1.81 -12.93
N ARG D 232 -23.69 2.38 -13.99
CA ARG D 232 -24.16 3.76 -13.96
C ARG D 232 -25.24 3.93 -12.89
N GLY D 233 -26.08 2.92 -12.68
CA GLY D 233 -27.04 3.01 -11.60
C GLY D 233 -26.37 3.20 -10.25
N VAL D 234 -25.32 2.41 -9.99
CA VAL D 234 -24.58 2.54 -8.74
C VAL D 234 -24.05 3.96 -8.58
N ARG D 235 -23.47 4.50 -9.67
CA ARG D 235 -22.93 5.85 -9.62
C ARG D 235 -24.02 6.88 -9.40
N LEU D 236 -25.17 6.73 -10.05
CA LEU D 236 -26.21 7.75 -9.87
C LEU D 236 -26.81 7.68 -8.48
N ALA D 237 -26.94 6.47 -7.91
CA ALA D 237 -27.36 6.34 -6.52
C ALA D 237 -26.36 7.02 -5.59
N ASP D 238 -25.07 6.75 -5.79
CA ASP D 238 -24.02 7.38 -4.99
C ASP D 238 -24.13 8.89 -5.03
N ILE D 239 -24.35 9.46 -6.22
CA ILE D 239 -24.48 10.90 -6.35
C ILE D 239 -25.68 11.42 -5.55
N ALA D 240 -26.80 10.68 -5.54
CA ALA D 240 -27.94 11.18 -4.77
C ALA D 240 -27.69 11.06 -3.26
N LEU D 241 -26.94 10.05 -2.84
CA LEU D 241 -26.74 9.87 -1.41
C LEU D 241 -25.85 10.98 -0.85
N ARG D 242 -24.93 11.52 -1.66
CA ARG D 242 -24.13 12.71 -1.34
C ARG D 242 -24.99 13.98 -1.24
N GLY D 243 -26.27 13.91 -1.62
CA GLY D 243 -27.19 15.00 -1.43
C GLY D 243 -27.62 15.73 -2.69
N GLU D 244 -27.13 15.32 -3.86
CA GLU D 244 -27.39 16.09 -5.07
C GLU D 244 -28.90 16.24 -5.28
N MET D 245 -29.33 17.45 -5.63
CA MET D 245 -30.73 17.73 -5.86
C MET D 245 -31.24 16.97 -7.08
N GLY D 246 -32.57 16.85 -7.18
CA GLY D 246 -33.21 16.11 -8.24
C GLY D 246 -33.85 16.98 -9.29
N ILE D 247 -34.46 16.31 -10.26
CA ILE D 247 -35.09 16.91 -11.45
C ILE D 247 -36.55 16.46 -11.48
N PRO D 248 -37.43 17.14 -10.73
CA PRO D 248 -38.75 16.56 -10.44
C PRO D 248 -39.63 16.36 -11.66
N GLY D 249 -39.58 17.25 -12.66
CA GLY D 249 -40.40 17.07 -13.85
C GLY D 249 -39.72 16.41 -15.03
N VAL D 250 -38.86 15.42 -14.78
CA VAL D 250 -37.96 14.94 -15.83
C VAL D 250 -38.72 14.24 -16.96
N LEU D 251 -39.83 13.56 -16.66
CA LEU D 251 -40.60 12.96 -17.75
C LEU D 251 -41.47 13.98 -18.48
N SER D 252 -42.26 14.74 -17.72
CA SER D 252 -43.39 15.49 -18.27
C SER D 252 -43.09 16.94 -18.64
N ALA D 253 -41.90 17.46 -18.39
CA ALA D 253 -41.61 18.84 -18.78
C ALA D 253 -41.81 18.99 -20.29
N PRO D 254 -42.59 19.96 -20.74
CA PRO D 254 -42.70 20.20 -22.18
C PRO D 254 -41.36 20.65 -22.77
N GLN D 255 -41.20 20.37 -24.06
CA GLN D 255 -40.00 20.65 -24.83
C GLN D 255 -38.74 19.93 -24.33
N TRP D 256 -38.54 19.85 -23.00
CA TRP D 256 -37.27 19.36 -22.47
C TRP D 256 -37.37 18.00 -21.79
N GLY D 257 -38.58 17.52 -21.53
CA GLY D 257 -38.72 16.29 -20.79
C GLY D 257 -38.51 15.04 -21.62
N PHE D 258 -38.35 13.94 -20.91
CA PHE D 258 -38.14 12.65 -21.54
C PHE D 258 -39.25 12.29 -22.54
N TYR D 259 -40.51 12.57 -22.19
CA TYR D 259 -41.62 12.19 -23.05
C TYR D 259 -41.56 12.94 -24.38
N ASP D 260 -41.45 14.27 -24.33
CA ASP D 260 -41.37 15.04 -25.56
C ASP D 260 -40.09 14.74 -26.35
N VAL D 261 -38.95 14.60 -25.68
CA VAL D 261 -37.70 14.45 -26.43
C VAL D 261 -37.55 13.03 -26.96
N LEU D 262 -37.83 12.02 -26.15
CA LEU D 262 -37.38 10.66 -26.46
C LEU D 262 -38.48 9.63 -26.53
N PHE D 263 -39.73 9.94 -26.20
CA PHE D 263 -40.78 8.92 -26.19
C PHE D 263 -41.96 9.27 -27.09
N SER D 264 -41.77 10.20 -28.02
CA SER D 264 -42.85 10.76 -28.81
C SER D 264 -42.85 10.33 -30.27
N HIS D 265 -41.78 9.71 -30.76
CA HIS D 265 -41.67 9.33 -32.17
C HIS D 265 -41.29 7.85 -32.31
N THR D 266 -41.68 7.27 -33.44
CA THR D 266 -41.33 5.90 -33.78
C THR D 266 -40.21 5.94 -34.80
N SER D 267 -39.12 5.20 -34.53
CA SER D 267 -37.91 5.34 -35.35
C SER D 267 -38.04 4.64 -36.71
N LYS D 268 -38.99 3.71 -36.86
CA LYS D 268 -39.26 3.16 -38.21
C LYS D 268 -39.80 4.23 -39.13
N ASP D 269 -40.84 4.95 -38.67
CA ASP D 269 -41.53 6.01 -39.42
C ASP D 269 -40.84 7.36 -39.34
N LEU D 270 -40.44 7.79 -38.13
CA LEU D 270 -40.15 9.17 -37.76
C LEU D 270 -41.43 9.92 -37.46
N ALA D 271 -42.53 9.20 -37.28
CA ALA D 271 -43.82 9.81 -37.05
C ALA D 271 -44.03 10.06 -35.56
N THR D 272 -44.99 10.91 -35.27
CA THR D 272 -45.31 11.30 -33.90
C THR D 272 -46.37 10.37 -33.32
N LYS D 273 -46.10 9.81 -32.13
CA LYS D 273 -47.12 9.05 -31.42
C LYS D 273 -48.32 9.94 -31.12
N PRO D 274 -49.55 9.40 -31.15
CA PRO D 274 -50.71 10.19 -30.81
C PRO D 274 -50.50 10.72 -29.38
N GLU D 275 -51.06 11.87 -29.06
CA GLU D 275 -50.88 12.51 -27.72
C GLU D 275 -51.20 11.61 -26.52
N ASP D 276 -52.13 10.67 -26.60
CA ASP D 276 -52.44 9.79 -25.44
C ASP D 276 -51.38 8.71 -25.24
N LYS D 277 -50.54 8.44 -26.24
CA LYS D 277 -49.50 7.42 -26.18
C LYS D 277 -48.12 8.00 -25.89
N ARG D 278 -48.03 9.32 -25.64
CA ARG D 278 -46.76 9.97 -25.35
C ARG D 278 -46.42 9.93 -23.88
N ARG D 279 -46.60 8.78 -23.26
CA ARG D 279 -46.29 8.60 -21.85
C ARG D 279 -46.28 7.09 -21.60
N PHE D 280 -45.77 6.71 -20.44
CA PHE D 280 -45.77 5.30 -20.07
C PHE D 280 -47.16 4.88 -19.63
N SER D 281 -47.46 3.60 -19.84
CA SER D 281 -48.71 3.02 -19.38
C SER D 281 -48.40 1.71 -18.67
N PHE D 282 -49.28 1.33 -17.75
CA PHE D 282 -49.08 0.19 -16.88
C PHE D 282 -50.39 -0.58 -16.80
N PRO D 283 -50.35 -1.89 -16.83
CA PRO D 283 -51.59 -2.66 -16.58
C PRO D 283 -51.74 -3.04 -15.12
N GLN D 284 -50.65 -2.97 -14.35
CA GLN D 284 -50.68 -3.47 -12.98
C GLN D 284 -49.70 -2.71 -12.10
N GLY D 285 -49.83 -2.90 -10.79
CA GLY D 285 -48.93 -2.30 -9.84
C GLY D 285 -47.58 -3.00 -9.78
N TYR D 286 -46.80 -2.65 -8.75
CA TYR D 286 -45.51 -3.29 -8.46
C TYR D 286 -45.70 -4.26 -7.31
N GLY D 287 -45.35 -5.53 -7.53
CA GLY D 287 -45.39 -6.55 -6.50
C GLY D 287 -44.19 -7.47 -6.61
N SER D 288 -44.42 -8.78 -6.71
CA SER D 288 -43.35 -9.73 -6.98
C SER D 288 -43.66 -10.59 -8.21
N TYR D 289 -44.40 -10.02 -9.16
CA TYR D 289 -44.90 -10.81 -10.29
C TYR D 289 -43.78 -11.21 -11.24
N VAL D 290 -42.82 -10.31 -11.51
CA VAL D 290 -41.82 -10.57 -12.55
C VAL D 290 -40.90 -11.73 -12.16
N MET D 291 -40.38 -11.71 -10.92
CA MET D 291 -39.52 -12.80 -10.47
C MET D 291 -40.25 -14.14 -10.50
N GLU D 292 -41.51 -14.17 -10.08
CA GLU D 292 -42.25 -15.42 -10.06
C GLU D 292 -42.36 -16.02 -11.46
N ASN D 293 -42.43 -15.19 -12.49
CA ASN D 293 -42.68 -15.67 -13.85
C ASN D 293 -41.47 -15.49 -14.79
N VAL D 294 -40.27 -15.26 -14.24
CA VAL D 294 -39.11 -15.04 -15.11
C VAL D 294 -38.80 -16.34 -15.86
N LEU D 295 -38.36 -16.21 -17.12
CA LEU D 295 -37.95 -17.34 -17.95
C LEU D 295 -36.45 -17.60 -17.83
N PHE D 296 -36.08 -18.81 -17.43
CA PHE D 296 -34.69 -19.21 -17.42
C PHE D 296 -34.33 -19.90 -18.72
N LYS D 297 -33.03 -19.85 -19.08
CA LYS D 297 -32.48 -20.66 -20.17
C LYS D 297 -31.72 -21.80 -19.51
N ILE D 298 -32.37 -22.95 -19.38
CA ILE D 298 -31.87 -23.96 -18.46
C ILE D 298 -30.85 -24.90 -19.10
N SER D 299 -30.93 -25.14 -20.41
CA SER D 299 -30.10 -26.14 -21.05
C SER D 299 -29.13 -25.59 -22.10
N PHE D 300 -29.43 -24.45 -22.72
CA PHE D 300 -28.63 -24.03 -23.88
C PHE D 300 -28.56 -22.52 -23.88
N PRO D 301 -27.43 -21.94 -24.24
CA PRO D 301 -27.39 -20.51 -24.56
C PRO D 301 -27.93 -20.27 -25.96
N ALA D 302 -29.24 -20.22 -26.09
CA ALA D 302 -29.88 -20.01 -27.39
C ALA D 302 -30.97 -18.95 -27.28
N GLU D 303 -31.22 -18.26 -28.39
CA GLU D 303 -32.32 -17.30 -28.50
C GLU D 303 -33.61 -17.94 -28.00
N PHE D 304 -34.46 -17.15 -27.33
CA PHE D 304 -35.49 -17.79 -26.54
C PHE D 304 -36.60 -18.42 -27.39
N HIS D 305 -36.86 -17.90 -28.59
CA HIS D 305 -37.88 -18.55 -29.42
C HIS D 305 -37.44 -19.90 -29.95
N ALA D 306 -36.21 -20.31 -29.65
CA ALA D 306 -35.67 -21.57 -30.12
C ALA D 306 -35.37 -22.53 -28.98
N GLN D 307 -35.52 -22.10 -27.72
CA GLN D 307 -35.25 -23.00 -26.60
C GLN D 307 -36.02 -24.31 -26.72
N THR D 308 -37.26 -24.28 -27.24
CA THR D 308 -38.02 -25.53 -27.33
C THR D 308 -37.62 -26.38 -28.54
N ALA D 309 -37.20 -25.77 -29.65
CA ALA D 309 -36.70 -26.55 -30.78
C ALA D 309 -35.41 -27.27 -30.43
N ALA D 310 -34.50 -26.60 -29.71
CA ALA D 310 -33.26 -27.22 -29.27
C ALA D 310 -33.54 -28.38 -28.32
N GLU D 311 -34.52 -28.21 -27.43
CA GLU D 311 -34.93 -29.32 -26.58
C GLU D 311 -35.51 -30.48 -27.41
N ALA D 312 -36.31 -30.16 -28.43
CA ALA D 312 -36.84 -31.21 -29.28
C ALA D 312 -35.71 -31.89 -30.04
N ALA D 313 -34.72 -31.11 -30.49
CA ALA D 313 -33.62 -31.70 -31.24
C ALA D 313 -32.77 -32.61 -30.39
N VAL D 314 -32.60 -32.28 -29.10
CA VAL D 314 -31.83 -33.16 -28.22
C VAL D 314 -32.59 -34.48 -28.00
N ARG D 315 -33.91 -34.42 -27.90
CA ARG D 315 -34.70 -35.65 -27.81
C ARG D 315 -34.57 -36.48 -29.08
N LEU D 316 -34.54 -35.83 -30.24
CA LEU D 316 -34.44 -36.57 -31.49
C LEU D 316 -33.05 -37.15 -31.71
N HIS D 317 -32.02 -36.55 -31.14
CA HIS D 317 -30.64 -36.91 -31.46
C HIS D 317 -30.36 -38.41 -31.41
N PRO D 318 -30.78 -39.18 -30.40
CA PRO D 318 -30.44 -40.62 -30.40
C PRO D 318 -31.04 -41.39 -31.56
N LEU D 319 -32.19 -40.97 -32.10
CA LEU D 319 -32.78 -41.59 -33.28
C LEU D 319 -32.09 -41.17 -34.57
N VAL D 320 -31.10 -40.30 -34.47
CA VAL D 320 -30.53 -39.66 -35.64
C VAL D 320 -29.02 -39.86 -35.72
N LYS D 321 -28.36 -40.11 -34.58
CA LYS D 321 -26.93 -40.33 -34.45
C LYS D 321 -26.28 -41.11 -35.58
N ASP D 322 -26.86 -42.24 -35.95
CA ASP D 322 -26.20 -43.18 -36.86
C ASP D 322 -26.76 -43.16 -38.26
N ARG D 323 -27.64 -42.21 -38.57
CA ARG D 323 -28.32 -42.11 -39.86
C ARG D 323 -28.29 -40.69 -40.38
N LEU D 324 -27.29 -39.91 -39.98
CA LEU D 324 -27.25 -38.50 -40.33
C LEU D 324 -27.21 -38.28 -41.84
N GLN D 325 -26.60 -39.22 -42.58
CA GLN D 325 -26.53 -39.03 -44.03
C GLN D 325 -27.84 -39.43 -44.72
N ARG D 326 -28.62 -40.33 -44.13
CA ARG D 326 -29.92 -40.72 -44.66
C ARG D 326 -31.01 -39.66 -44.50
N ILE D 327 -30.76 -38.55 -43.79
CA ILE D 327 -31.82 -37.55 -43.60
C ILE D 327 -32.11 -36.86 -44.93
N SER D 328 -33.40 -36.78 -45.27
CA SER D 328 -33.80 -36.07 -46.48
C SER D 328 -34.68 -34.86 -46.21
N ARG D 329 -35.47 -34.86 -45.15
CA ARG D 329 -36.29 -33.71 -44.80
C ARG D 329 -36.32 -33.55 -43.28
N ILE D 330 -36.36 -32.30 -42.82
CA ILE D 330 -36.63 -31.95 -41.42
C ILE D 330 -37.68 -30.86 -41.40
N VAL D 331 -38.77 -31.08 -40.68
CA VAL D 331 -39.88 -30.11 -40.59
C VAL D 331 -39.90 -29.51 -39.19
N ILE D 332 -39.74 -28.19 -39.11
CA ILE D 332 -39.79 -27.44 -37.87
C ILE D 332 -41.12 -26.70 -37.84
N THR D 333 -41.97 -27.06 -36.90
CA THR D 333 -43.27 -26.43 -36.72
C THR D 333 -43.18 -25.45 -35.57
N THR D 334 -43.55 -24.21 -35.82
CA THR D 334 -43.18 -23.14 -34.89
C THR D 334 -44.25 -22.06 -34.92
N HIS D 335 -44.02 -20.99 -34.15
CA HIS D 335 -44.99 -19.90 -34.01
C HIS D 335 -44.56 -18.69 -34.84
N GLU D 336 -45.55 -17.81 -35.07
CA GLU D 336 -45.40 -16.70 -36.02
C GLU D 336 -44.19 -15.83 -35.67
N SER D 337 -44.05 -15.45 -34.40
CA SER D 337 -42.98 -14.53 -34.06
C SER D 337 -41.61 -15.15 -34.36
N ALA D 338 -41.46 -16.45 -34.07
CA ALA D 338 -40.15 -17.09 -34.26
C ALA D 338 -39.73 -17.08 -35.73
N ILE D 339 -40.69 -17.23 -36.66
CA ILE D 339 -40.35 -17.13 -38.08
C ILE D 339 -39.95 -15.71 -38.42
N ARG D 340 -40.61 -14.72 -37.82
CA ARG D 340 -40.28 -13.33 -38.10
C ARG D 340 -38.84 -12.99 -37.67
N ILE D 341 -38.38 -13.57 -36.57
CA ILE D 341 -37.18 -13.11 -35.89
C ILE D 341 -35.95 -13.97 -36.21
N ILE D 342 -36.08 -15.30 -36.12
CA ILE D 342 -34.90 -16.15 -36.15
C ILE D 342 -34.98 -17.22 -37.22
N SER D 343 -35.88 -17.08 -38.20
CA SER D 343 -35.84 -17.95 -39.37
C SER D 343 -34.91 -17.30 -40.39
N LYS D 344 -33.84 -18.01 -40.74
CA LYS D 344 -32.83 -17.48 -41.64
C LYS D 344 -32.34 -18.59 -42.55
N VAL D 345 -32.07 -18.24 -43.81
CA VAL D 345 -31.67 -19.20 -44.81
C VAL D 345 -30.41 -18.70 -45.49
N GLY D 346 -29.68 -19.63 -46.11
CA GLY D 346 -28.46 -19.31 -46.80
C GLY D 346 -27.31 -19.07 -45.84
N PRO D 347 -26.37 -18.20 -46.23
CA PRO D 347 -25.07 -18.15 -45.54
C PRO D 347 -25.10 -17.45 -44.20
N LEU D 348 -24.38 -18.02 -43.23
CA LEU D 348 -24.28 -17.50 -41.87
C LEU D 348 -22.84 -17.05 -41.64
N ALA D 349 -22.63 -15.74 -41.61
CA ALA D 349 -21.27 -15.23 -41.57
C ALA D 349 -20.72 -15.19 -40.14
N ASN D 350 -21.44 -14.58 -39.22
CA ASN D 350 -20.97 -14.29 -37.86
C ASN D 350 -21.64 -15.17 -36.82
N PRO D 351 -21.09 -15.19 -35.60
CA PRO D 351 -21.84 -15.75 -34.47
C PRO D 351 -23.21 -15.12 -34.26
N ALA D 352 -23.39 -13.84 -34.61
CA ALA D 352 -24.69 -13.21 -34.44
C ALA D 352 -25.73 -13.79 -35.39
N ASP D 353 -25.34 -14.10 -36.63
CA ASP D 353 -26.25 -14.76 -37.54
C ASP D 353 -26.64 -16.14 -37.02
N ARG D 354 -25.66 -16.92 -36.54
CA ARG D 354 -25.94 -18.29 -36.08
C ARG D 354 -26.80 -18.29 -34.82
N ASP D 355 -26.44 -17.50 -33.79
CA ASP D 355 -27.30 -17.57 -32.60
C ASP D 355 -28.63 -16.83 -32.78
N HIS D 356 -28.95 -16.52 -34.04
CA HIS D 356 -30.24 -15.97 -34.46
C HIS D 356 -30.79 -16.72 -35.67
N CYS D 357 -30.43 -18.01 -35.80
CA CYS D 357 -30.92 -18.89 -36.85
C CYS D 357 -31.54 -20.12 -36.20
N LEU D 358 -32.87 -20.20 -36.20
CA LEU D 358 -33.58 -21.38 -35.70
C LEU D 358 -33.04 -22.65 -36.34
N GLN D 359 -32.73 -22.59 -37.65
CA GLN D 359 -32.19 -23.76 -38.35
C GLN D 359 -30.83 -24.17 -37.79
N TYR D 360 -29.95 -23.21 -37.50
CA TYR D 360 -28.66 -23.55 -36.94
C TYR D 360 -28.84 -24.16 -35.56
N MET D 361 -29.76 -23.61 -34.79
CA MET D 361 -29.94 -24.01 -33.40
C MET D 361 -30.71 -25.30 -33.26
N THR D 362 -31.39 -25.74 -34.31
CA THR D 362 -31.93 -27.09 -34.32
C THR D 362 -30.92 -28.09 -34.87
N ALA D 363 -30.18 -27.69 -35.92
CA ALA D 363 -29.25 -28.61 -36.57
C ALA D 363 -28.15 -29.10 -35.63
N VAL D 364 -27.54 -28.20 -34.85
CA VAL D 364 -26.35 -28.69 -34.18
C VAL D 364 -26.71 -29.62 -33.00
N PRO D 365 -27.82 -29.44 -32.27
CA PRO D 365 -28.17 -30.49 -31.30
C PRO D 365 -28.68 -31.78 -31.96
N LEU D 366 -29.33 -31.71 -33.13
CA LEU D 366 -29.58 -32.94 -33.89
C LEU D 366 -28.28 -33.70 -34.11
N ILE D 367 -27.25 -33.00 -34.58
CA ILE D 367 -26.00 -33.65 -34.95
C ILE D 367 -25.23 -34.08 -33.71
N PHE D 368 -25.09 -33.17 -32.74
CA PHE D 368 -24.10 -33.33 -31.68
C PHE D 368 -24.70 -33.70 -30.34
N GLY D 369 -26.02 -33.64 -30.18
CA GLY D 369 -26.68 -33.99 -28.93
C GLY D 369 -26.58 -32.95 -27.85
N ASP D 370 -26.16 -31.73 -28.19
CA ASP D 370 -26.04 -30.62 -27.26
C ASP D 370 -25.86 -29.35 -28.07
N LEU D 371 -25.96 -28.23 -27.38
CA LEU D 371 -25.76 -26.89 -27.92
C LEU D 371 -25.07 -26.05 -26.84
N VAL D 372 -23.86 -25.58 -27.14
CA VAL D 372 -23.08 -24.77 -26.22
C VAL D 372 -22.63 -23.50 -26.91
N ALA D 373 -22.20 -22.53 -26.09
CA ALA D 373 -21.82 -21.22 -26.60
C ALA D 373 -20.74 -21.33 -27.68
N GLU D 374 -19.83 -22.30 -27.56
CA GLU D 374 -18.76 -22.46 -28.54
C GLU D 374 -19.27 -22.85 -29.92
N HIS D 375 -20.45 -23.49 -29.99
CA HIS D 375 -21.00 -23.94 -31.27
C HIS D 375 -21.32 -22.77 -32.21
N TYR D 376 -21.38 -21.55 -31.71
CA TYR D 376 -21.65 -20.40 -32.57
C TYR D 376 -20.40 -19.80 -33.20
N GLU D 377 -19.21 -20.34 -32.91
CA GLU D 377 -17.94 -19.74 -33.35
C GLU D 377 -17.60 -20.15 -34.79
N ASP D 378 -16.98 -19.20 -35.52
CA ASP D 378 -16.67 -19.41 -36.94
C ASP D 378 -15.92 -20.71 -37.19
N ALA D 379 -15.00 -21.08 -36.30
CA ALA D 379 -14.22 -22.29 -36.55
C ALA D 379 -15.09 -23.54 -36.44
N PHE D 380 -16.05 -23.55 -35.51
CA PHE D 380 -16.91 -24.72 -35.35
C PHE D 380 -17.79 -24.91 -36.57
N HIS D 381 -18.42 -23.84 -37.05
CA HIS D 381 -19.24 -23.92 -38.25
C HIS D 381 -18.41 -24.33 -39.48
N ALA D 382 -17.12 -23.96 -39.52
CA ALA D 382 -16.30 -24.28 -40.70
C ALA D 382 -15.82 -25.72 -40.71
N ALA D 383 -15.74 -26.35 -39.54
CA ALA D 383 -15.28 -27.72 -39.40
C ALA D 383 -16.38 -28.77 -39.57
N HIS D 384 -17.65 -28.39 -39.67
CA HIS D 384 -18.74 -29.37 -39.74
C HIS D 384 -19.72 -29.00 -40.85
N PRO D 385 -19.38 -29.33 -42.10
CA PRO D 385 -20.29 -29.03 -43.22
C PRO D 385 -21.69 -29.61 -43.08
N LEU D 386 -21.83 -30.73 -42.37
CA LEU D 386 -23.12 -31.40 -42.24
C LEU D 386 -24.19 -30.46 -41.66
N ILE D 387 -23.78 -29.45 -40.89
CA ILE D 387 -24.75 -28.51 -40.34
C ILE D 387 -25.52 -27.83 -41.46
N ASP D 388 -24.81 -27.34 -42.47
CA ASP D 388 -25.47 -26.63 -43.56
C ASP D 388 -26.15 -27.59 -44.53
N ARG D 389 -25.68 -28.83 -44.63
CA ARG D 389 -26.42 -29.84 -45.38
C ARG D 389 -27.79 -30.08 -44.77
N LEU D 390 -27.95 -29.91 -43.44
CA LEU D 390 -29.26 -30.12 -42.82
C LEU D 390 -30.13 -28.87 -42.90
N ARG D 391 -29.53 -27.68 -42.74
CA ARG D 391 -30.29 -26.44 -42.92
C ARG D 391 -30.90 -26.37 -44.31
N GLU D 392 -30.22 -26.95 -45.29
CA GLU D 392 -30.75 -27.04 -46.64
C GLU D 392 -32.03 -27.87 -46.69
N LYS D 393 -32.20 -28.78 -45.75
CA LYS D 393 -33.32 -29.70 -45.77
C LYS D 393 -34.47 -29.29 -44.87
N MET D 394 -34.41 -28.11 -44.26
CA MET D 394 -35.35 -27.71 -43.21
C MET D 394 -36.48 -26.85 -43.77
N GLU D 395 -37.71 -27.32 -43.58
CA GLU D 395 -38.91 -26.57 -43.89
C GLU D 395 -39.47 -25.97 -42.62
N ILE D 396 -39.86 -24.71 -42.67
CA ILE D 396 -40.49 -24.04 -41.54
C ILE D 396 -41.99 -23.96 -41.79
N VAL D 397 -42.79 -24.25 -40.76
CA VAL D 397 -44.25 -24.19 -40.86
C VAL D 397 -44.80 -23.49 -39.63
N GLU D 398 -45.78 -22.60 -39.83
CA GLU D 398 -46.48 -21.94 -38.74
C GLU D 398 -47.68 -22.80 -38.34
N GLU D 399 -47.69 -23.27 -37.10
CA GLU D 399 -48.89 -23.80 -36.49
C GLU D 399 -49.71 -22.64 -35.96
N PRO D 400 -50.95 -22.44 -36.41
CA PRO D 400 -51.72 -21.29 -35.92
C PRO D 400 -51.99 -21.34 -34.43
N ARG D 401 -52.18 -22.53 -33.84
CA ARG D 401 -52.41 -22.62 -32.41
C ARG D 401 -51.17 -22.25 -31.59
N TYR D 402 -49.98 -22.54 -32.12
CA TYR D 402 -48.75 -22.09 -31.48
C TYR D 402 -48.64 -20.56 -31.49
N SER D 403 -48.99 -19.92 -32.61
CA SER D 403 -49.04 -18.46 -32.66
C SER D 403 -50.04 -17.88 -31.65
N ARG D 404 -51.30 -18.36 -31.67
CA ARG D 404 -52.29 -17.90 -30.69
C ARG D 404 -51.77 -18.02 -29.27
N GLU D 405 -51.40 -19.24 -28.86
CA GLU D 405 -51.07 -19.49 -27.47
C GLU D 405 -49.77 -18.80 -27.05
N TYR D 406 -48.97 -18.36 -28.02
CA TYR D 406 -47.89 -17.44 -27.74
C TYR D 406 -48.42 -16.15 -27.10
N LEU D 407 -49.50 -15.60 -27.68
CA LEU D 407 -50.03 -14.31 -27.26
C LEU D 407 -50.98 -14.39 -26.06
N GLU D 408 -51.63 -15.53 -25.85
CA GLU D 408 -52.66 -15.60 -24.83
C GLU D 408 -52.07 -15.48 -23.44
N ALA D 409 -52.66 -14.57 -22.65
CA ALA D 409 -52.07 -14.23 -21.36
C ALA D 409 -52.10 -15.39 -20.39
N ASP D 410 -52.98 -16.36 -20.57
CA ASP D 410 -53.02 -17.49 -19.64
C ASP D 410 -52.10 -18.63 -20.09
N LYS D 411 -51.37 -18.48 -21.19
CA LYS D 411 -50.49 -19.54 -21.61
C LYS D 411 -49.05 -19.07 -21.80
N ARG D 412 -48.87 -18.07 -22.65
CA ARG D 412 -47.56 -17.57 -23.04
C ARG D 412 -46.58 -18.71 -23.34
N SER D 413 -46.97 -19.57 -24.27
CA SER D 413 -46.10 -20.64 -24.70
C SER D 413 -45.12 -20.13 -25.74
N ILE D 414 -44.06 -20.92 -25.96
CA ILE D 414 -43.07 -20.61 -26.98
C ILE D 414 -42.79 -21.91 -27.72
N ALA D 415 -43.69 -22.31 -28.62
CA ALA D 415 -43.80 -23.70 -29.03
C ALA D 415 -43.01 -23.99 -30.30
N ASN D 416 -42.39 -25.16 -30.32
CA ASN D 416 -41.77 -25.74 -31.50
C ASN D 416 -42.01 -27.24 -31.54
N ALA D 417 -42.21 -27.77 -32.73
CA ALA D 417 -42.19 -29.19 -32.95
C ALA D 417 -41.21 -29.47 -34.08
N VAL D 418 -40.50 -30.59 -33.96
CA VAL D 418 -39.46 -30.96 -34.91
C VAL D 418 -39.67 -32.40 -35.34
N GLU D 419 -39.58 -32.66 -36.64
CA GLU D 419 -39.67 -34.03 -37.14
C GLU D 419 -38.66 -34.24 -38.27
N VAL D 420 -38.06 -35.43 -38.30
CA VAL D 420 -36.99 -35.74 -39.21
C VAL D 420 -37.44 -36.88 -40.11
N PHE D 421 -37.38 -36.67 -41.43
CA PHE D 421 -37.66 -37.70 -42.42
C PHE D 421 -36.36 -38.21 -43.07
N PHE D 422 -36.32 -39.51 -43.31
CA PHE D 422 -35.20 -40.24 -43.90
C PHE D 422 -35.49 -40.62 -45.35
N ASP D 423 -34.42 -40.87 -46.11
CA ASP D 423 -34.52 -41.05 -47.56
C ASP D 423 -35.41 -42.23 -47.98
N ASP D 424 -35.81 -43.10 -47.06
CA ASP D 424 -36.74 -44.18 -47.39
C ASP D 424 -38.18 -43.83 -47.04
N GLY D 425 -38.46 -42.58 -46.68
CA GLY D 425 -39.79 -42.12 -46.34
C GLY D 425 -40.24 -42.38 -44.91
N SER D 426 -39.45 -43.08 -44.11
CA SER D 426 -39.81 -43.22 -42.70
C SER D 426 -39.51 -41.90 -41.97
N SER D 427 -39.90 -41.82 -40.70
CA SER D 427 -39.60 -40.59 -39.97
C SER D 427 -39.39 -40.91 -38.50
N THR D 428 -38.79 -39.96 -37.79
CA THR D 428 -38.56 -40.13 -36.36
C THR D 428 -39.85 -40.03 -35.56
N GLY D 429 -40.89 -39.42 -36.13
CA GLY D 429 -41.99 -38.95 -35.33
C GLY D 429 -41.82 -37.49 -34.98
N GLN D 430 -42.96 -36.82 -34.76
CA GLN D 430 -42.94 -35.43 -34.32
C GLN D 430 -42.69 -35.38 -32.82
N VAL D 431 -41.67 -34.62 -32.41
CA VAL D 431 -41.44 -34.31 -30.99
C VAL D 431 -41.80 -32.84 -30.77
N ALA D 432 -42.91 -32.59 -30.06
CA ALA D 432 -43.41 -31.25 -29.81
C ALA D 432 -43.10 -30.83 -28.39
N VAL D 433 -42.72 -29.56 -28.21
CA VAL D 433 -42.37 -28.97 -26.92
C VAL D 433 -42.97 -27.57 -26.87
N GLU D 434 -44.05 -27.40 -26.09
CA GLU D 434 -44.80 -26.14 -26.12
C GLU D 434 -44.21 -25.07 -25.19
N TYR D 435 -43.81 -25.45 -24.00
CA TYR D 435 -43.31 -24.53 -23.00
C TYR D 435 -41.84 -24.78 -22.76
N PRO D 436 -41.02 -23.73 -22.81
CA PRO D 436 -39.59 -23.89 -22.53
C PRO D 436 -39.39 -24.48 -21.15
N LEU D 437 -38.31 -25.27 -21.01
CA LEU D 437 -37.99 -25.83 -19.71
C LEU D 437 -37.82 -24.75 -18.63
N GLY D 438 -37.56 -23.50 -19.02
CA GLY D 438 -37.46 -22.41 -18.07
C GLY D 438 -38.73 -21.66 -17.81
N HIS D 439 -39.83 -22.07 -18.44
CA HIS D 439 -41.15 -21.47 -18.21
C HIS D 439 -41.68 -21.86 -16.84
N ARG D 440 -42.44 -20.95 -16.23
CA ARG D 440 -43.04 -21.22 -14.93
C ARG D 440 -43.88 -22.50 -14.91
N ARG D 441 -44.51 -22.85 -16.04
CA ARG D 441 -45.28 -24.10 -16.06
C ARG D 441 -44.41 -25.34 -15.86
N ARG D 442 -43.08 -25.27 -16.07
CA ARG D 442 -42.23 -26.45 -15.97
C ARG D 442 -41.17 -26.34 -14.86
N ARG D 443 -41.46 -25.53 -13.81
CA ARG D 443 -40.50 -25.35 -12.72
C ARG D 443 -40.12 -26.67 -12.07
N ALA D 444 -41.04 -27.65 -12.01
CA ALA D 444 -40.73 -28.87 -11.26
C ALA D 444 -39.68 -29.71 -11.96
N GLU D 445 -39.65 -29.66 -13.27
CA GLU D 445 -38.59 -30.33 -13.99
C GLU D 445 -37.38 -29.43 -14.25
N GLY D 446 -37.60 -28.12 -14.39
CA GLY D 446 -36.51 -27.21 -14.76
C GLY D 446 -35.59 -26.84 -13.61
N ILE D 447 -36.16 -26.60 -12.41
CA ILE D 447 -35.33 -26.14 -11.28
C ILE D 447 -34.25 -27.16 -10.92
N PRO D 448 -34.50 -28.46 -10.91
CA PRO D 448 -33.38 -29.41 -10.77
C PRO D 448 -32.35 -29.29 -11.88
N LEU D 449 -32.77 -29.04 -13.11
CA LEU D 449 -31.78 -28.93 -14.17
C LEU D 449 -31.07 -27.56 -14.15
N LEU D 450 -31.78 -26.50 -13.74
CA LEU D 450 -31.12 -25.24 -13.42
C LEU D 450 -29.96 -25.47 -12.45
N GLN D 451 -30.17 -26.31 -11.44
CA GLN D 451 -29.12 -26.55 -10.48
C GLN D 451 -27.98 -27.39 -11.03
N GLU D 452 -28.25 -28.30 -11.99
CA GLU D 452 -27.16 -29.01 -12.63
C GLU D 452 -26.32 -28.08 -13.49
N LYS D 453 -26.99 -27.18 -14.24
CA LYS D 453 -26.29 -26.12 -14.95
C LYS D 453 -25.40 -25.31 -14.00
N PHE D 454 -25.96 -24.78 -12.90
CA PHE D 454 -25.15 -24.05 -11.92
C PHE D 454 -23.96 -24.88 -11.46
N LYS D 455 -24.20 -26.14 -11.09
CA LYS D 455 -23.11 -27.01 -10.67
C LYS D 455 -22.06 -27.17 -11.77
N ALA D 456 -22.47 -27.35 -13.02
CA ALA D 456 -21.47 -27.51 -14.05
C ALA D 456 -20.68 -26.22 -14.26
N ASN D 457 -21.36 -25.08 -14.22
CA ASN D 457 -20.70 -23.80 -14.36
C ASN D 457 -19.70 -23.56 -13.23
N LEU D 458 -20.06 -23.93 -12.01
CA LEU D 458 -19.12 -23.83 -10.90
C LEU D 458 -17.85 -24.61 -11.17
N ALA D 459 -17.97 -25.78 -11.82
CA ALA D 459 -16.84 -26.68 -11.99
C ALA D 459 -15.88 -26.19 -13.05
N THR D 460 -16.32 -25.30 -13.94
CA THR D 460 -15.41 -24.67 -14.89
C THR D 460 -14.49 -23.64 -14.24
N ARG D 461 -14.64 -23.38 -12.96
CA ARG D 461 -13.90 -22.25 -12.40
C ARG D 461 -13.25 -22.59 -11.06
N PHE D 462 -13.92 -23.31 -10.22
CA PHE D 462 -13.47 -23.62 -8.87
C PHE D 462 -13.16 -25.09 -8.77
N PRO D 463 -12.30 -25.57 -7.85
CA PRO D 463 -12.13 -27.01 -7.67
C PRO D 463 -13.27 -27.68 -6.88
N PRO D 464 -13.33 -29.02 -6.80
CA PRO D 464 -14.52 -29.73 -6.34
C PRO D 464 -14.89 -29.40 -4.89
N GLN D 465 -13.92 -29.37 -3.98
CA GLN D 465 -14.22 -28.99 -2.60
C GLN D 465 -14.88 -27.62 -2.54
N ARG D 466 -14.43 -26.68 -3.37
CA ARG D 466 -15.02 -25.35 -3.37
C ARG D 466 -16.40 -25.34 -4.00
N CYS D 467 -16.62 -26.15 -5.06
CA CYS D 467 -17.95 -26.21 -5.68
C CYS D 467 -18.99 -26.76 -4.72
N GLN D 468 -18.63 -27.81 -3.96
CA GLN D 468 -19.53 -28.43 -3.00
C GLN D 468 -19.95 -27.43 -1.92
N ARG D 469 -18.98 -26.70 -1.36
CA ARG D 469 -19.30 -25.72 -0.33
C ARG D 469 -20.25 -24.66 -0.86
N ILE D 470 -19.98 -24.15 -2.06
CA ILE D 470 -20.84 -23.12 -2.64
C ILE D 470 -22.25 -23.65 -2.83
N PHE D 471 -22.38 -24.84 -3.44
CA PHE D 471 -23.71 -25.36 -3.73
C PHE D 471 -24.48 -25.70 -2.46
N ASP D 472 -23.79 -26.21 -1.43
CA ASP D 472 -24.45 -26.50 -0.17
C ASP D 472 -25.09 -25.26 0.43
N LEU D 473 -24.38 -24.12 0.40
CA LEU D 473 -24.95 -22.91 0.97
C LEU D 473 -26.12 -22.42 0.14
N CYS D 474 -25.95 -22.37 -1.19
CA CYS D 474 -27.01 -21.98 -2.10
C CYS D 474 -28.21 -22.93 -2.08
N SER D 475 -28.09 -24.08 -1.42
CA SER D 475 -29.13 -25.10 -1.46
C SER D 475 -30.22 -24.86 -0.43
N HIS D 476 -29.90 -24.18 0.66
CA HIS D 476 -30.78 -24.12 1.82
C HIS D 476 -31.24 -22.70 2.01
N GLN D 477 -32.55 -22.48 1.76
CA GLN D 477 -33.09 -21.13 1.72
C GLN D 477 -32.71 -20.33 2.97
N ALA D 478 -32.98 -20.88 4.16
CA ALA D 478 -32.81 -20.10 5.39
C ALA D 478 -31.35 -19.84 5.68
N SER D 479 -30.48 -20.84 5.48
CA SER D 479 -29.05 -20.67 5.72
C SER D 479 -28.45 -19.62 4.78
N LEU D 480 -28.90 -19.58 3.53
CA LEU D 480 -28.41 -18.57 2.60
C LEU D 480 -28.90 -17.19 3.00
N GLU D 481 -30.20 -17.07 3.31
CA GLU D 481 -30.79 -15.78 3.65
C GLU D 481 -30.13 -15.14 4.87
N ALA D 482 -29.60 -15.96 5.79
CA ALA D 482 -28.93 -15.44 6.98
C ALA D 482 -27.46 -15.12 6.77
N THR D 483 -26.87 -15.48 5.64
CA THR D 483 -25.44 -15.32 5.47
C THR D 483 -25.08 -13.85 5.16
N PRO D 484 -24.11 -13.27 5.88
CA PRO D 484 -23.64 -11.93 5.49
C PRO D 484 -23.10 -11.95 4.07
N VAL D 485 -23.48 -10.93 3.30
CA VAL D 485 -23.07 -10.85 1.90
C VAL D 485 -21.55 -10.96 1.78
N ASN D 486 -20.82 -10.31 2.68
CA ASN D 486 -19.36 -10.34 2.60
C ASN D 486 -18.82 -11.76 2.72
N ARG D 487 -19.51 -12.63 3.46
CA ARG D 487 -19.06 -14.01 3.60
C ARG D 487 -19.47 -14.87 2.41
N PHE D 488 -20.60 -14.52 1.78
CA PHE D 488 -20.99 -15.15 0.52
C PHE D 488 -19.96 -14.88 -0.55
N MET D 489 -19.59 -13.61 -0.74
CA MET D 489 -18.62 -13.25 -1.77
C MET D 489 -17.25 -13.84 -1.48
N ASP D 490 -16.92 -14.06 -0.22
CA ASP D 490 -15.65 -14.71 0.12
C ASP D 490 -15.56 -16.09 -0.57
N LEU D 491 -16.64 -16.84 -0.66
CA LEU D 491 -16.58 -18.18 -1.28
C LEU D 491 -16.44 -18.09 -2.80
N LEU D 492 -16.86 -16.99 -3.41
CA LEU D 492 -16.86 -16.84 -4.87
C LEU D 492 -15.59 -16.15 -5.33
N ALA D 493 -14.62 -15.97 -4.44
CA ALA D 493 -13.42 -15.18 -4.76
C ALA D 493 -12.28 -15.92 -5.46
N ARG E 10 -6.95 -47.92 -5.39
CA ARG E 10 -6.47 -46.78 -4.61
C ARG E 10 -6.67 -47.01 -3.12
N PRO E 11 -5.59 -47.35 -2.43
CA PRO E 11 -5.69 -47.82 -1.05
C PRO E 11 -6.09 -46.71 -0.08
N ASP E 12 -6.42 -47.16 1.13
CA ASP E 12 -6.45 -46.31 2.30
C ASP E 12 -5.06 -45.69 2.56
N TYR E 13 -5.06 -44.70 3.43
CA TYR E 13 -3.81 -44.12 3.88
C TYR E 13 -3.07 -45.11 4.78
N ASP E 14 -1.73 -45.11 4.67
CA ASP E 14 -0.91 -45.98 5.52
C ASP E 14 -1.23 -45.75 6.99
N ALA E 15 -1.26 -46.84 7.75
CA ALA E 15 -1.74 -46.78 9.12
C ALA E 15 -1.01 -45.75 9.96
N VAL E 16 0.29 -45.54 9.70
CA VAL E 16 1.03 -44.54 10.45
C VAL E 16 0.40 -43.16 10.27
N LEU E 17 0.02 -42.82 9.03
CA LEU E 17 -0.59 -41.53 8.77
C LEU E 17 -1.94 -41.41 9.49
N GLN E 18 -2.77 -42.46 9.43
CA GLN E 18 -4.07 -42.44 10.10
C GLN E 18 -3.91 -42.32 11.61
N ASP E 19 -2.91 -42.98 12.20
CA ASP E 19 -2.70 -42.85 13.63
C ASP E 19 -2.32 -41.42 14.00
N ILE E 20 -1.46 -40.78 13.20
CA ILE E 20 -1.09 -39.40 13.47
C ILE E 20 -2.31 -38.48 13.35
N ALA E 21 -3.13 -38.67 12.31
CA ALA E 21 -4.26 -37.76 12.09
C ALA E 21 -5.31 -37.89 13.20
N ASP E 22 -5.70 -39.12 13.53
CA ASP E 22 -6.73 -39.31 14.55
C ASP E 22 -6.28 -38.74 15.89
N TYR E 23 -4.97 -38.82 16.19
CA TYR E 23 -4.44 -38.16 17.37
C TYR E 23 -4.57 -36.64 17.28
N VAL E 24 -4.26 -36.08 16.10
CA VAL E 24 -4.21 -34.63 15.97
C VAL E 24 -5.61 -34.06 16.04
N LEU E 25 -6.59 -34.74 15.42
CA LEU E 25 -7.97 -34.25 15.39
C LEU E 25 -8.72 -34.55 16.69
N ASP E 26 -8.48 -35.70 17.33
CA ASP E 26 -9.40 -36.17 18.37
C ASP E 26 -8.83 -36.19 19.79
N TYR E 27 -7.52 -36.17 19.97
CA TYR E 27 -7.00 -36.32 21.32
C TYR E 27 -7.18 -35.01 22.11
N ARG E 28 -7.80 -35.10 23.27
CA ARG E 28 -7.99 -33.92 24.08
C ARG E 28 -6.85 -33.78 25.08
N ILE E 29 -6.34 -32.57 25.23
CA ILE E 29 -5.17 -32.31 26.07
C ILE E 29 -5.64 -31.62 27.34
N ASP E 30 -5.56 -32.33 28.47
CA ASP E 30 -5.89 -31.78 29.78
C ASP E 30 -4.79 -32.00 30.80
N SER E 31 -3.60 -32.43 30.38
CA SER E 31 -2.52 -32.74 31.30
C SER E 31 -1.97 -31.45 31.89
N THR E 32 -2.11 -31.26 33.19
CA THR E 32 -1.66 -30.01 33.81
C THR E 32 -0.16 -29.82 33.66
N GLU E 33 0.63 -30.90 33.78
CA GLU E 33 2.08 -30.75 33.72
C GLU E 33 2.54 -30.49 32.30
N ALA E 34 1.97 -31.22 31.34
CA ALA E 34 2.22 -30.93 29.93
C ALA E 34 2.02 -29.46 29.62
N LEU E 35 0.88 -28.89 30.04
CA LEU E 35 0.60 -27.49 29.75
C LEU E 35 1.50 -26.55 30.52
N ASP E 36 1.98 -26.95 31.70
CA ASP E 36 2.89 -26.06 32.40
C ASP E 36 4.30 -26.12 31.79
N THR E 37 4.76 -27.30 31.35
CA THR E 37 6.08 -27.35 30.76
C THR E 37 6.08 -26.78 29.35
N ALA E 38 4.95 -26.85 28.63
CA ALA E 38 4.84 -26.20 27.32
C ALA E 38 4.93 -24.68 27.47
N ARG E 39 4.39 -24.14 28.55
CA ARG E 39 4.49 -22.70 28.77
C ARG E 39 5.93 -22.31 29.11
N ASN E 40 6.63 -23.14 29.89
CA ASN E 40 8.05 -22.93 30.10
C ASN E 40 8.83 -23.18 28.81
N CYS E 41 8.40 -24.16 28.02
CA CYS E 41 9.03 -24.38 26.72
C CYS E 41 8.90 -23.17 25.83
N LEU E 42 7.73 -22.52 25.82
CA LEU E 42 7.51 -21.36 24.98
C LEU E 42 8.43 -20.21 25.40
N MET E 43 8.49 -19.90 26.69
CA MET E 43 9.43 -18.88 27.17
C MET E 43 10.83 -19.18 26.68
N ASP E 44 11.36 -20.36 27.05
CA ASP E 44 12.75 -20.69 26.78
C ASP E 44 13.07 -20.63 25.28
N THR E 45 12.18 -21.14 24.45
CA THR E 45 12.38 -21.09 23.00
C THR E 45 12.44 -19.66 22.47
N LEU E 46 11.49 -18.82 22.89
CA LEU E 46 11.44 -17.45 22.40
C LEU E 46 12.67 -16.66 22.86
N GLY E 47 13.11 -16.87 24.09
CA GLY E 47 14.30 -16.19 24.57
C GLY E 47 15.54 -16.60 23.82
N CYS E 48 15.62 -17.88 23.45
CA CYS E 48 16.70 -18.34 22.60
C CYS E 48 16.72 -17.59 21.27
N GLY E 49 15.56 -17.49 20.61
CA GLY E 49 15.51 -16.82 19.33
C GLY E 49 15.89 -15.35 19.42
N LEU E 50 15.44 -14.67 20.48
CA LEU E 50 15.77 -13.26 20.64
C LEU E 50 17.28 -13.09 20.70
N LEU E 51 17.96 -14.04 21.37
CA LEU E 51 19.40 -13.96 21.49
C LEU E 51 20.08 -14.07 20.14
N ALA E 52 19.50 -14.87 19.24
CA ALA E 52 20.09 -15.05 17.91
C ALA E 52 20.09 -13.78 17.07
N LEU E 53 19.23 -12.80 17.39
CA LEU E 53 19.20 -11.58 16.59
C LEU E 53 20.49 -10.79 16.72
N ARG E 54 21.40 -11.17 17.62
CA ARG E 54 22.70 -10.52 17.72
C ARG E 54 23.72 -11.08 16.75
N PHE E 55 23.32 -12.04 15.91
CA PHE E 55 24.26 -12.77 15.05
C PHE E 55 23.93 -12.58 13.56
N PRO E 56 24.73 -11.77 12.85
CA PRO E 56 24.43 -11.47 11.42
C PRO E 56 24.32 -12.69 10.51
N GLU E 57 25.06 -13.77 10.78
CA GLU E 57 24.89 -14.97 9.97
C GLU E 57 23.48 -15.51 10.09
N CYS E 58 22.86 -15.33 11.25
CA CYS E 58 21.45 -15.68 11.39
C CYS E 58 20.57 -14.62 10.73
N THR E 59 20.75 -13.34 11.12
CA THR E 59 19.80 -12.32 10.66
C THR E 59 19.88 -12.11 9.15
N LYS E 60 20.94 -12.55 8.48
CA LYS E 60 20.99 -12.35 7.04
C LYS E 60 19.92 -13.15 6.31
N HIS E 61 19.32 -14.15 6.97
CA HIS E 61 18.27 -14.95 6.36
C HIS E 61 16.86 -14.40 6.55
N LEU E 62 16.68 -13.38 7.39
CA LEU E 62 15.37 -12.94 7.84
C LEU E 62 14.77 -11.88 6.93
N GLY E 63 13.45 -11.70 7.03
CA GLY E 63 12.75 -10.63 6.34
C GLY E 63 12.09 -11.10 5.05
N PRO E 64 11.38 -10.20 4.38
CA PRO E 64 10.68 -10.62 3.15
C PRO E 64 11.68 -10.88 2.04
N LEU E 65 11.25 -11.70 1.07
CA LEU E 65 12.08 -11.98 -0.08
C LEU E 65 12.25 -10.73 -0.94
N VAL E 66 11.21 -9.91 -1.03
CA VAL E 66 11.31 -8.61 -1.69
C VAL E 66 11.12 -7.52 -0.65
N GLU E 67 12.18 -6.73 -0.45
CA GLU E 67 12.16 -5.59 0.46
C GLU E 67 10.96 -4.69 0.18
N GLY E 68 10.33 -4.18 1.23
CA GLY E 68 9.14 -3.35 1.08
C GLY E 68 7.83 -4.08 0.83
N THR E 69 7.79 -5.41 0.85
CA THR E 69 6.52 -6.10 0.67
C THR E 69 5.57 -5.83 1.84
N LEU E 70 4.31 -5.53 1.52
CA LEU E 70 3.25 -5.36 2.50
C LEU E 70 2.36 -6.59 2.49
N VAL E 71 2.22 -7.22 3.66
CA VAL E 71 1.32 -8.36 3.85
C VAL E 71 0.22 -7.96 4.83
N PRO E 72 -1.01 -7.75 4.36
CA PRO E 72 -2.15 -7.57 5.28
C PRO E 72 -2.27 -8.72 6.25
N HIS E 73 -2.42 -8.40 7.53
CA HIS E 73 -2.57 -9.39 8.60
C HIS E 73 -1.37 -10.33 8.67
N GLY E 74 -0.20 -9.81 8.29
CA GLY E 74 1.00 -10.63 8.26
C GLY E 74 1.41 -11.13 9.63
N ALA E 75 2.01 -12.32 9.65
CA ALA E 75 2.60 -12.84 10.87
C ALA E 75 3.86 -12.05 11.26
N ARG E 76 4.08 -11.93 12.57
CA ARG E 76 5.23 -11.21 13.14
C ARG E 76 6.39 -12.17 13.47
N VAL E 77 7.61 -11.68 13.35
CA VAL E 77 8.80 -12.39 13.82
C VAL E 77 9.24 -11.73 15.13
N PRO E 78 9.25 -12.44 16.26
CA PRO E 78 9.59 -11.82 17.55
C PRO E 78 10.94 -11.13 17.54
N GLY E 79 10.98 -9.94 18.14
CA GLY E 79 12.21 -9.20 18.23
C GLY E 79 12.57 -8.40 17.00
N THR E 80 11.76 -8.46 15.94
CA THR E 80 11.98 -7.70 14.73
C THR E 80 10.76 -6.83 14.43
N SER E 81 10.90 -6.00 13.41
CA SER E 81 9.78 -5.26 12.87
C SER E 81 9.19 -5.93 11.63
N PHE E 82 9.48 -7.21 11.40
CA PHE E 82 9.03 -7.87 10.18
C PHE E 82 7.58 -8.31 10.26
N ARG E 83 6.89 -8.20 9.12
CA ARG E 83 5.49 -8.61 9.00
C ARG E 83 5.37 -9.36 7.68
N LEU E 84 5.29 -10.69 7.75
CA LEU E 84 5.51 -11.57 6.62
C LEU E 84 4.31 -12.46 6.38
N ASP E 85 4.30 -13.14 5.23
CA ASP E 85 3.38 -14.27 5.10
C ASP E 85 3.79 -15.39 6.07
N PRO E 86 2.84 -16.25 6.47
CA PRO E 86 3.15 -17.28 7.48
C PRO E 86 4.20 -18.30 7.04
N VAL E 87 4.45 -18.49 5.74
CA VAL E 87 5.49 -19.43 5.35
C VAL E 87 6.88 -18.83 5.59
N LYS E 88 7.09 -17.60 5.13
CA LYS E 88 8.39 -16.98 5.42
C LYS E 88 8.53 -16.66 6.91
N ALA E 89 7.42 -16.28 7.56
CA ALA E 89 7.49 -16.01 9.00
C ALA E 89 7.88 -17.27 9.78
N ALA E 90 7.33 -18.44 9.41
CA ALA E 90 7.68 -19.69 10.08
C ALA E 90 9.15 -20.05 9.86
N TRP E 91 9.67 -19.79 8.65
CA TRP E 91 11.09 -19.94 8.37
C TRP E 91 11.92 -19.10 9.34
N ASP E 92 11.59 -17.82 9.48
CA ASP E 92 12.44 -16.95 10.29
C ASP E 92 12.34 -17.31 11.76
N ILE E 93 11.13 -17.61 12.26
CA ILE E 93 10.98 -17.97 13.67
C ILE E 93 11.71 -19.27 13.96
N GLY E 94 11.58 -20.26 13.07
CA GLY E 94 12.26 -21.52 13.29
C GLY E 94 13.76 -21.39 13.16
N CYS E 95 14.21 -20.52 12.25
CA CYS E 95 15.63 -20.25 12.08
C CYS E 95 16.23 -19.65 13.35
N ILE E 96 15.53 -18.67 13.95
CA ILE E 96 16.17 -17.92 15.02
C ILE E 96 16.15 -18.70 16.32
N VAL E 97 15.11 -19.50 16.58
CA VAL E 97 15.03 -20.15 17.89
C VAL E 97 15.99 -21.32 17.99
N ARG E 98 16.42 -21.87 16.85
CA ARG E 98 17.36 -22.98 16.77
C ARG E 98 18.80 -22.52 16.58
N TRP E 99 19.02 -21.27 16.19
CA TRP E 99 20.30 -20.88 15.61
C TRP E 99 21.45 -21.20 16.54
N LEU E 100 21.34 -20.82 17.81
CA LEU E 100 22.44 -20.96 18.76
C LEU E 100 22.45 -22.29 19.49
N ASP E 101 21.59 -23.24 19.10
CA ASP E 101 21.55 -24.55 19.75
C ASP E 101 21.37 -24.45 21.27
N TYR E 102 20.57 -23.48 21.73
CA TYR E 102 20.23 -23.35 23.14
C TYR E 102 18.81 -23.82 23.49
N ASN E 103 18.03 -24.28 22.51
CA ASN E 103 16.64 -24.63 22.78
C ASN E 103 16.50 -26.09 23.20
N ASP E 104 15.27 -26.52 23.50
CA ASP E 104 15.04 -27.78 24.18
C ASP E 104 15.45 -28.96 23.28
N THR E 105 15.48 -30.17 23.88
CA THR E 105 16.05 -31.33 23.22
C THR E 105 15.27 -32.60 23.55
N TRP E 106 15.24 -33.53 22.61
CA TRP E 106 14.75 -34.88 22.81
C TRP E 106 15.82 -35.86 22.35
N LEU E 107 16.34 -36.67 23.27
CA LEU E 107 17.38 -37.65 22.98
C LEU E 107 16.75 -39.03 22.98
N ALA E 108 16.80 -39.71 21.83
CA ALA E 108 16.22 -41.04 21.71
C ALA E 108 16.94 -41.76 20.58
N ALA E 109 16.22 -42.64 19.87
CA ALA E 109 16.82 -43.25 18.68
C ALA E 109 17.26 -42.18 17.71
N GLU E 110 16.45 -41.14 17.60
CA GLU E 110 16.82 -39.96 16.81
C GLU E 110 16.93 -38.79 17.79
N TRP E 111 17.94 -37.94 17.66
CA TRP E 111 17.98 -36.74 18.52
C TRP E 111 17.21 -35.62 17.80
N GLY E 112 16.77 -34.63 18.55
CA GLY E 112 16.02 -33.53 17.93
C GLY E 112 15.70 -32.41 18.89
N HIS E 113 15.02 -31.40 18.38
CA HIS E 113 14.65 -30.23 19.18
C HIS E 113 13.20 -29.91 18.82
N PRO E 114 12.24 -30.59 19.46
CA PRO E 114 10.83 -30.40 19.09
C PRO E 114 10.36 -28.95 19.13
N SER E 115 10.97 -28.08 19.94
CA SER E 115 10.56 -26.68 19.96
C SER E 115 10.79 -25.98 18.62
N ASP E 116 11.48 -26.62 17.67
CA ASP E 116 11.63 -26.02 16.36
C ASP E 116 10.28 -25.78 15.70
N ASN E 117 9.28 -26.59 16.07
CA ASN E 117 7.96 -26.50 15.42
C ASN E 117 7.22 -25.21 15.80
N LEU E 118 7.63 -24.51 16.87
CA LEU E 118 7.02 -23.23 17.21
C LEU E 118 7.04 -22.24 16.06
N GLY E 119 8.02 -22.33 15.15
CA GLY E 119 8.01 -21.48 13.97
C GLY E 119 6.74 -21.61 13.14
N GLY E 120 6.36 -22.84 12.79
CA GLY E 120 5.12 -23.06 12.07
C GLY E 120 3.88 -22.74 12.91
N ILE E 121 3.91 -23.11 14.19
CA ILE E 121 2.73 -22.94 15.05
C ILE E 121 2.39 -21.46 15.22
N LEU E 122 3.39 -20.67 15.62
CA LEU E 122 3.17 -19.25 15.91
C LEU E 122 2.80 -18.47 14.66
N ALA E 123 3.49 -18.73 13.55
CA ALA E 123 3.25 -17.95 12.34
C ALA E 123 1.85 -18.19 11.82
N VAL E 124 1.40 -19.43 11.84
CA VAL E 124 0.06 -19.74 11.39
C VAL E 124 -0.96 -19.14 12.34
N ALA E 125 -0.75 -19.34 13.66
CA ALA E 125 -1.73 -18.86 14.65
C ALA E 125 -1.81 -17.33 14.71
N ASP E 126 -0.70 -16.64 14.50
CA ASP E 126 -0.71 -15.18 14.45
C ASP E 126 -1.45 -14.68 13.21
N HIS E 127 -1.06 -15.17 12.03
CA HIS E 127 -1.72 -14.72 10.82
C HIS E 127 -3.23 -15.01 10.87
N LEU E 128 -3.61 -16.23 11.27
CA LEU E 128 -5.03 -16.63 11.28
C LEU E 128 -5.87 -15.88 12.30
N SER E 129 -5.28 -15.51 13.46
CA SER E 129 -6.02 -14.69 14.42
C SER E 129 -6.36 -13.33 13.84
N GLN E 130 -5.41 -12.71 13.13
CA GLN E 130 -5.59 -11.38 12.58
C GLN E 130 -6.62 -11.40 11.46
N LYS E 131 -6.47 -12.34 10.54
CA LYS E 131 -7.40 -12.51 9.43
C LYS E 131 -8.82 -12.80 9.94
N ARG E 132 -8.94 -13.63 10.98
CA ARG E 132 -10.25 -13.90 11.57
C ARG E 132 -10.82 -12.67 12.26
N LEU E 133 -9.97 -11.85 12.90
CA LEU E 133 -10.45 -10.61 13.50
C LEU E 133 -10.98 -9.66 12.44
N ALA E 134 -10.28 -9.55 11.31
CA ALA E 134 -10.70 -8.68 10.23
C ALA E 134 -11.98 -9.12 9.53
N ASN E 135 -12.45 -10.35 9.76
CA ASN E 135 -13.76 -10.81 9.30
C ASN E 135 -14.72 -11.00 10.47
N GLY E 136 -14.47 -10.34 11.59
CA GLY E 136 -15.37 -10.45 12.71
C GLY E 136 -15.45 -11.83 13.31
N GLU E 137 -14.39 -12.61 13.26
CA GLU E 137 -14.37 -13.87 13.97
C GLU E 137 -13.40 -13.77 15.14
N ALA E 138 -13.68 -14.53 16.19
CA ALA E 138 -12.80 -14.50 17.35
C ALA E 138 -11.42 -15.02 16.97
N PRO E 139 -10.36 -14.49 17.56
CA PRO E 139 -9.01 -14.95 17.23
C PRO E 139 -8.71 -16.23 17.98
N LEU E 140 -7.56 -16.82 17.62
CA LEU E 140 -7.02 -17.96 18.34
C LEU E 140 -6.44 -17.52 19.67
N SER E 141 -6.40 -18.43 20.62
CA SER E 141 -5.85 -18.14 21.93
C SER E 141 -4.53 -18.87 22.10
N MET E 142 -3.71 -18.36 23.03
CA MET E 142 -2.42 -18.96 23.26
C MET E 142 -2.56 -20.39 23.78
N ARG E 143 -3.70 -20.70 24.43
CA ARG E 143 -3.96 -22.07 24.83
C ARG E 143 -3.80 -23.02 23.64
N GLN E 144 -4.34 -22.61 22.49
CA GLN E 144 -4.18 -23.40 21.26
C GLN E 144 -2.72 -23.52 20.81
N VAL E 145 -1.86 -22.50 21.00
CA VAL E 145 -0.48 -22.70 20.57
C VAL E 145 0.24 -23.65 21.53
N LEU E 146 -0.06 -23.58 22.84
CA LEU E 146 0.48 -24.56 23.77
C LEU E 146 0.05 -25.98 23.41
N GLU E 147 -1.21 -26.17 23.02
CA GLU E 147 -1.66 -27.52 22.69
C GLU E 147 -1.02 -28.00 21.39
N ALA E 148 -0.85 -27.09 20.43
CA ALA E 148 -0.18 -27.46 19.19
C ALA E 148 1.30 -27.82 19.45
N MET E 149 1.95 -27.09 20.35
CA MET E 149 3.32 -27.46 20.70
C MET E 149 3.37 -28.87 21.28
N ILE E 150 2.49 -29.16 22.24
CA ILE E 150 2.49 -30.49 22.85
C ILE E 150 2.30 -31.57 21.79
N MET E 151 1.37 -31.35 20.86
CA MET E 151 1.16 -32.37 19.84
C MET E 151 2.35 -32.49 18.92
N ALA E 152 2.94 -31.35 18.52
CA ALA E 152 4.09 -31.42 17.64
C ALA E 152 5.26 -32.12 18.32
N HIS E 153 5.48 -31.80 19.61
CA HIS E 153 6.49 -32.49 20.40
C HIS E 153 6.26 -33.99 20.41
N GLU E 154 4.98 -34.39 20.51
CA GLU E 154 4.65 -35.79 20.67
C GLU E 154 4.85 -36.55 19.35
N ILE E 155 4.37 -36.00 18.23
CA ILE E 155 4.52 -36.68 16.95
C ILE E 155 6.00 -36.89 16.63
N GLN E 156 6.79 -35.83 16.75
CA GLN E 156 8.21 -35.96 16.45
C GLN E 156 8.89 -36.88 17.44
N GLY E 157 8.73 -36.62 18.74
CA GLY E 157 9.51 -37.32 19.74
C GLY E 157 9.14 -38.78 19.91
N VAL E 158 7.91 -39.16 19.54
CA VAL E 158 7.49 -40.56 19.67
C VAL E 158 7.98 -41.38 18.50
N ILE E 159 7.97 -40.81 17.29
CA ILE E 159 8.58 -41.48 16.13
C ILE E 159 10.08 -41.66 16.36
N ALA E 160 10.72 -40.67 17.00
CA ALA E 160 12.14 -40.75 17.32
C ALA E 160 12.46 -41.74 18.43
N LEU E 161 11.45 -42.33 19.07
CA LEU E 161 11.72 -43.28 20.16
C LEU E 161 12.53 -44.47 19.66
N GLU E 162 12.17 -45.00 18.50
CA GLU E 162 12.80 -46.21 18.00
C GLU E 162 13.24 -46.13 16.55
N ASN E 163 12.96 -45.05 15.83
CA ASN E 163 13.33 -44.94 14.42
C ASN E 163 14.46 -43.93 14.27
N SER E 164 15.62 -44.41 13.84
CA SER E 164 16.81 -43.59 13.70
C SER E 164 16.96 -43.21 12.23
N PHE E 165 16.93 -41.92 11.93
CA PHE E 165 17.08 -41.50 10.53
C PHE E 165 18.51 -41.18 10.16
N ASN E 166 19.36 -40.86 11.13
CA ASN E 166 20.76 -40.68 10.79
C ASN E 166 21.42 -41.99 10.39
N ARG E 167 20.91 -43.13 10.87
CA ARG E 167 21.45 -44.41 10.40
C ARG E 167 21.10 -44.70 8.95
N VAL E 168 20.08 -44.04 8.40
CA VAL E 168 19.83 -44.11 6.95
C VAL E 168 20.39 -42.88 6.24
N GLY E 169 21.16 -42.06 6.93
CA GLY E 169 21.81 -40.91 6.33
C GLY E 169 20.91 -39.72 6.01
N LEU E 170 19.80 -39.56 6.73
CA LEU E 170 18.89 -38.44 6.54
C LEU E 170 18.83 -37.59 7.80
N ASP E 171 18.71 -36.28 7.61
CA ASP E 171 18.56 -35.38 8.74
C ASP E 171 17.25 -35.66 9.47
N HIS E 172 17.25 -35.43 10.78
CA HIS E 172 16.09 -35.63 11.62
C HIS E 172 15.02 -34.56 11.39
N VAL E 173 15.37 -33.54 10.59
CA VAL E 173 14.49 -32.43 10.37
C VAL E 173 13.21 -32.85 9.64
N LEU E 174 13.22 -34.02 9.01
CA LEU E 174 11.98 -34.46 8.37
C LEU E 174 10.87 -34.67 9.39
N LEU E 175 11.24 -34.96 10.65
CA LEU E 175 10.24 -35.07 11.70
C LEU E 175 9.66 -33.72 12.09
N VAL E 176 10.43 -32.64 11.89
CA VAL E 176 9.89 -31.29 12.06
C VAL E 176 8.85 -31.02 10.98
N LYS E 177 9.18 -31.38 9.74
CA LYS E 177 8.25 -31.14 8.64
C LYS E 177 6.93 -31.88 8.86
N VAL E 178 7.01 -33.15 9.27
CA VAL E 178 5.81 -33.95 9.45
C VAL E 178 4.96 -33.39 10.58
N ALA E 179 5.59 -33.09 11.72
CA ALA E 179 4.83 -32.59 12.86
C ALA E 179 4.27 -31.19 12.58
N SER E 180 5.08 -30.31 11.99
CA SER E 180 4.59 -28.97 11.69
C SER E 180 3.47 -29.03 10.67
N THR E 181 3.61 -29.89 9.64
CA THR E 181 2.51 -30.12 8.72
C THR E 181 1.24 -30.49 9.48
N ALA E 182 1.37 -31.39 10.46
CA ALA E 182 0.19 -31.91 11.13
C ALA E 182 -0.51 -30.84 11.94
N VAL E 183 0.24 -30.13 12.79
CA VAL E 183 -0.42 -29.19 13.70
C VAL E 183 -0.82 -27.92 12.96
N CYS E 184 -0.08 -27.53 11.91
CA CYS E 184 -0.51 -26.36 11.18
C CYS E 184 -1.79 -26.65 10.38
N ALA E 185 -1.88 -27.82 9.74
CA ALA E 185 -3.15 -28.19 9.11
C ALA E 185 -4.28 -28.19 10.13
N LYS E 186 -4.02 -28.61 11.37
CA LYS E 186 -5.08 -28.57 12.36
C LYS E 186 -5.50 -27.14 12.66
N LEU E 187 -4.50 -26.27 12.90
CA LEU E 187 -4.80 -24.86 13.19
C LEU E 187 -5.52 -24.21 12.02
N MET E 188 -5.15 -24.56 10.79
CA MET E 188 -5.83 -23.99 9.63
C MET E 188 -7.25 -24.53 9.47
N GLY E 189 -7.69 -25.45 10.32
CA GLY E 189 -9.03 -26.00 10.27
C GLY E 189 -9.24 -27.28 9.49
N ALA E 190 -8.17 -27.99 9.10
CA ALA E 190 -8.31 -29.18 8.24
C ALA E 190 -9.24 -30.23 8.86
N ASP E 191 -9.95 -30.95 7.99
CA ASP E 191 -10.67 -32.14 8.42
C ASP E 191 -9.78 -33.38 8.18
N ARG E 192 -10.31 -34.58 8.43
CA ARG E 192 -9.47 -35.78 8.40
C ARG E 192 -8.89 -36.04 7.02
N GLU E 193 -9.67 -35.86 5.95
CA GLU E 193 -9.14 -36.16 4.62
C GLU E 193 -8.08 -35.15 4.22
N GLN E 194 -8.24 -33.89 4.63
CA GLN E 194 -7.22 -32.89 4.31
C GLN E 194 -5.95 -33.10 5.14
N LEU E 195 -6.10 -33.57 6.38
CA LEU E 195 -4.92 -33.79 7.23
C LEU E 195 -4.14 -35.00 6.75
N LEU E 196 -4.84 -36.07 6.34
CA LEU E 196 -4.17 -37.20 5.73
C LEU E 196 -3.42 -36.79 4.47
N ALA E 197 -4.05 -36.01 3.59
CA ALA E 197 -3.34 -35.59 2.39
C ALA E 197 -2.10 -34.77 2.75
N ALA E 198 -2.25 -33.85 3.70
CA ALA E 198 -1.12 -33.04 4.16
C ALA E 198 0.00 -33.93 4.68
N LEU E 199 -0.32 -34.90 5.53
CA LEU E 199 0.70 -35.81 6.07
C LEU E 199 1.39 -36.57 4.94
N SER E 200 0.62 -37.03 3.96
CA SER E 200 1.22 -37.82 2.90
C SER E 200 2.18 -36.98 2.07
N HIS E 201 1.92 -35.69 1.90
CA HIS E 201 2.84 -34.84 1.16
C HIS E 201 4.09 -34.53 1.96
N ALA E 202 4.04 -34.61 3.30
CA ALA E 202 5.28 -34.43 4.06
C ALA E 202 6.23 -35.62 3.87
N PHE E 203 5.70 -36.84 3.75
CA PHE E 203 6.55 -38.02 3.60
C PHE E 203 7.04 -38.21 2.17
N VAL E 204 6.22 -37.87 1.18
CA VAL E 204 6.64 -38.02 -0.21
C VAL E 204 7.64 -36.95 -0.59
N ASP E 205 7.66 -35.87 0.16
CA ASP E 205 8.55 -34.74 -0.03
C ASP E 205 9.98 -35.23 0.04
N GLY E 206 10.89 -34.36 -0.39
CA GLY E 206 12.30 -34.65 -0.22
C GLY E 206 12.77 -34.43 1.22
N GLN E 207 13.65 -35.33 1.68
CA GLN E 207 14.18 -35.30 3.04
C GLN E 207 15.67 -35.01 3.00
N ALA E 208 16.05 -33.87 3.54
CA ALA E 208 17.43 -33.40 3.48
C ALA E 208 18.40 -34.47 3.99
N LEU E 209 19.58 -34.50 3.36
CA LEU E 209 20.73 -35.19 3.91
C LEU E 209 21.17 -34.48 5.18
N ARG E 210 22.10 -35.09 5.92
CA ARG E 210 22.70 -34.41 7.06
C ARG E 210 24.19 -34.15 6.87
N THR E 211 24.64 -34.07 5.62
CA THR E 211 26.02 -33.69 5.33
C THR E 211 26.46 -32.48 6.15
N TYR E 212 25.60 -31.46 6.29
CA TYR E 212 25.99 -30.21 6.94
C TYR E 212 26.16 -30.36 8.45
N ARG E 213 25.92 -31.53 9.01
CA ARG E 213 26.18 -31.75 10.42
C ARG E 213 27.48 -32.50 10.70
N HIS E 214 28.29 -32.83 9.68
CA HIS E 214 29.42 -33.74 9.86
C HIS E 214 30.70 -33.20 9.20
N ALA E 215 31.79 -33.16 9.98
CA ALA E 215 33.10 -32.80 9.42
C ALA E 215 33.43 -33.73 8.24
N PRO E 216 34.05 -33.21 7.19
CA PRO E 216 34.59 -31.87 7.00
C PRO E 216 33.63 -30.93 6.26
N ASN E 217 32.33 -31.23 6.29
CA ASN E 217 31.37 -30.50 5.49
C ASN E 217 30.39 -29.70 6.32
N ALA E 218 30.47 -29.80 7.64
CA ALA E 218 29.53 -29.11 8.51
C ALA E 218 29.54 -27.61 8.22
N GLY E 219 28.37 -27.00 8.39
CA GLY E 219 28.20 -25.57 8.19
C GLY E 219 26.91 -25.07 8.82
N SER E 220 26.61 -23.80 8.54
CA SER E 220 25.54 -23.13 9.28
C SER E 220 24.14 -23.56 8.83
N ARG E 221 24.00 -24.40 7.79
CA ARG E 221 22.70 -25.00 7.51
C ARG E 221 22.29 -25.94 8.64
N LYS E 222 23.24 -26.36 9.49
CA LYS E 222 22.87 -27.10 10.68
C LYS E 222 22.04 -26.25 11.64
N SER E 223 22.06 -24.92 11.48
CA SER E 223 21.30 -24.04 12.35
C SER E 223 19.93 -23.66 11.79
N TRP E 224 19.75 -23.64 10.48
CA TRP E 224 18.48 -23.24 9.89
C TRP E 224 17.74 -24.36 9.17
N ALA E 225 18.28 -25.59 9.16
CA ALA E 225 17.55 -26.71 8.57
C ALA E 225 16.13 -26.86 9.17
N ALA E 226 16.00 -26.63 10.47
CA ALA E 226 14.72 -26.82 11.15
C ALA E 226 13.72 -25.75 10.74
N GLY E 227 14.16 -24.48 10.77
CA GLY E 227 13.30 -23.41 10.29
C GLY E 227 12.85 -23.67 8.88
N ASP E 228 13.76 -24.18 8.05
CA ASP E 228 13.39 -24.55 6.70
C ASP E 228 12.36 -25.67 6.70
N ALA E 229 12.38 -26.56 7.70
CA ALA E 229 11.47 -27.70 7.68
C ALA E 229 10.07 -27.36 8.20
N THR E 230 9.98 -26.53 9.25
CA THR E 230 8.67 -26.11 9.74
C THR E 230 8.00 -25.14 8.78
N SER E 231 8.81 -24.36 8.06
CA SER E 231 8.27 -23.50 6.99
C SER E 231 7.67 -24.35 5.89
N ARG E 232 8.37 -25.41 5.50
CA ARG E 232 7.84 -26.29 4.48
C ARG E 232 6.56 -26.96 4.95
N GLY E 233 6.45 -27.24 6.27
CA GLY E 233 5.23 -27.84 6.80
C GLY E 233 4.03 -26.92 6.69
N VAL E 234 4.22 -25.65 7.02
CA VAL E 234 3.18 -24.65 6.79
C VAL E 234 2.73 -24.66 5.33
N ARG E 235 3.70 -24.70 4.40
CA ARG E 235 3.38 -24.62 2.98
C ARG E 235 2.55 -25.83 2.53
N LEU E 236 2.88 -27.02 3.02
CA LEU E 236 2.18 -28.23 2.60
C LEU E 236 0.80 -28.31 3.23
N ALA E 237 0.68 -27.88 4.49
CA ALA E 237 -0.61 -27.76 5.13
C ALA E 237 -1.53 -26.87 4.31
N ASP E 238 -1.01 -25.72 3.89
CA ASP E 238 -1.78 -24.79 3.08
C ASP E 238 -2.12 -25.38 1.70
N ILE E 239 -1.20 -26.17 1.12
CA ILE E 239 -1.51 -26.91 -0.10
C ILE E 239 -2.67 -27.88 0.13
N ALA E 240 -2.68 -28.56 1.28
CA ALA E 240 -3.76 -29.50 1.55
C ALA E 240 -5.08 -28.76 1.74
N LEU E 241 -5.07 -27.63 2.48
CA LEU E 241 -6.31 -26.88 2.71
C LEU E 241 -6.87 -26.29 1.43
N ARG E 242 -6.01 -26.03 0.43
CA ARG E 242 -6.51 -25.65 -0.89
C ARG E 242 -7.15 -26.82 -1.62
N GLY E 243 -7.24 -27.99 -0.98
CA GLY E 243 -7.93 -29.15 -1.51
C GLY E 243 -7.08 -30.15 -2.30
N GLU E 244 -5.76 -30.09 -2.23
CA GLU E 244 -4.96 -30.98 -3.09
C GLU E 244 -5.08 -32.44 -2.62
N MET E 245 -5.31 -33.35 -3.55
CA MET E 245 -5.49 -34.75 -3.21
C MET E 245 -4.24 -35.32 -2.53
N GLY E 246 -4.40 -36.50 -1.93
CA GLY E 246 -3.36 -37.12 -1.14
C GLY E 246 -2.63 -38.24 -1.87
N ILE E 247 -1.77 -38.92 -1.13
CA ILE E 247 -0.91 -40.00 -1.62
C ILE E 247 -1.00 -41.11 -0.59
N PRO E 248 -1.95 -42.04 -0.74
CA PRO E 248 -2.33 -42.89 0.42
C PRO E 248 -1.29 -43.92 0.86
N GLY E 249 -0.56 -44.53 -0.09
CA GLY E 249 0.44 -45.53 0.24
C GLY E 249 1.86 -44.98 0.17
N VAL E 250 2.02 -43.69 0.50
CA VAL E 250 3.31 -43.00 0.40
C VAL E 250 4.43 -43.74 1.13
N LEU E 251 4.13 -44.43 2.23
CA LEU E 251 5.19 -45.10 2.96
C LEU E 251 5.45 -46.53 2.45
N SER E 252 4.39 -47.30 2.18
CA SER E 252 4.46 -48.74 2.05
C SER E 252 4.40 -49.22 0.60
N ALA E 253 4.13 -48.34 -0.35
CA ALA E 253 4.19 -48.70 -1.76
C ALA E 253 5.50 -49.43 -2.07
N PRO E 254 5.43 -50.60 -2.70
CA PRO E 254 6.66 -51.27 -3.15
C PRO E 254 7.33 -50.44 -4.22
N GLN E 255 8.67 -50.41 -4.16
CA GLN E 255 9.55 -49.75 -5.13
C GLN E 255 9.52 -48.22 -4.97
N TRP E 256 8.34 -47.62 -4.94
CA TRP E 256 8.26 -46.17 -4.96
C TRP E 256 8.03 -45.56 -3.57
N GLY E 257 7.76 -46.36 -2.56
CA GLY E 257 7.39 -45.82 -1.27
C GLY E 257 8.57 -45.41 -0.43
N PHE E 258 8.25 -44.71 0.65
CA PHE E 258 9.27 -44.16 1.53
C PHE E 258 10.09 -45.27 2.17
N TYR E 259 9.41 -46.32 2.61
CA TYR E 259 10.10 -47.44 3.25
C TYR E 259 11.16 -48.04 2.32
N ASP E 260 10.79 -48.35 1.08
CA ASP E 260 11.72 -49.01 0.16
C ASP E 260 12.83 -48.06 -0.28
N VAL E 261 12.48 -46.81 -0.58
CA VAL E 261 13.47 -45.90 -1.12
C VAL E 261 14.42 -45.39 -0.04
N LEU E 262 13.87 -44.96 1.12
CA LEU E 262 14.68 -44.19 2.07
C LEU E 262 14.89 -44.85 3.41
N PHE E 263 14.07 -45.82 3.81
CA PHE E 263 14.20 -46.42 5.12
C PHE E 263 14.73 -47.85 5.06
N SER E 264 15.28 -48.27 3.92
CA SER E 264 15.62 -49.67 3.70
C SER E 264 17.12 -49.96 3.79
N HIS E 265 17.97 -48.95 4.01
CA HIS E 265 19.42 -49.17 3.99
C HIS E 265 20.10 -48.35 5.08
N THR E 266 21.14 -48.93 5.67
CA THR E 266 22.01 -48.20 6.57
C THR E 266 23.15 -47.61 5.76
N SER E 267 23.50 -46.34 6.03
CA SER E 267 24.43 -45.62 5.15
C SER E 267 25.89 -45.80 5.53
N LYS E 268 26.16 -46.37 6.71
CA LYS E 268 27.52 -46.81 7.04
C LYS E 268 28.08 -47.72 5.95
N ASP E 269 27.34 -48.79 5.63
CA ASP E 269 27.82 -49.90 4.82
C ASP E 269 26.94 -50.20 3.62
N LEU E 270 25.99 -49.32 3.30
CA LEU E 270 25.03 -49.55 2.23
C LEU E 270 24.33 -50.90 2.39
N ALA E 271 24.24 -51.39 3.63
CA ALA E 271 23.66 -52.70 3.88
C ALA E 271 22.15 -52.60 4.02
N THR E 272 21.45 -53.50 3.33
CA THR E 272 20.00 -53.59 3.44
C THR E 272 19.59 -54.08 4.83
N LYS E 273 18.50 -53.51 5.34
CA LYS E 273 17.96 -53.92 6.62
C LYS E 273 17.27 -55.27 6.50
N PRO E 274 17.29 -56.08 7.57
CA PRO E 274 16.39 -57.24 7.62
C PRO E 274 14.96 -56.79 7.40
N GLU E 275 14.16 -57.65 6.76
CA GLU E 275 12.86 -57.23 6.25
C GLU E 275 11.96 -56.63 7.34
N ASP E 276 11.90 -57.27 8.52
CA ASP E 276 10.95 -56.83 9.54
C ASP E 276 11.23 -55.41 10.05
N LYS E 277 12.45 -54.90 9.89
CA LYS E 277 12.84 -53.57 10.31
C LYS E 277 12.73 -52.52 9.19
N ARG E 278 12.07 -52.85 8.10
CA ARG E 278 11.91 -51.89 6.99
C ARG E 278 10.61 -51.10 7.14
N ARG E 279 10.35 -50.59 8.34
CA ARG E 279 9.15 -49.79 8.64
C ARG E 279 9.34 -49.14 10.01
N PHE E 280 8.48 -48.19 10.35
CA PHE E 280 8.59 -47.51 11.65
C PHE E 280 8.04 -48.41 12.76
N SER E 281 8.69 -48.41 13.90
CA SER E 281 8.25 -49.19 15.05
C SER E 281 7.86 -48.24 16.19
N PHE E 282 6.97 -48.70 17.07
CA PHE E 282 6.50 -47.86 18.14
C PHE E 282 6.45 -48.60 19.46
N PRO E 283 6.94 -48.00 20.56
CA PRO E 283 6.75 -48.60 21.89
C PRO E 283 5.49 -48.15 22.59
N GLN E 284 4.82 -47.12 22.09
CA GLN E 284 3.60 -46.61 22.70
C GLN E 284 2.87 -45.74 21.68
N GLY E 285 1.64 -45.36 22.03
CA GLY E 285 0.88 -44.42 21.23
C GLY E 285 1.20 -42.96 21.57
N TYR E 286 0.51 -42.05 20.87
CA TYR E 286 0.71 -40.63 21.09
C TYR E 286 -0.12 -40.14 22.27
N GLY E 287 0.47 -39.27 23.09
CA GLY E 287 -0.21 -38.62 24.18
C GLY E 287 0.38 -37.25 24.47
N SER E 288 0.87 -37.05 25.69
CA SER E 288 1.59 -35.86 26.08
C SER E 288 2.92 -36.23 26.74
N TYR E 289 3.49 -37.38 26.35
CA TYR E 289 4.71 -37.89 26.96
C TYR E 289 5.92 -37.01 26.65
N VAL E 290 6.11 -36.61 25.39
CA VAL E 290 7.37 -35.95 25.01
C VAL E 290 7.53 -34.63 25.75
N MET E 291 6.49 -33.79 25.72
CA MET E 291 6.62 -32.46 26.32
C MET E 291 6.87 -32.55 27.82
N GLU E 292 6.26 -33.53 28.49
CA GLU E 292 6.46 -33.68 29.93
C GLU E 292 7.87 -34.10 30.26
N ASN E 293 8.51 -34.90 29.41
CA ASN E 293 9.86 -35.36 29.69
C ASN E 293 10.93 -34.61 28.90
N VAL E 294 10.59 -33.47 28.28
CA VAL E 294 11.52 -32.76 27.42
C VAL E 294 12.70 -32.22 28.24
N LEU E 295 13.84 -32.05 27.57
CA LEU E 295 15.07 -31.56 28.18
C LEU E 295 15.32 -30.09 27.85
N PHE E 296 15.58 -29.28 28.87
CA PHE E 296 15.94 -27.89 28.68
C PHE E 296 17.44 -27.69 28.91
N LYS E 297 18.06 -26.79 28.14
CA LYS E 297 19.45 -26.40 28.36
C LYS E 297 19.44 -25.16 29.25
N ILE E 298 19.64 -25.36 30.55
CA ILE E 298 19.57 -24.26 31.51
C ILE E 298 20.82 -24.12 32.36
N SER E 299 21.67 -25.14 32.43
CA SER E 299 22.87 -25.07 33.26
C SER E 299 24.03 -24.56 32.42
N PHE E 300 25.16 -25.25 32.43
CA PHE E 300 26.32 -24.78 31.70
C PHE E 300 26.09 -24.91 30.20
N PRO E 301 26.76 -24.08 29.38
CA PRO E 301 26.62 -24.18 27.90
C PRO E 301 27.47 -25.29 27.30
N ALA E 302 26.96 -26.51 27.39
CA ALA E 302 27.72 -27.69 27.03
C ALA E 302 26.81 -28.71 26.35
N GLU E 303 27.45 -29.56 25.54
CA GLU E 303 26.79 -30.71 24.95
C GLU E 303 26.08 -31.51 26.04
N PHE E 304 24.88 -31.97 25.74
CA PHE E 304 24.01 -32.63 26.74
C PHE E 304 24.64 -33.81 27.46
N HIS E 305 25.41 -34.63 26.75
CA HIS E 305 26.03 -35.81 27.38
C HIS E 305 27.08 -35.44 28.44
N ALA E 306 27.47 -34.17 28.53
CA ALA E 306 28.47 -33.75 29.49
C ALA E 306 27.95 -32.79 30.56
N GLN E 307 26.64 -32.48 30.58
CA GLN E 307 26.15 -31.47 31.54
C GLN E 307 26.27 -31.97 32.97
N THR E 308 25.93 -33.24 33.20
CA THR E 308 26.17 -33.81 34.51
C THR E 308 27.66 -34.02 34.79
N ALA E 309 28.50 -34.17 33.75
CA ALA E 309 29.93 -34.23 34.01
C ALA E 309 30.44 -32.88 34.47
N ALA E 310 30.09 -31.82 33.74
CA ALA E 310 30.47 -30.48 34.17
C ALA E 310 29.91 -30.17 35.55
N GLU E 311 28.69 -30.65 35.84
CA GLU E 311 28.13 -30.42 37.17
C GLU E 311 28.91 -31.15 38.24
N ALA E 312 29.20 -32.43 38.03
CA ALA E 312 29.95 -33.20 39.02
C ALA E 312 31.34 -32.63 39.26
N ALA E 313 31.86 -31.86 38.30
CA ALA E 313 33.18 -31.25 38.42
C ALA E 313 33.13 -29.94 39.19
N VAL E 314 32.10 -29.11 38.96
CA VAL E 314 31.95 -27.91 39.77
C VAL E 314 31.80 -28.27 41.25
N ARG E 315 31.09 -29.37 41.53
CA ARG E 315 31.07 -29.88 42.89
C ARG E 315 32.47 -30.23 43.37
N LEU E 316 33.25 -30.94 42.54
CA LEU E 316 34.58 -31.38 42.95
C LEU E 316 35.61 -30.25 42.99
N HIS E 317 35.28 -29.05 42.50
CA HIS E 317 36.24 -27.96 42.35
C HIS E 317 36.78 -27.41 43.67
N PRO E 318 35.96 -27.16 44.70
CA PRO E 318 36.55 -26.68 45.97
C PRO E 318 37.42 -27.71 46.67
N LEU E 319 37.29 -29.00 46.35
CA LEU E 319 38.12 -30.03 46.97
C LEU E 319 39.47 -30.21 46.27
N VAL E 320 39.68 -29.54 45.12
CA VAL E 320 40.89 -29.73 44.32
C VAL E 320 41.49 -28.39 43.92
N LYS E 321 40.73 -27.29 44.14
CA LYS E 321 41.07 -25.97 43.63
C LYS E 321 42.52 -25.53 43.87
N ASP E 322 43.24 -26.17 44.80
CA ASP E 322 44.60 -25.77 45.13
C ASP E 322 45.53 -26.98 45.26
N ARG E 323 45.19 -28.10 44.64
CA ARG E 323 46.02 -29.30 44.61
C ARG E 323 46.12 -29.81 43.19
N LEU E 324 46.20 -28.90 42.22
CA LEU E 324 46.06 -29.29 40.82
C LEU E 324 47.29 -30.06 40.34
N GLN E 325 48.46 -29.71 40.85
CA GLN E 325 49.69 -30.42 40.49
C GLN E 325 49.85 -31.72 41.25
N ARG E 326 48.94 -32.05 42.15
CA ARG E 326 48.96 -33.35 42.81
C ARG E 326 47.98 -34.35 42.19
N ILE E 327 47.17 -33.94 41.22
CA ILE E 327 46.28 -34.87 40.54
C ILE E 327 47.10 -35.76 39.61
N SER E 328 46.91 -37.07 39.74
CA SER E 328 47.59 -38.04 38.89
C SER E 328 46.65 -38.88 38.04
N ARG E 329 45.39 -39.06 38.46
CA ARG E 329 44.42 -39.81 37.67
C ARG E 329 43.04 -39.23 37.91
N ILE E 330 42.34 -38.88 36.83
CA ILE E 330 40.93 -38.49 36.88
C ILE E 330 40.12 -39.57 36.17
N VAL E 331 39.20 -40.20 36.88
CA VAL E 331 38.33 -41.21 36.30
C VAL E 331 36.94 -40.60 36.07
N ILE E 332 36.47 -40.63 34.82
CA ILE E 332 35.13 -40.20 34.45
C ILE E 332 34.34 -41.45 34.08
N THR E 333 33.34 -41.79 34.90
CA THR E 333 32.44 -42.90 34.64
C THR E 333 31.21 -42.35 33.93
N THR E 334 30.95 -42.84 32.72
CA THR E 334 29.95 -42.20 31.88
C THR E 334 29.15 -43.27 31.14
N HIS E 335 28.31 -42.82 30.22
CA HIS E 335 27.43 -43.71 29.49
C HIS E 335 27.88 -43.81 28.04
N GLU E 336 27.35 -44.85 27.39
CA GLU E 336 27.84 -45.27 26.09
C GLU E 336 27.73 -44.18 25.02
N SER E 337 26.67 -43.37 25.06
CA SER E 337 26.53 -42.33 24.03
C SER E 337 27.58 -41.23 24.18
N ALA E 338 27.90 -40.83 25.41
CA ALA E 338 28.90 -39.77 25.59
C ALA E 338 30.26 -40.22 25.06
N ILE E 339 30.67 -41.44 25.38
CA ILE E 339 31.93 -41.98 24.90
C ILE E 339 31.99 -41.89 23.38
N ARG E 340 30.88 -42.20 22.73
CA ARG E 340 30.87 -42.31 21.29
C ARG E 340 30.85 -40.94 20.62
N ILE E 341 30.22 -39.96 21.26
CA ILE E 341 29.92 -38.70 20.58
C ILE E 341 30.83 -37.56 21.04
N ILE E 342 31.30 -37.56 22.29
CA ILE E 342 32.07 -36.41 22.76
C ILE E 342 33.32 -36.80 23.54
N SER E 343 33.79 -38.04 23.40
CA SER E 343 35.06 -38.44 23.99
C SER E 343 36.15 -38.29 22.94
N LYS E 344 37.04 -37.31 23.16
CA LYS E 344 38.04 -36.91 22.21
C LYS E 344 39.38 -36.74 22.93
N VAL E 345 40.40 -37.46 22.48
CA VAL E 345 41.76 -37.28 22.97
C VAL E 345 42.51 -36.44 21.95
N GLY E 346 43.49 -35.68 22.42
CA GLY E 346 44.40 -34.98 21.55
C GLY E 346 44.08 -33.51 21.39
N PRO E 347 44.61 -32.90 20.34
CA PRO E 347 44.39 -31.46 20.14
C PRO E 347 42.94 -31.16 19.76
N LEU E 348 42.53 -29.94 20.07
CA LEU E 348 41.21 -29.42 19.72
C LEU E 348 41.39 -28.12 18.95
N ALA E 349 40.96 -28.11 17.68
CA ALA E 349 41.28 -27.00 16.77
C ALA E 349 40.50 -25.74 17.12
N ASN E 350 39.16 -25.82 17.11
CA ASN E 350 38.27 -24.68 17.22
C ASN E 350 37.43 -24.79 18.50
N PRO E 351 36.48 -23.89 18.76
CA PRO E 351 35.58 -24.13 19.89
C PRO E 351 34.63 -25.30 19.69
N ALA E 352 34.24 -25.59 18.43
CA ALA E 352 33.33 -26.70 18.18
C ALA E 352 33.89 -28.01 18.70
N ASP E 353 35.20 -28.22 18.52
CA ASP E 353 35.87 -29.38 19.11
C ASP E 353 35.71 -29.39 20.63
N ARG E 354 36.07 -28.27 21.25
CA ARG E 354 36.06 -28.15 22.72
C ARG E 354 34.63 -28.25 23.24
N ASP E 355 33.69 -27.78 22.43
CA ASP E 355 32.24 -27.76 22.70
C ASP E 355 31.76 -29.20 22.79
N HIS E 356 32.38 -30.08 22.00
CA HIS E 356 31.99 -31.48 21.92
C HIS E 356 33.09 -32.42 22.43
N CYS E 357 33.81 -32.01 23.47
CA CYS E 357 34.86 -32.82 24.07
C CYS E 357 34.59 -32.95 25.56
N LEU E 358 34.14 -34.13 25.98
CA LEU E 358 33.82 -34.36 27.38
C LEU E 358 34.98 -34.02 28.29
N GLN E 359 36.21 -34.40 27.92
CA GLN E 359 37.36 -34.15 28.80
C GLN E 359 37.56 -32.66 29.03
N TYR E 360 37.40 -31.86 27.99
CA TYR E 360 37.50 -30.41 28.11
C TYR E 360 36.44 -29.86 29.06
N MET E 361 35.17 -30.21 28.81
CA MET E 361 34.05 -29.76 29.62
C MET E 361 34.06 -30.36 31.01
N THR E 362 34.95 -31.32 31.28
CA THR E 362 35.17 -31.79 32.65
C THR E 362 36.38 -31.13 33.30
N ALA E 363 37.42 -30.85 32.51
CA ALA E 363 38.67 -30.31 33.07
C ALA E 363 38.50 -28.84 33.48
N VAL E 364 37.95 -28.01 32.59
CA VAL E 364 37.74 -26.59 32.86
C VAL E 364 36.95 -26.38 34.14
N PRO E 365 35.73 -26.92 34.31
CA PRO E 365 35.03 -26.74 35.60
C PRO E 365 35.80 -27.29 36.78
N LEU E 366 36.59 -28.35 36.59
CA LEU E 366 37.39 -28.88 37.68
C LEU E 366 38.39 -27.84 38.18
N ILE E 367 38.78 -26.92 37.31
CA ILE E 367 39.83 -25.96 37.59
C ILE E 367 39.27 -24.60 37.97
N PHE E 368 38.23 -24.15 37.29
CA PHE E 368 37.73 -22.80 37.48
C PHE E 368 36.34 -22.76 38.10
N GLY E 369 35.87 -23.88 38.64
CA GLY E 369 34.58 -23.97 39.28
C GLY E 369 33.38 -23.59 38.42
N ASP E 370 33.56 -23.49 37.10
CA ASP E 370 32.48 -23.01 36.25
C ASP E 370 32.74 -23.42 34.80
N LEU E 371 31.81 -23.06 33.92
CA LEU E 371 31.92 -23.32 32.49
C LEU E 371 30.98 -22.37 31.79
N VAL E 372 31.53 -21.46 31.00
CA VAL E 372 30.74 -20.56 30.16
C VAL E 372 31.34 -20.60 28.76
N ALA E 373 30.66 -19.96 27.81
CA ALA E 373 31.10 -19.93 26.41
C ALA E 373 32.54 -19.40 26.28
N GLU E 374 32.94 -18.47 27.15
CA GLU E 374 34.29 -17.91 27.11
C GLU E 374 35.37 -18.99 27.19
N HIS E 375 35.09 -20.08 27.89
CA HIS E 375 36.09 -21.15 28.03
C HIS E 375 36.35 -21.90 26.72
N TYR E 376 35.46 -21.83 25.73
CA TYR E 376 35.69 -22.48 24.45
C TYR E 376 36.52 -21.62 23.49
N GLU E 377 37.30 -20.70 24.07
CA GLU E 377 38.11 -19.75 23.27
C GLU E 377 39.55 -20.22 23.19
N ASP E 378 40.09 -20.25 21.97
CA ASP E 378 41.51 -20.65 21.80
C ASP E 378 42.36 -19.74 22.70
N ALA E 379 41.95 -18.48 22.90
CA ALA E 379 42.78 -17.63 23.76
C ALA E 379 42.81 -18.15 25.19
N PHE E 380 41.65 -18.56 25.71
CA PHE E 380 41.56 -19.05 27.11
C PHE E 380 42.27 -20.41 27.22
N HIS E 381 42.11 -21.22 26.16
CA HIS E 381 42.71 -22.59 26.15
C HIS E 381 44.21 -22.50 26.38
N ALA E 382 44.89 -21.82 25.46
CA ALA E 382 46.35 -21.62 25.52
C ALA E 382 46.76 -20.97 26.85
N ALA E 383 46.02 -19.97 27.30
CA ALA E 383 46.38 -19.26 28.54
C ALA E 383 46.57 -20.22 29.70
N HIS E 384 45.93 -21.38 29.68
CA HIS E 384 46.10 -22.27 30.83
C HIS E 384 46.45 -23.67 30.34
N PRO E 385 47.71 -24.09 30.44
CA PRO E 385 48.10 -25.43 30.00
C PRO E 385 47.63 -26.55 30.93
N LEU E 386 46.95 -26.21 32.02
CA LEU E 386 46.50 -27.23 32.96
C LEU E 386 45.30 -28.00 32.42
N ILE E 387 44.58 -27.43 31.46
CA ILE E 387 43.45 -28.11 30.85
C ILE E 387 43.91 -29.41 30.21
N ASP E 388 44.97 -29.34 29.41
CA ASP E 388 45.48 -30.50 28.71
C ASP E 388 46.23 -31.44 29.63
N ARG E 389 46.94 -30.92 30.64
CA ARG E 389 47.55 -31.81 31.62
C ARG E 389 46.49 -32.72 32.22
N LEU E 390 45.36 -32.14 32.64
CA LEU E 390 44.28 -32.94 33.21
C LEU E 390 43.56 -33.76 32.14
N ARG E 391 43.39 -33.21 30.93
CA ARG E 391 42.77 -34.00 29.87
C ARG E 391 43.55 -35.28 29.61
N GLU E 392 44.89 -35.21 29.66
CA GLU E 392 45.72 -36.39 29.44
C GLU E 392 45.67 -37.36 30.59
N LYS E 393 45.28 -36.90 31.78
CA LYS E 393 45.09 -37.76 32.94
C LYS E 393 43.69 -38.38 33.02
N MET E 394 42.80 -38.11 32.06
CA MET E 394 41.40 -38.51 32.16
C MET E 394 41.15 -39.89 31.56
N GLU E 395 40.77 -40.83 32.41
CA GLU E 395 40.36 -42.18 32.02
C GLU E 395 38.84 -42.23 31.89
N ILE E 396 38.35 -42.60 30.71
CA ILE E 396 36.91 -42.69 30.45
C ILE E 396 36.49 -44.14 30.60
N VAL E 397 35.49 -44.41 31.44
CA VAL E 397 35.01 -45.76 31.63
C VAL E 397 33.49 -45.78 31.47
N GLU E 398 33.00 -46.78 30.73
CA GLU E 398 31.57 -46.98 30.56
C GLU E 398 31.00 -47.70 31.77
N GLU E 399 29.94 -47.12 32.36
CA GLU E 399 29.13 -47.86 33.33
C GLU E 399 28.00 -48.54 32.60
N PRO E 400 27.85 -49.86 32.68
CA PRO E 400 26.73 -50.50 32.00
C PRO E 400 25.39 -49.97 32.47
N ARG E 401 25.24 -49.67 33.76
CA ARG E 401 23.96 -49.16 34.24
C ARG E 401 23.61 -47.85 33.54
N TYR E 402 24.48 -46.83 33.70
CA TYR E 402 24.33 -45.54 33.02
C TYR E 402 23.88 -45.64 31.57
N SER E 403 24.46 -46.59 30.82
CA SER E 403 24.08 -46.76 29.43
C SER E 403 22.70 -47.37 29.30
N ARG E 404 22.36 -48.28 30.22
CA ARG E 404 21.03 -48.89 30.21
C ARG E 404 19.96 -47.87 30.61
N GLU E 405 20.17 -47.16 31.73
CA GLU E 405 19.20 -46.18 32.20
C GLU E 405 19.11 -44.98 31.26
N TYR E 406 20.16 -44.72 30.48
CA TYR E 406 20.05 -43.73 29.40
C TYR E 406 18.91 -44.09 28.46
N LEU E 407 18.66 -45.39 28.31
CA LEU E 407 17.71 -45.92 27.34
C LEU E 407 16.33 -46.22 27.90
N GLU E 408 16.20 -46.45 29.21
CA GLU E 408 14.94 -46.89 29.79
C GLU E 408 13.97 -45.72 29.93
N ALA E 409 12.72 -45.95 29.52
CA ALA E 409 11.71 -44.89 29.42
C ALA E 409 11.16 -44.44 30.76
N ASP E 410 11.44 -45.16 31.84
CA ASP E 410 11.12 -44.65 33.17
C ASP E 410 12.19 -43.73 33.73
N LYS E 411 13.39 -43.68 33.12
CA LYS E 411 14.53 -42.91 33.64
C LYS E 411 15.05 -41.86 32.66
N ARG E 412 15.50 -42.26 31.48
CA ARG E 412 16.24 -41.38 30.56
C ARG E 412 17.30 -40.61 31.33
N SER E 413 18.15 -41.39 31.98
CA SER E 413 19.36 -40.87 32.62
C SER E 413 20.31 -40.28 31.57
N ILE E 414 21.18 -39.35 32.02
CA ILE E 414 22.31 -38.86 31.22
C ILE E 414 23.50 -38.69 32.16
N ALA E 415 24.12 -39.80 32.56
CA ALA E 415 24.85 -39.89 33.81
C ALA E 415 26.36 -39.81 33.63
N ASN E 416 27.01 -39.14 34.59
CA ASN E 416 28.46 -38.94 34.64
C ASN E 416 28.89 -38.95 36.08
N ALA E 417 29.77 -39.87 36.45
CA ALA E 417 30.44 -39.87 37.75
C ALA E 417 31.90 -39.50 37.55
N VAL E 418 32.40 -38.58 38.38
CA VAL E 418 33.77 -38.09 38.28
C VAL E 418 34.52 -38.35 39.59
N GLU E 419 35.76 -38.83 39.48
CA GLU E 419 36.60 -39.09 40.65
C GLU E 419 38.02 -38.63 40.37
N VAL E 420 38.63 -38.00 41.37
CA VAL E 420 39.94 -37.36 41.22
C VAL E 420 40.90 -38.01 42.20
N PHE E 421 42.05 -38.46 41.68
CA PHE E 421 43.08 -39.14 42.45
C PHE E 421 44.35 -38.30 42.50
N PHE E 422 45.08 -38.45 43.60
CA PHE E 422 46.26 -37.63 43.85
C PHE E 422 47.52 -38.50 43.84
N ASP E 423 48.67 -37.83 43.62
CA ASP E 423 49.93 -38.54 43.45
C ASP E 423 50.29 -39.35 44.70
N ASP E 424 49.88 -38.88 45.88
CA ASP E 424 50.10 -39.58 47.14
C ASP E 424 49.09 -40.71 47.37
N GLY E 425 48.29 -41.07 46.37
CA GLY E 425 47.38 -42.19 46.48
C GLY E 425 46.01 -41.86 47.02
N SER E 426 45.82 -40.67 47.60
CA SER E 426 44.50 -40.32 48.12
C SER E 426 43.58 -39.93 46.97
N SER E 427 42.30 -39.75 47.30
CA SER E 427 41.33 -39.30 46.31
C SER E 427 40.18 -38.55 46.97
N THR E 428 39.52 -37.73 46.17
CA THR E 428 38.16 -37.28 46.48
C THR E 428 37.27 -38.52 46.57
N GLY E 429 35.99 -38.35 46.77
CA GLY E 429 35.07 -39.44 46.51
C GLY E 429 34.81 -39.55 45.02
N GLN E 430 33.78 -40.32 44.68
CA GLN E 430 33.19 -40.31 43.34
C GLN E 430 31.90 -39.49 43.41
N VAL E 431 31.88 -38.35 42.71
CA VAL E 431 30.69 -37.49 42.63
C VAL E 431 29.85 -37.90 41.41
N ALA E 432 28.69 -38.50 41.66
CA ALA E 432 27.79 -38.95 40.62
C ALA E 432 26.60 -38.01 40.50
N VAL E 433 26.38 -37.47 39.30
CA VAL E 433 25.17 -36.74 38.93
C VAL E 433 24.52 -37.48 37.77
N GLU E 434 23.35 -38.08 37.99
CA GLU E 434 22.73 -38.89 36.96
C GLU E 434 21.73 -38.13 36.09
N TYR E 435 21.23 -36.99 36.53
CA TYR E 435 20.21 -36.26 35.78
C TYR E 435 20.61 -34.79 35.68
N PRO E 436 20.66 -34.22 34.48
CA PRO E 436 21.01 -32.81 34.34
C PRO E 436 19.88 -31.91 34.84
N LEU E 437 20.20 -30.64 35.08
CA LEU E 437 19.22 -29.72 35.65
C LEU E 437 17.98 -29.58 34.75
N GLY E 438 18.15 -29.64 33.44
CA GLY E 438 17.01 -29.50 32.56
C GLY E 438 16.15 -30.72 32.40
N HIS E 439 16.31 -31.73 33.24
CA HIS E 439 15.58 -33.00 33.19
C HIS E 439 14.32 -32.94 34.04
N ARG E 440 13.33 -33.77 33.69
CA ARG E 440 12.04 -33.75 34.41
C ARG E 440 12.22 -33.99 35.90
N ARG E 441 13.19 -34.82 36.29
CA ARG E 441 13.38 -35.17 37.69
C ARG E 441 13.91 -34.00 38.52
N ARG E 442 14.36 -32.93 37.86
CA ARG E 442 14.82 -31.75 38.60
C ARG E 442 14.05 -30.50 38.18
N ARG E 443 12.84 -30.67 37.64
CA ARG E 443 11.99 -29.54 37.29
C ARG E 443 11.95 -28.48 38.38
N ALA E 444 11.84 -28.90 39.64
CA ALA E 444 11.74 -27.93 40.73
C ALA E 444 12.93 -26.99 40.72
N GLU E 445 14.15 -27.52 40.67
CA GLU E 445 15.29 -26.62 40.69
C GLU E 445 15.55 -25.99 39.34
N GLY E 446 15.22 -26.68 38.25
CA GLY E 446 15.55 -26.15 36.93
C GLY E 446 14.73 -24.92 36.57
N ILE E 447 13.46 -24.89 36.99
CA ILE E 447 12.55 -23.82 36.55
C ILE E 447 13.03 -22.45 36.98
N PRO E 448 13.44 -22.23 38.23
CA PRO E 448 14.13 -20.96 38.54
C PRO E 448 15.20 -20.57 37.52
N LEU E 449 16.05 -21.52 37.10
CA LEU E 449 17.12 -21.22 36.16
C LEU E 449 16.58 -20.97 34.77
N LEU E 450 15.53 -21.71 34.37
CA LEU E 450 14.93 -21.47 33.07
C LEU E 450 14.37 -20.05 33.00
N GLN E 451 13.77 -19.58 34.10
CA GLN E 451 13.11 -18.28 34.11
C GLN E 451 14.13 -17.16 34.12
N GLU E 452 15.21 -17.34 34.87
CA GLU E 452 16.30 -16.37 34.84
C GLU E 452 16.94 -16.29 33.45
N LYS E 453 17.03 -17.44 32.77
CA LYS E 453 17.61 -17.47 31.43
C LYS E 453 16.71 -16.76 30.43
N PHE E 454 15.40 -16.94 30.56
CA PHE E 454 14.44 -16.18 29.78
C PHE E 454 14.58 -14.68 30.07
N LYS E 455 14.66 -14.31 31.34
CA LYS E 455 14.78 -12.90 31.68
C LYS E 455 16.05 -12.27 31.09
N ALA E 456 17.17 -12.99 31.12
CA ALA E 456 18.38 -12.41 30.53
C ALA E 456 18.22 -12.22 29.03
N ASN E 457 17.74 -13.26 28.35
CA ASN E 457 17.61 -13.19 26.89
C ASN E 457 16.62 -12.11 26.46
N LEU E 458 15.46 -12.01 27.13
CA LEU E 458 14.57 -10.89 26.87
C LEU E 458 15.30 -9.55 26.95
N ALA E 459 16.20 -9.42 27.93
CA ALA E 459 16.86 -8.14 28.15
C ALA E 459 17.91 -7.81 27.09
N THR E 460 18.37 -8.79 26.29
CA THR E 460 19.20 -8.41 25.14
C THR E 460 18.38 -7.78 24.00
N ARG E 461 17.08 -7.67 24.11
CA ARG E 461 16.27 -7.24 22.96
C ARG E 461 15.22 -6.20 23.31
N PHE E 462 14.64 -6.23 24.51
CA PHE E 462 13.60 -5.31 24.88
C PHE E 462 14.04 -4.48 26.07
N PRO E 463 13.59 -3.24 26.16
CA PRO E 463 13.85 -2.41 27.34
C PRO E 463 13.10 -2.94 28.55
N PRO E 464 13.44 -2.46 29.76
CA PRO E 464 12.98 -3.13 30.98
C PRO E 464 11.47 -3.22 31.15
N GLN E 465 10.69 -2.18 30.88
CA GLN E 465 9.26 -2.32 31.13
C GLN E 465 8.62 -3.34 30.18
N ARG E 466 9.03 -3.37 28.90
CA ARG E 466 8.50 -4.40 28.02
C ARG E 466 8.91 -5.79 28.50
N CYS E 467 10.16 -5.92 28.97
CA CYS E 467 10.61 -7.19 29.53
C CYS E 467 9.75 -7.61 30.70
N GLN E 468 9.35 -6.66 31.54
CA GLN E 468 8.48 -6.99 32.66
C GLN E 468 7.11 -7.43 32.18
N ARG E 469 6.51 -6.72 31.21
CA ARG E 469 5.20 -7.14 30.72
C ARG E 469 5.27 -8.53 30.13
N ILE E 470 6.32 -8.83 29.37
CA ILE E 470 6.41 -10.14 28.74
C ILE E 470 6.57 -11.22 29.80
N PHE E 471 7.50 -11.02 30.74
CA PHE E 471 7.69 -12.02 31.77
C PHE E 471 6.44 -12.20 32.61
N ASP E 472 5.81 -11.09 33.02
CA ASP E 472 4.61 -11.20 33.87
C ASP E 472 3.50 -11.96 33.18
N LEU E 473 3.31 -11.75 31.87
CA LEU E 473 2.25 -12.45 31.15
C LEU E 473 2.56 -13.94 31.03
N CYS E 474 3.79 -14.28 30.64
CA CYS E 474 4.19 -15.67 30.51
C CYS E 474 4.20 -16.42 31.85
N SER E 475 4.15 -15.70 32.97
CA SER E 475 4.25 -16.26 34.31
C SER E 475 2.95 -16.90 34.76
N HIS E 476 1.83 -16.42 34.26
CA HIS E 476 0.53 -16.81 34.77
C HIS E 476 -0.11 -17.71 33.72
N GLN E 477 -0.23 -18.99 34.07
CA GLN E 477 -0.78 -19.97 33.14
C GLN E 477 -2.14 -19.53 32.60
N ALA E 478 -3.09 -19.24 33.50
CA ALA E 478 -4.45 -18.98 33.05
C ALA E 478 -4.53 -17.71 32.21
N SER E 479 -3.82 -16.67 32.64
CA SER E 479 -3.79 -15.42 31.87
C SER E 479 -3.17 -15.62 30.49
N LEU E 480 -1.99 -16.25 30.42
CA LEU E 480 -1.37 -16.48 29.12
C LEU E 480 -2.28 -17.28 28.20
N GLU E 481 -2.93 -18.31 28.75
CA GLU E 481 -3.75 -19.17 27.91
C GLU E 481 -4.91 -18.42 27.28
N ALA E 482 -5.47 -17.46 27.99
CA ALA E 482 -6.61 -16.70 27.48
C ALA E 482 -6.18 -15.54 26.59
N THR E 483 -4.91 -15.34 26.40
CA THR E 483 -4.45 -14.24 25.56
C THR E 483 -4.60 -14.57 24.09
N PRO E 484 -5.25 -13.73 23.29
CA PRO E 484 -5.24 -13.92 21.83
C PRO E 484 -3.82 -13.95 21.29
N VAL E 485 -3.58 -14.84 20.30
CA VAL E 485 -2.24 -14.99 19.74
C VAL E 485 -1.75 -13.66 19.17
N ASN E 486 -2.62 -12.95 18.45
CA ASN E 486 -2.23 -11.67 17.86
C ASN E 486 -1.75 -10.67 18.92
N ARG E 487 -2.33 -10.71 20.13
CA ARG E 487 -1.95 -9.75 21.14
C ARG E 487 -0.64 -10.15 21.81
N PHE E 488 -0.42 -11.47 21.95
CA PHE E 488 0.87 -11.97 22.40
C PHE E 488 1.97 -11.54 21.45
N MET E 489 1.75 -11.70 20.15
CA MET E 489 2.75 -11.32 19.15
C MET E 489 2.95 -9.81 19.08
N ASP E 490 1.92 -9.02 19.38
CA ASP E 490 2.06 -7.57 19.51
C ASP E 490 3.19 -7.21 20.47
N LEU E 491 3.17 -7.79 21.68
CA LEU E 491 4.18 -7.53 22.71
C LEU E 491 5.60 -7.84 22.24
N LEU E 492 5.77 -8.76 21.29
CA LEU E 492 7.13 -9.17 20.91
C LEU E 492 7.65 -8.40 19.70
N ALA E 493 6.93 -7.41 19.19
CA ALA E 493 7.43 -6.73 17.98
C ALA E 493 8.37 -5.55 18.29
N ILE E 494 9.50 -5.51 17.59
CA ILE E 494 10.58 -4.49 17.55
C ILE E 494 11.40 -4.44 18.86
N ARG F 10 38.86 -29.15 5.18
CA ARG F 10 37.65 -28.93 4.39
C ARG F 10 37.89 -29.05 2.87
N PRO F 11 37.21 -29.96 2.20
CA PRO F 11 37.50 -30.21 0.78
C PRO F 11 37.09 -29.04 -0.09
N ASP F 12 37.53 -29.10 -1.33
CA ASP F 12 36.97 -28.24 -2.36
C ASP F 12 35.66 -28.87 -2.86
N TYR F 13 34.92 -28.10 -3.63
CA TYR F 13 33.65 -28.59 -4.14
C TYR F 13 33.88 -29.77 -5.06
N ASP F 14 33.03 -30.79 -4.95
CA ASP F 14 33.06 -31.88 -5.90
C ASP F 14 33.07 -31.35 -7.32
N ALA F 15 33.73 -32.07 -8.22
CA ALA F 15 33.95 -31.55 -9.56
C ALA F 15 32.65 -31.41 -10.37
N VAL F 16 31.65 -32.27 -10.12
CA VAL F 16 30.38 -32.14 -10.85
C VAL F 16 29.77 -30.74 -10.63
N LEU F 17 29.78 -30.26 -9.38
CA LEU F 17 29.32 -28.91 -9.11
C LEU F 17 30.18 -27.87 -9.83
N GLN F 18 31.52 -28.03 -9.78
CA GLN F 18 32.41 -27.07 -10.43
C GLN F 18 32.19 -26.99 -11.93
N ASP F 19 31.98 -28.13 -12.58
CA ASP F 19 31.82 -28.14 -14.04
C ASP F 19 30.52 -27.47 -14.46
N ILE F 20 29.47 -27.59 -13.66
CA ILE F 20 28.25 -26.84 -13.89
C ILE F 20 28.51 -25.34 -13.70
N ALA F 21 29.14 -24.99 -12.57
CA ALA F 21 29.45 -23.59 -12.26
C ALA F 21 30.27 -22.92 -13.37
N ASP F 22 31.33 -23.59 -13.83
CA ASP F 22 32.18 -22.95 -14.83
C ASP F 22 31.45 -22.81 -16.15
N TYR F 23 30.61 -23.79 -16.47
CA TYR F 23 29.76 -23.69 -17.65
C TYR F 23 28.82 -22.50 -17.56
N VAL F 24 28.07 -22.41 -16.46
CA VAL F 24 27.06 -21.36 -16.35
C VAL F 24 27.71 -19.99 -16.41
N LEU F 25 28.91 -19.85 -15.84
CA LEU F 25 29.52 -18.52 -15.74
C LEU F 25 30.27 -18.13 -17.01
N ASP F 26 30.91 -19.08 -17.69
CA ASP F 26 31.87 -18.74 -18.72
C ASP F 26 31.49 -19.18 -20.13
N TYR F 27 30.60 -20.14 -20.30
CA TYR F 27 30.32 -20.64 -21.65
C TYR F 27 29.60 -19.58 -22.48
N ARG F 28 30.06 -19.41 -23.72
CA ARG F 28 29.45 -18.47 -24.66
C ARG F 28 28.61 -19.28 -25.64
N ILE F 29 27.29 -19.06 -25.62
CA ILE F 29 26.44 -19.74 -26.58
C ILE F 29 26.65 -19.09 -27.94
N ASP F 30 27.15 -19.88 -28.89
CA ASP F 30 27.39 -19.39 -30.26
C ASP F 30 26.58 -20.13 -31.31
N SER F 31 25.61 -20.97 -30.91
CA SER F 31 24.75 -21.68 -31.84
C SER F 31 23.47 -20.87 -32.09
N THR F 32 23.34 -20.34 -33.31
CA THR F 32 22.13 -19.62 -33.67
C THR F 32 20.91 -20.55 -33.79
N GLU F 33 21.11 -21.84 -34.05
CA GLU F 33 19.99 -22.75 -34.01
C GLU F 33 19.44 -22.88 -32.60
N ALA F 34 20.33 -23.06 -31.60
CA ALA F 34 19.88 -23.11 -30.22
C ALA F 34 19.02 -21.90 -29.87
N LEU F 35 19.50 -20.70 -30.26
CA LEU F 35 18.73 -19.49 -30.03
C LEU F 35 17.37 -19.52 -30.71
N ASP F 36 17.33 -20.00 -31.96
CA ASP F 36 16.05 -20.09 -32.67
C ASP F 36 15.09 -21.03 -31.94
N THR F 37 15.52 -22.27 -31.68
CA THR F 37 14.57 -23.20 -31.11
C THR F 37 14.26 -22.88 -29.65
N ALA F 38 15.20 -22.23 -28.94
CA ALA F 38 14.89 -21.65 -27.62
C ALA F 38 13.72 -20.67 -27.72
N ARG F 39 13.74 -19.79 -28.71
CA ARG F 39 12.62 -18.88 -28.92
C ARG F 39 11.32 -19.66 -29.12
N ASN F 40 11.34 -20.70 -29.95
CA ASN F 40 10.12 -21.46 -30.20
C ASN F 40 9.69 -22.23 -28.96
N CYS F 41 10.66 -22.73 -28.19
CA CYS F 41 10.36 -23.31 -26.89
C CYS F 41 9.61 -22.33 -25.99
N LEU F 42 10.06 -21.07 -25.96
CA LEU F 42 9.43 -20.06 -25.11
C LEU F 42 7.97 -19.88 -25.50
N MET F 43 7.70 -19.74 -26.80
CA MET F 43 6.34 -19.63 -27.28
C MET F 43 5.54 -20.86 -26.90
N ASP F 44 6.07 -22.03 -27.26
CA ASP F 44 5.36 -23.27 -26.96
C ASP F 44 5.06 -23.39 -25.48
N THR F 45 6.06 -23.09 -24.63
CA THR F 45 5.86 -23.26 -23.19
C THR F 45 4.85 -22.27 -22.65
N LEU F 46 4.92 -21.00 -23.07
CA LEU F 46 3.96 -20.01 -22.60
C LEU F 46 2.55 -20.39 -23.04
N GLY F 47 2.39 -20.90 -24.27
CA GLY F 47 1.07 -21.33 -24.69
C GLY F 47 0.50 -22.42 -23.80
N CYS F 48 1.33 -23.39 -23.43
CA CYS F 48 0.90 -24.45 -22.52
C CYS F 48 0.41 -23.87 -21.21
N GLY F 49 1.15 -22.91 -20.66
CA GLY F 49 0.74 -22.29 -19.41
C GLY F 49 -0.60 -21.60 -19.53
N LEU F 50 -0.78 -20.84 -20.62
CA LEU F 50 -2.05 -20.13 -20.82
C LEU F 50 -3.23 -21.11 -20.83
N LEU F 51 -3.08 -22.23 -21.53
CA LEU F 51 -4.16 -23.20 -21.62
C LEU F 51 -4.50 -23.80 -20.26
N ALA F 52 -3.50 -24.03 -19.41
CA ALA F 52 -3.75 -24.58 -18.08
C ALA F 52 -4.63 -23.67 -17.22
N LEU F 53 -4.73 -22.39 -17.57
CA LEU F 53 -5.57 -21.50 -16.75
C LEU F 53 -7.07 -21.79 -16.90
N ARG F 54 -7.48 -22.74 -17.76
CA ARG F 54 -8.87 -23.19 -17.82
C ARG F 54 -9.14 -24.36 -16.89
N PHE F 55 -8.17 -24.76 -16.05
CA PHE F 55 -8.28 -25.98 -15.24
C PHE F 55 -8.22 -25.67 -13.75
N PRO F 56 -9.35 -25.66 -13.05
CA PRO F 56 -9.36 -25.17 -11.66
C PRO F 56 -8.53 -25.99 -10.70
N GLU F 57 -8.22 -27.25 -11.01
CA GLU F 57 -7.26 -27.96 -10.17
C GLU F 57 -5.86 -27.38 -10.31
N CYS F 58 -5.60 -26.69 -11.42
CA CYS F 58 -4.36 -25.95 -11.54
C CYS F 58 -4.47 -24.60 -10.83
N THR F 59 -5.45 -23.79 -11.25
CA THR F 59 -5.53 -22.41 -10.78
C THR F 59 -5.67 -22.31 -9.27
N LYS F 60 -6.23 -23.34 -8.61
CA LYS F 60 -6.36 -23.28 -7.15
C LYS F 60 -5.01 -23.11 -6.44
N HIS F 61 -3.88 -23.39 -7.11
CA HIS F 61 -2.57 -23.26 -6.49
C HIS F 61 -1.97 -21.87 -6.63
N LEU F 62 -2.46 -21.08 -7.58
CA LEU F 62 -1.81 -19.86 -8.03
C LEU F 62 -2.14 -18.67 -7.14
N GLY F 63 -1.37 -17.60 -7.29
CA GLY F 63 -1.63 -16.37 -6.60
C GLY F 63 -0.82 -16.22 -5.33
N PRO F 64 -1.03 -15.12 -4.61
CA PRO F 64 -0.24 -14.87 -3.41
C PRO F 64 -0.67 -15.77 -2.27
N LEU F 65 0.28 -16.10 -1.39
CA LEU F 65 -0.09 -16.88 -0.21
C LEU F 65 -1.04 -16.12 0.71
N VAL F 66 -0.92 -14.78 0.77
CA VAL F 66 -1.84 -13.95 1.51
C VAL F 66 -2.46 -12.94 0.54
N GLU F 67 -3.79 -13.00 0.40
CA GLU F 67 -4.53 -12.10 -0.48
C GLU F 67 -4.23 -10.65 -0.13
N GLY F 68 -4.22 -9.80 -1.16
CA GLY F 68 -3.89 -8.41 -0.95
C GLY F 68 -2.43 -8.09 -0.69
N THR F 69 -1.52 -9.08 -0.73
CA THR F 69 -0.11 -8.81 -0.53
C THR F 69 0.42 -7.89 -1.63
N LEU F 70 1.25 -6.91 -1.24
CA LEU F 70 1.85 -5.94 -2.17
C LEU F 70 3.33 -6.22 -2.34
N VAL F 71 3.73 -6.62 -3.53
CA VAL F 71 5.14 -6.87 -3.81
C VAL F 71 5.62 -5.75 -4.73
N PRO F 72 6.54 -4.90 -4.28
CA PRO F 72 7.15 -3.91 -5.19
C PRO F 72 7.87 -4.61 -6.31
N HIS F 73 7.63 -4.17 -7.54
CA HIS F 73 8.37 -4.66 -8.69
C HIS F 73 8.18 -6.18 -8.85
N GLY F 74 7.03 -6.68 -8.38
CA GLY F 74 6.82 -8.11 -8.33
C GLY F 74 6.73 -8.75 -9.70
N ALA F 75 6.99 -10.05 -9.72
CA ALA F 75 6.98 -10.79 -10.97
C ALA F 75 5.56 -11.13 -11.37
N ARG F 76 5.27 -11.05 -12.67
CA ARG F 76 3.95 -11.39 -13.20
C ARG F 76 3.87 -12.87 -13.57
N VAL F 77 2.67 -13.41 -13.45
CA VAL F 77 2.33 -14.74 -13.97
C VAL F 77 1.54 -14.51 -15.25
N PRO F 78 2.00 -15.01 -16.40
CA PRO F 78 1.29 -14.74 -17.66
C PRO F 78 -0.15 -15.24 -17.59
N GLY F 79 -1.05 -14.52 -18.27
CA GLY F 79 -2.45 -14.84 -18.28
C GLY F 79 -3.20 -14.44 -17.03
N THR F 80 -2.52 -13.89 -16.01
CA THR F 80 -3.14 -13.52 -14.75
C THR F 80 -2.85 -12.06 -14.44
N SER F 81 -3.32 -11.62 -13.28
CA SER F 81 -3.01 -10.30 -12.74
C SER F 81 -2.16 -10.39 -11.49
N PHE F 82 -1.63 -11.56 -11.18
CA PHE F 82 -0.79 -11.72 -10.01
C PHE F 82 0.55 -11.00 -10.17
N ARG F 83 0.98 -10.30 -9.11
CA ARG F 83 2.35 -9.79 -9.01
C ARG F 83 2.93 -10.27 -7.69
N LEU F 84 3.96 -11.10 -7.76
CA LEU F 84 4.38 -11.92 -6.64
C LEU F 84 5.88 -11.76 -6.47
N ASP F 85 6.39 -12.23 -5.33
CA ASP F 85 7.83 -12.39 -5.19
C ASP F 85 8.31 -13.44 -6.20
N PRO F 86 9.57 -13.38 -6.62
CA PRO F 86 10.04 -14.36 -7.62
C PRO F 86 9.77 -15.80 -7.23
N VAL F 87 9.90 -16.13 -5.94
CA VAL F 87 9.81 -17.52 -5.51
C VAL F 87 8.40 -18.10 -5.76
N LYS F 88 7.34 -17.33 -5.45
CA LYS F 88 6.00 -17.83 -5.70
C LYS F 88 5.59 -17.66 -7.16
N ALA F 89 6.04 -16.59 -7.83
CA ALA F 89 5.77 -16.51 -9.27
C ALA F 89 6.44 -17.66 -10.02
N ALA F 90 7.65 -18.06 -9.61
CA ALA F 90 8.29 -19.21 -10.24
C ALA F 90 7.49 -20.48 -10.00
N TRP F 91 7.06 -20.71 -8.76
CA TRP F 91 6.11 -21.78 -8.48
C TRP F 91 4.93 -21.76 -9.44
N ASP F 92 4.29 -20.59 -9.58
CA ASP F 92 3.06 -20.48 -10.37
C ASP F 92 3.31 -20.72 -11.85
N ILE F 93 4.35 -20.10 -12.41
CA ILE F 93 4.63 -20.29 -13.83
C ILE F 93 5.04 -21.74 -14.08
N GLY F 94 5.94 -22.26 -13.25
CA GLY F 94 6.35 -23.65 -13.41
C GLY F 94 5.15 -24.56 -13.37
N CYS F 95 4.19 -24.24 -12.49
CA CYS F 95 2.97 -25.02 -12.36
C CYS F 95 2.17 -25.02 -13.66
N ILE F 96 1.85 -23.85 -14.21
CA ILE F 96 0.92 -23.82 -15.34
C ILE F 96 1.58 -24.35 -16.61
N VAL F 97 2.89 -24.10 -16.83
CA VAL F 97 3.47 -24.54 -18.10
C VAL F 97 3.63 -26.06 -18.17
N ARG F 98 3.64 -26.73 -17.02
CA ARG F 98 3.76 -28.19 -17.00
C ARG F 98 2.42 -28.90 -16.84
N TRP F 99 1.36 -28.18 -16.46
CA TRP F 99 0.20 -28.85 -15.85
C TRP F 99 -0.40 -29.89 -16.78
N LEU F 100 -0.59 -29.53 -18.05
CA LEU F 100 -1.30 -30.40 -18.98
C LEU F 100 -0.41 -31.38 -19.73
N ASP F 101 0.89 -31.40 -19.42
CA ASP F 101 1.84 -32.33 -20.06
C ASP F 101 1.87 -32.14 -21.57
N TYR F 102 1.79 -30.89 -22.02
CA TYR F 102 1.99 -30.59 -23.44
C TYR F 102 3.29 -29.88 -23.73
N ASN F 103 4.12 -29.64 -22.71
CA ASN F 103 5.39 -28.91 -22.91
C ASN F 103 6.48 -29.82 -23.48
N ASP F 104 7.65 -29.24 -23.76
CA ASP F 104 8.82 -29.93 -24.39
C ASP F 104 9.34 -31.07 -23.53
N THR F 105 9.96 -32.06 -24.18
CA THR F 105 10.43 -33.26 -23.47
C THR F 105 11.86 -33.65 -23.84
N TRP F 106 12.55 -34.28 -22.93
CA TRP F 106 13.87 -34.87 -23.18
C TRP F 106 13.84 -36.33 -22.74
N LEU F 107 14.12 -37.23 -23.68
CA LEU F 107 14.09 -38.67 -23.42
C LEU F 107 15.52 -39.20 -23.41
N ALA F 108 15.93 -39.77 -22.28
CA ALA F 108 17.28 -40.29 -22.13
C ALA F 108 17.25 -41.29 -20.97
N ALA F 109 18.37 -41.43 -20.27
CA ALA F 109 18.37 -42.31 -19.11
C ALA F 109 17.34 -41.86 -18.09
N GLU F 110 17.23 -40.54 -17.89
CA GLU F 110 16.13 -39.93 -17.16
C GLU F 110 15.25 -39.20 -18.17
N TRP F 111 13.93 -39.31 -17.99
CA TRP F 111 12.95 -38.50 -18.72
C TRP F 111 12.69 -37.20 -17.97
N GLY F 112 12.33 -36.15 -18.73
CA GLY F 112 12.18 -34.84 -18.12
C GLY F 112 11.57 -33.84 -19.09
N HIS F 113 11.28 -32.65 -18.56
CA HIS F 113 10.62 -31.58 -19.32
C HIS F 113 11.34 -30.26 -19.06
N PRO F 114 12.45 -30.00 -19.75
CA PRO F 114 13.36 -28.95 -19.30
C PRO F 114 12.80 -27.55 -19.46
N SER F 115 11.78 -27.37 -20.29
CA SER F 115 11.01 -26.13 -20.32
C SER F 115 10.43 -25.77 -18.96
N ASP F 116 10.26 -26.74 -18.04
CA ASP F 116 9.75 -26.39 -16.71
C ASP F 116 10.60 -25.31 -16.06
N ASN F 117 11.90 -25.29 -16.37
CA ASN F 117 12.81 -24.33 -15.76
C ASN F 117 12.43 -22.89 -16.11
N LEU F 118 11.58 -22.67 -17.12
CA LEU F 118 11.16 -21.32 -17.42
C LEU F 118 10.53 -20.63 -16.23
N GLY F 119 10.03 -21.38 -15.25
CA GLY F 119 9.40 -20.77 -14.11
C GLY F 119 10.36 -19.87 -13.38
N GLY F 120 11.47 -20.46 -12.93
CA GLY F 120 12.49 -19.68 -12.26
C GLY F 120 13.07 -18.59 -13.14
N ILE F 121 13.39 -18.93 -14.39
CA ILE F 121 14.02 -17.95 -15.29
C ILE F 121 13.14 -16.71 -15.40
N LEU F 122 11.90 -16.89 -15.85
CA LEU F 122 11.02 -15.75 -16.11
C LEU F 122 10.77 -14.92 -14.86
N ALA F 123 10.52 -15.57 -13.72
CA ALA F 123 10.16 -14.83 -12.52
C ALA F 123 11.33 -14.00 -12.02
N VAL F 124 12.54 -14.58 -12.04
CA VAL F 124 13.70 -13.85 -11.54
C VAL F 124 14.06 -12.72 -12.49
N ALA F 125 14.06 -13.00 -13.80
CA ALA F 125 14.45 -11.97 -14.77
C ALA F 125 13.42 -10.86 -14.81
N ASP F 126 12.13 -11.20 -14.63
CA ASP F 126 11.10 -10.16 -14.62
C ASP F 126 11.29 -9.23 -13.43
N HIS F 127 11.39 -9.82 -12.24
CA HIS F 127 11.57 -9.02 -11.03
C HIS F 127 12.82 -8.14 -11.15
N LEU F 128 13.90 -8.68 -11.72
CA LEU F 128 15.19 -7.97 -11.65
C LEU F 128 15.27 -6.84 -12.67
N SER F 129 14.67 -7.02 -13.87
CA SER F 129 14.59 -5.90 -14.82
C SER F 129 13.82 -4.73 -14.21
N GLN F 130 12.71 -5.00 -13.52
CA GLN F 130 11.91 -3.93 -12.92
C GLN F 130 12.71 -3.20 -11.83
N LYS F 131 13.34 -3.96 -10.93
CA LYS F 131 14.17 -3.38 -9.89
C LYS F 131 15.29 -2.52 -10.49
N ARG F 132 16.01 -3.05 -11.47
CA ARG F 132 17.11 -2.29 -12.07
C ARG F 132 16.61 -1.05 -12.80
N LEU F 133 15.44 -1.17 -13.45
CA LEU F 133 14.86 -0.03 -14.14
C LEU F 133 14.56 1.10 -13.17
N ALA F 134 14.03 0.76 -11.99
CA ALA F 134 13.70 1.77 -10.99
C ALA F 134 14.94 2.41 -10.39
N ASN F 135 16.11 1.77 -10.52
CA ASN F 135 17.36 2.33 -10.03
C ASN F 135 18.15 3.01 -11.13
N GLY F 136 17.53 3.23 -12.28
CA GLY F 136 18.19 3.90 -13.38
C GLY F 136 19.09 3.02 -14.20
N GLU F 137 19.17 1.73 -13.90
CA GLU F 137 20.00 0.79 -14.64
C GLU F 137 19.21 0.17 -15.79
N ALA F 138 19.94 -0.56 -16.63
CA ALA F 138 19.32 -1.26 -17.74
C ALA F 138 18.57 -2.50 -17.24
N PRO F 139 17.39 -2.78 -17.80
CA PRO F 139 16.77 -4.09 -17.60
C PRO F 139 17.54 -5.20 -18.30
N LEU F 140 17.18 -6.43 -17.97
CA LEU F 140 17.63 -7.59 -18.72
C LEU F 140 16.84 -7.70 -20.01
N SER F 141 17.43 -8.34 -21.00
CA SER F 141 16.74 -8.53 -22.26
C SER F 141 16.21 -9.95 -22.35
N MET F 142 15.25 -10.16 -23.25
CA MET F 142 14.78 -11.52 -23.45
C MET F 142 15.88 -12.41 -24.04
N ARG F 143 16.87 -11.84 -24.71
CA ARG F 143 18.06 -12.59 -25.11
C ARG F 143 18.61 -13.40 -23.95
N GLN F 144 18.66 -12.78 -22.77
CA GLN F 144 19.21 -13.43 -21.59
C GLN F 144 18.30 -14.51 -21.03
N VAL F 145 16.96 -14.42 -21.21
CA VAL F 145 16.16 -15.56 -20.77
C VAL F 145 16.37 -16.73 -21.72
N LEU F 146 16.49 -16.47 -23.03
CA LEU F 146 16.83 -17.54 -23.98
C LEU F 146 18.13 -18.24 -23.60
N GLU F 147 19.17 -17.45 -23.29
CA GLU F 147 20.42 -18.07 -22.87
C GLU F 147 20.24 -18.88 -21.58
N ALA F 148 19.46 -18.35 -20.64
CA ALA F 148 19.17 -19.11 -19.42
C ALA F 148 18.46 -20.43 -19.74
N MET F 149 17.50 -20.40 -20.67
CA MET F 149 16.77 -21.62 -21.02
C MET F 149 17.71 -22.65 -21.61
N ILE F 150 18.58 -22.21 -22.52
CA ILE F 150 19.53 -23.11 -23.17
C ILE F 150 20.42 -23.78 -22.14
N MET F 151 20.88 -23.03 -21.14
CA MET F 151 21.73 -23.61 -20.12
C MET F 151 20.96 -24.51 -19.18
N ALA F 152 19.75 -24.09 -18.77
CA ALA F 152 18.90 -24.97 -17.96
C ALA F 152 18.65 -26.30 -18.67
N HIS F 153 18.19 -26.25 -19.93
CA HIS F 153 18.08 -27.45 -20.74
C HIS F 153 19.36 -28.29 -20.69
N GLU F 154 20.50 -27.66 -20.99
CA GLU F 154 21.75 -28.41 -21.09
C GLU F 154 22.07 -29.13 -19.79
N ILE F 155 22.02 -28.40 -18.67
CA ILE F 155 22.36 -28.98 -17.38
C ILE F 155 21.47 -30.17 -17.07
N GLN F 156 20.15 -29.96 -17.15
CA GLN F 156 19.21 -31.05 -16.92
C GLN F 156 19.41 -32.16 -17.93
N GLY F 157 19.36 -31.83 -19.22
CA GLY F 157 19.38 -32.85 -20.24
C GLY F 157 20.65 -33.68 -20.23
N VAL F 158 21.81 -33.04 -20.03
CA VAL F 158 23.08 -33.76 -20.14
C VAL F 158 23.27 -34.68 -18.94
N ILE F 159 22.86 -34.25 -17.74
CA ILE F 159 22.95 -35.13 -16.57
C ILE F 159 22.02 -36.32 -16.75
N ALA F 160 20.90 -36.12 -17.45
CA ALA F 160 19.96 -37.19 -17.70
C ALA F 160 20.43 -38.19 -18.76
N LEU F 161 21.53 -37.90 -19.47
CA LEU F 161 21.90 -38.80 -20.57
C LEU F 161 22.17 -40.21 -20.07
N GLU F 162 22.87 -40.33 -18.95
CA GLU F 162 23.24 -41.62 -18.41
C GLU F 162 22.79 -41.87 -16.97
N ASN F 163 22.27 -40.85 -16.31
CA ASN F 163 21.93 -40.96 -14.86
C ASN F 163 20.42 -41.03 -14.65
N SER F 164 19.93 -42.15 -14.14
CA SER F 164 18.48 -42.32 -13.88
C SER F 164 18.17 -42.19 -12.39
N PHE F 165 17.21 -41.36 -12.05
CA PHE F 165 16.84 -41.16 -10.64
C PHE F 165 15.65 -42.08 -10.39
N ASN F 166 14.94 -42.34 -11.47
CA ASN F 166 13.79 -43.26 -11.50
C ASN F 166 14.23 -44.62 -10.94
N ARG F 167 15.43 -45.09 -11.28
CA ARG F 167 15.85 -46.40 -10.78
C ARG F 167 16.26 -46.38 -9.32
N VAL F 168 16.62 -45.23 -8.76
CA VAL F 168 16.87 -45.15 -7.32
C VAL F 168 15.66 -44.62 -6.58
N GLY F 169 14.49 -44.60 -7.22
CA GLY F 169 13.27 -44.25 -6.53
C GLY F 169 13.04 -42.77 -6.31
N LEU F 170 13.67 -41.90 -7.10
CA LEU F 170 13.53 -40.45 -6.97
C LEU F 170 12.91 -39.85 -8.22
N ASP F 171 12.12 -38.79 -8.02
CA ASP F 171 11.55 -38.05 -9.14
C ASP F 171 12.64 -37.31 -9.92
N HIS F 172 12.42 -37.14 -11.22
CA HIS F 172 13.34 -36.43 -12.14
C HIS F 172 13.35 -34.92 -11.84
N VAL F 173 12.51 -34.48 -10.93
CA VAL F 173 12.35 -33.03 -10.64
C VAL F 173 13.58 -32.47 -9.92
N LEU F 174 14.50 -33.33 -9.49
CA LEU F 174 15.70 -32.82 -8.86
C LEU F 174 16.62 -32.16 -9.88
N LEU F 175 16.60 -32.63 -11.12
CA LEU F 175 17.33 -31.95 -12.20
C LEU F 175 16.80 -30.54 -12.44
N VAL F 176 15.47 -30.35 -12.33
CA VAL F 176 14.88 -29.01 -12.42
C VAL F 176 15.41 -28.12 -11.31
N LYS F 177 15.41 -28.63 -10.08
CA LYS F 177 15.90 -27.87 -8.95
C LYS F 177 17.36 -27.47 -9.14
N VAL F 178 18.21 -28.42 -9.54
CA VAL F 178 19.64 -28.12 -9.77
C VAL F 178 19.80 -27.09 -10.88
N ALA F 179 19.19 -27.36 -12.04
CA ALA F 179 19.36 -26.46 -13.19
C ALA F 179 18.81 -25.08 -12.91
N SER F 180 17.62 -25.00 -12.28
CA SER F 180 17.06 -23.69 -11.92
C SER F 180 17.96 -22.96 -10.94
N THR F 181 18.47 -23.66 -9.91
CA THR F 181 19.32 -22.99 -8.92
C THR F 181 20.49 -22.28 -9.59
N ALA F 182 21.15 -22.95 -10.54
CA ALA F 182 22.35 -22.42 -11.17
C ALA F 182 22.03 -21.25 -12.07
N VAL F 183 21.04 -21.44 -12.95
CA VAL F 183 20.68 -20.41 -13.91
C VAL F 183 20.04 -19.22 -13.22
N CYS F 184 19.29 -19.45 -12.14
CA CYS F 184 18.72 -18.32 -11.41
C CYS F 184 19.78 -17.63 -10.55
N ALA F 185 20.73 -18.39 -10.00
CA ALA F 185 21.87 -17.77 -9.33
C ALA F 185 22.66 -16.86 -10.26
N LYS F 186 22.85 -17.27 -11.53
CA LYS F 186 23.59 -16.41 -12.46
C LYS F 186 22.81 -15.17 -12.84
N LEU F 187 21.50 -15.30 -13.07
CA LEU F 187 20.69 -14.12 -13.35
C LEU F 187 20.76 -13.13 -12.19
N MET F 188 20.75 -13.62 -10.96
CA MET F 188 20.92 -12.74 -9.82
C MET F 188 22.35 -12.19 -9.69
N GLY F 189 23.27 -12.56 -10.58
CA GLY F 189 24.64 -12.07 -10.46
C GLY F 189 25.53 -12.77 -9.45
N ALA F 190 25.33 -14.07 -9.23
CA ALA F 190 26.24 -14.84 -8.38
C ALA F 190 27.65 -14.87 -8.96
N ASP F 191 28.65 -14.78 -8.09
CA ASP F 191 30.03 -15.09 -8.45
C ASP F 191 30.24 -16.59 -8.30
N ARG F 192 31.46 -17.05 -8.57
CA ARG F 192 31.72 -18.49 -8.59
C ARG F 192 31.44 -19.14 -7.24
N GLU F 193 31.87 -18.49 -6.14
CA GLU F 193 31.73 -19.10 -4.81
C GLU F 193 30.28 -19.14 -4.35
N GLN F 194 29.51 -18.11 -4.67
CA GLN F 194 28.07 -18.14 -4.40
C GLN F 194 27.38 -19.17 -5.28
N LEU F 195 27.79 -19.25 -6.55
CA LEU F 195 27.15 -20.21 -7.45
C LEU F 195 27.34 -21.65 -6.96
N LEU F 196 28.59 -22.04 -6.71
CA LEU F 196 28.90 -23.34 -6.13
C LEU F 196 28.14 -23.58 -4.82
N ALA F 197 28.05 -22.56 -3.97
CA ALA F 197 27.32 -22.72 -2.72
C ALA F 197 25.86 -23.06 -2.99
N ALA F 198 25.22 -22.37 -3.94
CA ALA F 198 23.83 -22.68 -4.27
C ALA F 198 23.69 -24.11 -4.75
N LEU F 199 24.58 -24.55 -5.67
CA LEU F 199 24.50 -25.91 -6.20
C LEU F 199 24.59 -26.97 -5.10
N SER F 200 25.44 -26.74 -4.08
CA SER F 200 25.54 -27.75 -3.03
C SER F 200 24.26 -27.82 -2.21
N HIS F 201 23.56 -26.70 -2.06
CA HIS F 201 22.31 -26.72 -1.33
C HIS F 201 21.22 -27.44 -2.09
N ALA F 202 21.21 -27.33 -3.43
CA ALA F 202 20.28 -28.11 -4.22
C ALA F 202 20.54 -29.61 -4.12
N PHE F 203 21.79 -30.04 -3.89
CA PHE F 203 22.07 -31.47 -3.79
C PHE F 203 21.93 -32.00 -2.37
N VAL F 204 22.23 -31.17 -1.36
CA VAL F 204 21.98 -31.60 0.02
C VAL F 204 20.50 -31.60 0.32
N ASP F 205 19.74 -30.83 -0.47
CA ASP F 205 18.31 -30.70 -0.30
C ASP F 205 17.66 -32.08 -0.30
N GLY F 206 16.48 -32.16 0.31
CA GLY F 206 15.66 -33.35 0.13
C GLY F 206 15.15 -33.46 -1.30
N GLN F 207 15.18 -34.68 -1.83
CA GLN F 207 14.66 -34.96 -3.15
C GLN F 207 13.36 -35.75 -3.05
N ALA F 208 12.36 -35.31 -3.81
CA ALA F 208 11.04 -35.92 -3.78
C ALA F 208 11.06 -37.34 -4.34
N LEU F 209 10.30 -38.22 -3.69
CA LEU F 209 9.95 -39.51 -4.27
C LEU F 209 9.10 -39.28 -5.52
N ARG F 210 8.90 -40.34 -6.30
CA ARG F 210 7.96 -40.26 -7.42
C ARG F 210 6.73 -41.13 -7.19
N THR F 211 6.32 -41.29 -5.93
CA THR F 211 5.19 -42.15 -5.59
C THR F 211 3.91 -41.68 -6.29
N TYR F 212 3.73 -40.35 -6.41
CA TYR F 212 2.54 -39.76 -7.02
C TYR F 212 2.55 -39.89 -8.55
N ARG F 213 3.55 -40.55 -9.13
CA ARG F 213 3.50 -40.83 -10.54
C ARG F 213 3.10 -42.27 -10.86
N HIS F 214 2.82 -43.10 -9.86
CA HIS F 214 2.68 -44.54 -10.04
C HIS F 214 1.43 -45.06 -9.34
N ALA F 215 0.52 -45.64 -10.13
CA ALA F 215 -0.68 -46.32 -9.64
C ALA F 215 -0.29 -47.32 -8.55
N PRO F 216 -1.12 -47.51 -7.51
CA PRO F 216 -2.43 -46.92 -7.29
C PRO F 216 -2.40 -45.59 -6.54
N ASN F 217 -1.22 -44.94 -6.51
CA ASN F 217 -1.04 -43.71 -5.75
C ASN F 217 -0.85 -42.49 -6.62
N ALA F 218 -1.10 -42.59 -7.93
CA ALA F 218 -0.83 -41.47 -8.81
C ALA F 218 -1.82 -40.34 -8.56
N GLY F 219 -1.39 -39.13 -8.86
CA GLY F 219 -2.16 -37.97 -8.46
C GLY F 219 -1.53 -36.73 -9.03
N SER F 220 -2.18 -35.59 -8.75
CA SER F 220 -1.92 -34.38 -9.49
C SER F 220 -0.63 -33.69 -9.08
N ARG F 221 0.06 -34.18 -8.05
CA ARG F 221 1.40 -33.70 -7.80
C ARG F 221 2.33 -34.04 -8.95
N LYS F 222 1.98 -35.04 -9.77
CA LYS F 222 2.73 -35.29 -10.99
C LYS F 222 2.77 -34.06 -11.90
N SER F 223 1.81 -33.16 -11.71
CA SER F 223 1.63 -31.95 -12.51
C SER F 223 2.34 -30.73 -11.92
N TRP F 224 2.58 -30.67 -10.59
CA TRP F 224 3.18 -29.48 -9.98
C TRP F 224 4.52 -29.72 -9.30
N ALA F 225 5.00 -30.96 -9.19
CA ALA F 225 6.36 -31.21 -8.73
C ALA F 225 7.39 -30.31 -9.43
N ALA F 226 7.24 -30.15 -10.74
CA ALA F 226 8.18 -29.33 -11.50
C ALA F 226 8.19 -27.87 -11.03
N GLY F 227 7.00 -27.23 -10.98
CA GLY F 227 6.95 -25.84 -10.55
C GLY F 227 7.48 -25.65 -9.14
N ASP F 228 7.16 -26.59 -8.25
CA ASP F 228 7.69 -26.59 -6.89
C ASP F 228 9.21 -26.73 -6.87
N ALA F 229 9.80 -27.46 -7.85
CA ALA F 229 11.25 -27.63 -7.95
C ALA F 229 11.94 -26.38 -8.48
N THR F 230 11.45 -25.80 -9.57
CA THR F 230 12.09 -24.59 -10.06
C THR F 230 11.91 -23.45 -9.07
N SER F 231 10.77 -23.44 -8.35
CA SER F 231 10.57 -22.43 -7.31
C SER F 231 11.62 -22.57 -6.21
N ARG F 232 11.86 -23.80 -5.75
CA ARG F 232 12.87 -24.04 -4.75
C ARG F 232 14.26 -23.67 -5.24
N GLY F 233 14.48 -23.75 -6.57
CA GLY F 233 15.76 -23.30 -7.12
C GLY F 233 15.95 -21.80 -6.97
N VAL F 234 14.88 -21.03 -7.17
CA VAL F 234 14.93 -19.60 -6.88
C VAL F 234 15.31 -19.38 -5.43
N ARG F 235 14.68 -20.12 -4.51
CA ARG F 235 14.94 -19.88 -3.10
C ARG F 235 16.37 -20.27 -2.71
N LEU F 236 16.89 -21.36 -3.28
CA LEU F 236 18.27 -21.74 -2.96
C LEU F 236 19.27 -20.74 -3.53
N ALA F 237 19.03 -20.21 -4.73
CA ALA F 237 19.87 -19.15 -5.25
C ALA F 237 19.82 -17.91 -4.35
N ASP F 238 18.62 -17.50 -3.95
CA ASP F 238 18.49 -16.35 -3.06
C ASP F 238 19.29 -16.54 -1.78
N ILE F 239 19.23 -17.74 -1.20
CA ILE F 239 19.99 -18.03 0.00
C ILE F 239 21.49 -17.87 -0.26
N ALA F 240 21.99 -18.42 -1.38
CA ALA F 240 23.41 -18.26 -1.67
C ALA F 240 23.75 -16.81 -1.95
N LEU F 241 22.83 -16.04 -2.55
CA LEU F 241 23.13 -14.64 -2.78
C LEU F 241 23.16 -13.87 -1.48
N ARG F 242 22.35 -14.27 -0.50
CA ARG F 242 22.45 -13.65 0.81
C ARG F 242 23.80 -13.93 1.49
N GLY F 243 24.59 -14.87 0.97
CA GLY F 243 25.92 -15.15 1.50
C GLY F 243 26.12 -16.47 2.21
N GLU F 244 25.17 -17.40 2.15
CA GLU F 244 25.31 -18.62 2.93
C GLU F 244 26.44 -19.50 2.40
N MET F 245 27.18 -20.10 3.32
CA MET F 245 28.27 -20.99 2.96
C MET F 245 27.73 -22.27 2.33
N GLY F 246 28.64 -23.01 1.70
CA GLY F 246 28.30 -24.19 0.94
C GLY F 246 28.72 -25.45 1.66
N ILE F 247 28.47 -26.57 0.98
CA ILE F 247 28.79 -27.91 1.47
C ILE F 247 29.63 -28.62 0.42
N PRO F 248 30.98 -28.57 0.51
CA PRO F 248 31.80 -28.92 -0.67
C PRO F 248 31.72 -30.38 -1.06
N GLY F 249 31.68 -31.31 -0.12
CA GLY F 249 31.60 -32.69 -0.49
C GLY F 249 30.18 -33.26 -0.47
N VAL F 250 29.21 -32.46 -0.94
CA VAL F 250 27.80 -32.87 -0.86
C VAL F 250 27.57 -34.20 -1.59
N LEU F 251 28.15 -34.36 -2.78
CA LEU F 251 27.97 -35.61 -3.52
C LEU F 251 28.84 -36.73 -2.95
N SER F 252 30.16 -36.47 -2.81
CA SER F 252 31.12 -37.53 -2.63
C SER F 252 31.27 -38.00 -1.19
N ALA F 253 30.90 -37.18 -0.19
CA ALA F 253 31.20 -37.47 1.20
C ALA F 253 30.77 -38.88 1.57
N PRO F 254 31.59 -39.62 2.31
CA PRO F 254 31.21 -40.98 2.70
C PRO F 254 30.16 -40.99 3.81
N GLN F 255 29.29 -41.99 3.73
CA GLN F 255 28.20 -42.22 4.67
C GLN F 255 27.11 -41.16 4.56
N TRP F 256 27.50 -39.90 4.42
CA TRP F 256 26.59 -38.78 4.50
C TRP F 256 26.29 -38.11 3.16
N GLY F 257 26.95 -38.50 2.10
CA GLY F 257 26.82 -37.78 0.86
C GLY F 257 25.72 -38.28 -0.02
N PHE F 258 25.41 -37.48 -1.04
CA PHE F 258 24.34 -37.84 -1.96
C PHE F 258 24.58 -39.24 -2.54
N TYR F 259 25.84 -39.54 -2.87
CA TYR F 259 26.13 -40.77 -3.60
C TYR F 259 25.84 -41.99 -2.74
N ASP F 260 26.43 -42.04 -1.53
CA ASP F 260 26.19 -43.16 -0.62
C ASP F 260 24.73 -43.25 -0.20
N VAL F 261 24.14 -42.14 0.24
CA VAL F 261 22.80 -42.20 0.81
C VAL F 261 21.76 -42.51 -0.26
N LEU F 262 21.81 -41.80 -1.40
CA LEU F 262 20.68 -41.76 -2.33
C LEU F 262 20.94 -42.31 -3.72
N PHE F 263 22.19 -42.55 -4.11
CA PHE F 263 22.45 -42.98 -5.48
C PHE F 263 23.10 -44.37 -5.55
N SER F 264 23.07 -45.12 -4.45
CA SER F 264 23.83 -46.37 -4.36
C SER F 264 22.96 -47.62 -4.29
N HIS F 265 21.64 -47.50 -4.45
CA HIS F 265 20.77 -48.66 -4.37
C HIS F 265 19.67 -48.55 -5.42
N THR F 266 19.36 -49.67 -6.05
CA THR F 266 18.27 -49.73 -7.01
C THR F 266 16.96 -50.03 -6.27
N SER F 267 15.90 -49.33 -6.67
CA SER F 267 14.65 -49.32 -5.92
C SER F 267 13.86 -50.62 -6.11
N LYS F 268 13.93 -51.21 -7.31
CA LYS F 268 13.17 -52.41 -7.63
C LYS F 268 13.51 -53.56 -6.66
N ASP F 269 14.77 -53.66 -6.25
CA ASP F 269 15.24 -54.84 -5.54
C ASP F 269 16.02 -54.56 -4.27
N LEU F 270 16.33 -53.29 -3.97
CA LEU F 270 17.13 -52.87 -2.81
C LEU F 270 18.59 -53.29 -2.94
N ALA F 271 19.05 -53.60 -4.16
CA ALA F 271 20.42 -54.04 -4.39
C ALA F 271 21.39 -52.88 -4.41
N THR F 272 22.59 -53.11 -3.89
CA THR F 272 23.66 -52.13 -4.03
C THR F 272 24.16 -52.10 -5.46
N LYS F 273 24.49 -50.91 -5.94
CA LYS F 273 25.11 -50.74 -7.23
C LYS F 273 26.59 -51.13 -7.17
N PRO F 274 27.15 -51.63 -8.27
CA PRO F 274 28.61 -51.77 -8.36
C PRO F 274 29.29 -50.43 -8.13
N GLU F 275 30.50 -50.46 -7.56
CA GLU F 275 31.12 -49.21 -7.12
C GLU F 275 31.34 -48.25 -8.29
N ASP F 276 31.66 -48.77 -9.47
CA ASP F 276 31.83 -47.90 -10.63
C ASP F 276 30.53 -47.21 -11.06
N LYS F 277 29.37 -47.62 -10.53
CA LYS F 277 28.11 -47.04 -10.95
C LYS F 277 27.51 -46.13 -9.88
N ARG F 278 28.21 -45.89 -8.77
CA ARG F 278 27.71 -45.04 -7.69
C ARG F 278 28.12 -43.59 -7.84
N ARG F 279 28.31 -43.13 -9.07
CA ARG F 279 28.64 -41.74 -9.36
C ARG F 279 27.82 -41.30 -10.55
N PHE F 280 27.80 -40.00 -10.80
CA PHE F 280 27.23 -39.53 -12.06
C PHE F 280 28.25 -39.75 -13.16
N SER F 281 27.78 -40.11 -14.35
CA SER F 281 28.65 -40.32 -15.49
C SER F 281 28.12 -39.51 -16.68
N PHE F 282 29.05 -39.07 -17.53
CA PHE F 282 28.76 -38.13 -18.60
C PHE F 282 29.43 -38.61 -19.88
N PRO F 283 28.71 -38.67 -20.99
CA PRO F 283 29.34 -38.93 -22.30
C PRO F 283 29.77 -37.68 -23.06
N GLN F 284 29.52 -36.49 -22.53
CA GLN F 284 29.87 -35.24 -23.21
C GLN F 284 29.86 -34.11 -22.17
N GLY F 285 30.36 -32.95 -22.60
CA GLY F 285 30.36 -31.76 -21.77
C GLY F 285 29.06 -31.00 -21.90
N TYR F 286 29.03 -29.81 -21.28
CA TYR F 286 27.88 -28.93 -21.34
C TYR F 286 28.07 -27.95 -22.49
N GLY F 287 27.13 -27.96 -23.44
CA GLY F 287 27.12 -26.98 -24.51
C GLY F 287 25.73 -26.42 -24.75
N SER F 288 25.18 -26.69 -25.94
CA SER F 288 23.82 -26.36 -26.27
C SER F 288 23.21 -27.47 -27.10
N TYR F 289 23.53 -28.70 -26.71
CA TYR F 289 23.02 -29.89 -27.38
C TYR F 289 21.53 -30.09 -27.11
N VAL F 290 21.13 -29.96 -25.85
CA VAL F 290 19.79 -30.34 -25.44
C VAL F 290 18.73 -29.45 -26.09
N MET F 291 18.95 -28.13 -26.10
CA MET F 291 17.97 -27.26 -26.73
C MET F 291 17.88 -27.52 -28.24
N GLU F 292 19.02 -27.79 -28.88
CA GLU F 292 18.99 -28.07 -30.31
C GLU F 292 18.19 -29.33 -30.62
N ASN F 293 18.23 -30.33 -29.74
CA ASN F 293 17.64 -31.64 -30.02
C ASN F 293 16.39 -31.92 -29.20
N VAL F 294 15.67 -30.89 -28.76
CA VAL F 294 14.56 -31.13 -27.85
C VAL F 294 13.31 -31.49 -28.64
N LEU F 295 12.45 -32.31 -28.03
CA LEU F 295 11.20 -32.74 -28.66
C LEU F 295 10.07 -31.79 -28.31
N PHE F 296 9.29 -31.40 -29.32
CA PHE F 296 8.04 -30.67 -29.08
C PHE F 296 6.85 -31.58 -29.34
N LYS F 297 5.83 -31.43 -28.50
CA LYS F 297 4.56 -32.14 -28.66
C LYS F 297 3.65 -31.29 -29.54
N ILE F 298 3.63 -31.60 -30.83
CA ILE F 298 2.89 -30.80 -31.81
C ILE F 298 2.04 -31.65 -32.75
N SER F 299 2.16 -32.97 -32.73
CA SER F 299 1.21 -33.71 -33.56
C SER F 299 0.17 -34.44 -32.73
N PHE F 300 -0.02 -35.73 -33.04
CA PHE F 300 -1.06 -36.51 -32.41
C PHE F 300 -0.82 -36.59 -30.90
N PRO F 301 -1.87 -36.50 -30.09
CA PRO F 301 -1.72 -36.73 -28.65
C PRO F 301 -1.41 -38.19 -28.36
N ALA F 302 -0.12 -38.51 -28.29
CA ALA F 302 0.31 -39.90 -28.20
C ALA F 302 1.65 -39.97 -27.47
N GLU F 303 1.89 -41.10 -26.83
CA GLU F 303 3.21 -41.36 -26.27
C GLU F 303 4.22 -41.32 -27.40
N PHE F 304 5.39 -40.72 -27.13
CA PHE F 304 6.29 -40.35 -28.20
C PHE F 304 6.76 -41.57 -29.01
N HIS F 305 6.94 -42.70 -28.33
CA HIS F 305 7.39 -43.93 -28.99
C HIS F 305 6.41 -44.39 -30.06
N ALA F 306 5.14 -44.05 -29.92
CA ALA F 306 4.10 -44.37 -30.89
C ALA F 306 3.84 -43.25 -31.89
N GLN F 307 4.57 -42.14 -31.81
CA GLN F 307 4.23 -40.99 -32.64
C GLN F 307 4.42 -41.30 -34.12
N THR F 308 5.56 -41.89 -34.48
CA THR F 308 5.83 -42.20 -35.87
C THR F 308 4.98 -43.36 -36.37
N ALA F 309 4.57 -44.26 -35.46
CA ALA F 309 3.67 -45.34 -35.85
C ALA F 309 2.32 -44.78 -36.28
N ALA F 310 1.77 -43.84 -35.50
CA ALA F 310 0.47 -43.28 -35.85
C ALA F 310 0.53 -42.38 -37.08
N GLU F 311 1.66 -41.71 -37.31
CA GLU F 311 1.79 -40.92 -38.52
C GLU F 311 1.78 -41.79 -39.77
N ALA F 312 2.43 -42.96 -39.72
CA ALA F 312 2.41 -43.88 -40.84
C ALA F 312 1.01 -44.44 -41.06
N ALA F 313 0.31 -44.75 -39.96
CA ALA F 313 -1.06 -45.29 -40.04
C ALA F 313 -2.03 -44.28 -40.66
N VAL F 314 -1.86 -42.99 -40.35
CA VAL F 314 -2.71 -41.97 -40.97
C VAL F 314 -2.46 -41.88 -42.47
N ARG F 315 -1.18 -41.93 -42.89
CA ARG F 315 -0.88 -41.93 -44.31
C ARG F 315 -1.38 -43.19 -45.00
N LEU F 316 -1.33 -44.35 -44.31
CA LEU F 316 -1.84 -45.61 -44.82
C LEU F 316 -3.36 -45.67 -44.91
N HIS F 317 -4.07 -44.74 -44.25
CA HIS F 317 -5.53 -44.78 -44.19
C HIS F 317 -6.19 -44.88 -45.56
N PRO F 318 -5.86 -44.07 -46.57
CA PRO F 318 -6.55 -44.19 -47.87
C PRO F 318 -6.30 -45.50 -48.62
N LEU F 319 -5.38 -46.34 -48.16
CA LEU F 319 -5.20 -47.68 -48.73
C LEU F 319 -5.74 -48.77 -47.83
N VAL F 320 -6.51 -48.41 -46.79
CA VAL F 320 -7.15 -49.38 -45.89
C VAL F 320 -8.56 -48.92 -45.54
N LYS F 321 -8.89 -47.65 -45.79
CA LYS F 321 -10.23 -47.13 -45.50
C LYS F 321 -11.31 -48.01 -46.14
N ASP F 322 -11.09 -48.40 -47.39
CA ASP F 322 -11.97 -49.33 -48.10
C ASP F 322 -11.66 -50.77 -47.68
N ARG F 323 -12.70 -51.49 -47.26
CA ARG F 323 -12.60 -52.88 -46.79
C ARG F 323 -11.50 -53.02 -45.72
N LEU F 324 -11.82 -52.44 -44.56
CA LEU F 324 -11.04 -52.70 -43.35
C LEU F 324 -11.22 -54.12 -42.87
N GLN F 325 -12.37 -54.73 -43.17
CA GLN F 325 -12.60 -56.13 -42.81
C GLN F 325 -11.65 -57.05 -43.56
N ARG F 326 -11.31 -56.70 -44.80
CA ARG F 326 -10.43 -57.50 -45.65
C ARG F 326 -8.98 -57.52 -45.14
N ILE F 327 -8.66 -56.71 -44.13
CA ILE F 327 -7.33 -56.70 -43.53
C ILE F 327 -7.03 -58.04 -42.87
N SER F 328 -5.90 -58.64 -43.26
CA SER F 328 -5.42 -59.90 -42.69
C SER F 328 -4.22 -59.73 -41.77
N ARG F 329 -3.16 -59.05 -42.22
CA ARG F 329 -1.92 -58.93 -41.45
C ARG F 329 -1.46 -57.48 -41.36
N ILE F 330 -1.05 -57.08 -40.15
CA ILE F 330 -0.54 -55.72 -39.88
C ILE F 330 0.79 -55.88 -39.15
N VAL F 331 1.86 -55.33 -39.72
CA VAL F 331 3.20 -55.46 -39.15
C VAL F 331 3.71 -54.08 -38.74
N ILE F 332 4.06 -53.91 -37.47
CA ILE F 332 4.61 -52.67 -36.94
C ILE F 332 6.08 -52.94 -36.59
N THR F 333 6.99 -52.42 -37.40
CA THR F 333 8.41 -52.52 -37.15
C THR F 333 8.88 -51.27 -36.40
N THR F 334 9.57 -51.48 -35.28
CA THR F 334 9.75 -50.42 -34.28
C THR F 334 11.13 -50.53 -33.65
N HIS F 335 11.42 -49.61 -32.74
CA HIS F 335 12.61 -49.61 -31.88
C HIS F 335 12.28 -50.32 -30.57
N GLU F 336 13.33 -50.71 -29.83
CA GLU F 336 13.12 -51.64 -28.73
C GLU F 336 12.41 -50.98 -27.55
N SER F 337 12.77 -49.74 -27.21
CA SER F 337 12.13 -49.09 -26.06
C SER F 337 10.62 -48.98 -26.24
N ALA F 338 10.17 -48.80 -27.48
CA ALA F 338 8.73 -48.85 -27.74
C ALA F 338 8.17 -50.22 -27.39
N ILE F 339 8.93 -51.29 -27.65
CA ILE F 339 8.49 -52.62 -27.28
C ILE F 339 8.46 -52.78 -25.76
N ARG F 340 9.45 -52.21 -25.07
CA ARG F 340 9.54 -52.35 -23.61
C ARG F 340 8.45 -51.56 -22.90
N ILE F 341 8.17 -50.33 -23.35
CA ILE F 341 7.39 -49.37 -22.58
C ILE F 341 5.93 -49.36 -23.04
N ILE F 342 5.70 -49.49 -24.35
CA ILE F 342 4.36 -49.19 -24.91
C ILE F 342 3.69 -50.34 -25.68
N SER F 343 4.33 -51.49 -25.82
CA SER F 343 3.69 -52.61 -26.51
C SER F 343 2.87 -53.42 -25.51
N LYS F 344 1.56 -53.53 -25.76
CA LYS F 344 0.63 -54.10 -24.80
C LYS F 344 -0.39 -54.98 -25.52
N VAL F 345 -0.68 -56.15 -24.94
CA VAL F 345 -1.70 -57.07 -25.47
C VAL F 345 -2.81 -57.20 -24.44
N GLY F 346 -4.05 -57.29 -24.93
CA GLY F 346 -5.16 -57.62 -24.07
C GLY F 346 -6.10 -56.45 -23.84
N PRO F 347 -6.87 -56.53 -22.74
CA PRO F 347 -7.92 -55.54 -22.50
C PRO F 347 -7.36 -54.19 -22.08
N LEU F 348 -7.92 -53.14 -22.67
CA LEU F 348 -7.53 -51.77 -22.36
C LEU F 348 -8.68 -51.14 -21.57
N ALA F 349 -8.50 -51.07 -20.24
CA ALA F 349 -9.59 -50.67 -19.34
C ALA F 349 -9.69 -49.15 -19.21
N ASN F 350 -8.66 -48.52 -18.64
CA ASN F 350 -8.66 -47.09 -18.38
C ASN F 350 -8.20 -46.33 -19.62
N PRO F 351 -8.42 -45.01 -19.67
CA PRO F 351 -7.81 -44.22 -20.75
C PRO F 351 -6.30 -44.13 -20.67
N ALA F 352 -5.70 -44.48 -19.53
CA ALA F 352 -4.25 -44.51 -19.41
C ALA F 352 -3.63 -45.72 -20.10
N ASP F 353 -4.40 -46.78 -20.33
CA ASP F 353 -3.90 -47.99 -20.97
C ASP F 353 -3.83 -47.83 -22.49
N ARG F 354 -4.84 -47.17 -23.08
CA ARG F 354 -4.81 -46.88 -24.50
C ARG F 354 -3.73 -45.85 -24.82
N ASP F 355 -3.52 -44.90 -23.89
CA ASP F 355 -2.40 -43.97 -23.97
C ASP F 355 -1.06 -44.68 -24.12
N HIS F 356 -0.94 -45.89 -23.60
CA HIS F 356 0.36 -46.56 -23.51
C HIS F 356 0.33 -47.92 -24.19
N CYS F 357 -0.34 -47.98 -25.34
CA CYS F 357 -0.46 -49.19 -26.15
C CYS F 357 -0.12 -48.85 -27.61
N LEU F 358 1.02 -49.39 -28.09
CA LEU F 358 1.45 -49.12 -29.47
C LEU F 358 0.46 -49.65 -30.49
N GLN F 359 -0.27 -50.73 -30.16
CA GLN F 359 -1.27 -51.30 -31.07
C GLN F 359 -2.54 -50.46 -31.10
N TYR F 360 -2.98 -49.97 -29.94
CA TYR F 360 -4.15 -49.10 -29.88
C TYR F 360 -3.92 -47.82 -30.69
N MET F 361 -2.80 -47.14 -30.43
CA MET F 361 -2.50 -45.89 -31.10
C MET F 361 -2.15 -46.05 -32.58
N THR F 362 -1.98 -47.27 -33.06
CA THR F 362 -1.84 -47.57 -34.49
C THR F 362 -3.14 -48.03 -35.13
N ALA F 363 -3.98 -48.75 -34.39
CA ALA F 363 -5.26 -49.19 -34.94
C ALA F 363 -6.19 -48.02 -35.22
N VAL F 364 -6.27 -47.06 -34.28
CA VAL F 364 -7.22 -45.95 -34.43
C VAL F 364 -6.94 -45.12 -35.69
N PRO F 365 -5.72 -44.63 -35.94
CA PRO F 365 -5.49 -43.85 -37.18
C PRO F 365 -5.57 -44.67 -38.47
N LEU F 366 -5.39 -46.00 -38.41
CA LEU F 366 -5.62 -46.82 -39.60
C LEU F 366 -7.11 -46.88 -39.95
N ILE F 367 -7.98 -46.84 -38.94
CA ILE F 367 -9.44 -46.92 -39.12
C ILE F 367 -10.04 -45.55 -39.42
N PHE F 368 -9.70 -44.53 -38.63
CA PHE F 368 -10.37 -43.23 -38.70
C PHE F 368 -9.54 -42.15 -39.38
N GLY F 369 -8.28 -42.41 -39.70
CA GLY F 369 -7.45 -41.41 -40.35
C GLY F 369 -6.96 -40.30 -39.46
N ASP F 370 -7.06 -40.46 -38.14
CA ASP F 370 -6.70 -39.43 -37.18
C ASP F 370 -6.64 -40.05 -35.79
N LEU F 371 -5.76 -39.51 -34.96
CA LEU F 371 -5.63 -39.86 -33.56
C LEU F 371 -5.78 -38.58 -32.74
N VAL F 372 -6.90 -38.45 -32.04
CA VAL F 372 -7.18 -37.29 -31.21
C VAL F 372 -7.42 -37.78 -29.79
N ALA F 373 -7.42 -36.83 -28.84
CA ALA F 373 -7.57 -37.18 -27.43
C ALA F 373 -8.92 -37.82 -27.12
N GLU F 374 -9.91 -37.64 -27.99
CA GLU F 374 -11.22 -38.26 -27.75
C GLU F 374 -11.17 -39.77 -27.91
N HIS F 375 -10.25 -40.29 -28.73
CA HIS F 375 -10.20 -41.71 -29.06
C HIS F 375 -9.68 -42.58 -27.92
N TYR F 376 -9.45 -42.03 -26.73
CA TYR F 376 -9.04 -42.85 -25.58
C TYR F 376 -10.13 -43.02 -24.54
N GLU F 377 -11.24 -42.30 -24.66
CA GLU F 377 -12.30 -42.41 -23.66
C GLU F 377 -13.04 -43.74 -23.79
N ASP F 378 -13.42 -44.31 -22.63
CA ASP F 378 -14.02 -45.64 -22.58
C ASP F 378 -15.17 -45.80 -23.57
N ALA F 379 -16.06 -44.80 -23.63
CA ALA F 379 -17.23 -44.87 -24.50
C ALA F 379 -16.85 -45.02 -25.96
N PHE F 380 -15.60 -44.71 -26.34
CA PHE F 380 -15.19 -44.85 -27.72
C PHE F 380 -14.62 -46.24 -28.02
N HIS F 381 -13.68 -46.69 -27.18
CA HIS F 381 -13.05 -47.99 -27.40
C HIS F 381 -14.08 -49.12 -27.46
N ALA F 382 -14.76 -49.36 -26.35
CA ALA F 382 -15.84 -50.34 -26.28
C ALA F 382 -17.10 -49.89 -27.03
N ALA F 383 -16.94 -49.10 -28.09
CA ALA F 383 -17.98 -48.81 -29.07
C ALA F 383 -17.60 -49.24 -30.48
N HIS F 384 -16.32 -49.22 -30.81
CA HIS F 384 -15.81 -49.70 -32.10
C HIS F 384 -15.00 -50.96 -31.85
N PRO F 385 -15.63 -52.14 -31.92
CA PRO F 385 -14.88 -53.39 -31.75
C PRO F 385 -13.88 -53.65 -32.88
N LEU F 386 -13.95 -52.90 -33.99
CA LEU F 386 -12.97 -53.06 -35.07
C LEU F 386 -11.56 -52.68 -34.62
N ILE F 387 -11.42 -51.81 -33.62
CA ILE F 387 -10.10 -51.49 -33.05
C ILE F 387 -9.45 -52.77 -32.51
N ASP F 388 -10.16 -53.48 -31.64
CA ASP F 388 -9.66 -54.76 -31.13
C ASP F 388 -9.47 -55.78 -32.24
N ARG F 389 -10.25 -55.65 -33.33
CA ARG F 389 -10.10 -56.55 -34.46
C ARG F 389 -8.79 -56.28 -35.19
N LEU F 390 -8.50 -55.01 -35.48
CA LEU F 390 -7.20 -54.65 -36.02
C LEU F 390 -6.08 -54.97 -35.04
N ARG F 391 -6.36 -54.90 -33.73
CA ARG F 391 -5.31 -55.04 -32.72
C ARG F 391 -4.81 -56.47 -32.61
N GLU F 392 -5.70 -57.45 -32.71
CA GLU F 392 -5.26 -58.84 -32.66
C GLU F 392 -4.47 -59.23 -33.93
N LYS F 393 -4.66 -58.53 -35.04
CA LYS F 393 -3.97 -58.80 -36.29
C LYS F 393 -2.54 -58.26 -36.32
N MET F 394 -2.10 -57.53 -35.29
CA MET F 394 -0.84 -56.79 -35.33
C MET F 394 0.33 -57.62 -34.82
N GLU F 395 1.42 -57.58 -35.58
CA GLU F 395 2.69 -58.21 -35.22
C GLU F 395 3.74 -57.11 -35.08
N ILE F 396 4.51 -57.17 -33.99
CA ILE F 396 5.47 -56.11 -33.68
C ILE F 396 6.86 -56.73 -33.73
N VAL F 397 7.68 -56.22 -34.65
CA VAL F 397 9.02 -56.73 -34.87
C VAL F 397 10.01 -55.61 -34.64
N GLU F 398 11.00 -55.85 -33.80
CA GLU F 398 12.07 -54.89 -33.59
C GLU F 398 12.98 -54.85 -34.80
N GLU F 399 13.29 -53.64 -35.26
CA GLU F 399 14.30 -53.46 -36.28
C GLU F 399 15.60 -53.09 -35.59
N PRO F 400 16.68 -53.88 -35.75
CA PRO F 400 17.97 -53.50 -35.16
C PRO F 400 18.40 -52.07 -35.44
N ARG F 401 18.34 -51.64 -36.71
CA ARG F 401 18.77 -50.29 -37.06
C ARG F 401 17.93 -49.23 -36.34
N TYR F 402 16.61 -49.48 -36.21
CA TYR F 402 15.74 -48.55 -35.49
C TYR F 402 16.17 -48.40 -34.04
N SER F 403 16.49 -49.51 -33.39
CA SER F 403 16.80 -49.49 -31.96
C SER F 403 18.15 -48.85 -31.68
N ARG F 404 19.13 -49.07 -32.56
CA ARG F 404 20.47 -48.52 -32.32
C ARG F 404 20.48 -47.01 -32.53
N GLU F 405 19.97 -46.54 -33.67
CA GLU F 405 19.93 -45.10 -33.92
C GLU F 405 18.95 -44.38 -32.99
N TYR F 406 18.11 -45.11 -32.27
CA TYR F 406 17.40 -44.53 -31.14
C TYR F 406 18.38 -43.99 -30.11
N LEU F 407 19.53 -44.68 -29.95
CA LEU F 407 20.54 -44.30 -28.96
C LEU F 407 21.64 -43.41 -29.51
N GLU F 408 21.84 -43.37 -30.83
CA GLU F 408 22.99 -42.66 -31.39
C GLU F 408 22.82 -41.15 -31.23
N ALA F 409 23.82 -40.50 -30.62
CA ALA F 409 23.69 -39.10 -30.23
C ALA F 409 23.44 -38.19 -31.43
N ASP F 410 23.95 -38.56 -32.61
CA ASP F 410 23.78 -37.80 -33.84
C ASP F 410 22.39 -37.93 -34.43
N LYS F 411 21.64 -38.97 -34.05
CA LYS F 411 20.36 -39.29 -34.68
C LYS F 411 19.20 -39.13 -33.71
N ARG F 412 19.19 -39.90 -32.62
CA ARG F 412 18.12 -39.87 -31.62
C ARG F 412 16.76 -40.08 -32.30
N SER F 413 16.64 -41.19 -33.03
CA SER F 413 15.42 -41.52 -33.74
C SER F 413 14.38 -42.08 -32.78
N ILE F 414 13.12 -41.95 -33.18
CA ILE F 414 12.03 -42.70 -32.57
C ILE F 414 11.24 -43.26 -33.75
N ALA F 415 11.72 -44.38 -34.30
CA ALA F 415 11.31 -44.84 -35.62
C ALA F 415 10.26 -45.96 -35.53
N ASN F 416 9.22 -45.85 -36.37
CA ASN F 416 8.21 -46.89 -36.52
C ASN F 416 7.88 -47.05 -38.00
N ALA F 417 7.60 -48.29 -38.41
CA ALA F 417 7.19 -48.57 -39.78
C ALA F 417 5.98 -49.50 -39.75
N VAL F 418 4.97 -49.21 -40.56
CA VAL F 418 3.70 -49.94 -40.53
C VAL F 418 3.37 -50.43 -41.94
N GLU F 419 3.13 -51.74 -42.07
CA GLU F 419 2.72 -52.34 -43.33
C GLU F 419 1.50 -53.20 -43.09
N VAL F 420 0.43 -52.95 -43.81
CA VAL F 420 -0.81 -53.71 -43.69
C VAL F 420 -0.92 -54.64 -44.89
N PHE F 421 -1.21 -55.91 -44.63
CA PHE F 421 -1.44 -56.94 -45.64
C PHE F 421 -2.93 -57.23 -45.73
N PHE F 422 -3.33 -57.92 -46.80
CA PHE F 422 -4.75 -58.21 -47.03
C PHE F 422 -4.93 -59.72 -47.24
N ASP F 423 -6.18 -60.17 -47.18
CA ASP F 423 -6.47 -61.60 -47.21
C ASP F 423 -6.14 -62.25 -48.55
N ASP F 424 -6.06 -61.46 -49.64
CA ASP F 424 -5.67 -62.00 -50.93
C ASP F 424 -4.16 -62.17 -51.09
N GLY F 425 -3.36 -61.74 -50.11
CA GLY F 425 -1.91 -61.75 -50.24
C GLY F 425 -1.32 -60.42 -50.65
N SER F 426 -2.16 -59.45 -51.01
CA SER F 426 -1.72 -58.09 -51.30
C SER F 426 -1.37 -57.35 -50.02
N SER F 427 -0.58 -56.28 -50.17
CA SER F 427 -0.28 -55.38 -49.08
C SER F 427 -0.25 -53.96 -49.61
N THR F 428 -0.11 -53.01 -48.70
CA THR F 428 0.01 -51.60 -49.08
C THR F 428 1.45 -51.19 -49.33
N GLY F 429 2.41 -51.94 -48.81
CA GLY F 429 3.78 -51.47 -48.68
C GLY F 429 4.05 -50.87 -47.31
N GLN F 430 5.33 -50.83 -46.94
CA GLN F 430 5.72 -50.43 -45.59
C GLN F 430 5.96 -48.92 -45.56
N VAL F 431 5.12 -48.20 -44.84
CA VAL F 431 5.32 -46.76 -44.61
C VAL F 431 6.18 -46.62 -43.36
N ALA F 432 7.41 -46.17 -43.53
CA ALA F 432 8.36 -45.96 -42.43
C ALA F 432 8.50 -44.47 -42.13
N VAL F 433 8.45 -44.12 -40.84
CA VAL F 433 8.63 -42.76 -40.36
C VAL F 433 9.62 -42.85 -39.22
N GLU F 434 10.79 -42.27 -39.39
CA GLU F 434 11.85 -42.48 -38.41
C GLU F 434 11.92 -41.36 -37.37
N TYR F 435 11.33 -40.22 -37.67
CA TYR F 435 11.43 -39.05 -36.83
C TYR F 435 10.04 -38.43 -36.63
N PRO F 436 9.60 -38.23 -35.39
CA PRO F 436 8.28 -37.61 -35.17
C PRO F 436 8.31 -36.13 -35.52
N LEU F 437 7.11 -35.57 -35.70
CA LEU F 437 7.01 -34.18 -36.13
C LEU F 437 7.68 -33.21 -35.15
N GLY F 438 7.77 -33.57 -33.88
CA GLY F 438 8.44 -32.70 -32.93
C GLY F 438 9.95 -32.80 -32.88
N HIS F 439 10.57 -33.54 -33.79
CA HIS F 439 12.00 -33.83 -33.75
C HIS F 439 12.81 -32.75 -34.48
N ARG F 440 14.09 -32.66 -34.11
CA ARG F 440 15.00 -31.72 -34.77
C ARG F 440 15.03 -31.92 -36.28
N ARG F 441 14.99 -33.16 -36.75
CA ARG F 441 15.11 -33.42 -38.18
C ARG F 441 13.95 -32.84 -38.95
N ARG F 442 12.77 -32.75 -38.34
CA ARG F 442 11.60 -32.24 -39.04
C ARG F 442 11.19 -30.85 -38.53
N ARG F 443 12.17 -29.98 -38.25
CA ARG F 443 11.86 -28.65 -37.74
C ARG F 443 11.16 -27.78 -38.77
N ALA F 444 11.63 -27.78 -40.02
CA ALA F 444 10.97 -26.98 -41.05
C ALA F 444 9.50 -27.35 -41.20
N GLU F 445 9.15 -28.61 -40.95
CA GLU F 445 7.77 -29.06 -41.02
C GLU F 445 6.98 -28.68 -39.77
N GLY F 446 7.58 -28.92 -38.60
CA GLY F 446 6.83 -28.80 -37.35
C GLY F 446 6.72 -27.41 -36.82
N ILE F 447 7.73 -26.57 -37.05
CA ILE F 447 7.71 -25.21 -36.51
C ILE F 447 6.45 -24.48 -36.92
N PRO F 448 5.92 -24.62 -38.15
CA PRO F 448 4.61 -24.02 -38.44
C PRO F 448 3.48 -24.62 -37.61
N LEU F 449 3.51 -25.93 -37.32
CA LEU F 449 2.51 -26.52 -36.44
C LEU F 449 2.65 -25.99 -35.02
N LEU F 450 3.87 -25.88 -34.52
CA LEU F 450 4.09 -25.30 -33.19
C LEU F 450 3.52 -23.90 -33.11
N GLN F 451 3.68 -23.12 -34.19
CA GLN F 451 3.21 -21.73 -34.19
C GLN F 451 1.68 -21.65 -34.22
N GLU F 452 1.01 -22.47 -35.05
CA GLU F 452 -0.45 -22.49 -35.03
C GLU F 452 -0.97 -22.96 -33.69
N LYS F 453 -0.25 -23.89 -33.04
CA LYS F 453 -0.59 -24.29 -31.68
C LYS F 453 -0.36 -23.16 -30.68
N PHE F 454 0.64 -22.30 -30.92
CA PHE F 454 0.81 -21.13 -30.04
C PHE F 454 -0.32 -20.14 -30.24
N LYS F 455 -0.72 -19.90 -31.50
CA LYS F 455 -1.80 -18.95 -31.76
C LYS F 455 -3.12 -19.42 -31.16
N ALA F 456 -3.37 -20.73 -31.20
CA ALA F 456 -4.61 -21.24 -30.59
C ALA F 456 -4.56 -21.11 -29.08
N ASN F 457 -3.42 -21.42 -28.46
CA ASN F 457 -3.34 -21.27 -27.02
C ASN F 457 -3.49 -19.82 -26.60
N LEU F 458 -2.88 -18.89 -27.35
CA LEU F 458 -3.07 -17.47 -27.03
C LEU F 458 -4.54 -17.09 -27.03
N ALA F 459 -5.30 -17.56 -28.03
CA ALA F 459 -6.69 -17.18 -28.21
C ALA F 459 -7.59 -17.67 -27.09
N THR F 460 -7.19 -18.70 -26.34
CA THR F 460 -7.97 -19.07 -25.16
C THR F 460 -7.81 -18.11 -23.98
N ARG F 461 -6.84 -17.17 -24.01
CA ARG F 461 -6.65 -16.24 -22.90
C ARG F 461 -6.75 -14.76 -23.26
N PHE F 462 -6.44 -14.37 -24.49
CA PHE F 462 -6.32 -12.98 -24.87
C PHE F 462 -7.25 -12.66 -26.04
N PRO F 463 -7.65 -11.41 -26.18
CA PRO F 463 -8.45 -10.99 -27.32
C PRO F 463 -7.58 -10.90 -28.56
N PRO F 464 -8.18 -10.83 -29.74
CA PRO F 464 -7.38 -10.90 -30.98
C PRO F 464 -6.32 -9.81 -31.11
N GLN F 465 -6.65 -8.56 -30.81
CA GLN F 465 -5.66 -7.48 -30.81
C GLN F 465 -4.41 -7.86 -30.04
N ARG F 466 -4.56 -8.26 -28.78
CA ARG F 466 -3.38 -8.61 -28.00
C ARG F 466 -2.71 -9.85 -28.55
N CYS F 467 -3.49 -10.80 -29.06
CA CYS F 467 -2.92 -12.05 -29.58
C CYS F 467 -1.95 -11.75 -30.71
N GLN F 468 -2.36 -10.91 -31.67
CA GLN F 468 -1.50 -10.58 -32.80
C GLN F 468 -0.25 -9.86 -32.31
N ARG F 469 -0.41 -8.88 -31.42
CA ARG F 469 0.74 -8.18 -30.89
C ARG F 469 1.71 -9.14 -30.20
N ILE F 470 1.20 -10.11 -29.44
CA ILE F 470 2.08 -11.09 -28.80
C ILE F 470 2.78 -11.95 -29.84
N PHE F 471 2.03 -12.48 -30.80
CA PHE F 471 2.64 -13.36 -31.79
C PHE F 471 3.71 -12.62 -32.58
N ASP F 472 3.38 -11.42 -33.08
CA ASP F 472 4.30 -10.66 -33.92
C ASP F 472 5.66 -10.49 -33.25
N LEU F 473 5.67 -10.08 -31.98
CA LEU F 473 6.93 -9.96 -31.25
C LEU F 473 7.65 -11.30 -31.17
N CYS F 474 6.92 -12.36 -30.81
CA CYS F 474 7.53 -13.67 -30.66
C CYS F 474 8.08 -14.22 -31.96
N SER F 475 7.53 -13.80 -33.11
CA SER F 475 7.95 -14.29 -34.42
C SER F 475 9.25 -13.65 -34.91
N HIS F 476 9.67 -12.57 -34.27
CA HIS F 476 10.75 -11.71 -34.73
C HIS F 476 11.95 -11.88 -33.77
N GLN F 477 12.84 -12.81 -34.11
CA GLN F 477 13.97 -13.13 -33.26
C GLN F 477 14.70 -11.87 -32.76
N ALA F 478 15.17 -11.03 -33.69
CA ALA F 478 16.02 -9.91 -33.27
C ALA F 478 15.24 -8.92 -32.42
N SER F 479 13.96 -8.69 -32.75
CA SER F 479 13.18 -7.76 -31.95
C SER F 479 12.83 -8.36 -30.59
N LEU F 480 12.50 -9.66 -30.56
CA LEU F 480 12.27 -10.32 -29.28
C LEU F 480 13.49 -10.20 -28.38
N GLU F 481 14.65 -10.67 -28.87
CA GLU F 481 15.88 -10.67 -28.07
C GLU F 481 16.19 -9.30 -27.48
N ALA F 482 16.04 -8.24 -28.27
CA ALA F 482 16.25 -6.89 -27.81
C ALA F 482 15.18 -6.39 -26.84
N THR F 483 14.08 -7.15 -26.58
CA THR F 483 13.02 -6.60 -25.73
C THR F 483 13.38 -6.75 -24.25
N PRO F 484 13.18 -5.71 -23.44
CA PRO F 484 13.31 -5.87 -21.99
C PRO F 484 12.33 -6.90 -21.43
N VAL F 485 12.81 -7.67 -20.47
CA VAL F 485 12.01 -8.76 -19.91
C VAL F 485 10.73 -8.21 -19.30
N ASN F 486 10.82 -7.05 -18.65
CA ASN F 486 9.63 -6.47 -18.04
C ASN F 486 8.62 -6.01 -19.09
N ARG F 487 9.08 -5.54 -20.24
CA ARG F 487 8.13 -5.13 -21.27
C ARG F 487 7.49 -6.33 -21.96
N PHE F 488 8.24 -7.42 -22.10
CA PHE F 488 7.65 -8.66 -22.58
C PHE F 488 6.58 -9.19 -21.62
N MET F 489 6.86 -9.12 -20.31
CA MET F 489 5.91 -9.62 -19.32
C MET F 489 4.66 -8.75 -19.22
N ASP F 490 4.77 -7.43 -19.42
CA ASP F 490 3.57 -6.59 -19.48
C ASP F 490 2.61 -7.09 -20.56
N LEU F 491 3.14 -7.49 -21.72
CA LEU F 491 2.27 -7.97 -22.78
C LEU F 491 1.41 -9.13 -22.34
N LEU F 492 1.89 -9.92 -21.39
CA LEU F 492 1.32 -11.20 -21.01
C LEU F 492 0.34 -11.11 -19.84
N ALA F 493 0.10 -9.92 -19.31
CA ALA F 493 -0.74 -9.80 -18.09
C ALA F 493 -2.22 -9.61 -18.40
N ILE F 494 -3.05 -10.39 -17.71
CA ILE F 494 -4.54 -10.42 -17.68
C ILE F 494 -5.22 -10.97 -18.95
#